data_4ADS
#
_entry.id   4ADS
#
_cell.length_a   160.008
_cell.length_b   160.008
_cell.length_c   583.243
_cell.angle_alpha   90.00
_cell.angle_beta   90.00
_cell.angle_gamma   120.00
#
_symmetry.space_group_name_H-M   'P 61 2 2'
#
loop_
_entity.id
_entity.type
_entity.pdbx_description
1 polymer 'PYRIDOXINE BIOSYNTHETIC ENZYME PDX1 HOMOLOGUE, PUTATIVE'
2 polymer 'PDX2 PROTEIN'
3 non-polymer 'PHOSPHATE ION'
4 water water
#
loop_
_entity_poly.entity_id
_entity_poly.type
_entity_poly.pdbx_seq_one_letter_code
_entity_poly.pdbx_strand_id
1 'polypeptide(L)'
;DYADNDSILLKHGWCEMLKGGVIMDVKNVEQAKIAEKAGAIGVMILENIPSELRNTDGVARSVDPLKIEEIRKCISINVL
AKVRIGHFVEAQILEELKVDMLDESEVLTMADEYNHINKHKFKTPFVCGCTNLGEALRRISEGASMIRTKGEAGTGNIIE
AIKHIRTVNNEIKYLCSLDESEVYNFAKKLRAPIDLILLTRKLKRLPVVNFAAGGIATPADAAMCMQLGMDGVFVGSGIF
ESENPQKMASSIVMAVSNFNNPKILLNVSLGLGKAMHGNTAA
;
A,B,C,D,E,F
2 'polypeptide(L)'
;EITIGVLSLQGDFEPHINHFIKLQIPSLNIIQVRNVHDLGLCDGLVIPGGESTTVRRCCAYENDTLYNALVHFIHVLKKP
IWGTCAGCILLSKNVENIKLYSNFGNKFSFGGLDITICRNFYGSQNDSFICSLNIISDSSAFKKDLTAACIRAPYIREIL
SDEVKVLATFSHESYGPNIIAAVEQNNCLGTVFNPELLPHTAFQQYFYEKVKNYKYS
;
G,H,I,J,K,L
#
loop_
_chem_comp.id
_chem_comp.type
_chem_comp.name
_chem_comp.formula
PO4 non-polymer 'PHOSPHATE ION' 'O4 P -3'
#
# COMPACT_ATOMS: atom_id res chain seq x y z
N ASP A 1 -50.24 1.65 -26.05
CA ASP A 1 -49.34 2.01 -24.91
C ASP A 1 -49.89 1.52 -23.57
N TYR A 2 -49.55 2.26 -22.51
CA TYR A 2 -49.50 1.74 -21.12
C TYR A 2 -50.50 0.68 -20.64
N ALA A 3 -50.02 0.01 -19.61
CA ALA A 3 -50.65 -1.13 -19.05
C ALA A 3 -51.74 -0.72 -18.07
N ASP A 4 -52.01 -1.64 -17.17
CA ASP A 4 -53.08 -1.59 -16.14
C ASP A 4 -54.49 -1.28 -16.67
N ASN A 5 -54.70 -1.64 -17.93
CA ASN A 5 -56.01 -2.03 -18.40
C ASN A 5 -55.77 -3.52 -18.27
N ASP A 6 -56.20 -4.30 -19.24
CA ASP A 6 -55.89 -5.73 -19.21
C ASP A 6 -54.92 -6.25 -20.28
N SER A 7 -54.34 -5.32 -21.05
CA SER A 7 -53.02 -5.55 -21.67
C SER A 7 -52.00 -6.10 -20.68
N ILE A 8 -52.26 -5.86 -19.41
CA ILE A 8 -51.48 -6.45 -18.32
C ILE A 8 -51.68 -7.92 -18.23
N LEU A 9 -52.96 -8.24 -18.00
CA LEU A 9 -53.43 -9.59 -17.93
C LEU A 9 -52.79 -10.21 -19.20
N LEU A 10 -52.78 -9.38 -20.25
CA LEU A 10 -51.96 -9.56 -21.49
C LEU A 10 -50.42 -9.73 -21.38
N LYS A 11 -49.72 -8.85 -20.67
CA LYS A 11 -48.27 -8.97 -20.42
C LYS A 11 -47.98 -10.24 -19.63
N HIS A 12 -48.67 -10.40 -18.49
CA HIS A 12 -48.55 -11.61 -17.65
C HIS A 12 -48.73 -12.84 -18.53
N GLY A 13 -49.80 -12.85 -19.31
CA GLY A 13 -50.09 -13.94 -20.24
C GLY A 13 -48.90 -14.27 -21.13
N TRP A 14 -48.28 -13.21 -21.66
CA TRP A 14 -47.14 -13.36 -22.56
C TRP A 14 -45.92 -13.95 -21.87
N CYS A 15 -45.69 -13.53 -20.63
CA CYS A 15 -44.52 -13.97 -19.83
C CYS A 15 -44.60 -15.45 -19.43
N GLU A 16 -45.83 -15.93 -19.26
CA GLU A 16 -46.09 -17.34 -18.87
C GLU A 16 -45.52 -18.31 -19.90
N MET A 17 -45.52 -17.86 -21.15
CA MET A 17 -44.89 -18.56 -22.27
C MET A 17 -43.45 -18.96 -21.99
N LEU A 18 -42.77 -18.17 -21.15
CA LEU A 18 -41.35 -18.36 -20.89
C LEU A 18 -41.07 -19.45 -19.86
N LYS A 19 -42.07 -19.84 -19.08
CA LYS A 19 -41.88 -20.86 -18.03
C LYS A 19 -41.18 -22.09 -18.61
N GLY A 20 -40.22 -22.61 -17.86
CA GLY A 20 -39.44 -23.79 -18.28
C GLY A 20 -38.32 -23.49 -19.27
N GLY A 21 -38.14 -22.22 -19.58
CA GLY A 21 -37.18 -21.81 -20.60
C GLY A 21 -35.83 -21.36 -20.08
N VAL A 22 -34.91 -21.26 -21.03
CA VAL A 22 -33.60 -20.68 -20.80
C VAL A 22 -33.39 -19.51 -21.75
N ILE A 23 -33.13 -18.33 -21.17
CA ILE A 23 -32.74 -17.15 -21.94
C ILE A 23 -31.22 -16.96 -21.88
N MET A 24 -30.62 -16.69 -23.02
CA MET A 24 -29.17 -16.63 -23.15
C MET A 24 -28.67 -15.28 -23.60
N ASP A 25 -27.56 -14.87 -22.99
CA ASP A 25 -26.92 -13.59 -23.29
C ASP A 25 -25.98 -13.72 -24.49
N VAL A 26 -26.22 -12.91 -25.51
CA VAL A 26 -25.44 -12.96 -26.75
C VAL A 26 -24.86 -11.62 -27.20
N LYS A 27 -23.64 -11.70 -27.71
CA LYS A 27 -22.85 -10.53 -28.12
C LYS A 27 -22.82 -10.34 -29.62
N ASN A 28 -23.11 -11.39 -30.37
CA ASN A 28 -23.08 -11.34 -31.85
C ASN A 28 -24.03 -12.38 -32.49
N VAL A 29 -24.11 -12.37 -33.82
CA VAL A 29 -25.05 -13.27 -34.54
C VAL A 29 -24.71 -14.75 -34.37
N GLU A 30 -23.42 -15.04 -34.32
CA GLU A 30 -22.89 -16.41 -34.17
C GLU A 30 -23.37 -16.98 -32.87
N GLN A 31 -23.31 -16.16 -31.83
CA GLN A 31 -23.74 -16.54 -30.48
C GLN A 31 -25.26 -16.74 -30.42
N ALA A 32 -26.00 -15.82 -31.02
CA ALA A 32 -27.46 -15.94 -31.16
C ALA A 32 -27.84 -17.27 -31.81
N LYS A 33 -27.13 -17.64 -32.86
CA LYS A 33 -27.45 -18.86 -33.62
C LYS A 33 -27.25 -20.11 -32.80
N ILE A 34 -26.09 -20.17 -32.15
CA ILE A 34 -25.77 -21.19 -31.13
C ILE A 34 -26.87 -21.31 -30.08
N ALA A 35 -27.36 -20.17 -29.62
CA ALA A 35 -28.44 -20.13 -28.61
C ALA A 35 -29.76 -20.71 -29.15
N GLU A 36 -30.12 -20.28 -30.35
CA GLU A 36 -31.33 -20.77 -31.01
C GLU A 36 -31.24 -22.27 -31.21
N LYS A 37 -30.08 -22.69 -31.70
CA LYS A 37 -29.78 -24.11 -31.95
C LYS A 37 -29.90 -25.00 -30.72
N ALA A 38 -29.56 -24.43 -29.56
CA ALA A 38 -29.52 -25.17 -28.30
C ALA A 38 -30.89 -25.32 -27.61
N GLY A 39 -31.87 -24.55 -28.06
CA GLY A 39 -33.25 -24.65 -27.53
C GLY A 39 -33.68 -23.50 -26.64
N ALA A 40 -32.89 -22.43 -26.67
CA ALA A 40 -33.18 -21.22 -25.92
C ALA A 40 -34.48 -20.60 -26.39
N ILE A 41 -35.35 -20.25 -25.43
CA ILE A 41 -36.62 -19.56 -25.77
C ILE A 41 -36.41 -18.09 -26.08
N GLY A 42 -35.18 -17.62 -25.90
CA GLY A 42 -34.91 -16.22 -26.11
C GLY A 42 -33.45 -15.89 -25.93
N VAL A 43 -33.01 -14.79 -26.55
CA VAL A 43 -31.68 -14.26 -26.31
C VAL A 43 -31.77 -12.82 -25.81
N MET A 44 -30.78 -12.47 -25.02
CA MET A 44 -30.68 -11.15 -24.42
C MET A 44 -29.43 -10.54 -25.02
N ILE A 45 -29.57 -9.40 -25.70
CA ILE A 45 -28.43 -8.85 -26.45
C ILE A 45 -27.54 -7.94 -25.61
N LEU A 46 -26.24 -8.21 -25.66
CA LEU A 46 -25.24 -7.49 -24.87
C LEU A 46 -24.30 -6.72 -25.75
N GLU A 47 -23.72 -5.67 -25.17
CA GLU A 47 -22.63 -4.94 -25.82
C GLU A 47 -21.43 -5.86 -26.08
N ASN A 48 -20.90 -5.77 -27.30
CA ASN A 48 -19.72 -6.54 -27.74
C ASN A 48 -18.42 -5.81 -27.40
N ILE A 49 -17.78 -6.24 -26.32
CA ILE A 49 -16.49 -5.67 -25.92
C ILE A 49 -15.37 -6.69 -25.96
N PRO A 50 -14.18 -6.23 -26.37
CA PRO A 50 -12.97 -7.02 -26.23
C PRO A 50 -12.49 -7.09 -24.77
N SER A 51 -11.61 -8.05 -24.49
CA SER A 51 -11.07 -8.26 -23.13
C SER A 51 -10.27 -7.06 -22.59
N GLU A 52 -9.51 -6.40 -23.48
CA GLU A 52 -8.70 -5.22 -23.09
C GLU A 52 -9.51 -4.04 -22.55
N LEU A 53 -10.68 -3.81 -23.16
CA LEU A 53 -11.65 -2.80 -22.70
C LEU A 53 -12.26 -3.18 -21.34
N ARG A 54 -12.50 -4.49 -21.16
CA ARG A 54 -13.00 -5.06 -19.89
C ARG A 54 -12.32 -4.57 -18.59
N ASN A 55 -10.99 -4.40 -18.65
CA ASN A 55 -10.20 -3.85 -17.54
C ASN A 55 -10.73 -2.50 -17.06
N THR A 56 -10.95 -1.61 -18.01
CA THR A 56 -11.40 -0.25 -17.73
C THR A 56 -12.79 -0.31 -17.08
N ASP A 57 -13.32 0.85 -16.72
CA ASP A 57 -14.58 0.92 -15.97
C ASP A 57 -15.67 1.63 -16.75
N GLY A 58 -15.52 1.64 -18.06
CA GLY A 58 -16.44 2.32 -18.96
C GLY A 58 -17.90 2.23 -18.55
N VAL A 59 -18.64 3.28 -18.88
CA VAL A 59 -20.03 3.36 -18.56
C VAL A 59 -20.74 2.38 -19.48
N ALA A 60 -21.48 1.46 -18.88
CA ALA A 60 -22.24 0.45 -19.62
C ALA A 60 -23.65 0.92 -19.89
N ARG A 61 -23.97 1.15 -21.16
CA ARG A 61 -25.28 1.68 -21.58
C ARG A 61 -26.07 0.65 -22.37
N SER A 62 -27.31 0.99 -22.71
CA SER A 62 -28.12 0.14 -23.57
C SER A 62 -27.44 0.07 -24.93
N VAL A 63 -27.63 -1.06 -25.60
CA VAL A 63 -26.98 -1.31 -26.90
C VAL A 63 -27.60 -0.48 -28.04
N ASP A 64 -26.77 -0.19 -29.04
CA ASP A 64 -27.20 0.43 -30.30
C ASP A 64 -28.34 -0.38 -30.94
N PRO A 65 -29.51 0.25 -31.18
CA PRO A 65 -30.65 -0.45 -31.76
C PRO A 65 -30.35 -1.22 -33.06
N LEU A 66 -29.42 -0.71 -33.85
CA LEU A 66 -29.05 -1.31 -35.12
C LEU A 66 -28.46 -2.70 -34.94
N LYS A 67 -27.69 -2.85 -33.87
CA LYS A 67 -27.07 -4.12 -33.52
C LYS A 67 -28.14 -5.13 -33.07
N ILE A 68 -29.20 -4.65 -32.45
CA ILE A 68 -30.35 -5.49 -32.07
C ILE A 68 -31.10 -5.94 -33.32
N GLU A 69 -31.42 -4.98 -34.18
CA GLU A 69 -32.09 -5.26 -35.46
C GLU A 69 -31.32 -6.30 -36.28
N GLU A 70 -30.01 -6.18 -36.31
CA GLU A 70 -29.12 -7.08 -37.08
C GLU A 70 -29.18 -8.52 -36.61
N ILE A 71 -29.27 -8.70 -35.31
CA ILE A 71 -29.26 -10.02 -34.69
C ILE A 71 -30.65 -10.67 -34.79
N ARG A 72 -31.68 -9.84 -34.59
CA ARG A 72 -33.09 -10.27 -34.60
C ARG A 72 -33.57 -10.84 -35.95
N LYS A 73 -33.03 -10.31 -37.04
CA LYS A 73 -33.44 -10.78 -38.39
C LYS A 73 -32.74 -12.08 -38.84
N CYS A 74 -31.81 -12.57 -38.03
CA CYS A 74 -31.11 -13.84 -38.30
C CYS A 74 -31.57 -14.98 -37.38
N ILE A 75 -32.59 -14.70 -36.55
CA ILE A 75 -33.21 -15.70 -35.67
C ILE A 75 -34.71 -15.46 -35.53
N SER A 76 -35.40 -16.46 -34.98
CA SER A 76 -36.86 -16.37 -34.82
C SER A 76 -37.33 -16.59 -33.39
N ILE A 77 -36.39 -16.76 -32.47
CA ILE A 77 -36.74 -16.88 -31.04
C ILE A 77 -36.86 -15.47 -30.45
N ASN A 78 -37.28 -15.39 -29.19
CA ASN A 78 -37.50 -14.08 -28.55
C ASN A 78 -36.24 -13.22 -28.43
N VAL A 79 -36.41 -11.90 -28.49
CA VAL A 79 -35.30 -10.96 -28.39
C VAL A 79 -35.50 -9.92 -27.30
N LEU A 80 -34.59 -9.93 -26.33
CA LEU A 80 -34.61 -9.03 -25.18
C LEU A 80 -33.41 -8.09 -25.18
N ALA A 81 -33.57 -6.94 -24.53
CA ALA A 81 -32.49 -5.97 -24.38
C ALA A 81 -32.45 -5.32 -23.00
N LYS A 82 -31.31 -4.73 -22.67
CA LYS A 82 -31.09 -4.11 -21.36
C LYS A 82 -31.13 -2.59 -21.39
N VAL A 83 -31.71 -2.01 -20.35
CA VAL A 83 -31.59 -0.58 -20.11
C VAL A 83 -31.08 -0.28 -18.71
N ARG A 84 -30.53 0.92 -18.57
CA ARG A 84 -29.99 1.38 -17.30
C ARG A 84 -31.10 1.71 -16.34
N ILE A 85 -30.83 1.44 -15.07
CA ILE A 85 -31.82 1.69 -14.03
C ILE A 85 -32.22 3.16 -14.00
N GLY A 86 -33.52 3.38 -14.12
CA GLY A 86 -34.08 4.73 -14.08
C GLY A 86 -33.94 5.49 -15.38
N HIS A 87 -33.42 4.84 -16.41
CA HIS A 87 -33.26 5.49 -17.70
C HIS A 87 -34.45 5.25 -18.59
N PHE A 88 -35.49 6.05 -18.38
CA PHE A 88 -36.75 5.85 -19.10
C PHE A 88 -36.71 6.22 -20.57
N VAL A 89 -35.72 6.98 -20.98
CA VAL A 89 -35.61 7.36 -22.39
C VAL A 89 -34.99 6.23 -23.21
N GLU A 90 -34.03 5.52 -22.64
CA GLU A 90 -33.49 4.32 -23.29
C GLU A 90 -34.61 3.32 -23.52
N ALA A 91 -35.52 3.23 -22.55
CA ALA A 91 -36.67 2.34 -22.62
C ALA A 91 -37.63 2.78 -23.72
N GLN A 92 -37.90 4.07 -23.79
CA GLN A 92 -38.80 4.65 -24.82
C GLN A 92 -38.33 4.31 -26.23
N ILE A 93 -37.01 4.34 -26.38
CA ILE A 93 -36.35 4.10 -27.66
C ILE A 93 -36.49 2.66 -28.07
N LEU A 94 -36.24 1.74 -27.14
CA LEU A 94 -36.36 0.31 -27.41
C LEU A 94 -37.81 -0.16 -27.49
N GLU A 95 -38.72 0.56 -26.85
CA GLU A 95 -40.15 0.29 -27.00
C GLU A 95 -40.54 0.50 -28.46
N GLU A 96 -40.12 1.63 -29.02
CA GLU A 96 -40.40 1.97 -30.42
C GLU A 96 -39.78 1.00 -31.40
N LEU A 97 -38.70 0.35 -31.00
CA LEU A 97 -38.05 -0.68 -31.81
C LEU A 97 -38.73 -2.06 -31.77
N LYS A 98 -39.76 -2.23 -30.93
CA LYS A 98 -40.60 -3.45 -30.89
C LYS A 98 -39.88 -4.71 -30.35
N VAL A 99 -38.91 -4.49 -29.48
CA VAL A 99 -38.28 -5.56 -28.71
C VAL A 99 -39.30 -6.32 -27.85
N ASP A 100 -39.02 -7.58 -27.58
CA ASP A 100 -39.99 -8.47 -26.91
C ASP A 100 -40.11 -8.25 -25.41
N MET A 101 -39.00 -7.93 -24.78
CA MET A 101 -38.96 -7.65 -23.34
C MET A 101 -37.75 -6.78 -23.01
N LEU A 102 -37.91 -5.93 -22.00
CA LEU A 102 -36.78 -5.14 -21.49
C LEU A 102 -36.34 -5.62 -20.11
N ASP A 103 -35.02 -5.58 -19.89
CA ASP A 103 -34.45 -5.83 -18.56
C ASP A 103 -33.88 -4.53 -18.02
N GLU A 104 -34.53 -3.99 -17.00
CA GLU A 104 -34.00 -2.84 -16.27
C GLU A 104 -32.94 -3.41 -15.35
N SER A 105 -31.68 -3.26 -15.75
CA SER A 105 -30.60 -4.06 -15.21
C SER A 105 -29.59 -3.30 -14.38
N GLU A 106 -29.23 -3.92 -13.26
CA GLU A 106 -28.21 -3.41 -12.33
C GLU A 106 -26.79 -3.69 -12.81
N VAL A 107 -26.69 -4.51 -13.84
CA VAL A 107 -25.42 -4.84 -14.48
C VAL A 107 -24.92 -3.71 -15.36
N LEU A 108 -25.84 -2.88 -15.84
CA LEU A 108 -25.49 -1.63 -16.50
C LEU A 108 -25.31 -0.53 -15.46
N THR A 109 -24.70 0.56 -15.84
CA THR A 109 -24.46 1.68 -14.93
C THR A 109 -25.74 2.43 -14.60
N MET A 110 -26.08 2.54 -13.32
CA MET A 110 -27.29 3.25 -12.89
C MET A 110 -27.38 4.64 -13.53
N ALA A 111 -28.59 5.02 -13.96
CA ALA A 111 -28.85 6.36 -14.51
C ALA A 111 -29.49 7.27 -13.47
N ASP A 112 -30.18 6.67 -12.52
CA ASP A 112 -30.87 7.40 -11.48
C ASP A 112 -30.76 6.61 -10.16
N GLU A 113 -30.09 7.21 -9.19
CA GLU A 113 -29.74 6.49 -7.97
C GLU A 113 -30.90 6.35 -6.98
N TYR A 114 -32.01 7.05 -7.22
CA TYR A 114 -33.19 6.96 -6.34
C TYR A 114 -34.40 6.29 -6.96
N ASN A 115 -34.64 6.55 -8.23
CA ASN A 115 -35.88 6.10 -8.89
C ASN A 115 -35.63 5.04 -9.97
N HIS A 116 -36.45 4.00 -9.97
CA HIS A 116 -36.51 3.07 -11.11
C HIS A 116 -37.48 3.62 -12.17
N ILE A 117 -37.45 3.02 -13.36
CA ILE A 117 -38.36 3.38 -14.45
C ILE A 117 -39.77 3.10 -14.02
N ASN A 118 -40.69 4.01 -14.34
CA ASN A 118 -42.12 3.74 -14.15
C ASN A 118 -42.55 2.85 -15.31
N LYS A 119 -42.65 1.55 -15.06
CA LYS A 119 -42.78 0.55 -16.13
C LYS A 119 -44.21 0.34 -16.66
N HIS A 120 -45.19 0.90 -15.97
CA HIS A 120 -46.58 0.83 -16.41
C HIS A 120 -46.74 1.61 -17.69
N LYS A 121 -45.90 2.61 -17.88
CA LYS A 121 -45.97 3.50 -19.05
C LYS A 121 -45.56 2.86 -20.36
N PHE A 122 -45.30 1.56 -20.35
CA PHE A 122 -44.83 0.85 -21.52
C PHE A 122 -45.67 -0.35 -21.82
N LYS A 123 -45.79 -0.66 -23.09
CA LYS A 123 -46.49 -1.88 -23.51
C LYS A 123 -45.55 -3.10 -23.52
N THR A 124 -44.26 -2.84 -23.64
CA THR A 124 -43.25 -3.89 -23.56
C THR A 124 -43.14 -4.30 -22.11
N PRO A 125 -43.15 -5.63 -21.85
CA PRO A 125 -43.01 -6.06 -20.48
C PRO A 125 -41.58 -5.92 -19.99
N PHE A 126 -41.44 -5.61 -18.72
CA PHE A 126 -40.13 -5.55 -18.07
C PHE A 126 -39.84 -6.74 -17.17
N VAL A 127 -38.58 -7.13 -17.16
CA VAL A 127 -38.00 -7.97 -16.11
C VAL A 127 -37.10 -7.10 -15.22
N CYS A 128 -37.12 -7.37 -13.92
CA CYS A 128 -36.23 -6.70 -12.96
C CYS A 128 -35.58 -7.68 -12.01
N GLY A 129 -34.51 -7.20 -11.38
CA GLY A 129 -33.72 -8.00 -10.45
C GLY A 129 -34.09 -7.78 -8.99
N CYS A 130 -33.85 -8.81 -8.19
CA CYS A 130 -34.10 -8.73 -6.76
C CYS A 130 -33.20 -9.69 -5.97
N THR A 131 -33.02 -9.37 -4.70
CA THR A 131 -32.32 -10.25 -3.76
C THR A 131 -33.19 -10.65 -2.58
N ASN A 132 -34.42 -10.14 -2.56
CA ASN A 132 -35.35 -10.38 -1.47
C ASN A 132 -36.77 -9.95 -1.84
N LEU A 133 -37.74 -10.37 -1.03
CA LEU A 133 -39.17 -10.25 -1.38
C LEU A 133 -39.66 -8.81 -1.48
N GLY A 134 -39.26 -7.97 -0.53
CA GLY A 134 -39.65 -6.56 -0.56
C GLY A 134 -39.26 -5.94 -1.87
N GLU A 135 -37.97 -6.03 -2.16
CA GLU A 135 -37.38 -5.54 -3.41
C GLU A 135 -38.14 -6.06 -4.62
N ALA A 136 -38.44 -7.35 -4.62
CA ALA A 136 -39.19 -7.95 -5.71
C ALA A 136 -40.54 -7.27 -5.89
N LEU A 137 -41.24 -7.12 -4.78
CA LEU A 137 -42.61 -6.57 -4.78
C LEU A 137 -42.66 -5.08 -5.14
N ARG A 138 -41.61 -4.34 -4.77
CA ARG A 138 -41.50 -2.94 -5.15
C ARG A 138 -41.28 -2.80 -6.66
N ARG A 139 -40.55 -3.73 -7.25
CA ARG A 139 -40.36 -3.75 -8.71
C ARG A 139 -41.69 -4.05 -9.41
N ILE A 140 -42.42 -5.06 -8.92
CA ILE A 140 -43.75 -5.38 -9.46
C ILE A 140 -44.72 -4.22 -9.28
N SER A 141 -44.62 -3.56 -8.15
CA SER A 141 -45.44 -2.38 -7.86
C SER A 141 -45.21 -1.32 -8.93
N GLU A 142 -43.94 -1.15 -9.30
CA GLU A 142 -43.51 -0.17 -10.32
C GLU A 142 -43.87 -0.60 -11.73
N GLY A 143 -44.28 -1.84 -11.90
CA GLY A 143 -44.79 -2.34 -13.20
C GLY A 143 -44.07 -3.50 -13.85
N ALA A 144 -43.09 -4.08 -13.17
CA ALA A 144 -42.38 -5.21 -13.72
C ALA A 144 -43.37 -6.33 -13.95
N SER A 145 -43.19 -7.06 -15.03
CA SER A 145 -44.04 -8.22 -15.37
C SER A 145 -43.37 -9.54 -15.02
N MET A 146 -42.08 -9.48 -14.74
CA MET A 146 -41.27 -10.66 -14.48
C MET A 146 -40.13 -10.27 -13.55
N ILE A 147 -39.66 -11.24 -12.78
CA ILE A 147 -38.57 -11.01 -11.82
C ILE A 147 -37.48 -12.05 -11.99
N ARG A 148 -36.25 -11.63 -11.76
CA ARG A 148 -35.13 -12.55 -11.64
C ARG A 148 -34.34 -12.24 -10.38
N THR A 149 -33.63 -13.25 -9.88
CA THR A 149 -32.62 -13.03 -8.85
C THR A 149 -31.49 -12.23 -9.46
N LYS A 150 -30.73 -11.53 -8.62
CA LYS A 150 -29.55 -10.79 -9.09
C LYS A 150 -28.40 -11.74 -9.23
N GLY A 151 -28.28 -12.65 -8.25
CA GLY A 151 -27.12 -13.52 -8.13
C GLY A 151 -25.83 -12.71 -8.10
N GLU A 152 -24.78 -13.28 -8.68
CA GLU A 152 -23.51 -12.57 -8.84
C GLU A 152 -23.07 -12.63 -10.31
N ALA A 153 -23.40 -11.59 -11.07
CA ALA A 153 -23.23 -11.62 -12.52
C ALA A 153 -21.76 -11.81 -12.93
N GLY A 154 -21.53 -12.76 -13.81
CA GLY A 154 -20.21 -12.95 -14.45
C GLY A 154 -19.14 -13.71 -13.67
N THR A 155 -19.44 -14.11 -12.45
CA THR A 155 -18.45 -14.78 -11.61
C THR A 155 -18.37 -16.29 -11.78
N GLY A 156 -19.41 -16.88 -12.37
CA GLY A 156 -19.49 -18.35 -12.51
C GLY A 156 -19.69 -19.07 -11.18
N ASN A 157 -20.04 -18.30 -10.16
CA ASN A 157 -20.25 -18.80 -8.81
C ASN A 157 -21.73 -18.72 -8.46
N ILE A 158 -22.31 -19.86 -8.13
CA ILE A 158 -23.77 -19.95 -7.96
C ILE A 158 -24.25 -19.43 -6.62
N ILE A 159 -23.32 -19.23 -5.67
CA ILE A 159 -23.68 -19.10 -4.24
C ILE A 159 -24.65 -17.98 -3.91
N GLU A 160 -24.46 -16.82 -4.53
CA GLU A 160 -25.35 -15.68 -4.27
C GLU A 160 -26.74 -15.95 -4.81
N ALA A 161 -26.80 -16.50 -6.01
CA ALA A 161 -28.08 -16.86 -6.61
C ALA A 161 -28.89 -17.73 -5.66
N ILE A 162 -28.25 -18.76 -5.15
CA ILE A 162 -28.92 -19.68 -4.26
C ILE A 162 -29.48 -18.94 -3.05
N LYS A 163 -28.65 -18.11 -2.43
CA LYS A 163 -29.09 -17.33 -1.27
C LYS A 163 -30.35 -16.50 -1.58
N HIS A 164 -30.31 -15.77 -2.68
CA HIS A 164 -31.42 -14.92 -3.07
C HIS A 164 -32.68 -15.74 -3.32
N ILE A 165 -32.51 -16.92 -3.88
CA ILE A 165 -33.65 -17.79 -4.15
C ILE A 165 -34.31 -18.23 -2.84
N ARG A 166 -33.48 -18.65 -1.89
CA ARG A 166 -33.97 -19.15 -0.61
C ARG A 166 -34.57 -18.04 0.24
N THR A 167 -34.00 -16.85 0.17
CA THR A 167 -34.52 -15.71 0.93
C THR A 167 -35.95 -15.39 0.51
N VAL A 168 -36.16 -15.25 -0.80
CA VAL A 168 -37.49 -14.98 -1.33
C VAL A 168 -38.45 -16.13 -1.03
N ASN A 169 -37.98 -17.35 -1.23
CA ASN A 169 -38.82 -18.55 -1.00
C ASN A 169 -39.37 -18.61 0.41
N ASN A 170 -38.51 -18.33 1.38
CA ASN A 170 -38.90 -18.38 2.79
C ASN A 170 -39.90 -17.29 3.16
N GLU A 171 -39.51 -16.05 2.90
CA GLU A 171 -40.37 -14.91 3.20
C GLU A 171 -41.77 -15.16 2.64
N ILE A 172 -41.85 -15.73 1.44
CA ILE A 172 -43.16 -16.04 0.80
C ILE A 172 -43.99 -17.09 1.54
N LYS A 173 -43.37 -18.19 1.96
CA LYS A 173 -44.12 -19.28 2.61
C LYS A 173 -44.48 -18.86 4.03
N TYR A 174 -43.59 -18.07 4.62
CA TYR A 174 -43.81 -17.46 5.93
C TYR A 174 -44.96 -16.45 5.90
N LEU A 175 -44.84 -15.46 5.03
CA LEU A 175 -45.93 -14.50 4.83
C LEU A 175 -47.28 -15.23 4.76
N CYS A 176 -47.29 -16.30 3.98
CA CYS A 176 -48.48 -17.16 3.80
C CYS A 176 -49.03 -17.77 5.10
N SER A 177 -48.19 -17.85 6.14
CA SER A 177 -48.56 -18.41 7.46
C SER A 177 -49.22 -17.39 8.43
N LEU A 178 -48.72 -16.16 8.43
CA LEU A 178 -49.08 -15.14 9.43
C LEU A 178 -50.58 -14.94 9.54
N ASP A 179 -51.05 -14.38 10.65
CA ASP A 179 -52.49 -14.04 10.74
C ASP A 179 -52.78 -12.65 10.12
N GLU A 180 -54.05 -12.44 9.77
CA GLU A 180 -54.52 -11.21 9.13
C GLU A 180 -54.10 -9.92 9.82
N SER A 181 -53.92 -9.98 11.12
CA SER A 181 -53.50 -8.80 11.90
C SER A 181 -52.01 -8.51 11.66
N GLU A 182 -51.21 -9.57 11.67
CA GLU A 182 -49.73 -9.46 11.62
C GLU A 182 -49.20 -8.99 10.27
N VAL A 183 -50.00 -9.15 9.23
CA VAL A 183 -49.53 -8.86 7.86
C VAL A 183 -49.16 -7.39 7.66
N TYR A 184 -49.75 -6.50 8.45
CA TYR A 184 -49.52 -5.07 8.28
C TYR A 184 -48.10 -4.65 8.68
N ASN A 185 -47.68 -5.05 9.87
CA ASN A 185 -46.34 -4.69 10.37
C ASN A 185 -45.27 -5.31 9.51
N PHE A 186 -45.57 -6.48 8.99
CA PHE A 186 -44.66 -7.19 8.10
C PHE A 186 -44.50 -6.45 6.80
N ALA A 187 -45.59 -5.88 6.31
CA ALA A 187 -45.56 -5.05 5.08
C ALA A 187 -44.62 -3.86 5.24
N LYS A 188 -44.75 -3.20 6.38
CA LYS A 188 -43.87 -2.11 6.78
C LYS A 188 -42.40 -2.54 6.93
N LYS A 189 -42.16 -3.76 7.41
CA LYS A 189 -40.78 -4.29 7.51
C LYS A 189 -40.14 -4.55 6.14
N LEU A 190 -40.90 -5.16 5.24
CA LEU A 190 -40.42 -5.40 3.85
C LEU A 190 -40.39 -4.13 3.01
N ARG A 191 -40.92 -3.05 3.56
CA ARG A 191 -41.16 -1.80 2.84
C ARG A 191 -41.79 -2.09 1.48
N ALA A 192 -42.90 -2.82 1.52
CA ALA A 192 -43.61 -3.23 0.31
C ALA A 192 -45.09 -2.92 0.44
N PRO A 193 -45.81 -2.85 -0.68
CA PRO A 193 -47.25 -2.57 -0.67
C PRO A 193 -48.12 -3.73 -0.12
N ILE A 194 -49.00 -3.40 0.81
CA ILE A 194 -49.89 -4.39 1.44
C ILE A 194 -50.71 -5.17 0.42
N ASP A 195 -51.19 -4.48 -0.60
CA ASP A 195 -52.00 -5.11 -1.67
C ASP A 195 -51.29 -6.33 -2.29
N LEU A 196 -50.04 -6.13 -2.71
CA LEU A 196 -49.24 -7.20 -3.35
C LEU A 196 -48.81 -8.26 -2.36
N ILE A 197 -48.63 -7.87 -1.11
CA ILE A 197 -48.38 -8.83 -0.05
C ILE A 197 -49.58 -9.74 0.14
N LEU A 198 -50.77 -9.16 0.19
CA LEU A 198 -52.01 -9.96 0.30
C LEU A 198 -52.23 -10.86 -0.93
N LEU A 199 -51.80 -10.39 -2.10
CA LEU A 199 -51.96 -11.15 -3.35
C LEU A 199 -50.99 -12.32 -3.41
N THR A 200 -49.77 -12.10 -2.91
CA THR A 200 -48.76 -13.18 -2.78
C THR A 200 -49.27 -14.27 -1.83
N ARG A 201 -49.90 -13.81 -0.78
CA ARG A 201 -50.53 -14.64 0.25
C ARG A 201 -51.62 -15.52 -0.37
N LYS A 202 -52.46 -14.92 -1.20
CA LYS A 202 -53.60 -15.62 -1.84
C LYS A 202 -53.15 -16.58 -2.97
N LEU A 203 -52.06 -16.23 -3.64
CA LEU A 203 -51.52 -17.07 -4.74
C LEU A 203 -50.58 -18.17 -4.26
N LYS A 204 -50.10 -18.03 -3.03
CA LYS A 204 -49.14 -18.98 -2.41
C LYS A 204 -47.77 -18.98 -3.09
N ARG A 205 -47.50 -17.92 -3.85
CA ARG A 205 -46.21 -17.74 -4.55
C ARG A 205 -46.03 -16.30 -5.05
N LEU A 206 -44.89 -16.07 -5.70
CA LEU A 206 -44.63 -14.77 -6.32
C LEU A 206 -45.65 -14.51 -7.42
N PRO A 207 -46.26 -13.31 -7.44
CA PRO A 207 -47.34 -13.02 -8.40
C PRO A 207 -46.94 -12.87 -9.87
N VAL A 208 -45.66 -13.05 -10.19
CA VAL A 208 -45.19 -13.00 -11.57
C VAL A 208 -44.15 -14.08 -11.82
N VAL A 209 -43.88 -14.34 -13.09
CA VAL A 209 -42.84 -15.30 -13.46
C VAL A 209 -41.54 -14.93 -12.81
N ASN A 210 -40.80 -15.93 -12.36
CA ASN A 210 -39.58 -15.74 -11.51
C ASN A 210 -38.37 -16.62 -11.93
N PHE A 211 -37.39 -15.98 -12.56
CA PHE A 211 -36.23 -16.69 -13.10
C PHE A 211 -34.98 -16.55 -12.25
N ALA A 212 -34.12 -17.56 -12.27
CA ALA A 212 -32.82 -17.47 -11.62
C ALA A 212 -31.86 -16.82 -12.60
N ALA A 213 -30.92 -16.05 -12.07
CA ALA A 213 -29.93 -15.38 -12.92
C ALA A 213 -28.66 -15.10 -12.15
N GLY A 214 -27.54 -15.20 -12.85
CA GLY A 214 -26.24 -14.77 -12.31
C GLY A 214 -25.45 -15.92 -11.70
N GLY A 215 -24.38 -16.32 -12.38
CA GLY A 215 -23.44 -17.33 -11.84
C GLY A 215 -23.67 -18.77 -12.26
N ILE A 216 -24.69 -19.02 -13.08
CA ILE A 216 -24.97 -20.38 -13.56
C ILE A 216 -23.92 -20.84 -14.58
N ALA A 217 -23.24 -21.93 -14.26
CA ALA A 217 -22.05 -22.35 -15.00
C ALA A 217 -22.02 -23.80 -15.47
N THR A 218 -22.83 -24.64 -14.85
CA THR A 218 -22.98 -26.04 -15.26
C THR A 218 -24.45 -26.42 -15.33
N PRO A 219 -24.77 -27.54 -15.98
CA PRO A 219 -26.13 -28.03 -15.96
C PRO A 219 -26.62 -28.24 -14.54
N ALA A 220 -25.71 -28.72 -13.69
CA ALA A 220 -26.04 -28.97 -12.30
C ALA A 220 -26.56 -27.70 -11.62
N ASP A 221 -25.84 -26.60 -11.82
CA ASP A 221 -26.26 -25.29 -11.28
C ASP A 221 -27.68 -24.95 -11.71
N ALA A 222 -27.95 -25.13 -12.99
CA ALA A 222 -29.24 -24.77 -13.57
C ALA A 222 -30.39 -25.56 -12.92
N ALA A 223 -30.20 -26.87 -12.85
CA ALA A 223 -31.22 -27.78 -12.33
C ALA A 223 -31.48 -27.48 -10.87
N MET A 224 -30.42 -27.19 -10.15
CA MET A 224 -30.53 -26.85 -8.72
C MET A 224 -31.51 -25.69 -8.51
N CYS A 225 -31.34 -24.64 -9.31
CA CYS A 225 -32.24 -23.48 -9.25
C CYS A 225 -33.70 -23.89 -9.53
N MET A 226 -33.89 -24.75 -10.52
CA MET A 226 -35.24 -25.25 -10.85
C MET A 226 -35.80 -26.10 -9.72
N GLN A 227 -34.98 -26.97 -9.12
CA GLN A 227 -35.44 -27.81 -8.01
C GLN A 227 -35.84 -26.95 -6.81
N LEU A 228 -35.31 -25.74 -6.72
CA LEU A 228 -35.69 -24.79 -5.65
C LEU A 228 -36.90 -23.92 -6.02
N GLY A 229 -37.57 -24.24 -7.11
CA GLY A 229 -38.89 -23.65 -7.40
C GLY A 229 -38.93 -22.49 -8.37
N MET A 230 -37.80 -22.25 -9.03
CA MET A 230 -37.74 -21.20 -10.04
C MET A 230 -38.49 -21.61 -11.30
N ASP A 231 -38.95 -20.61 -12.04
CA ASP A 231 -39.68 -20.84 -13.30
C ASP A 231 -38.75 -20.99 -14.51
N GLY A 232 -37.48 -20.66 -14.34
CA GLY A 232 -36.54 -20.69 -15.45
C GLY A 232 -35.19 -20.06 -15.13
N VAL A 233 -34.42 -19.81 -16.17
CA VAL A 233 -33.01 -19.48 -16.00
C VAL A 233 -32.43 -18.51 -17.06
N PHE A 234 -31.71 -17.48 -16.60
CA PHE A 234 -30.85 -16.69 -17.49
C PHE A 234 -29.43 -17.20 -17.35
N VAL A 235 -28.77 -17.40 -18.49
CA VAL A 235 -27.36 -17.76 -18.50
C VAL A 235 -26.61 -16.87 -19.48
N GLY A 236 -25.37 -16.52 -19.13
CA GLY A 236 -24.49 -15.69 -19.99
C GLY A 236 -23.09 -16.24 -20.17
N SER A 237 -22.20 -15.83 -19.27
CA SER A 237 -20.79 -16.19 -19.40
C SER A 237 -20.53 -17.68 -19.25
N GLY A 238 -21.34 -18.36 -18.43
CA GLY A 238 -21.23 -19.82 -18.21
C GLY A 238 -21.25 -20.68 -19.46
N ILE A 239 -21.86 -20.13 -20.51
CA ILE A 239 -21.94 -20.77 -21.82
C ILE A 239 -20.79 -20.33 -22.71
N PHE A 240 -20.72 -19.04 -22.94
CA PHE A 240 -19.82 -18.50 -23.96
C PHE A 240 -18.37 -18.32 -23.51
N GLU A 241 -18.12 -18.48 -22.22
CA GLU A 241 -16.75 -18.58 -21.71
C GLU A 241 -16.34 -20.01 -21.36
N SER A 242 -17.20 -20.98 -21.64
CA SER A 242 -16.84 -22.38 -21.45
C SER A 242 -15.97 -22.86 -22.61
N GLU A 243 -15.46 -24.07 -22.50
CA GLU A 243 -14.63 -24.66 -23.56
C GLU A 243 -15.42 -24.94 -24.84
N ASN A 244 -16.68 -25.34 -24.68
CA ASN A 244 -17.55 -25.77 -25.80
C ASN A 244 -18.93 -25.13 -25.74
N PRO A 245 -19.04 -23.85 -26.08
CA PRO A 245 -20.30 -23.15 -25.89
C PRO A 245 -21.52 -23.91 -26.41
N GLN A 246 -21.42 -24.48 -27.60
CA GLN A 246 -22.60 -25.11 -28.22
C GLN A 246 -23.08 -26.26 -27.36
N LYS A 247 -22.17 -27.12 -26.96
CA LYS A 247 -22.54 -28.29 -26.17
C LYS A 247 -23.05 -27.88 -24.81
N MET A 248 -22.40 -26.89 -24.21
CA MET A 248 -22.80 -26.39 -22.89
C MET A 248 -24.19 -25.77 -22.98
N ALA A 249 -24.42 -24.99 -24.03
CA ALA A 249 -25.72 -24.33 -24.21
C ALA A 249 -26.85 -25.36 -24.25
N SER A 250 -26.61 -26.43 -24.99
CA SER A 250 -27.63 -27.44 -25.21
C SER A 250 -27.92 -28.22 -23.94
N SER A 251 -26.86 -28.55 -23.23
CA SER A 251 -26.99 -29.35 -22.01
C SER A 251 -27.72 -28.56 -20.91
N ILE A 252 -27.49 -27.26 -20.86
CA ILE A 252 -28.16 -26.41 -19.87
C ILE A 252 -29.66 -26.40 -20.13
N VAL A 253 -30.03 -26.32 -21.42
CA VAL A 253 -31.46 -26.35 -21.82
C VAL A 253 -32.14 -27.65 -21.45
N MET A 254 -31.45 -28.75 -21.74
CA MET A 254 -31.93 -30.09 -21.43
C MET A 254 -32.13 -30.28 -19.94
N ALA A 255 -31.17 -29.78 -19.17
CA ALA A 255 -31.22 -29.87 -17.72
C ALA A 255 -32.41 -29.09 -17.16
N VAL A 256 -32.63 -27.88 -17.67
CA VAL A 256 -33.78 -27.07 -17.25
C VAL A 256 -35.11 -27.73 -17.61
N SER A 257 -35.18 -28.37 -18.76
CA SER A 257 -36.37 -29.13 -19.17
C SER A 257 -36.54 -30.46 -18.46
N ASN A 258 -35.48 -30.95 -17.82
CA ASN A 258 -35.49 -32.25 -17.17
C ASN A 258 -34.86 -32.24 -15.77
N PHE A 259 -35.14 -31.17 -15.05
CA PHE A 259 -34.37 -30.82 -13.84
C PHE A 259 -34.56 -31.80 -12.68
N ASN A 260 -35.59 -32.62 -12.79
CA ASN A 260 -35.89 -33.63 -11.79
C ASN A 260 -35.44 -35.03 -12.13
N ASN A 261 -34.74 -35.17 -13.26
CA ASN A 261 -34.34 -36.51 -13.75
C ASN A 261 -32.82 -36.65 -13.72
N PRO A 262 -32.27 -37.18 -12.61
CA PRO A 262 -30.85 -37.36 -12.37
C PRO A 262 -30.13 -38.07 -13.49
N LYS A 263 -30.82 -39.01 -14.11
CA LYS A 263 -30.21 -39.82 -15.18
C LYS A 263 -29.92 -39.01 -16.43
N ILE A 264 -30.82 -38.08 -16.75
CA ILE A 264 -30.60 -37.13 -17.84
C ILE A 264 -29.53 -36.09 -17.46
N LEU A 265 -29.59 -35.62 -16.22
CA LEU A 265 -28.61 -34.64 -15.72
C LEU A 265 -27.19 -35.19 -15.82
N LEU A 266 -27.02 -36.45 -15.39
CA LEU A 266 -25.75 -37.17 -15.56
C LEU A 266 -25.37 -37.21 -17.02
N ASN A 267 -26.30 -37.69 -17.82
CA ASN A 267 -26.04 -37.95 -19.23
C ASN A 267 -25.59 -36.70 -20.00
N VAL A 268 -26.22 -35.56 -19.72
CA VAL A 268 -25.88 -34.31 -20.40
C VAL A 268 -24.68 -33.59 -19.78
N SER A 269 -24.12 -34.16 -18.72
CA SER A 269 -22.92 -33.60 -18.06
C SER A 269 -21.61 -34.32 -18.44
N LEU A 270 -21.75 -35.53 -19.00
CA LEU A 270 -20.61 -36.31 -19.50
C LEU A 270 -19.86 -35.56 -20.57
N GLY A 271 -18.54 -35.55 -20.45
CA GLY A 271 -17.64 -35.01 -21.48
C GLY A 271 -18.02 -33.61 -21.95
N LEU A 272 -18.43 -32.79 -20.99
CA LEU A 272 -18.92 -31.43 -21.26
C LEU A 272 -17.80 -30.46 -21.63
N GLY A 273 -16.59 -30.78 -21.20
CA GLY A 273 -15.46 -29.86 -21.33
C GLY A 273 -15.32 -29.02 -20.08
N LYS A 274 -14.41 -28.07 -20.12
CA LYS A 274 -14.15 -27.18 -18.99
C LYS A 274 -15.25 -26.14 -18.89
N ALA A 275 -15.73 -25.90 -17.67
CA ALA A 275 -16.72 -24.84 -17.42
C ALA A 275 -15.97 -23.50 -17.36
N MET A 276 -16.72 -22.39 -17.31
CA MET A 276 -16.06 -21.08 -17.22
C MET A 276 -15.17 -21.03 -15.99
N HIS A 277 -13.97 -20.49 -16.18
CA HIS A 277 -12.99 -20.37 -15.12
C HIS A 277 -13.58 -19.76 -13.87
N GLY A 278 -14.18 -18.60 -14.03
CA GLY A 278 -14.91 -17.93 -12.95
C GLY A 278 -14.02 -17.10 -12.04
N ASN A 279 -14.64 -16.52 -11.02
CA ASN A 279 -13.93 -15.67 -10.05
C ASN A 279 -14.56 -15.69 -8.65
N THR A 280 -13.77 -16.09 -7.65
CA THR A 280 -14.23 -16.14 -6.25
C THR A 280 -13.67 -14.97 -5.43
N ALA A 281 -13.79 -13.77 -5.98
CA ALA A 281 -13.37 -12.52 -5.31
C ALA A 281 -14.61 -11.62 -5.07
N ALA A 282 -15.29 -11.89 -3.94
CA ALA A 282 -16.48 -11.10 -3.46
C ALA A 282 -16.22 -9.58 -3.39
N ASP B 1 -32.25 -46.23 -2.60
CA ASP B 1 -31.99 -44.83 -2.13
C ASP B 1 -31.99 -44.70 -0.61
N TYR B 2 -32.39 -43.52 -0.14
CA TYR B 2 -32.01 -42.99 1.18
C TYR B 2 -31.84 -43.94 2.36
N ALA B 3 -31.07 -43.41 3.29
CA ALA B 3 -30.65 -44.10 4.47
C ALA B 3 -31.71 -44.06 5.57
N ASP B 4 -31.19 -44.24 6.79
CA ASP B 4 -31.95 -44.35 8.04
C ASP B 4 -33.06 -45.40 8.05
N ASN B 5 -32.87 -46.41 7.21
CA ASN B 5 -33.39 -47.73 7.50
C ASN B 5 -32.09 -48.29 8.08
N ASP B 6 -31.71 -49.49 7.71
CA ASP B 6 -30.43 -50.02 8.16
C ASP B 6 -29.39 -50.25 7.07
N SER B 7 -29.70 -49.80 5.85
CA SER B 7 -28.66 -49.40 4.88
C SER B 7 -27.62 -48.46 5.51
N ILE B 8 -28.02 -47.80 6.58
CA ILE B 8 -27.11 -47.01 7.38
C ILE B 8 -26.12 -47.87 8.08
N LEU B 9 -26.68 -48.74 8.90
CA LEU B 9 -25.95 -49.73 9.66
C LEU B 9 -25.03 -50.34 8.59
N LEU B 10 -25.61 -50.49 7.40
CA LEU B 10 -24.90 -50.71 6.11
C LEU B 10 -23.79 -49.73 5.63
N LYS B 11 -24.06 -48.41 5.62
CA LYS B 11 -23.03 -47.37 5.29
C LYS B 11 -21.90 -47.37 6.30
N HIS B 12 -22.26 -47.29 7.59
CA HIS B 12 -21.28 -47.39 8.70
C HIS B 12 -20.41 -48.64 8.48
N GLY B 13 -21.07 -49.78 8.27
CA GLY B 13 -20.39 -51.07 8.02
C GLY B 13 -19.35 -50.96 6.90
N TRP B 14 -19.75 -50.27 5.84
CA TRP B 14 -18.86 -50.07 4.70
C TRP B 14 -17.65 -49.17 5.01
N CYS B 15 -17.87 -48.14 5.79
CA CYS B 15 -16.80 -47.20 6.15
C CYS B 15 -15.76 -47.79 7.07
N GLU B 16 -16.18 -48.77 7.89
CA GLU B 16 -15.28 -49.43 8.85
C GLU B 16 -14.15 -50.12 8.14
N MET B 17 -14.44 -50.56 6.92
CA MET B 17 -13.45 -51.14 6.00
C MET B 17 -12.21 -50.24 5.77
N LEU B 18 -12.41 -48.93 5.91
CA LEU B 18 -11.36 -47.96 5.63
C LEU B 18 -10.38 -47.76 6.79
N LYS B 19 -10.76 -48.18 7.99
CA LYS B 19 -9.91 -47.99 9.18
C LYS B 19 -8.51 -48.46 8.87
N GLY B 20 -7.51 -47.72 9.33
CA GLY B 20 -6.10 -48.07 9.11
C GLY B 20 -5.58 -47.71 7.74
N GLY B 21 -6.44 -47.15 6.90
CA GLY B 21 -6.10 -46.85 5.49
C GLY B 21 -5.59 -45.44 5.19
N VAL B 22 -5.03 -45.31 4.00
CA VAL B 22 -4.63 -44.01 3.46
C VAL B 22 -5.37 -43.77 2.15
N ILE B 23 -6.13 -42.68 2.08
CA ILE B 23 -6.79 -42.25 0.83
C ILE B 23 -5.99 -41.13 0.20
N MET B 24 -5.76 -41.23 -1.10
CA MET B 24 -4.85 -40.31 -1.79
C MET B 24 -5.53 -39.51 -2.87
N ASP B 25 -5.17 -38.23 -2.95
CA ASP B 25 -5.74 -37.32 -3.94
C ASP B 25 -5.00 -37.44 -5.26
N VAL B 26 -5.73 -37.74 -6.33
CA VAL B 26 -5.13 -37.92 -7.65
C VAL B 26 -5.77 -37.06 -8.74
N LYS B 27 -4.93 -36.59 -9.65
CA LYS B 27 -5.33 -35.70 -10.76
C LYS B 27 -5.41 -36.41 -12.11
N ASN B 28 -4.75 -37.54 -12.24
CA ASN B 28 -4.71 -38.31 -13.50
C ASN B 28 -4.46 -39.81 -13.26
N VAL B 29 -4.49 -40.61 -14.34
CA VAL B 29 -4.36 -42.08 -14.23
C VAL B 29 -3.01 -42.54 -13.67
N GLU B 30 -1.97 -41.80 -14.03
CA GLU B 30 -0.61 -42.09 -13.62
C GLU B 30 -0.51 -41.98 -12.12
N GLN B 31 -1.16 -40.96 -11.58
CA GLN B 31 -1.19 -40.69 -10.15
C GLN B 31 -2.00 -41.77 -9.40
N ALA B 32 -3.17 -42.11 -9.95
CA ALA B 32 -3.99 -43.21 -9.44
C ALA B 32 -3.20 -44.52 -9.32
N LYS B 33 -2.41 -44.82 -10.36
CA LYS B 33 -1.65 -46.07 -10.41
C LYS B 33 -0.59 -46.12 -9.33
N ILE B 34 0.16 -45.03 -9.24
CA ILE B 34 1.11 -44.81 -8.13
C ILE B 34 0.46 -45.03 -6.77
N ALA B 35 -0.75 -44.49 -6.60
CA ALA B 35 -1.49 -44.61 -5.35
C ALA B 35 -1.87 -46.07 -5.05
N GLU B 36 -2.41 -46.74 -6.07
CA GLU B 36 -2.78 -48.15 -5.93
C GLU B 36 -1.55 -48.97 -5.57
N LYS B 37 -0.47 -48.71 -6.29
CA LYS B 37 0.83 -49.39 -6.10
C LYS B 37 1.39 -49.26 -4.70
N ALA B 38 1.13 -48.11 -4.08
CA ALA B 38 1.69 -47.78 -2.78
C ALA B 38 0.91 -48.38 -1.62
N GLY B 39 -0.30 -48.87 -1.88
CA GLY B 39 -1.13 -49.54 -0.85
C GLY B 39 -2.33 -48.77 -0.37
N ALA B 40 -2.64 -47.71 -1.10
CA ALA B 40 -3.79 -46.85 -0.80
C ALA B 40 -5.08 -47.63 -0.90
N ILE B 41 -5.95 -47.48 0.11
CA ILE B 41 -7.26 -48.15 0.10
C ILE B 41 -8.25 -47.43 -0.80
N GLY B 42 -7.84 -46.29 -1.31
CA GLY B 42 -8.72 -45.47 -2.13
C GLY B 42 -8.06 -44.23 -2.69
N VAL B 43 -8.59 -43.75 -3.79
CA VAL B 43 -8.18 -42.46 -4.33
C VAL B 43 -9.35 -41.50 -4.42
N MET B 44 -9.03 -40.22 -4.26
CA MET B 44 -9.99 -39.13 -4.30
C MET B 44 -9.65 -38.30 -5.51
N ILE B 45 -10.57 -38.19 -6.46
CA ILE B 45 -10.24 -37.57 -7.75
C ILE B 45 -10.41 -36.05 -7.75
N LEU B 46 -9.36 -35.36 -8.19
CA LEU B 46 -9.31 -33.90 -8.21
C LEU B 46 -9.27 -33.36 -9.62
N GLU B 47 -9.73 -32.13 -9.77
CA GLU B 47 -9.56 -31.40 -11.03
C GLU B 47 -8.08 -31.22 -11.38
N ASN B 48 -7.76 -31.50 -12.64
CA ASN B 48 -6.40 -31.37 -13.18
C ASN B 48 -6.16 -29.95 -13.69
N ILE B 49 -5.47 -29.16 -12.89
CA ILE B 49 -5.10 -27.79 -13.29
C ILE B 49 -3.59 -27.60 -13.39
N PRO B 50 -3.15 -26.81 -14.38
CA PRO B 50 -1.77 -26.36 -14.47
C PRO B 50 -1.48 -25.27 -13.41
N SER B 51 -0.20 -25.04 -13.17
CA SER B 51 0.26 -24.04 -12.16
C SER B 51 -0.15 -22.59 -12.49
N GLU B 52 -0.14 -22.24 -13.77
CA GLU B 52 -0.55 -20.89 -14.23
C GLU B 52 -2.00 -20.54 -13.87
N LEU B 53 -2.89 -21.53 -14.02
CA LEU B 53 -4.30 -21.38 -13.63
C LEU B 53 -4.44 -21.21 -12.11
N ARG B 54 -3.61 -21.93 -11.36
CA ARG B 54 -3.54 -21.87 -9.87
C ARG B 54 -3.51 -20.46 -9.25
N ASN B 55 -2.80 -19.54 -9.91
CA ASN B 55 -2.77 -18.13 -9.50
C ASN B 55 -4.16 -17.51 -9.39
N THR B 56 -4.95 -17.71 -10.43
CA THR B 56 -6.29 -17.15 -10.53
C THR B 56 -7.18 -17.71 -9.39
N ASP B 57 -8.43 -17.27 -9.33
CA ASP B 57 -9.31 -17.67 -8.23
C ASP B 57 -10.53 -18.41 -8.72
N GLY B 58 -10.39 -19.03 -9.88
CA GLY B 58 -11.46 -19.78 -10.51
C GLY B 58 -12.33 -20.56 -9.54
N VAL B 59 -13.59 -20.69 -9.91
CA VAL B 59 -14.56 -21.39 -9.11
C VAL B 59 -14.21 -22.87 -9.23
N ALA B 60 -14.00 -23.52 -8.09
CA ALA B 60 -13.67 -24.93 -8.04
C ALA B 60 -14.94 -25.74 -7.87
N ARG B 61 -15.26 -26.55 -8.87
CA ARG B 61 -16.49 -27.37 -8.88
C ARG B 61 -16.18 -28.88 -8.83
N SER B 62 -17.23 -29.70 -8.74
CA SER B 62 -17.06 -31.14 -8.83
C SER B 62 -16.49 -31.49 -10.20
N VAL B 63 -15.72 -32.56 -10.27
CA VAL B 63 -15.07 -32.96 -11.53
C VAL B 63 -16.06 -33.56 -12.54
N ASP B 64 -15.74 -33.40 -13.83
CA ASP B 64 -16.45 -34.06 -14.94
C ASP B 64 -16.52 -35.57 -14.73
N PRO B 65 -17.75 -36.13 -14.71
CA PRO B 65 -17.91 -37.57 -14.46
C PRO B 65 -17.08 -38.49 -15.37
N LEU B 66 -16.86 -38.04 -16.59
CA LEU B 66 -16.09 -38.82 -17.59
C LEU B 66 -14.65 -39.05 -17.16
N LYS B 67 -14.09 -38.03 -16.51
CA LYS B 67 -12.73 -38.09 -15.97
C LYS B 67 -12.65 -39.06 -14.80
N ILE B 68 -13.73 -39.16 -14.04
CA ILE B 68 -13.83 -40.15 -12.95
C ILE B 68 -13.91 -41.57 -13.52
N GLU B 69 -14.82 -41.77 -14.47
CA GLU B 69 -15.00 -43.06 -15.18
C GLU B 69 -13.69 -43.55 -15.80
N GLU B 70 -12.94 -42.62 -16.39
CA GLU B 70 -11.64 -42.93 -17.05
C GLU B 70 -10.58 -43.45 -16.10
N ILE B 71 -10.56 -42.90 -14.90
CA ILE B 71 -9.57 -43.26 -13.88
C ILE B 71 -9.97 -44.54 -13.15
N ARG B 72 -11.26 -44.67 -12.89
CA ARG B 72 -11.82 -45.82 -12.17
C ARG B 72 -11.63 -47.17 -12.89
N LYS B 73 -11.65 -47.14 -14.23
CA LYS B 73 -11.50 -48.39 -15.01
C LYS B 73 -10.05 -48.86 -15.20
N CYS B 74 -9.11 -48.05 -14.70
CA CYS B 74 -7.67 -48.41 -14.72
C CYS B 74 -7.13 -48.78 -13.34
N ILE B 75 -8.01 -48.86 -12.35
CA ILE B 75 -7.66 -49.31 -10.99
C ILE B 75 -8.81 -50.12 -10.38
N SER B 76 -8.52 -50.78 -9.26
CA SER B 76 -9.53 -51.59 -8.55
C SER B 76 -9.71 -51.23 -7.09
N ILE B 77 -9.03 -50.19 -6.65
CA ILE B 77 -9.21 -49.70 -5.28
C ILE B 77 -10.39 -48.71 -5.27
N ASN B 78 -10.77 -48.26 -4.08
CA ASN B 78 -11.95 -47.38 -3.92
C ASN B 78 -11.79 -46.04 -4.65
N VAL B 79 -12.91 -45.52 -5.12
CA VAL B 79 -12.93 -44.25 -5.84
C VAL B 79 -13.89 -43.24 -5.23
N LEU B 80 -13.34 -42.12 -4.78
CA LEU B 80 -14.10 -41.03 -4.15
C LEU B 80 -14.05 -39.77 -4.99
N ALA B 81 -15.07 -38.92 -4.82
CA ALA B 81 -15.11 -37.61 -5.48
C ALA B 81 -15.63 -36.50 -4.56
N LYS B 82 -15.36 -35.26 -4.96
CA LYS B 82 -15.77 -34.08 -4.19
C LYS B 82 -16.98 -33.37 -4.75
N VAL B 83 -17.83 -32.85 -3.87
CA VAL B 83 -18.87 -31.90 -4.26
C VAL B 83 -18.85 -30.64 -3.41
N ARG B 84 -19.39 -29.58 -3.99
CA ARG B 84 -19.44 -28.29 -3.33
C ARG B 84 -20.44 -28.30 -2.19
N ILE B 85 -20.11 -27.57 -1.13
CA ILE B 85 -20.96 -27.54 0.05
C ILE B 85 -22.35 -27.03 -0.32
N GLY B 86 -23.35 -27.85 0.01
CA GLY B 86 -24.75 -27.52 -0.21
C GLY B 86 -25.20 -27.76 -1.64
N HIS B 87 -24.29 -28.29 -2.47
CA HIS B 87 -24.64 -28.53 -3.86
C HIS B 87 -25.19 -29.93 -4.06
N PHE B 88 -26.46 -30.08 -3.73
CA PHE B 88 -27.10 -31.40 -3.75
C PHE B 88 -27.29 -31.99 -5.14
N VAL B 89 -27.26 -31.16 -6.17
CA VAL B 89 -27.43 -31.66 -7.54
C VAL B 89 -26.15 -32.27 -8.08
N GLU B 90 -25.00 -31.71 -7.69
CA GLU B 90 -23.70 -32.33 -7.99
C GLU B 90 -23.64 -33.71 -7.36
N ALA B 91 -24.19 -33.81 -6.16
CA ALA B 91 -24.24 -35.08 -5.42
C ALA B 91 -25.15 -36.10 -6.12
N GLN B 92 -26.32 -35.64 -6.56
CA GLN B 92 -27.29 -36.49 -7.28
C GLN B 92 -26.67 -37.12 -8.52
N ILE B 93 -25.85 -36.33 -9.19
CA ILE B 93 -25.18 -36.71 -10.43
C ILE B 93 -24.13 -37.77 -10.19
N LEU B 94 -23.32 -37.58 -9.16
CA LEU B 94 -22.30 -38.57 -8.81
C LEU B 94 -22.87 -39.81 -8.14
N GLU B 95 -24.02 -39.67 -7.50
CA GLU B 95 -24.72 -40.83 -6.95
C GLU B 95 -25.06 -41.77 -8.08
N GLU B 96 -25.64 -41.21 -9.13
CA GLU B 96 -26.04 -41.99 -10.32
C GLU B 96 -24.85 -42.64 -11.02
N LEU B 97 -23.69 -42.04 -10.87
CA LEU B 97 -22.45 -42.59 -11.43
C LEU B 97 -21.84 -43.74 -10.61
N LYS B 98 -22.40 -44.03 -9.45
CA LYS B 98 -21.98 -45.20 -8.61
C LYS B 98 -20.57 -45.09 -7.99
N VAL B 99 -20.15 -43.85 -7.73
CA VAL B 99 -18.96 -43.57 -6.95
C VAL B 99 -19.07 -44.17 -5.54
N ASP B 100 -17.93 -44.49 -4.93
CA ASP B 100 -17.91 -45.24 -3.66
C ASP B 100 -18.23 -44.36 -2.43
N MET B 101 -17.77 -43.12 -2.46
CA MET B 101 -17.99 -42.16 -1.38
C MET B 101 -17.90 -40.72 -1.92
N LEU B 102 -18.67 -39.82 -1.34
CA LEU B 102 -18.59 -38.41 -1.67
C LEU B 102 -18.01 -37.61 -0.51
N ASP B 103 -17.22 -36.60 -0.86
CA ASP B 103 -16.70 -35.63 0.11
C ASP B 103 -17.33 -34.26 -0.15
N GLU B 104 -18.22 -33.87 0.76
CA GLU B 104 -18.78 -32.53 0.74
C GLU B 104 -17.71 -31.64 1.31
N SER B 105 -17.01 -30.96 0.41
CA SER B 105 -15.72 -30.35 0.72
C SER B 105 -15.70 -28.82 0.73
N GLU B 106 -15.02 -28.30 1.75
CA GLU B 106 -14.81 -26.86 1.92
C GLU B 106 -13.66 -26.35 1.06
N VAL B 107 -12.93 -27.28 0.46
CA VAL B 107 -11.83 -26.95 -0.46
C VAL B 107 -12.36 -26.52 -1.83
N LEU B 108 -13.55 -26.97 -2.17
CA LEU B 108 -14.27 -26.45 -3.33
C LEU B 108 -15.04 -25.18 -2.92
N THR B 109 -15.49 -24.42 -3.91
CA THR B 109 -16.25 -23.19 -3.67
C THR B 109 -17.66 -23.47 -3.16
N MET B 110 -17.99 -22.94 -2.00
CA MET B 110 -19.33 -23.14 -1.40
C MET B 110 -20.42 -22.82 -2.42
N ALA B 111 -21.46 -23.65 -2.45
CA ALA B 111 -22.63 -23.42 -3.31
C ALA B 111 -23.78 -22.81 -2.53
N ASP B 112 -23.80 -23.05 -1.23
CA ASP B 112 -24.85 -22.54 -0.36
C ASP B 112 -24.22 -22.17 0.98
N GLU B 113 -24.30 -20.89 1.33
CA GLU B 113 -23.56 -20.36 2.48
C GLU B 113 -24.22 -20.65 3.84
N TYR B 114 -25.46 -21.15 3.83
CA TYR B 114 -26.20 -21.48 5.06
C TYR B 114 -26.44 -22.98 5.29
N ASN B 115 -26.73 -23.71 4.23
CA ASN B 115 -27.14 -25.11 4.32
C ASN B 115 -26.15 -26.07 3.71
N HIS B 116 -25.85 -27.16 4.43
CA HIS B 116 -25.13 -28.30 3.83
C HIS B 116 -26.12 -29.23 3.12
N ILE B 117 -25.59 -30.16 2.36
CA ILE B 117 -26.42 -31.16 1.68
C ILE B 117 -27.14 -32.00 2.72
N ASN B 118 -28.41 -32.33 2.47
CA ASN B 118 -29.11 -33.32 3.29
C ASN B 118 -28.68 -34.69 2.84
N LYS B 119 -27.74 -35.28 3.58
CA LYS B 119 -27.02 -36.46 3.10
C LYS B 119 -27.75 -37.79 3.31
N HIS B 120 -28.84 -37.78 4.08
CA HIS B 120 -29.65 -38.99 4.29
C HIS B 120 -30.31 -39.39 2.99
N LYS B 121 -30.52 -38.43 2.12
CA LYS B 121 -31.22 -38.65 0.86
C LYS B 121 -30.42 -39.43 -0.16
N PHE B 122 -29.25 -39.92 0.23
CA PHE B 122 -28.35 -40.63 -0.67
C PHE B 122 -27.95 -41.98 -0.12
N LYS B 123 -27.74 -42.91 -1.03
CA LYS B 123 -27.23 -44.22 -0.66
C LYS B 123 -25.71 -44.24 -0.60
N THR B 124 -25.09 -43.32 -1.31
CA THR B 124 -23.64 -43.16 -1.25
C THR B 124 -23.27 -42.51 0.07
N PRO B 125 -22.29 -43.07 0.79
CA PRO B 125 -21.93 -42.44 2.03
C PRO B 125 -21.13 -41.18 1.81
N PHE B 126 -21.32 -40.21 2.71
CA PHE B 126 -20.55 -38.95 2.70
C PHE B 126 -19.47 -38.90 3.76
N VAL B 127 -18.38 -38.26 3.41
CA VAL B 127 -17.43 -37.77 4.40
C VAL B 127 -17.54 -36.25 4.46
N CYS B 128 -17.40 -35.68 5.65
CA CYS B 128 -17.37 -34.22 5.85
C CYS B 128 -16.23 -33.75 6.76
N GLY B 129 -15.94 -32.46 6.67
CA GLY B 129 -14.86 -31.86 7.43
C GLY B 129 -15.31 -31.18 8.72
N CYS B 130 -14.40 -31.10 9.68
CA CYS B 130 -14.67 -30.44 10.94
C CYS B 130 -13.39 -29.93 11.57
N THR B 131 -13.57 -28.96 12.46
CA THR B 131 -12.49 -28.43 13.28
C THR B 131 -12.81 -28.54 14.77
N ASN B 132 -13.98 -29.09 15.10
CA ASN B 132 -14.41 -29.23 16.50
C ASN B 132 -15.65 -30.14 16.60
N LEU B 133 -15.97 -30.54 17.83
CA LEU B 133 -16.95 -31.62 18.06
C LEU B 133 -18.36 -31.26 17.61
N GLY B 134 -18.78 -30.05 17.94
CA GLY B 134 -20.11 -29.60 17.54
C GLY B 134 -20.28 -29.73 16.04
N GLU B 135 -19.40 -29.07 15.32
CA GLU B 135 -19.37 -29.12 13.86
C GLU B 135 -19.42 -30.55 13.35
N ALA B 136 -18.61 -31.42 13.95
CA ALA B 136 -18.58 -32.83 13.56
C ALA B 136 -19.96 -33.47 13.72
N LEU B 137 -20.55 -33.24 14.88
CA LEU B 137 -21.85 -33.85 15.21
C LEU B 137 -23.01 -33.32 14.35
N ARG B 138 -22.92 -32.05 13.97
CA ARG B 138 -23.91 -31.43 13.09
C ARG B 138 -23.84 -32.05 11.70
N ARG B 139 -22.64 -32.38 11.26
CA ARG B 139 -22.44 -33.06 9.97
C ARG B 139 -23.00 -34.48 10.01
N ILE B 140 -22.72 -35.21 11.09
CA ILE B 140 -23.30 -36.55 11.29
C ILE B 140 -24.81 -36.47 11.36
N SER B 141 -25.31 -35.45 12.05
CA SER B 141 -26.75 -35.22 12.18
C SER B 141 -27.39 -35.11 10.81
N GLU B 142 -26.72 -34.36 9.93
CA GLU B 142 -27.15 -34.15 8.53
C GLU B 142 -27.01 -35.38 7.65
N GLY B 143 -26.31 -36.40 8.15
CA GLY B 143 -26.19 -37.70 7.45
C GLY B 143 -24.82 -38.14 6.99
N ALA B 144 -23.77 -37.44 7.41
CA ALA B 144 -22.41 -37.86 7.11
C ALA B 144 -22.16 -39.22 7.74
N SER B 145 -21.45 -40.08 7.04
CA SER B 145 -21.09 -41.43 7.54
C SER B 145 -19.68 -41.49 8.06
N MET B 146 -18.92 -40.46 7.75
CA MET B 146 -17.50 -40.39 8.07
C MET B 146 -17.11 -38.92 8.25
N ILE B 147 -16.10 -38.70 9.07
CA ILE B 147 -15.61 -37.35 9.34
C ILE B 147 -14.11 -37.26 9.14
N ARG B 148 -13.65 -36.09 8.71
CA ARG B 148 -12.22 -35.79 8.71
C ARG B 148 -11.99 -34.42 9.33
N THR B 149 -10.79 -34.20 9.84
CA THR B 149 -10.38 -32.86 10.20
C THR B 149 -10.22 -32.03 8.93
N LYS B 150 -10.30 -30.72 9.07
CA LYS B 150 -10.11 -29.84 7.93
C LYS B 150 -8.64 -29.64 7.72
N GLY B 151 -7.90 -29.52 8.81
CA GLY B 151 -6.49 -29.15 8.77
C GLY B 151 -6.32 -27.88 7.94
N GLU B 152 -5.17 -27.76 7.28
CA GLU B 152 -4.90 -26.63 6.37
C GLU B 152 -4.52 -27.20 5.02
N ALA B 153 -5.49 -27.29 4.13
CA ALA B 153 -5.30 -28.01 2.86
C ALA B 153 -4.21 -27.35 1.98
N GLY B 154 -3.30 -28.18 1.49
CA GLY B 154 -2.30 -27.75 0.50
C GLY B 154 -1.05 -27.02 0.99
N THR B 155 -0.97 -26.75 2.29
CA THR B 155 0.16 -25.99 2.84
C THR B 155 1.36 -26.83 3.23
N GLY B 156 1.17 -28.13 3.39
CA GLY B 156 2.24 -29.02 3.85
C GLY B 156 2.63 -28.76 5.30
N ASN B 157 1.77 -28.04 6.01
CA ASN B 157 1.97 -27.72 7.42
C ASN B 157 0.94 -28.45 8.26
N ILE B 158 1.42 -29.25 9.21
CA ILE B 158 0.57 -30.16 9.97
C ILE B 158 -0.18 -29.49 11.12
N ILE B 159 0.22 -28.27 11.45
CA ILE B 159 -0.16 -27.65 12.74
C ILE B 159 -1.65 -27.54 12.97
N GLU B 160 -2.40 -27.14 11.95
CA GLU B 160 -3.85 -26.96 12.11
C GLU B 160 -4.51 -28.30 12.32
N ALA B 161 -4.10 -29.29 11.53
CA ALA B 161 -4.63 -30.66 11.67
C ALA B 161 -4.50 -31.14 13.12
N ILE B 162 -3.31 -30.96 13.67
CA ILE B 162 -3.04 -31.38 15.05
C ILE B 162 -4.03 -30.68 16.01
N LYS B 163 -4.16 -29.37 15.87
CA LYS B 163 -5.07 -28.62 16.73
C LYS B 163 -6.49 -29.21 16.69
N HIS B 164 -6.99 -29.40 15.47
CA HIS B 164 -8.35 -29.90 15.28
C HIS B 164 -8.53 -31.27 15.91
N ILE B 165 -7.49 -32.10 15.80
CA ILE B 165 -7.55 -33.46 16.35
C ILE B 165 -7.68 -33.37 17.85
N ARG B 166 -6.85 -32.53 18.46
CA ARG B 166 -6.82 -32.41 19.92
C ARG B 166 -8.10 -31.77 20.45
N THR B 167 -8.63 -30.81 19.70
CA THR B 167 -9.86 -30.14 20.12
C THR B 167 -11.00 -31.17 20.23
N VAL B 168 -11.21 -31.94 19.18
CA VAL B 168 -12.24 -32.96 19.16
C VAL B 168 -11.95 -34.04 20.21
N ASN B 169 -10.70 -34.46 20.33
CA ASN B 169 -10.33 -35.51 21.31
C ASN B 169 -10.70 -35.13 22.74
N ASN B 170 -10.42 -33.88 23.10
CA ASN B 170 -10.68 -33.40 24.46
C ASN B 170 -12.17 -33.30 24.76
N GLU B 171 -12.87 -32.53 23.94
CA GLU B 171 -14.29 -32.34 24.10
C GLU B 171 -14.98 -33.69 24.28
N ILE B 172 -14.56 -34.71 23.52
CA ILE B 172 -15.13 -36.06 23.62
C ILE B 172 -14.89 -36.77 24.96
N LYS B 173 -13.67 -36.70 25.49
CA LYS B 173 -13.32 -37.39 26.75
C LYS B 173 -13.95 -36.63 27.92
N TYR B 174 -13.99 -35.32 27.76
CA TYR B 174 -14.64 -34.44 28.73
C TYR B 174 -16.14 -34.71 28.78
N LEU B 175 -16.81 -34.58 27.64
CA LEU B 175 -18.24 -34.88 27.53
C LEU B 175 -18.54 -36.17 28.27
N CYS B 176 -17.69 -37.18 28.04
CA CYS B 176 -17.79 -38.50 28.69
C CYS B 176 -17.72 -38.46 30.23
N SER B 177 -17.16 -37.39 30.78
CA SER B 177 -17.00 -37.20 32.24
C SER B 177 -18.24 -36.61 32.92
N LEU B 178 -18.87 -35.62 32.26
CA LEU B 178 -19.93 -34.78 32.87
C LEU B 178 -21.04 -35.59 33.51
N ASP B 179 -21.80 -35.00 34.43
CA ASP B 179 -22.99 -35.72 34.94
C ASP B 179 -24.21 -35.53 34.02
N GLU B 180 -25.16 -36.44 34.16
CA GLU B 180 -26.41 -36.46 33.36
C GLU B 180 -27.16 -35.13 33.26
N SER B 181 -27.05 -34.33 34.32
CA SER B 181 -27.69 -33.04 34.35
C SER B 181 -26.96 -32.03 33.45
N GLU B 182 -25.64 -32.04 33.54
CA GLU B 182 -24.78 -31.05 32.85
C GLU B 182 -24.73 -31.20 31.33
N VAL B 183 -25.09 -32.37 30.84
CA VAL B 183 -24.98 -32.67 29.41
C VAL B 183 -25.84 -31.76 28.55
N TYR B 184 -26.93 -31.26 29.11
CA TYR B 184 -27.88 -30.45 28.34
C TYR B 184 -27.31 -29.11 27.95
N ASN B 185 -26.79 -28.38 28.93
CA ASN B 185 -26.22 -27.04 28.67
C ASN B 185 -25.03 -27.11 27.77
N PHE B 186 -24.31 -28.22 27.88
CA PHE B 186 -23.16 -28.46 27.04
C PHE B 186 -23.60 -28.64 25.59
N ALA B 187 -24.69 -29.36 25.40
CA ALA B 187 -25.24 -29.58 24.07
C ALA B 187 -25.53 -28.25 23.40
N LYS B 188 -26.20 -27.40 24.15
CA LYS B 188 -26.50 -26.03 23.71
C LYS B 188 -25.24 -25.22 23.39
N LYS B 189 -24.17 -25.42 24.16
CA LYS B 189 -22.89 -24.74 23.90
C LYS B 189 -22.21 -25.22 22.61
N LEU B 190 -22.21 -26.52 22.38
CA LEU B 190 -21.68 -27.08 21.12
C LEU B 190 -22.63 -26.87 19.93
N ARG B 191 -23.80 -26.33 20.21
CA ARG B 191 -24.88 -26.24 19.22
C ARG B 191 -25.01 -27.54 18.44
N ALA B 192 -25.13 -28.64 19.18
CA ALA B 192 -25.23 -29.99 18.62
C ALA B 192 -26.43 -30.74 19.22
N PRO B 193 -26.88 -31.81 18.55
CA PRO B 193 -28.03 -32.59 19.02
C PRO B 193 -27.72 -33.45 20.24
N ILE B 194 -28.57 -33.35 21.25
CA ILE B 194 -28.42 -34.08 22.51
C ILE B 194 -28.31 -35.60 22.28
N ASP B 195 -29.09 -36.11 21.34
CA ASP B 195 -29.07 -37.55 21.00
C ASP B 195 -27.68 -38.08 20.63
N LEU B 196 -27.02 -37.39 19.71
CA LEU B 196 -25.66 -37.74 19.28
C LEU B 196 -24.59 -37.47 20.34
N ILE B 197 -24.82 -36.46 21.16
CA ILE B 197 -23.94 -36.22 22.31
C ILE B 197 -24.02 -37.38 23.29
N LEU B 198 -25.23 -37.84 23.59
CA LEU B 198 -25.43 -39.01 24.48
C LEU B 198 -24.83 -40.30 23.89
N LEU B 199 -24.88 -40.40 22.57
CA LEU B 199 -24.34 -41.58 21.86
C LEU B 199 -22.81 -41.57 21.86
N THR B 200 -22.23 -40.38 21.72
CA THR B 200 -20.78 -40.21 21.81
C THR B 200 -20.30 -40.59 23.21
N ARG B 201 -21.11 -40.19 24.18
CA ARG B 201 -20.91 -40.48 25.59
C ARG B 201 -20.89 -42.00 25.85
N LYS B 202 -21.86 -42.70 25.27
CA LYS B 202 -22.02 -44.15 25.45
C LYS B 202 -20.96 -44.97 24.69
N LEU B 203 -20.49 -44.45 23.56
CA LEU B 203 -19.45 -45.12 22.72
C LEU B 203 -18.03 -44.80 23.15
N LYS B 204 -17.88 -43.75 23.95
CA LYS B 204 -16.58 -43.26 24.45
C LYS B 204 -15.69 -42.72 23.34
N ARG B 205 -16.28 -42.44 22.18
CA ARG B 205 -15.57 -41.87 21.02
C ARG B 205 -16.53 -41.28 19.98
N LEU B 206 -15.97 -40.77 18.90
CA LEU B 206 -16.78 -40.27 17.79
C LEU B 206 -17.60 -41.41 17.18
N PRO B 207 -18.90 -41.21 16.95
CA PRO B 207 -19.78 -42.28 16.47
C PRO B 207 -19.61 -42.72 15.03
N VAL B 208 -18.63 -42.16 14.33
CA VAL B 208 -18.32 -42.60 12.95
C VAL B 208 -16.81 -42.60 12.75
N VAL B 209 -16.38 -43.25 11.67
CA VAL B 209 -14.97 -43.28 11.29
C VAL B 209 -14.42 -41.86 11.15
N ASN B 210 -13.19 -41.66 11.61
CA ASN B 210 -12.62 -40.31 11.77
C ASN B 210 -11.16 -40.21 11.28
N PHE B 211 -10.98 -39.57 10.13
CA PHE B 211 -9.66 -39.47 9.47
C PHE B 211 -9.03 -38.11 9.61
N ALA B 212 -7.70 -38.10 9.62
CA ALA B 212 -6.96 -36.84 9.62
C ALA B 212 -6.77 -36.39 8.18
N ALA B 213 -6.80 -35.09 7.94
CA ALA B 213 -6.66 -34.56 6.58
C ALA B 213 -6.13 -33.14 6.61
N GLY B 214 -5.29 -32.83 5.63
CA GLY B 214 -4.81 -31.47 5.42
C GLY B 214 -3.45 -31.19 6.04
N GLY B 215 -2.43 -31.10 5.20
CA GLY B 215 -1.08 -30.72 5.63
C GLY B 215 -0.12 -31.86 5.93
N ILE B 216 -0.55 -33.09 5.71
CA ILE B 216 0.32 -34.25 5.92
C ILE B 216 1.39 -34.36 4.81
N ALA B 217 2.65 -34.29 5.21
CA ALA B 217 3.78 -34.13 4.28
C ALA B 217 4.94 -35.11 4.43
N THR B 218 5.03 -35.74 5.59
CA THR B 218 6.04 -36.79 5.85
C THR B 218 5.39 -38.01 6.52
N PRO B 219 6.09 -39.15 6.51
CA PRO B 219 5.59 -40.29 7.26
C PRO B 219 5.39 -39.94 8.72
N ALA B 220 6.29 -39.14 9.24
CA ALA B 220 6.23 -38.71 10.62
C ALA B 220 4.90 -38.02 10.91
N ASP B 221 4.53 -37.07 10.06
CA ASP B 221 3.22 -36.38 10.21
C ASP B 221 2.07 -37.38 10.32
N ALA B 222 2.07 -38.35 9.40
CA ALA B 222 1.00 -39.32 9.28
C ALA B 222 0.86 -40.13 10.57
N ALA B 223 1.99 -40.64 11.05
CA ALA B 223 2.00 -41.50 12.23
C ALA B 223 1.56 -40.73 13.46
N MET B 224 1.98 -39.47 13.52
CA MET B 224 1.60 -38.60 14.63
C MET B 224 0.08 -38.52 14.77
N CYS B 225 -0.60 -38.30 13.65
CA CYS B 225 -2.07 -38.26 13.65
C CYS B 225 -2.66 -39.58 14.14
N MET B 226 -2.06 -40.70 13.72
CA MET B 226 -2.53 -42.01 14.16
C MET B 226 -2.29 -42.21 15.64
N GLN B 227 -1.12 -41.80 16.14
CA GLN B 227 -0.83 -41.93 17.57
C GLN B 227 -1.77 -41.08 18.43
N LEU B 228 -2.39 -40.07 17.83
CA LEU B 228 -3.40 -39.25 18.52
C LEU B 228 -4.83 -39.78 18.38
N GLY B 229 -4.96 -40.98 17.83
CA GLY B 229 -6.23 -41.71 17.90
C GLY B 229 -7.10 -41.68 16.66
N MET B 230 -6.55 -41.17 15.57
CA MET B 230 -7.29 -41.13 14.31
C MET B 230 -7.40 -42.51 13.69
N ASP B 231 -8.44 -42.71 12.89
CA ASP B 231 -8.69 -44.00 12.22
C ASP B 231 -7.94 -44.14 10.89
N GLY B 232 -7.37 -43.05 10.41
CA GLY B 232 -6.72 -43.04 9.12
C GLY B 232 -6.38 -41.65 8.61
N VAL B 233 -6.02 -41.57 7.33
CA VAL B 233 -5.37 -40.38 6.79
C VAL B 233 -5.72 -40.10 5.32
N PHE B 234 -6.06 -38.84 5.02
CA PHE B 234 -6.09 -38.34 3.62
C PHE B 234 -4.82 -37.58 3.36
N VAL B 235 -4.19 -37.85 2.21
CA VAL B 235 -3.00 -37.14 1.77
C VAL B 235 -3.17 -36.72 0.32
N GLY B 236 -2.66 -35.54 0.00
CA GLY B 236 -2.69 -35.01 -1.37
C GLY B 236 -1.36 -34.47 -1.84
N SER B 237 -1.15 -33.18 -1.63
CA SER B 237 0.01 -32.50 -2.18
C SER B 237 1.33 -33.04 -1.62
N GLY B 238 1.30 -33.47 -0.36
CA GLY B 238 2.50 -34.03 0.33
C GLY B 238 3.19 -35.18 -0.39
N ILE B 239 2.42 -35.86 -1.23
CA ILE B 239 2.91 -36.97 -2.04
C ILE B 239 3.33 -36.47 -3.39
N PHE B 240 2.39 -35.88 -4.11
CA PHE B 240 2.58 -35.57 -5.51
C PHE B 240 3.35 -34.28 -5.80
N GLU B 241 3.59 -33.50 -4.76
CA GLU B 241 4.53 -32.38 -4.85
C GLU B 241 5.89 -32.66 -4.21
N SER B 242 6.08 -33.89 -3.73
CA SER B 242 7.37 -34.28 -3.18
C SER B 242 8.32 -34.59 -4.33
N GLU B 243 9.57 -34.82 -3.99
CA GLU B 243 10.60 -35.14 -4.99
C GLU B 243 10.34 -36.50 -5.64
N ASN B 244 9.86 -37.44 -4.84
CA ASN B 244 9.68 -38.85 -5.24
C ASN B 244 8.30 -39.39 -4.87
N PRO B 245 7.27 -39.00 -5.63
CA PRO B 245 5.92 -39.37 -5.22
C PRO B 245 5.72 -40.82 -4.88
N GLN B 246 6.27 -41.71 -5.70
CA GLN B 246 6.05 -43.15 -5.50
C GLN B 246 6.60 -43.62 -4.15
N LYS B 247 7.84 -43.24 -3.86
CA LYS B 247 8.47 -43.66 -2.62
C LYS B 247 7.79 -43.01 -1.42
N MET B 248 7.43 -41.74 -1.56
CA MET B 248 6.72 -41.02 -0.48
C MET B 248 5.38 -41.67 -0.23
N ALA B 249 4.65 -41.99 -1.29
CA ALA B 249 3.32 -42.61 -1.18
C ALA B 249 3.37 -43.92 -0.40
N SER B 250 4.37 -44.72 -0.70
CA SER B 250 4.50 -46.03 -0.10
C SER B 250 4.87 -45.93 1.37
N SER B 251 5.78 -45.02 1.67
CA SER B 251 6.27 -44.85 3.05
C SER B 251 5.15 -44.33 3.97
N ILE B 252 4.30 -43.46 3.43
CA ILE B 252 3.18 -42.92 4.21
C ILE B 252 2.24 -44.05 4.57
N VAL B 253 1.98 -44.95 3.62
CA VAL B 253 1.10 -46.10 3.88
C VAL B 253 1.67 -47.01 4.96
N MET B 254 2.96 -47.29 4.83
CA MET B 254 3.67 -48.15 5.78
C MET B 254 3.61 -47.58 7.18
N ALA B 255 3.81 -46.27 7.25
CA ALA B 255 3.81 -45.56 8.51
C ALA B 255 2.44 -45.65 9.17
N VAL B 256 1.39 -45.41 8.40
CA VAL B 256 0.01 -45.51 8.91
C VAL B 256 -0.31 -46.94 9.41
N SER B 257 0.18 -47.94 8.69
CA SER B 257 0.01 -49.34 9.10
C SER B 257 0.91 -49.75 10.24
N ASN B 258 1.92 -48.95 10.53
CA ASN B 258 2.90 -49.28 11.58
C ASN B 258 3.23 -48.08 12.47
N PHE B 259 2.22 -47.31 12.79
CA PHE B 259 2.40 -45.97 13.36
C PHE B 259 2.98 -45.97 14.77
N ASN B 260 2.96 -47.13 15.41
CA ASN B 260 3.50 -47.31 16.76
C ASN B 260 4.88 -47.93 16.82
N ASN B 261 5.47 -48.17 15.65
CA ASN B 261 6.77 -48.86 15.56
C ASN B 261 7.89 -47.93 15.04
N PRO B 262 8.59 -47.23 15.95
CA PRO B 262 9.63 -46.26 15.65
C PRO B 262 10.67 -46.78 14.70
N LYS B 263 10.97 -48.06 14.80
CA LYS B 263 12.00 -48.66 13.97
C LYS B 263 11.60 -48.73 12.49
N ILE B 264 10.33 -49.01 12.24
CA ILE B 264 9.79 -48.97 10.88
C ILE B 264 9.66 -47.54 10.38
N LEU B 265 9.21 -46.65 11.26
CA LEU B 265 9.08 -45.22 10.93
C LEU B 265 10.42 -44.62 10.50
N LEU B 266 11.47 -44.93 11.24
CA LEU B 266 12.83 -44.56 10.85
C LEU B 266 13.15 -45.12 9.48
N ASN B 267 12.98 -46.42 9.36
CA ASN B 267 13.40 -47.16 8.17
C ASN B 267 12.76 -46.64 6.88
N VAL B 268 11.48 -46.31 6.95
CA VAL B 268 10.74 -45.80 5.78
C VAL B 268 10.93 -44.31 5.54
N SER B 269 11.67 -43.65 6.42
CA SER B 269 11.99 -42.21 6.30
C SER B 269 13.40 -41.94 5.71
N LEU B 270 14.25 -42.97 5.75
CA LEU B 270 15.61 -42.89 5.17
C LEU B 270 15.53 -42.60 3.68
N GLY B 271 16.36 -41.66 3.26
CA GLY B 271 16.57 -41.35 1.83
C GLY B 271 15.28 -41.14 1.07
N LEU B 272 14.36 -40.45 1.73
CA LEU B 272 13.02 -40.21 1.19
C LEU B 272 13.01 -39.17 0.06
N GLY B 273 14.01 -38.32 0.07
CA GLY B 273 14.02 -37.17 -0.82
C GLY B 273 13.41 -35.96 -0.14
N LYS B 274 13.26 -34.89 -0.90
CA LYS B 274 12.70 -33.64 -0.38
C LYS B 274 11.19 -33.75 -0.25
N ALA B 275 10.65 -33.29 0.88
CA ALA B 275 9.20 -33.26 1.07
C ALA B 275 8.65 -32.03 0.34
N MET B 276 7.33 -31.91 0.26
CA MET B 276 6.73 -30.76 -0.43
C MET B 276 7.20 -29.47 0.23
N HIS B 277 7.56 -28.52 -0.62
CA HIS B 277 8.04 -27.23 -0.17
C HIS B 277 7.15 -26.62 0.89
N GLY B 278 5.88 -26.48 0.54
CA GLY B 278 4.85 -26.02 1.48
C GLY B 278 4.75 -24.52 1.57
N ASN B 279 3.88 -24.05 2.46
CA ASN B 279 3.64 -22.62 2.69
C ASN B 279 3.20 -22.27 4.12
N THR B 280 3.98 -21.43 4.79
CA THR B 280 3.70 -20.99 6.17
C THR B 280 3.10 -19.57 6.20
N ALA B 281 2.13 -19.34 5.33
CA ALA B 281 1.41 -18.04 5.24
C ALA B 281 -0.07 -18.27 5.62
N ALA B 282 -0.34 -18.26 6.93
CA ALA B 282 -1.72 -18.35 7.51
C ALA B 282 -2.71 -17.33 6.91
N ASP C 1 15.11 -46.77 27.60
CA ASP C 1 14.17 -45.62 27.38
C ASP C 1 14.02 -44.73 28.61
N TYR C 2 12.85 -44.11 28.73
CA TYR C 2 12.64 -42.88 29.49
C TYR C 2 13.45 -42.64 30.78
N ALA C 3 13.52 -41.35 31.05
CA ALA C 3 14.30 -40.80 32.12
C ALA C 3 13.54 -40.88 33.46
N ASP C 4 13.96 -39.97 34.33
CA ASP C 4 13.52 -39.84 35.75
C ASP C 4 13.59 -41.12 36.56
N ASN C 5 14.53 -41.97 36.16
CA ASN C 5 15.21 -42.84 37.09
C ASN C 5 16.44 -41.95 37.24
N ASP C 6 17.62 -42.53 37.24
CA ASP C 6 18.83 -41.71 37.30
C ASP C 6 19.71 -41.73 36.05
N SER C 7 19.22 -42.37 34.98
CA SER C 7 19.61 -42.02 33.61
C SER C 7 19.53 -40.52 33.39
N ILE C 8 18.74 -39.87 34.21
CA ILE C 8 18.67 -38.41 34.24
C ILE C 8 19.95 -37.81 34.76
N LEU C 9 20.22 -38.21 35.99
CA LEU C 9 21.41 -37.82 36.69
C LEU C 9 22.49 -38.11 35.62
N LEU C 10 22.28 -39.21 34.91
CA LEU C 10 22.95 -39.55 33.63
C LEU C 10 22.91 -38.54 32.44
N LYS C 11 21.73 -38.06 32.05
CA LYS C 11 21.60 -37.03 30.99
C LYS C 11 22.33 -35.75 31.40
N HIS C 12 21.99 -35.24 32.59
CA HIS C 12 22.64 -34.06 33.17
C HIS C 12 24.14 -34.25 33.09
N GLY C 13 24.61 -35.39 33.60
CA GLY C 13 26.03 -35.73 33.58
C GLY C 13 26.64 -35.56 32.19
N TRP C 14 25.91 -36.04 31.20
CA TRP C 14 26.36 -35.99 29.80
C TRP C 14 26.44 -34.57 29.26
N CYS C 15 25.47 -33.75 29.65
CA CYS C 15 25.41 -32.35 29.16
C CYS C 15 26.51 -31.47 29.73
N GLU C 16 26.96 -31.82 30.94
CA GLU C 16 28.01 -31.05 31.64
C GLU C 16 29.28 -31.02 30.81
N MET C 17 29.48 -32.11 30.07
CA MET C 17 30.59 -32.27 29.12
C MET C 17 30.69 -31.13 28.12
N LEU C 18 29.56 -30.50 27.85
CA LEU C 18 29.49 -29.44 26.85
C LEU C 18 29.95 -28.07 27.36
N LYS C 19 30.01 -27.90 28.68
CA LYS C 19 30.33 -26.59 29.26
C LYS C 19 31.61 -26.08 28.63
N GLY C 20 31.65 -24.80 28.33
CA GLY C 20 32.82 -24.16 27.70
C GLY C 20 32.93 -24.33 26.20
N GLY C 21 31.97 -25.05 25.64
CA GLY C 21 32.01 -25.44 24.22
C GLY C 21 31.27 -24.52 23.27
N VAL C 22 31.54 -24.73 21.98
CA VAL C 22 30.79 -24.11 20.89
C VAL C 22 30.18 -25.18 20.00
N ILE C 23 28.87 -25.17 19.87
CA ILE C 23 28.17 -26.03 18.90
C ILE C 23 27.85 -25.25 17.64
N MET C 24 28.12 -25.85 16.49
CA MET C 24 27.99 -25.15 15.21
C MET C 24 26.99 -25.78 14.27
N ASP C 25 26.24 -24.91 13.59
CA ASP C 25 25.20 -25.35 12.65
C ASP C 25 25.80 -25.62 11.28
N VAL C 26 25.59 -26.83 10.79
CA VAL C 26 26.16 -27.25 9.52
C VAL C 26 25.15 -27.83 8.54
N LYS C 27 25.34 -27.49 7.28
CA LYS C 27 24.46 -27.89 6.17
C LYS C 27 24.99 -29.04 5.31
N ASN C 28 26.29 -29.27 5.38
CA ASN C 28 26.95 -30.32 4.58
C ASN C 28 28.25 -30.82 5.23
N VAL C 29 28.88 -31.82 4.61
CA VAL C 29 30.09 -32.46 5.20
C VAL C 29 31.27 -31.50 5.31
N GLU C 30 31.39 -30.64 4.32
CA GLU C 30 32.47 -29.66 4.22
C GLU C 30 32.39 -28.73 5.40
N GLN C 31 31.17 -28.34 5.73
CA GLN C 31 30.91 -27.44 6.86
C GLN C 31 31.21 -28.15 8.18
N ALA C 32 30.74 -29.39 8.31
CA ALA C 32 31.04 -30.23 9.48
C ALA C 32 32.54 -30.32 9.76
N LYS C 33 33.31 -30.51 8.70
CA LYS C 33 34.77 -30.69 8.81
C LYS C 33 35.45 -29.42 9.32
N ILE C 34 35.09 -28.31 8.69
CA ILE C 34 35.48 -26.99 9.15
C ILE C 34 35.19 -26.79 10.65
N ALA C 35 34.00 -27.22 11.06
CA ALA C 35 33.56 -27.10 12.47
C ALA C 35 34.42 -27.95 13.40
N GLU C 36 34.65 -29.19 13.00
CA GLU C 36 35.52 -30.11 13.77
C GLU C 36 36.92 -29.55 13.87
N LYS C 37 37.44 -29.08 12.74
CA LYS C 37 38.76 -28.49 12.64
C LYS C 37 38.96 -27.30 13.56
N ALA C 38 37.90 -26.53 13.77
CA ALA C 38 37.95 -25.28 14.53
C ALA C 38 37.89 -25.47 16.05
N GLY C 39 37.51 -26.67 16.47
CA GLY C 39 37.46 -27.02 17.91
C GLY C 39 36.07 -27.18 18.50
N ALA C 40 35.07 -27.20 17.62
CA ALA C 40 33.67 -27.32 18.01
C ALA C 40 33.45 -28.61 18.74
N ILE C 41 32.76 -28.56 19.87
CA ILE C 41 32.42 -29.79 20.63
C ILE C 41 31.25 -30.57 20.02
N GLY C 42 30.66 -29.99 18.99
CA GLY C 42 29.50 -30.60 18.36
C GLY C 42 28.99 -29.80 17.17
N VAL C 43 28.31 -30.50 16.27
CA VAL C 43 27.60 -29.84 15.19
C VAL C 43 26.13 -30.15 15.24
N MET C 44 25.35 -29.19 14.76
CA MET C 44 23.90 -29.29 14.72
C MET C 44 23.54 -29.29 13.25
N ILE C 45 22.88 -30.35 12.78
CA ILE C 45 22.65 -30.49 11.34
C ILE C 45 21.40 -29.80 10.85
N LEU C 46 21.55 -29.01 9.80
CA LEU C 46 20.45 -28.21 9.22
C LEU C 46 20.10 -28.66 7.81
N GLU C 47 18.87 -28.40 7.42
CA GLU C 47 18.45 -28.58 6.04
C GLU C 47 19.27 -27.71 5.11
N ASN C 48 19.73 -28.33 4.02
CA ASN C 48 20.51 -27.65 2.97
C ASN C 48 19.59 -27.03 1.94
N ILE C 49 19.41 -25.72 2.05
CA ILE C 49 18.61 -24.96 1.06
C ILE C 49 19.43 -23.93 0.30
N PRO C 50 19.12 -23.77 -1.00
CA PRO C 50 19.65 -22.66 -1.78
C PRO C 50 18.97 -21.34 -1.40
N SER C 51 19.60 -20.23 -1.81
CA SER C 51 19.10 -18.86 -1.51
C SER C 51 17.73 -18.55 -2.14
N GLU C 52 17.50 -19.06 -3.34
CA GLU C 52 16.22 -18.87 -4.05
C GLU C 52 15.00 -19.46 -3.32
N LEU C 53 15.19 -20.65 -2.75
CA LEU C 53 14.17 -21.30 -1.91
C LEU C 53 13.90 -20.48 -0.63
N ARG C 54 14.97 -19.91 -0.06
CA ARG C 54 14.91 -19.02 1.14
C ARG C 54 13.82 -17.91 1.13
N ASN C 55 13.58 -17.33 -0.04
CA ASN C 55 12.49 -16.34 -0.23
C ASN C 55 11.14 -16.86 0.18
N THR C 56 10.82 -18.05 -0.31
CA THR C 56 9.53 -18.69 -0.06
C THR C 56 9.36 -18.95 1.46
N ASP C 57 8.23 -19.53 1.85
CA ASP C 57 7.94 -19.73 3.28
C ASP C 57 7.76 -21.18 3.65
N GLY C 58 8.36 -22.04 2.84
CA GLY C 58 8.27 -23.48 3.01
C GLY C 58 8.27 -23.94 4.45
N VAL C 59 7.59 -25.04 4.67
CA VAL C 59 7.51 -25.62 5.99
C VAL C 59 8.87 -26.22 6.27
N ALA C 60 9.45 -25.80 7.39
CA ALA C 60 10.76 -26.31 7.83
C ALA C 60 10.59 -27.48 8.79
N ARG C 61 11.04 -28.65 8.37
CA ARG C 61 10.86 -29.89 9.15
C ARG C 61 12.21 -30.44 9.60
N SER C 62 12.17 -31.52 10.37
CA SER C 62 13.39 -32.21 10.77
C SER C 62 14.06 -32.75 9.51
N VAL C 63 15.38 -32.85 9.54
CA VAL C 63 16.15 -33.31 8.39
C VAL C 63 16.02 -34.82 8.14
N ASP C 64 16.18 -35.21 6.88
CA ASP C 64 16.26 -36.62 6.47
C ASP C 64 17.36 -37.35 7.24
N PRO C 65 17.01 -38.44 7.96
CA PRO C 65 17.99 -39.15 8.77
C PRO C 65 19.26 -39.56 8.00
N LEU C 66 19.09 -39.87 6.72
CA LEU C 66 20.21 -40.31 5.85
C LEU C 66 21.29 -39.24 5.74
N LYS C 67 20.85 -38.00 5.68
CA LYS C 67 21.74 -36.86 5.61
C LYS C 67 22.48 -36.66 6.92
N ILE C 68 21.85 -37.03 8.02
CA ILE C 68 22.52 -37.02 9.33
C ILE C 68 23.57 -38.12 9.41
N GLU C 69 23.18 -39.34 9.04
CA GLU C 69 24.09 -40.50 8.99
C GLU C 69 25.33 -40.23 8.13
N GLU C 70 25.13 -39.57 6.99
CA GLU C 70 26.20 -39.24 6.03
C GLU C 70 27.23 -38.30 6.61
N ILE C 71 26.78 -37.35 7.41
CA ILE C 71 27.67 -36.33 7.99
C ILE C 71 28.36 -36.88 9.22
N ARG C 72 27.63 -37.67 10.00
CA ARG C 72 28.14 -38.25 11.26
C ARG C 72 29.31 -39.22 11.09
N LYS C 73 29.34 -39.94 9.97
CA LYS C 73 30.42 -40.91 9.70
C LYS C 73 31.70 -40.28 9.14
N CYS C 74 31.67 -38.97 8.88
CA CYS C 74 32.85 -38.22 8.42
C CYS C 74 33.44 -37.32 9.51
N ILE C 75 32.91 -37.41 10.70
CA ILE C 75 33.42 -36.68 11.88
C ILE C 75 33.31 -37.52 13.14
N SER C 76 33.97 -37.07 14.22
CA SER C 76 33.94 -37.77 15.50
C SER C 76 33.46 -36.92 16.69
N ILE C 77 33.10 -35.68 16.42
CA ILE C 77 32.58 -34.81 17.47
C ILE C 77 31.09 -35.09 17.61
N ASN C 78 30.43 -34.46 18.57
CA ASN C 78 28.99 -34.68 18.85
C ASN C 78 28.07 -34.28 17.70
N VAL C 79 26.98 -35.00 17.54
CA VAL C 79 26.01 -34.73 16.46
C VAL C 79 24.60 -34.50 17.00
N LEU C 80 24.07 -33.31 16.76
CA LEU C 80 22.72 -32.91 17.19
C LEU C 80 21.80 -32.67 16.01
N ALA C 81 20.50 -32.82 16.25
CA ALA C 81 19.49 -32.53 15.22
C ALA C 81 18.27 -31.79 15.76
N LYS C 82 17.51 -31.19 14.85
CA LYS C 82 16.33 -30.40 15.24
C LYS C 82 15.02 -31.10 14.97
N VAL C 83 14.05 -30.94 15.87
CA VAL C 83 12.68 -31.34 15.60
C VAL C 83 11.71 -30.21 15.86
N ARG C 84 10.56 -30.31 15.21
CA ARG C 84 9.51 -29.31 15.33
C ARG C 84 8.84 -29.37 16.69
N ILE C 85 8.45 -28.20 17.18
CA ILE C 85 7.84 -28.09 18.50
C ILE C 85 6.59 -28.92 18.56
N GLY C 86 6.57 -29.83 19.53
CA GLY C 86 5.43 -30.73 19.75
C GLY C 86 5.42 -31.94 18.83
N HIS C 87 6.39 -32.06 17.96
CA HIS C 87 6.39 -33.16 17.03
C HIS C 87 7.11 -34.34 17.63
N PHE C 88 6.40 -35.11 18.43
CA PHE C 88 7.01 -36.23 19.15
C PHE C 88 7.41 -37.42 18.26
N VAL C 89 6.82 -37.52 17.07
CA VAL C 89 7.15 -38.63 16.18
C VAL C 89 8.46 -38.39 15.46
N GLU C 90 8.72 -37.13 15.12
CA GLU C 90 10.04 -36.78 14.57
C GLU C 90 11.12 -37.13 15.59
N ALA C 91 10.83 -36.88 16.85
CA ALA C 91 11.76 -37.17 17.95
C ALA C 91 11.97 -38.68 18.09
N GLN C 92 10.90 -39.43 18.02
CA GLN C 92 10.95 -40.90 18.12
C GLN C 92 11.87 -41.49 17.06
N ILE C 93 11.79 -40.90 15.87
CA ILE C 93 12.55 -41.35 14.71
C ILE C 93 14.04 -41.09 14.89
N LEU C 94 14.38 -39.91 15.36
CA LEU C 94 15.77 -39.55 15.60
C LEU C 94 16.34 -40.21 16.85
N GLU C 95 15.49 -40.54 17.80
CA GLU C 95 15.93 -41.31 18.97
C GLU C 95 16.47 -42.65 18.51
N GLU C 96 15.71 -43.31 17.64
CA GLU C 96 16.07 -44.61 17.10
C GLU C 96 17.35 -44.54 16.27
N LEU C 97 17.62 -43.38 15.70
CA LEU C 97 18.85 -43.15 14.94
C LEU C 97 20.09 -42.89 15.81
N LYS C 98 19.93 -42.81 17.13
CA LYS C 98 21.07 -42.70 18.08
C LYS C 98 21.85 -41.38 18.00
N VAL C 99 21.18 -40.32 17.60
CA VAL C 99 21.69 -38.96 17.69
C VAL C 99 22.06 -38.59 19.14
N ASP C 100 23.01 -37.68 19.30
CA ASP C 100 23.55 -37.35 20.63
C ASP C 100 22.66 -36.45 21.48
N MET C 101 21.96 -35.52 20.82
CA MET C 101 21.03 -34.59 21.49
C MET C 101 20.01 -34.09 20.47
N LEU C 102 18.81 -33.80 20.93
CA LEU C 102 17.79 -33.17 20.10
C LEU C 102 17.53 -31.73 20.53
N ASP C 103 17.25 -30.87 19.56
CA ASP C 103 16.80 -29.50 19.82
C ASP C 103 15.36 -29.35 19.37
N GLU C 104 14.45 -29.21 20.33
CA GLU C 104 13.05 -28.91 20.05
C GLU C 104 13.02 -27.43 19.76
N SER C 105 12.97 -27.10 18.48
CA SER C 105 13.31 -25.76 18.00
C SER C 105 12.14 -24.96 17.46
N GLU C 106 12.15 -23.68 17.85
CA GLU C 106 11.20 -22.66 17.37
C GLU C 106 11.58 -22.08 16.00
N VAL C 107 12.77 -22.45 15.54
CA VAL C 107 13.25 -22.07 14.22
C VAL C 107 12.60 -22.93 13.13
N LEU C 108 12.20 -24.14 13.49
CA LEU C 108 11.38 -24.97 12.60
C LEU C 108 9.91 -24.60 12.78
N THR C 109 9.06 -25.01 11.83
CA THR C 109 7.64 -24.71 11.89
C THR C 109 6.93 -25.53 12.99
N MET C 110 6.25 -24.85 13.89
CA MET C 110 5.54 -25.52 14.99
C MET C 110 4.66 -26.64 14.45
N ALA C 111 4.63 -27.76 15.16
CA ALA C 111 3.73 -28.86 14.82
C ALA C 111 2.49 -28.89 15.71
N ASP C 112 2.63 -28.32 16.90
CA ASP C 112 1.53 -28.28 17.87
C ASP C 112 1.62 -26.94 18.60
N GLU C 113 0.57 -26.14 18.46
CA GLU C 113 0.58 -24.75 18.94
C GLU C 113 0.36 -24.60 20.46
N TYR C 114 -0.07 -25.68 21.11
CA TYR C 114 -0.32 -25.68 22.57
C TYR C 114 0.68 -26.51 23.40
N ASN C 115 1.06 -27.67 22.88
CA ASN C 115 1.87 -28.61 23.65
C ASN C 115 3.28 -28.80 23.09
N HIS C 116 4.27 -28.77 23.96
CA HIS C 116 5.62 -29.21 23.61
C HIS C 116 5.72 -30.75 23.74
N ILE C 117 6.82 -31.32 23.23
CA ILE C 117 7.10 -32.74 23.37
C ILE C 117 7.26 -33.09 24.84
N ASN C 118 6.70 -34.22 25.24
CA ASN C 118 6.97 -34.75 26.58
C ASN C 118 8.32 -35.43 26.54
N LYS C 119 9.35 -34.72 27.00
CA LYS C 119 10.74 -35.12 26.75
C LYS C 119 11.29 -36.21 27.70
N HIS C 120 10.57 -36.48 28.77
CA HIS C 120 10.97 -37.53 29.71
C HIS C 120 10.91 -38.87 29.03
N LYS C 121 10.05 -38.98 28.02
CA LYS C 121 9.82 -40.24 27.31
C LYS C 121 10.96 -40.66 26.40
N PHE C 122 12.07 -39.94 26.47
CA PHE C 122 13.23 -40.21 25.61
C PHE C 122 14.50 -40.36 26.41
N LYS C 123 15.39 -41.20 25.90
CA LYS C 123 16.71 -41.35 26.49
C LYS C 123 17.70 -40.33 25.95
N THR C 124 17.43 -39.82 24.75
CA THR C 124 18.24 -38.77 24.16
C THR C 124 17.91 -37.47 24.87
N PRO C 125 18.93 -36.73 25.29
CA PRO C 125 18.64 -35.49 25.98
C PRO C 125 18.17 -34.39 25.03
N PHE C 126 17.28 -33.53 25.52
CA PHE C 126 16.80 -32.38 24.74
C PHE C 126 17.41 -31.07 25.21
N VAL C 127 17.63 -30.20 24.23
CA VAL C 127 17.80 -28.75 24.47
C VAL C 127 16.55 -28.01 23.99
N CYS C 128 16.18 -26.98 24.74
CA CYS C 128 15.06 -26.10 24.38
C CYS C 128 15.38 -24.62 24.55
N GLY C 129 14.58 -23.80 23.88
CA GLY C 129 14.78 -22.36 23.84
C GLY C 129 13.93 -21.61 24.86
N CYS C 130 14.43 -20.46 25.27
CA CYS C 130 13.71 -19.61 26.20
C CYS C 130 14.10 -18.16 26.05
N THR C 131 13.23 -17.29 26.52
CA THR C 131 13.50 -15.85 26.59
C THR C 131 13.37 -15.31 28.02
N ASN C 132 13.01 -16.19 28.94
CA ASN C 132 12.77 -15.79 30.34
C ASN C 132 12.66 -17.00 31.26
N LEU C 133 12.73 -16.77 32.57
CA LEU C 133 12.93 -17.88 33.54
C LEU C 133 11.76 -18.85 33.61
N GLY C 134 10.54 -18.33 33.59
CA GLY C 134 9.37 -19.20 33.64
C GLY C 134 9.42 -20.20 32.49
N GLU C 135 9.51 -19.65 31.28
CA GLU C 135 9.61 -20.42 30.05
C GLU C 135 10.70 -21.49 30.15
N ALA C 136 11.87 -21.09 30.65
CA ALA C 136 12.98 -22.02 30.83
C ALA C 136 12.59 -23.18 31.75
N LEU C 137 11.98 -22.83 32.88
CA LEU C 137 11.62 -23.81 33.90
C LEU C 137 10.49 -24.74 33.44
N ARG C 138 9.60 -24.23 32.61
CA ARG C 138 8.53 -25.04 32.04
C ARG C 138 9.10 -26.07 31.06
N ARG C 139 10.13 -25.68 30.33
CA ARG C 139 10.82 -26.61 29.43
C ARG C 139 11.56 -27.69 30.20
N ILE C 140 12.26 -27.31 31.26
CA ILE C 140 12.89 -28.29 32.16
C ILE C 140 11.85 -29.20 32.81
N SER C 141 10.73 -28.62 33.21
CA SER C 141 9.65 -29.39 33.80
C SER C 141 9.22 -30.50 32.85
N GLU C 142 9.11 -30.15 31.57
CA GLU C 142 8.71 -31.08 30.51
C GLU C 142 9.78 -32.10 30.15
N GLY C 143 10.98 -31.90 30.66
CA GLY C 143 12.06 -32.89 30.49
C GLY C 143 13.32 -32.44 29.77
N ALA C 144 13.42 -31.17 29.44
CA ALA C 144 14.62 -30.66 28.79
C ALA C 144 15.79 -30.88 29.73
N SER C 145 16.94 -31.23 29.16
CA SER C 145 18.18 -31.41 29.93
C SER C 145 19.10 -30.23 29.82
N MET C 146 18.80 -29.36 28.87
CA MET C 146 19.64 -28.21 28.55
C MET C 146 18.77 -27.09 28.02
N ILE C 147 19.22 -25.86 28.22
CA ILE C 147 18.48 -24.69 27.77
C ILE C 147 19.38 -23.75 26.97
N ARG C 148 18.79 -23.07 26.01
CA ARG C 148 19.47 -21.98 25.33
C ARG C 148 18.55 -20.79 25.25
N THR C 149 19.12 -19.60 25.15
CA THR C 149 18.34 -18.43 24.80
C THR C 149 17.83 -18.59 23.38
N LYS C 150 16.76 -17.88 23.03
CA LYS C 150 16.25 -17.90 21.65
C LYS C 150 17.02 -16.96 20.80
N GLY C 151 17.39 -15.81 21.39
CA GLY C 151 18.00 -14.70 20.65
C GLY C 151 17.17 -14.33 19.42
N GLU C 152 17.85 -13.89 18.38
CA GLU C 152 17.19 -13.61 17.09
C GLU C 152 17.92 -14.41 16.00
N ALA C 153 17.37 -15.57 15.67
CA ALA C 153 18.06 -16.50 14.78
C ALA C 153 18.27 -15.90 13.37
N GLY C 154 19.52 -15.98 12.90
CA GLY C 154 19.88 -15.65 11.51
C GLY C 154 20.10 -14.19 11.17
N THR C 155 19.91 -13.30 12.14
CA THR C 155 20.01 -11.86 11.88
C THR C 155 21.41 -11.27 12.04
N GLY C 156 22.28 -12.01 12.72
CA GLY C 156 23.64 -11.51 13.01
C GLY C 156 23.66 -10.36 14.01
N ASN C 157 22.53 -10.15 14.66
CA ASN C 157 22.38 -9.08 15.63
C ASN C 157 22.26 -9.68 17.01
N ILE C 158 23.13 -9.26 17.91
CA ILE C 158 23.27 -9.91 19.22
C ILE C 158 22.23 -9.42 20.24
N ILE C 159 21.53 -8.34 19.92
CA ILE C 159 20.75 -7.58 20.92
C ILE C 159 19.72 -8.38 21.67
N GLU C 160 18.97 -9.22 20.97
CA GLU C 160 17.92 -10.02 21.61
C GLU C 160 18.51 -11.06 22.55
N ALA C 161 19.56 -11.72 22.08
CA ALA C 161 20.28 -12.70 22.89
C ALA C 161 20.67 -12.09 24.21
N ILE C 162 21.26 -10.90 24.17
CA ILE C 162 21.70 -10.19 25.39
C ILE C 162 20.52 -9.97 26.34
N LYS C 163 19.43 -9.45 25.79
CA LYS C 163 18.24 -9.19 26.60
C LYS C 163 17.79 -10.44 27.33
N HIS C 164 17.67 -11.54 26.58
CA HIS C 164 17.19 -12.80 27.14
C HIS C 164 18.12 -13.28 28.24
N ILE C 165 19.42 -13.10 28.04
CA ILE C 165 20.41 -13.52 29.02
C ILE C 165 20.25 -12.74 30.30
N ARG C 166 20.09 -11.44 30.19
CA ARG C 166 19.95 -10.60 31.36
C ARG C 166 18.64 -10.83 32.10
N THR C 167 17.58 -11.08 31.35
CA THR C 167 16.27 -11.32 31.93
C THR C 167 16.32 -12.54 32.86
N VAL C 168 16.81 -13.65 32.32
CA VAL C 168 16.94 -14.88 33.10
C VAL C 168 17.90 -14.69 34.26
N ASN C 169 19.02 -14.02 34.02
CA ASN C 169 20.03 -13.80 35.08
C ASN C 169 19.45 -13.08 36.27
N ASN C 170 18.67 -12.04 36.00
CA ASN C 170 18.08 -11.22 37.07
C ASN C 170 17.03 -11.98 37.87
N GLU C 171 16.04 -12.50 37.17
CA GLU C 171 14.98 -13.25 37.81
C GLU C 171 15.58 -14.30 38.76
N ILE C 172 16.64 -14.96 38.32
CA ILE C 172 17.31 -16.00 39.13
C ILE C 172 17.95 -15.47 40.42
N LYS C 173 18.68 -14.35 40.35
CA LYS C 173 19.39 -13.82 41.54
C LYS C 173 18.36 -13.21 42.48
N TYR C 174 17.33 -12.63 41.90
CA TYR C 174 16.21 -12.08 42.63
C TYR C 174 15.47 -13.16 43.36
N LEU C 175 14.99 -14.15 42.61
CA LEU C 175 14.31 -15.31 43.22
C LEU C 175 15.09 -15.80 44.44
N CYS C 176 16.39 -15.88 44.27
CA CYS C 176 17.34 -16.28 45.34
C CYS C 176 17.33 -15.39 46.59
N SER C 177 16.84 -14.16 46.44
CA SER C 177 16.72 -13.18 47.53
C SER C 177 15.45 -13.32 48.39
N LEU C 178 14.31 -13.56 47.73
CA LEU C 178 12.96 -13.50 48.35
C LEU C 178 12.84 -14.32 49.61
N ASP C 179 11.87 -14.03 50.48
CA ASP C 179 11.66 -14.90 51.64
C ASP C 179 10.77 -16.10 51.29
N GLU C 180 10.86 -17.13 52.12
CA GLU C 180 10.13 -18.39 51.94
C GLU C 180 8.62 -18.24 51.68
N SER C 181 8.03 -17.19 52.23
CA SER C 181 6.62 -16.90 52.04
C SER C 181 6.34 -16.39 50.63
N GLU C 182 7.18 -15.47 50.17
CA GLU C 182 6.98 -14.76 48.89
C GLU C 182 7.17 -15.64 47.67
N VAL C 183 7.88 -16.75 47.82
CA VAL C 183 8.23 -17.60 46.67
C VAL C 183 7.02 -18.18 45.95
N TYR C 184 5.92 -18.32 46.68
CA TYR C 184 4.73 -18.93 46.11
C TYR C 184 4.09 -18.05 45.06
N ASN C 185 3.81 -16.79 45.42
CA ASN C 185 3.14 -15.87 44.50
C ASN C 185 3.99 -15.61 43.27
N PHE C 186 5.29 -15.66 43.47
CA PHE C 186 6.24 -15.48 42.39
C PHE C 186 6.14 -16.64 41.43
N ALA C 187 6.00 -17.84 41.97
CA ALA C 187 5.88 -19.06 41.15
C ALA C 187 4.70 -18.93 40.21
N LYS C 188 3.59 -18.48 40.78
CA LYS C 188 2.35 -18.21 40.04
C LYS C 188 2.55 -17.12 38.98
N LYS C 189 3.38 -16.12 39.28
CA LYS C 189 3.66 -15.05 38.31
C LYS C 189 4.49 -15.55 37.12
N LEU C 190 5.51 -16.36 37.40
CA LEU C 190 6.32 -16.98 36.33
C LEU C 190 5.60 -18.11 35.61
N ARG C 191 4.43 -18.48 36.11
CA ARG C 191 3.70 -19.69 35.68
C ARG C 191 4.65 -20.88 35.56
N ALA C 192 5.37 -21.13 36.64
CA ALA C 192 6.39 -22.20 36.69
C ALA C 192 6.21 -23.03 37.96
N PRO C 193 6.78 -24.25 37.97
CA PRO C 193 6.61 -25.16 39.10
C PRO C 193 7.42 -24.76 40.32
N ILE C 194 6.75 -24.74 41.48
CA ILE C 194 7.38 -24.33 42.75
C ILE C 194 8.61 -25.17 43.07
N ASP C 195 8.54 -26.46 42.76
CA ASP C 195 9.66 -27.39 43.00
C ASP C 195 10.96 -26.95 42.33
N LEU C 196 10.89 -26.64 41.03
CA LEU C 196 12.06 -26.18 40.27
C LEU C 196 12.49 -24.77 40.63
N ILE C 197 11.54 -23.94 41.08
CA ILE C 197 11.87 -22.61 41.59
C ILE C 197 12.66 -22.72 42.90
N LEU C 198 12.25 -23.61 43.79
CA LEU C 198 13.01 -23.86 45.02
C LEU C 198 14.40 -24.44 44.76
N LEU C 199 14.50 -25.26 43.71
CA LEU C 199 15.77 -25.90 43.33
C LEU C 199 16.74 -24.90 42.71
N THR C 200 16.20 -23.97 41.92
CA THR C 200 16.97 -22.85 41.35
C THR C 200 17.52 -22.00 42.48
N ARG C 201 16.67 -21.81 43.48
CA ARG C 201 16.98 -21.05 44.70
C ARG C 201 18.15 -21.69 45.47
N LYS C 202 18.08 -23.01 45.62
CA LYS C 202 19.09 -23.79 46.38
C LYS C 202 20.43 -23.91 45.60
N LEU C 203 20.36 -23.94 44.27
CA LEU C 203 21.57 -24.07 43.41
C LEU C 203 22.21 -22.73 43.09
N LYS C 204 21.47 -21.66 43.32
CA LYS C 204 21.90 -20.28 43.04
C LYS C 204 22.08 -20.00 41.55
N ARG C 205 21.55 -20.87 40.71
CA ARG C 205 21.60 -20.73 39.25
C ARG C 205 20.58 -21.61 38.53
N LEU C 206 20.58 -21.55 37.21
CA LEU C 206 19.72 -22.43 36.39
C LEU C 206 20.08 -23.92 36.63
N PRO C 207 19.09 -24.78 36.87
CA PRO C 207 19.39 -26.17 37.23
C PRO C 207 19.91 -27.04 36.10
N VAL C 208 20.09 -26.48 34.92
CA VAL C 208 20.68 -27.24 33.81
C VAL C 208 21.65 -26.38 33.05
N VAL C 209 22.46 -27.02 32.20
CA VAL C 209 23.37 -26.31 31.32
C VAL C 209 22.62 -25.27 30.49
N ASN C 210 23.24 -24.11 30.29
CA ASN C 210 22.57 -22.95 29.71
C ASN C 210 23.43 -22.20 28.69
N PHE C 211 23.10 -22.36 27.40
CA PHE C 211 23.88 -21.81 26.30
C PHE C 211 23.26 -20.59 25.71
N ALA C 212 24.07 -19.70 25.16
CA ALA C 212 23.58 -18.57 24.39
C ALA C 212 23.40 -19.01 22.95
N ALA C 213 22.42 -18.43 22.27
CA ALA C 213 22.17 -18.78 20.88
C ALA C 213 21.45 -17.66 20.16
N GLY C 214 21.76 -17.51 18.88
CA GLY C 214 21.00 -16.62 18.00
C GLY C 214 21.64 -15.25 17.88
N GLY C 215 22.20 -14.99 16.72
CA GLY C 215 22.76 -13.66 16.41
C GLY C 215 24.25 -13.46 16.64
N ILE C 216 24.94 -14.48 17.15
CA ILE C 216 26.37 -14.38 17.41
C ILE C 216 27.15 -14.34 16.10
N ALA C 217 27.91 -13.26 15.92
CA ALA C 217 28.53 -12.94 14.62
C ALA C 217 30.02 -12.59 14.66
N THR C 218 30.54 -12.25 15.83
CA THR C 218 31.97 -11.99 16.02
C THR C 218 32.46 -12.69 17.28
N PRO C 219 33.79 -12.84 17.43
CA PRO C 219 34.33 -13.38 18.65
C PRO C 219 33.89 -12.54 19.83
N ALA C 220 33.83 -11.24 19.63
CA ALA C 220 33.42 -10.31 20.67
C ALA C 220 32.02 -10.67 21.19
N ASP C 221 31.09 -10.90 20.27
CA ASP C 221 29.73 -11.31 20.65
C ASP C 221 29.75 -12.53 21.56
N ALA C 222 30.54 -13.52 21.16
CA ALA C 222 30.61 -14.81 21.85
C ALA C 222 31.09 -14.61 23.29
N ALA C 223 32.17 -13.89 23.44
CA ALA C 223 32.80 -13.70 24.75
C ALA C 223 31.87 -12.95 25.66
N MET C 224 31.19 -11.95 25.10
CA MET C 224 30.25 -11.14 25.86
C MET C 224 29.22 -12.03 26.55
N CYS C 225 28.65 -12.95 25.79
CA CYS C 225 27.69 -13.91 26.34
C CYS C 225 28.31 -14.73 27.47
N MET C 226 29.56 -15.14 27.28
CA MET C 226 30.27 -15.90 28.32
C MET C 226 30.52 -15.06 29.55
N GLN C 227 30.92 -13.79 29.35
CA GLN C 227 31.16 -12.87 30.49
C GLN C 227 29.88 -12.59 31.27
N LEU C 228 28.72 -12.79 30.65
CA LEU C 228 27.43 -12.67 31.33
C LEU C 228 26.94 -13.96 31.98
N GLY C 229 27.79 -14.97 32.03
CA GLY C 229 27.54 -16.16 32.86
C GLY C 229 27.02 -17.39 32.14
N MET C 230 26.99 -17.36 30.81
CA MET C 230 26.51 -18.49 30.04
C MET C 230 27.53 -19.63 30.06
N ASP C 231 27.05 -20.84 29.86
CA ASP C 231 27.90 -22.03 29.86
C ASP C 231 28.52 -22.33 28.50
N GLY C 232 28.05 -21.65 27.47
CA GLY C 232 28.52 -21.91 26.12
C GLY C 232 27.71 -21.24 25.05
N VAL C 233 27.90 -21.66 23.82
CA VAL C 233 27.40 -20.90 22.68
C VAL C 233 27.03 -21.75 21.47
N PHE C 234 25.87 -21.48 20.87
CA PHE C 234 25.52 -22.01 19.53
C PHE C 234 25.78 -20.93 18.53
N VAL C 235 26.41 -21.29 17.41
CA VAL C 235 26.61 -20.37 16.31
C VAL C 235 26.23 -21.03 15.02
N GLY C 236 25.68 -20.24 14.11
CA GLY C 236 25.30 -20.72 12.77
C GLY C 236 25.75 -19.82 11.64
N SER C 237 24.89 -18.90 11.27
CA SER C 237 25.13 -18.08 10.08
C SER C 237 26.36 -17.18 10.23
N GLY C 238 26.62 -16.73 11.46
CA GLY C 238 27.79 -15.88 11.77
C GLY C 238 29.13 -16.44 11.31
N ILE C 239 29.18 -17.75 11.17
CA ILE C 239 30.37 -18.44 10.70
C ILE C 239 30.30 -18.63 9.20
N PHE C 240 29.27 -19.33 8.77
CA PHE C 240 29.22 -19.79 7.38
C PHE C 240 28.71 -18.75 6.38
N GLU C 241 28.23 -17.61 6.88
CA GLU C 241 27.97 -16.47 6.00
C GLU C 241 29.02 -15.36 6.11
N SER C 242 30.07 -15.61 6.88
CA SER C 242 31.19 -14.68 6.96
C SER C 242 32.09 -14.83 5.72
N GLU C 243 33.05 -13.93 5.60
CA GLU C 243 34.00 -13.97 4.48
C GLU C 243 34.90 -15.19 4.55
N ASN C 244 35.29 -15.58 5.76
CA ASN C 244 36.27 -16.65 6.00
C ASN C 244 35.78 -17.62 7.06
N PRO C 245 34.83 -18.49 6.70
CA PRO C 245 34.25 -19.37 7.71
C PRO C 245 35.27 -20.06 8.61
N GLN C 246 36.31 -20.62 8.03
CA GLN C 246 37.26 -21.44 8.80
C GLN C 246 37.92 -20.60 9.88
N LYS C 247 38.41 -19.42 9.50
CA LYS C 247 39.09 -18.56 10.45
C LYS C 247 38.13 -18.02 11.49
N MET C 248 36.92 -17.69 11.05
CA MET C 248 35.89 -17.19 11.99
C MET C 248 35.52 -18.28 12.98
N ALA C 249 35.33 -19.49 12.49
CA ALA C 249 34.95 -20.63 13.33
C ALA C 249 35.96 -20.86 14.44
N SER C 250 37.22 -20.78 14.09
CA SER C 250 38.30 -21.06 15.03
C SER C 250 38.43 -19.96 16.05
N SER C 251 38.26 -18.73 15.62
CA SER C 251 38.40 -17.58 16.51
C SER C 251 37.26 -17.58 17.56
N ILE C 252 36.07 -17.96 17.12
CA ILE C 252 34.92 -18.00 18.02
C ILE C 252 35.17 -19.02 19.15
N VAL C 253 35.73 -20.16 18.77
CA VAL C 253 36.05 -21.22 19.74
C VAL C 253 37.07 -20.72 20.75
N MET C 254 38.11 -20.08 20.23
CA MET C 254 39.19 -19.53 21.05
C MET C 254 38.68 -18.50 22.03
N ALA C 255 37.79 -17.66 21.53
CA ALA C 255 37.19 -16.61 22.33
C ALA C 255 36.36 -17.20 23.45
N VAL C 256 35.55 -18.20 23.14
CA VAL C 256 34.75 -18.90 24.15
C VAL C 256 35.61 -19.60 25.22
N SER C 257 36.72 -20.19 24.80
CA SER C 257 37.67 -20.79 25.73
C SER C 257 38.53 -19.78 26.51
N ASN C 258 38.56 -18.54 26.06
CA ASN C 258 39.40 -17.52 26.67
C ASN C 258 38.66 -16.20 26.87
N PHE C 259 37.40 -16.29 27.25
CA PHE C 259 36.48 -15.16 27.16
C PHE C 259 36.82 -14.02 28.11
N ASN C 260 37.67 -14.29 29.08
CA ASN C 260 38.09 -13.30 30.06
C ASN C 260 39.44 -12.68 29.77
N ASN C 261 40.03 -13.03 28.63
CA ASN C 261 41.41 -12.58 28.30
C ASN C 261 41.44 -11.66 27.08
N PRO C 262 41.32 -10.34 27.33
CA PRO C 262 41.23 -9.32 26.30
C PRO C 262 42.32 -9.40 25.25
N LYS C 263 43.48 -9.81 25.68
CA LYS C 263 44.64 -9.89 24.80
C LYS C 263 44.46 -10.98 23.76
N ILE C 264 43.89 -12.11 24.16
CA ILE C 264 43.56 -13.18 23.22
C ILE C 264 42.38 -12.80 22.33
N LEU C 265 41.38 -12.15 22.91
CA LEU C 265 40.21 -11.69 22.17
C LEU C 265 40.64 -10.74 21.04
N LEU C 266 41.52 -9.80 21.37
CA LEU C 266 42.13 -8.88 20.38
C LEU C 266 42.81 -9.67 19.29
N ASN C 267 43.70 -10.55 19.74
CA ASN C 267 44.57 -11.32 18.84
C ASN C 267 43.80 -12.17 17.81
N VAL C 268 42.74 -12.81 18.26
CA VAL C 268 41.91 -13.65 17.38
C VAL C 268 40.87 -12.87 16.57
N SER C 269 40.84 -11.55 16.77
CA SER C 269 39.94 -10.67 16.01
C SER C 269 40.65 -9.91 14.88
N LEU C 270 41.97 -9.84 14.94
CA LEU C 270 42.80 -9.22 13.89
C LEU C 270 42.58 -9.90 12.55
N GLY C 271 42.39 -9.10 11.50
CA GLY C 271 42.32 -9.59 10.11
C GLY C 271 41.35 -10.74 9.92
N LEU C 272 40.22 -10.64 10.59
CA LEU C 272 39.22 -11.70 10.58
C LEU C 272 38.46 -11.78 9.29
N GLY C 273 38.43 -10.67 8.57
CA GLY C 273 37.58 -10.53 7.39
C GLY C 273 36.24 -9.91 7.75
N LYS C 274 35.34 -9.88 6.77
CA LYS C 274 34.00 -9.32 6.97
C LYS C 274 33.12 -10.31 7.71
N ALA C 275 32.39 -9.82 8.70
CA ALA C 275 31.42 -10.65 9.43
C ALA C 275 30.16 -10.77 8.60
N MET C 276 29.22 -11.60 9.02
CA MET C 276 27.98 -11.78 8.25
C MET C 276 27.28 -10.45 8.14
N HIS C 277 26.79 -10.16 6.95
CA HIS C 277 26.09 -8.92 6.65
C HIS C 277 25.01 -8.62 7.68
N GLY C 278 24.12 -9.57 7.85
CA GLY C 278 23.09 -9.48 8.89
C GLY C 278 21.86 -8.73 8.46
N ASN C 279 20.92 -8.58 9.39
CA ASN C 279 19.66 -7.87 9.13
C ASN C 279 19.05 -7.23 10.37
N THR C 280 18.88 -5.90 10.33
CA THR C 280 18.30 -5.12 11.44
C THR C 280 16.85 -4.74 11.17
N ALA C 281 16.06 -5.73 10.75
CA ALA C 281 14.61 -5.57 10.49
C ALA C 281 13.86 -6.48 11.48
N ALA C 282 13.59 -5.92 12.67
CA ALA C 282 12.75 -6.56 13.73
C ALA C 282 11.34 -7.00 13.25
N ASP D 1 44.60 0.46 34.57
CA ASP D 1 43.14 0.33 34.27
C ASP D 1 42.29 1.37 35.01
N TYR D 2 41.06 0.96 35.36
CA TYR D 2 39.94 1.88 35.63
C TYR D 2 40.22 3.22 36.30
N ALA D 3 39.26 4.08 36.07
CA ALA D 3 39.29 5.45 36.48
C ALA D 3 38.79 5.62 37.92
N ASP D 4 38.32 6.84 38.16
CA ASP D 4 37.90 7.37 39.47
C ASP D 4 38.91 7.19 40.61
N ASN D 5 40.17 7.15 40.23
CA ASN D 5 41.24 7.64 41.07
C ASN D 5 41.35 9.01 40.41
N ASP D 6 42.55 9.48 40.17
CA ASP D 6 42.69 10.74 39.45
C ASP D 6 43.33 10.65 38.06
N SER D 7 43.55 9.41 37.58
CA SER D 7 43.56 9.13 36.13
C SER D 7 42.35 9.75 35.43
N ILE D 8 41.31 10.00 36.19
CA ILE D 8 40.16 10.73 35.70
C ILE D 8 40.50 12.15 35.42
N LEU D 9 40.93 12.79 36.50
CA LEU D 9 41.38 14.16 36.48
C LEU D 9 42.36 14.18 35.27
N LEU D 10 43.08 13.08 35.14
CA LEU D 10 43.84 12.66 33.93
C LEU D 10 43.10 12.51 32.56
N LYS D 11 41.97 11.81 32.52
CA LYS D 11 41.12 11.69 31.28
C LYS D 11 40.57 13.04 30.89
N HIS D 12 39.92 13.71 31.84
CA HIS D 12 39.41 15.09 31.65
C HIS D 12 40.51 15.97 31.08
N GLY D 13 41.67 15.94 31.73
CA GLY D 13 42.86 16.69 31.29
C GLY D 13 43.20 16.44 29.83
N TRP D 14 43.14 15.17 29.45
CA TRP D 14 43.45 14.76 28.09
C TRP D 14 42.44 15.27 27.07
N CYS D 15 41.16 15.27 27.47
CA CYS D 15 40.06 15.70 26.58
C CYS D 15 40.07 17.20 26.32
N GLU D 16 40.57 17.96 27.28
CA GLU D 16 40.64 19.43 27.18
C GLU D 16 41.47 19.85 25.99
N MET D 17 42.45 19.03 25.69
CA MET D 17 43.32 19.17 24.52
C MET D 17 42.54 19.31 23.21
N LEU D 18 41.34 18.74 23.19
CA LEU D 18 40.53 18.69 21.96
C LEU D 18 39.75 20.00 21.72
N LYS D 19 39.61 20.82 22.74
CA LYS D 19 38.80 22.05 22.63
C LYS D 19 39.27 22.82 21.41
N GLY D 20 38.32 23.35 20.66
CA GLY D 20 38.60 24.14 19.44
C GLY D 20 38.88 23.30 18.20
N GLY D 21 38.82 21.99 18.35
CA GLY D 21 39.18 21.06 17.29
C GLY D 21 38.05 20.53 16.44
N VAL D 22 38.42 19.94 15.32
CA VAL D 22 37.51 19.21 14.46
C VAL D 22 37.99 17.76 14.34
N ILE D 23 37.14 16.81 14.71
CA ILE D 23 37.41 15.38 14.49
C ILE D 23 36.65 14.88 13.27
N MET D 24 37.33 14.15 12.41
CA MET D 24 36.77 13.76 11.11
C MET D 24 36.65 12.28 10.93
N ASP D 25 35.55 11.87 10.32
CA ASP D 25 35.25 10.45 10.09
C ASP D 25 35.90 9.97 8.81
N VAL D 26 36.71 8.93 8.92
CA VAL D 26 37.45 8.42 7.77
C VAL D 26 37.28 6.93 7.55
N LYS D 27 37.21 6.56 6.28
CA LYS D 27 37.00 5.17 5.85
C LYS D 27 38.25 4.46 5.33
N ASN D 28 39.27 5.23 4.97
CA ASN D 28 40.53 4.70 4.43
C ASN D 28 41.72 5.63 4.68
N VAL D 29 42.91 5.21 4.27
CA VAL D 29 44.15 5.99 4.52
C VAL D 29 44.17 7.33 3.79
N GLU D 30 43.63 7.34 2.59
CA GLU D 30 43.57 8.54 1.75
C GLU D 30 42.77 9.61 2.44
N GLN D 31 41.66 9.18 3.03
CA GLN D 31 40.76 10.07 3.76
C GLN D 31 41.42 10.59 5.05
N ALA D 32 42.06 9.69 5.78
CA ALA D 32 42.87 10.07 6.96
C ALA D 32 43.90 11.16 6.63
N LYS D 33 44.58 11.02 5.50
CA LYS D 33 45.63 11.95 5.11
C LYS D 33 45.06 13.32 4.82
N ILE D 34 44.00 13.33 4.02
CA ILE D 34 43.22 14.55 3.78
C ILE D 34 42.81 15.25 5.06
N ALA D 35 42.38 14.47 6.04
CA ALA D 35 41.95 15.01 7.34
C ALA D 35 43.11 15.63 8.09
N GLU D 36 44.24 14.91 8.13
CA GLU D 36 45.45 15.41 8.81
C GLU D 36 45.91 16.70 8.17
N LYS D 37 45.92 16.68 6.84
CA LYS D 37 46.32 17.83 6.01
C LYS D 37 45.49 19.08 6.24
N ALA D 38 44.22 18.87 6.55
CA ALA D 38 43.28 19.97 6.71
C ALA D 38 43.32 20.62 8.10
N GLY D 39 43.97 19.95 9.06
CA GLY D 39 44.15 20.52 10.42
C GLY D 39 43.35 19.84 11.51
N ALA D 40 42.77 18.70 11.17
CA ALA D 40 41.96 17.90 12.09
C ALA D 40 42.78 17.46 13.29
N ILE D 41 42.24 17.63 14.49
CA ILE D 41 42.94 17.16 15.69
C ILE D 41 42.81 15.67 15.89
N GLY D 42 42.02 15.03 15.05
CA GLY D 42 41.79 13.61 15.20
C GLY D 42 40.93 13.04 14.09
N VAL D 43 41.04 11.74 13.86
CA VAL D 43 40.13 11.06 12.97
C VAL D 43 39.42 9.94 13.70
N MET D 44 38.21 9.66 13.24
CA MET D 44 37.35 8.63 13.78
C MET D 44 37.19 7.61 12.67
N ILE D 45 37.59 6.36 12.93
CA ILE D 45 37.62 5.36 11.86
C ILE D 45 36.29 4.64 11.68
N LEU D 46 35.83 4.58 10.42
CA LEU D 46 34.54 3.97 10.08
C LEU D 46 34.72 2.76 9.20
N GLU D 47 33.75 1.87 9.25
CA GLU D 47 33.68 0.77 8.30
C GLU D 47 33.57 1.28 6.86
N ASN D 48 34.39 0.68 6.01
CA ASN D 48 34.44 1.00 4.57
C ASN D 48 33.41 0.17 3.79
N ILE D 49 32.28 0.78 3.49
CA ILE D 49 31.24 0.11 2.69
C ILE D 49 31.00 0.80 1.35
N PRO D 50 30.73 -0.02 0.30
CA PRO D 50 30.25 0.49 -0.98
C PRO D 50 28.78 0.93 -0.89
N SER D 51 28.35 1.72 -1.87
CA SER D 51 26.97 2.26 -1.92
C SER D 51 25.89 1.17 -2.03
N GLU D 52 26.19 0.11 -2.79
CA GLU D 52 25.25 -1.01 -2.96
C GLU D 52 24.89 -1.71 -1.65
N LEU D 53 25.89 -1.91 -0.81
CA LEU D 53 25.69 -2.50 0.54
C LEU D 53 24.82 -1.57 1.44
N ARG D 54 25.04 -0.25 1.29
CA ARG D 54 24.29 0.81 2.01
C ARG D 54 22.74 0.68 2.00
N ASN D 55 22.21 0.20 0.88
CA ASN D 55 20.77 -0.10 0.78
C ASN D 55 20.31 -1.05 1.87
N THR D 56 21.03 -2.16 2.01
CA THR D 56 20.69 -3.22 2.94
C THR D 56 20.70 -2.66 4.38
N ASP D 57 20.39 -3.50 5.36
CA ASP D 57 20.28 -3.05 6.76
C ASP D 57 21.28 -3.74 7.67
N GLY D 58 22.36 -4.21 7.08
CA GLY D 58 23.40 -4.94 7.79
C GLY D 58 23.69 -4.41 9.18
N VAL D 59 24.07 -5.33 10.04
CA VAL D 59 24.41 -4.99 11.39
C VAL D 59 25.72 -4.25 11.36
N ALA D 60 25.73 -3.05 11.92
CA ALA D 60 26.94 -2.22 11.97
C ALA D 60 27.69 -2.45 13.25
N ARG D 61 28.90 -3.01 13.15
CA ARG D 61 29.72 -3.34 14.32
C ARG D 61 30.97 -2.48 14.40
N SER D 62 31.73 -2.63 15.48
CA SER D 62 33.02 -1.96 15.59
C SER D 62 33.93 -2.48 14.47
N VAL D 63 34.85 -1.66 14.03
CA VAL D 63 35.75 -2.01 12.93
C VAL D 63 36.83 -3.01 13.34
N ASP D 64 37.27 -3.80 12.35
CA ASP D 64 38.43 -4.71 12.49
C ASP D 64 39.68 -3.96 12.97
N PRO D 65 40.25 -4.36 14.12
CA PRO D 65 41.40 -3.66 14.67
C PRO D 65 42.56 -3.45 13.71
N LEU D 66 42.73 -4.39 12.78
CA LEU D 66 43.83 -4.34 11.79
C LEU D 66 43.72 -3.14 10.87
N LYS D 67 42.47 -2.80 10.54
CA LYS D 67 42.17 -1.63 9.71
C LYS D 67 42.45 -0.33 10.46
N ILE D 68 42.26 -0.34 11.77
CA ILE D 68 42.63 0.79 12.61
C ILE D 68 44.15 0.94 12.65
N GLU D 69 44.84 -0.14 12.96
CA GLU D 69 46.31 -0.18 13.00
C GLU D 69 46.92 0.35 11.70
N GLU D 70 46.33 -0.07 10.57
CA GLU D 70 46.81 0.32 9.23
C GLU D 70 46.73 1.82 8.98
N ILE D 71 45.68 2.43 9.48
CA ILE D 71 45.44 3.85 9.26
C ILE D 71 46.27 4.67 10.23
N ARG D 72 46.37 4.19 11.46
CA ARG D 72 47.09 4.89 12.54
C ARG D 72 48.60 5.07 12.28
N LYS D 73 49.20 4.11 11.58
CA LYS D 73 50.64 4.18 11.31
C LYS D 73 51.00 5.07 10.12
N CYS D 74 50.00 5.60 9.42
CA CYS D 74 50.21 6.54 8.30
C CYS D 74 49.84 7.99 8.66
N ILE D 75 49.52 8.21 9.93
CA ILE D 75 49.25 9.57 10.44
C ILE D 75 49.74 9.71 11.88
N SER D 76 49.79 10.95 12.37
CA SER D 76 50.26 11.25 13.73
C SER D 76 49.26 12.03 14.59
N ILE D 77 48.08 12.29 14.04
CA ILE D 77 47.03 12.94 14.80
C ILE D 77 46.27 11.88 15.59
N ASN D 78 45.33 12.31 16.43
CA ASN D 78 44.58 11.38 17.30
C ASN D 78 43.73 10.35 16.53
N VAL D 79 43.60 9.16 17.09
CA VAL D 79 42.82 8.08 16.46
C VAL D 79 41.72 7.55 17.38
N LEU D 80 40.47 7.70 16.92
CA LEU D 80 39.26 7.25 17.65
C LEU D 80 38.52 6.15 16.92
N ALA D 81 37.81 5.34 17.67
CA ALA D 81 36.99 4.28 17.09
C ALA D 81 35.63 4.14 17.77
N LYS D 82 34.70 3.47 17.08
CA LYS D 82 33.33 3.29 17.58
C LYS D 82 33.02 1.89 18.11
N VAL D 83 32.28 1.84 19.19
CA VAL D 83 31.70 0.57 19.65
C VAL D 83 30.18 0.64 19.79
N ARG D 84 29.56 -0.51 19.74
CA ARG D 84 28.12 -0.63 19.86
C ARG D 84 27.70 -0.34 21.28
N ILE D 85 26.53 0.26 21.43
CA ILE D 85 26.02 0.59 22.75
C ILE D 85 25.86 -0.65 23.61
N GLY D 86 26.49 -0.62 24.78
CA GLY D 86 26.44 -1.73 25.72
C GLY D 86 27.35 -2.88 25.40
N HIS D 87 28.13 -2.76 24.33
CA HIS D 87 29.02 -3.85 23.94
C HIS D 87 30.38 -3.69 24.58
N PHE D 88 30.48 -4.10 25.84
CA PHE D 88 31.69 -3.89 26.63
C PHE D 88 32.87 -4.73 26.17
N VAL D 89 32.63 -5.78 25.42
CA VAL D 89 33.74 -6.63 24.94
C VAL D 89 34.43 -6.02 23.74
N GLU D 90 33.66 -5.38 22.87
CA GLU D 90 34.24 -4.61 21.77
C GLU D 90 35.15 -3.52 22.33
N ALA D 91 34.73 -2.92 23.44
CA ALA D 91 35.50 -1.87 24.11
C ALA D 91 36.78 -2.44 24.71
N GLN D 92 36.67 -3.60 25.35
CA GLN D 92 37.84 -4.29 25.96
C GLN D 92 38.92 -4.57 24.93
N ILE D 93 38.47 -4.93 23.73
CA ILE D 93 39.35 -5.26 22.62
C ILE D 93 40.08 -4.04 22.11
N LEU D 94 39.36 -2.94 21.94
CA LEU D 94 39.98 -1.71 21.46
C LEU D 94 40.80 -1.01 22.55
N GLU D 95 40.48 -1.24 23.81
CA GLU D 95 41.29 -0.73 24.90
C GLU D 95 42.68 -1.33 24.81
N GLU D 96 42.74 -2.64 24.60
CA GLU D 96 44.01 -3.37 24.46
C GLU D 96 44.80 -2.94 23.24
N LEU D 97 44.10 -2.44 22.24
CA LEU D 97 44.74 -1.90 21.02
C LEU D 97 45.28 -0.45 21.17
N LYS D 98 45.06 0.18 22.32
CA LYS D 98 45.66 1.49 22.67
C LYS D 98 45.15 2.65 21.81
N VAL D 99 43.92 2.54 21.37
CA VAL D 99 43.22 3.65 20.73
C VAL D 99 43.11 4.85 21.69
N ASP D 100 43.03 6.05 21.13
CA ASP D 100 43.07 7.30 21.92
C ASP D 100 41.75 7.64 22.64
N MET D 101 40.63 7.34 21.99
CA MET D 101 39.29 7.54 22.54
C MET D 101 38.26 6.61 21.87
N LEU D 102 37.28 6.18 22.64
CA LEU D 102 36.18 5.38 22.11
C LEU D 102 34.88 6.19 22.06
N ASP D 103 34.10 5.95 21.02
CA ASP D 103 32.75 6.50 20.91
C ASP D 103 31.72 5.37 21.01
N GLU D 104 31.02 5.35 22.14
CA GLU D 104 29.90 4.44 22.33
C GLU D 104 28.76 5.06 21.55
N SER D 105 28.53 4.51 20.37
CA SER D 105 27.75 5.20 19.35
C SER D 105 26.40 4.57 19.03
N GLU D 106 25.40 5.44 18.91
CA GLU D 106 24.05 5.08 18.52
C GLU D 106 23.91 4.89 17.00
N VAL D 107 24.95 5.25 16.28
CA VAL D 107 24.99 5.07 14.83
C VAL D 107 25.30 3.61 14.46
N LEU D 108 25.94 2.89 15.38
CA LEU D 108 26.11 1.44 15.24
C LEU D 108 24.90 0.76 15.84
N THR D 109 24.71 -0.51 15.51
CA THR D 109 23.55 -1.28 16.01
C THR D 109 23.69 -1.59 17.49
N MET D 110 22.67 -1.22 18.27
CA MET D 110 22.69 -1.46 19.72
C MET D 110 22.99 -2.93 20.03
N ALA D 111 23.82 -3.16 21.04
CA ALA D 111 24.12 -4.52 21.51
C ALA D 111 23.33 -4.88 22.75
N ASP D 112 22.92 -3.86 23.50
CA ASP D 112 22.14 -4.03 24.72
C ASP D 112 21.13 -2.88 24.84
N GLU D 113 19.84 -3.23 24.80
CA GLU D 113 18.77 -2.23 24.69
C GLU D 113 18.46 -1.52 26.02
N TYR D 114 18.99 -2.01 27.13
CA TYR D 114 18.76 -1.40 28.44
C TYR D 114 19.99 -0.72 29.05
N ASN D 115 21.15 -1.34 28.91
CA ASN D 115 22.36 -0.90 29.61
C ASN D 115 23.40 -0.36 28.65
N HIS D 116 24.00 0.77 29.00
CA HIS D 116 25.22 1.25 28.33
C HIS D 116 26.46 0.59 28.97
N ILE D 117 27.62 0.77 28.33
CA ILE D 117 28.89 0.29 28.86
C ILE D 117 29.20 0.98 30.17
N ASN D 118 29.66 0.22 31.16
CA ASN D 118 30.20 0.83 32.39
C ASN D 118 31.59 1.34 32.05
N LYS D 119 31.71 2.63 31.79
CA LYS D 119 32.91 3.22 31.19
C LYS D 119 34.03 3.54 32.18
N HIS D 120 33.74 3.47 33.46
CA HIS D 120 34.77 3.67 34.49
C HIS D 120 35.77 2.56 34.44
N LYS D 121 35.35 1.40 33.97
CA LYS D 121 36.21 0.21 33.92
C LYS D 121 37.31 0.26 32.86
N PHE D 122 37.46 1.40 32.22
CA PHE D 122 38.44 1.56 31.16
C PHE D 122 39.34 2.76 31.41
N LYS D 123 40.57 2.64 30.93
CA LYS D 123 41.52 3.76 30.96
C LYS D 123 41.40 4.67 29.74
N THR D 124 40.87 4.11 28.65
CA THR D 124 40.58 4.89 27.46
C THR D 124 39.35 5.74 27.72
N PRO D 125 39.42 7.04 27.39
CA PRO D 125 38.24 7.86 27.62
C PRO D 125 37.16 7.61 26.59
N PHE D 126 35.91 7.74 27.03
CA PHE D 126 34.75 7.61 26.14
C PHE D 126 34.10 8.95 25.83
N VAL D 127 33.62 9.05 24.60
CA VAL D 127 32.63 10.06 24.21
C VAL D 127 31.28 9.37 24.01
N CYS D 128 30.20 10.03 24.41
CA CYS D 128 28.83 9.54 24.20
C CYS D 128 27.90 10.63 23.69
N GLY D 129 26.80 10.18 23.11
CA GLY D 129 25.84 11.07 22.48
C GLY D 129 24.68 11.43 23.39
N CYS D 130 24.08 12.59 23.12
CA CYS D 130 22.92 13.04 23.88
C CYS D 130 22.05 13.96 23.06
N THR D 131 20.80 14.08 23.47
CA THR D 131 19.88 15.05 22.91
C THR D 131 19.31 15.98 23.97
N ASN D 132 19.73 15.79 25.22
CA ASN D 132 19.23 16.60 26.32
C ASN D 132 20.07 16.41 27.58
N LEU D 133 19.87 17.27 28.58
CA LEU D 133 20.77 17.33 29.74
C LEU D 133 20.77 16.07 30.61
N GLY D 134 19.59 15.53 30.87
CA GLY D 134 19.48 14.31 31.69
C GLY D 134 20.32 13.21 31.07
N GLU D 135 20.02 12.92 29.81
CA GLU D 135 20.76 11.94 29.01
C GLU D 135 22.27 12.17 29.05
N ALA D 136 22.69 13.42 28.90
CA ALA D 136 24.11 13.78 28.98
C ALA D 136 24.71 13.44 30.33
N LEU D 137 24.02 13.79 31.39
CA LEU D 137 24.50 13.55 32.75
C LEU D 137 24.52 12.08 33.14
N ARG D 138 23.58 11.30 32.61
CA ARG D 138 23.54 9.86 32.83
C ARG D 138 24.73 9.18 32.16
N ARG D 139 25.11 9.66 30.98
CA ARG D 139 26.30 9.15 30.30
C ARG D 139 27.56 9.49 31.10
N ILE D 140 27.68 10.72 31.58
CA ILE D 140 28.80 11.12 32.44
C ILE D 140 28.82 10.31 33.72
N SER D 141 27.64 10.07 34.27
CA SER D 141 27.51 9.26 35.48
C SER D 141 28.13 7.89 35.24
N GLU D 142 27.82 7.32 34.08
CA GLU D 142 28.33 5.98 33.67
C GLU D 142 29.81 5.98 33.35
N GLY D 143 30.41 7.15 33.23
CA GLY D 143 31.87 7.27 33.05
C GLY D 143 32.37 7.93 31.78
N ALA D 144 31.47 8.49 30.98
CA ALA D 144 31.87 9.22 29.78
C ALA D 144 32.74 10.41 30.19
N SER D 145 33.77 10.68 29.40
CA SER D 145 34.69 11.80 29.64
C SER D 145 34.40 12.98 28.75
N MET D 146 33.55 12.74 27.76
CA MET D 146 33.24 13.73 26.74
C MET D 146 31.83 13.45 26.22
N ILE D 147 31.15 14.50 25.76
CA ILE D 147 29.79 14.39 25.24
C ILE D 147 29.67 15.08 23.87
N ARG D 148 28.84 14.51 23.02
CA ARG D 148 28.46 15.16 21.78
C ARG D 148 26.96 15.11 21.64
N THR D 149 26.42 16.06 20.87
CA THR D 149 25.03 15.98 20.44
C THR D 149 24.86 14.79 19.49
N LYS D 150 23.66 14.29 19.36
CA LYS D 150 23.41 13.21 18.41
C LYS D 150 23.23 13.80 17.03
N GLY D 151 22.55 14.94 16.98
CA GLY D 151 22.13 15.52 15.71
C GLY D 151 21.39 14.51 14.86
N GLU D 152 21.52 14.62 13.55
CA GLU D 152 20.95 13.65 12.62
C GLU D 152 22.05 13.12 11.71
N ALA D 153 22.61 11.97 12.06
CA ALA D 153 23.80 11.46 11.39
C ALA D 153 23.56 11.15 9.91
N GLY D 154 24.43 11.70 9.05
CA GLY D 154 24.45 11.37 7.61
C GLY D 154 23.48 12.11 6.68
N THR D 155 22.63 12.97 7.25
CA THR D 155 21.61 13.65 6.46
C THR D 155 22.05 14.98 5.83
N GLY D 156 23.14 15.55 6.34
CA GLY D 156 23.61 16.88 5.89
C GLY D 156 22.71 18.03 6.30
N ASN D 157 21.79 17.74 7.22
CA ASN D 157 20.83 18.70 7.72
C ASN D 157 21.14 19.05 9.16
N ILE D 158 21.37 20.32 9.42
CA ILE D 158 21.89 20.77 10.71
C ILE D 158 20.80 20.88 11.78
N ILE D 159 19.54 20.80 11.39
CA ILE D 159 18.43 21.23 12.25
C ILE D 159 18.34 20.52 13.59
N GLU D 160 18.52 19.21 13.59
CA GLU D 160 18.43 18.43 14.83
C GLU D 160 19.56 18.80 15.76
N ALA D 161 20.78 18.87 15.22
CA ALA D 161 21.96 19.27 15.99
C ALA D 161 21.69 20.56 16.75
N ILE D 162 21.15 21.54 16.04
CA ILE D 162 20.85 22.85 16.64
C ILE D 162 19.88 22.68 17.79
N LYS D 163 18.82 21.93 17.57
CA LYS D 163 17.83 21.71 18.62
C LYS D 163 18.47 21.14 19.88
N HIS D 164 19.24 20.08 19.70
CA HIS D 164 19.89 19.40 20.83
C HIS D 164 20.84 20.33 21.58
N ILE D 165 21.50 21.21 20.85
CA ILE D 165 22.45 22.16 21.46
C ILE D 165 21.68 23.12 22.35
N ARG D 166 20.58 23.65 21.81
CA ARG D 166 19.78 24.65 22.53
C ARG D 166 19.09 24.05 23.74
N THR D 167 18.60 22.82 23.58
CA THR D 167 17.94 22.12 24.69
C THR D 167 18.86 22.01 25.88
N VAL D 168 20.05 21.46 25.67
CA VAL D 168 21.04 21.32 26.73
C VAL D 168 21.45 22.70 27.27
N ASN D 169 21.66 23.66 26.38
CA ASN D 169 22.10 25.01 26.79
C ASN D 169 21.14 25.65 27.77
N ASN D 170 19.85 25.52 27.47
CA ASN D 170 18.81 26.14 28.30
C ASN D 170 18.70 25.48 29.66
N GLU D 171 18.48 24.17 29.64
CA GLU D 171 18.34 23.40 30.88
C GLU D 171 19.50 23.76 31.81
N ILE D 172 20.70 23.90 31.26
CA ILE D 172 21.90 24.22 32.07
C ILE D 172 21.84 25.61 32.73
N LYS D 173 21.45 26.62 31.97
CA LYS D 173 21.44 28.00 32.50
C LYS D 173 20.29 28.13 33.48
N TYR D 174 19.20 27.46 33.16
CA TYR D 174 18.02 27.41 34.02
C TYR D 174 18.35 26.73 35.34
N LEU D 175 18.83 25.49 35.26
CA LEU D 175 19.27 24.74 36.45
C LEU D 175 20.09 25.65 37.37
N CYS D 176 21.00 26.39 36.74
CA CYS D 176 21.87 27.38 37.43
C CYS D 176 21.10 28.50 38.16
N SER D 177 19.86 28.74 37.75
CA SER D 177 19.00 29.76 38.36
C SER D 177 18.25 29.29 39.63
N LEU D 178 17.75 28.06 39.59
CA LEU D 178 16.81 27.53 40.63
C LEU D 178 17.31 27.70 42.05
N ASP D 179 16.43 27.67 43.05
CA ASP D 179 16.92 27.68 44.45
C ASP D 179 17.28 26.27 44.94
N GLU D 180 18.09 26.23 45.99
CA GLU D 180 18.60 24.99 46.57
C GLU D 180 17.53 23.95 46.86
N SER D 181 16.32 24.40 47.17
CA SER D 181 15.21 23.50 47.46
C SER D 181 14.69 22.83 46.18
N GLU D 182 14.55 23.63 45.13
CA GLU D 182 13.93 23.18 43.87
C GLU D 182 14.77 22.19 43.07
N VAL D 183 16.07 22.16 43.33
CA VAL D 183 16.99 21.34 42.55
C VAL D 183 16.66 19.86 42.63
N TYR D 184 16.05 19.43 43.72
CA TYR D 184 15.80 18.01 43.93
C TYR D 184 14.75 17.47 42.98
N ASN D 185 13.60 18.14 42.92
CA ASN D 185 12.50 17.70 42.05
C ASN D 185 12.91 17.74 40.59
N PHE D 186 13.77 18.70 40.28
CA PHE D 186 14.29 18.86 38.93
C PHE D 186 15.18 17.68 38.55
N ALA D 187 15.96 17.22 39.52
CA ALA D 187 16.85 16.07 39.31
C ALA D 187 16.02 14.86 38.93
N LYS D 188 14.97 14.66 39.69
CA LYS D 188 13.99 13.59 39.44
C LYS D 188 13.34 13.73 38.06
N LYS D 189 13.06 14.96 37.64
CA LYS D 189 12.47 15.18 36.31
C LYS D 189 13.43 14.84 35.17
N LEU D 190 14.70 15.24 35.30
CA LEU D 190 15.75 14.89 34.30
C LEU D 190 16.20 13.42 34.40
N ARG D 191 15.70 12.72 35.41
CA ARG D 191 16.17 11.39 35.78
C ARG D 191 17.70 11.36 35.73
N ALA D 192 18.31 12.27 36.47
CA ALA D 192 19.75 12.41 36.53
C ALA D 192 20.24 12.54 37.97
N PRO D 193 21.52 12.23 38.22
CA PRO D 193 22.07 12.26 39.57
C PRO D 193 22.23 13.65 40.14
N ILE D 194 21.73 13.84 41.36
CA ILE D 194 21.79 15.15 42.06
C ILE D 194 23.21 15.69 42.19
N ASP D 195 24.17 14.81 42.41
CA ASP D 195 25.60 15.20 42.51
C ASP D 195 26.12 15.95 41.27
N LEU D 196 25.88 15.37 40.10
CA LEU D 196 26.30 15.97 38.83
C LEU D 196 25.48 17.20 38.46
N ILE D 197 24.22 17.23 38.87
CA ILE D 197 23.39 18.43 38.70
C ILE D 197 23.94 19.57 39.52
N LEU D 198 24.31 19.31 40.76
CA LEU D 198 24.92 20.34 41.62
C LEU D 198 26.26 20.81 41.09
N LEU D 199 27.00 19.89 40.46
CA LEU D 199 28.32 20.20 39.88
C LEU D 199 28.21 21.04 38.62
N THR D 200 27.19 20.76 37.81
CA THR D 200 26.86 21.56 36.62
C THR D 200 26.48 22.98 37.03
N ARG D 201 25.75 23.06 38.14
CA ARG D 201 25.33 24.30 38.78
C ARG D 201 26.53 25.15 39.21
N LYS D 202 27.50 24.50 39.86
CA LYS D 202 28.71 25.17 40.38
C LYS D 202 29.70 25.58 39.27
N LEU D 203 29.75 24.80 38.19
CA LEU D 203 30.65 25.07 37.04
C LEU D 203 30.04 26.04 36.04
N LYS D 204 28.72 26.22 36.11
CA LYS D 204 27.96 27.08 35.19
C LYS D 204 27.92 26.56 33.75
N ARG D 205 28.28 25.29 33.57
CA ARG D 205 28.28 24.63 32.25
C ARG D 205 28.33 23.10 32.38
N LEU D 206 28.35 22.42 31.24
CA LEU D 206 28.48 20.97 31.22
C LEU D 206 29.85 20.58 31.82
N PRO D 207 29.88 19.60 32.74
CA PRO D 207 31.12 19.24 33.44
C PRO D 207 32.19 18.51 32.62
N VAL D 208 31.94 18.31 31.33
CA VAL D 208 32.93 17.71 30.43
C VAL D 208 32.93 18.40 29.08
N VAL D 209 33.96 18.14 28.28
CA VAL D 209 34.04 18.68 26.93
C VAL D 209 32.82 18.28 26.13
N ASN D 210 32.33 19.20 25.31
CA ASN D 210 31.02 19.03 24.65
C ASN D 210 31.04 19.44 23.16
N PHE D 211 30.99 18.47 22.27
CA PHE D 211 31.11 18.70 20.84
C PHE D 211 29.80 18.59 20.09
N ALA D 212 29.66 19.32 19.00
CA ALA D 212 28.50 19.18 18.15
C ALA D 212 28.77 18.08 17.16
N ALA D 213 27.75 17.34 16.78
CA ALA D 213 27.90 16.24 15.82
C ALA D 213 26.62 15.95 15.09
N GLY D 214 26.76 15.56 13.83
CA GLY D 214 25.63 15.08 13.03
C GLY D 214 25.00 16.17 12.18
N GLY D 215 25.20 16.08 10.86
CA GLY D 215 24.54 16.98 9.90
C GLY D 215 25.33 18.22 9.47
N ILE D 216 26.53 18.38 10.00
CA ILE D 216 27.37 19.52 9.63
C ILE D 216 27.90 19.37 8.21
N ALA D 217 27.60 20.34 7.36
CA ALA D 217 27.81 20.20 5.92
C ALA D 217 28.47 21.40 5.24
N THR D 218 28.48 22.55 5.90
CA THR D 218 29.20 23.74 5.42
C THR D 218 30.01 24.37 6.56
N PRO D 219 30.97 25.25 6.22
CA PRO D 219 31.65 26.00 7.25
C PRO D 219 30.68 26.78 8.12
N ALA D 220 29.66 27.32 7.48
CA ALA D 220 28.64 28.09 8.17
C ALA D 220 27.99 27.23 9.28
N ASP D 221 27.59 26.01 8.94
CA ASP D 221 27.03 25.10 9.94
C ASP D 221 27.94 24.95 11.15
N ALA D 222 29.22 24.74 10.88
CA ALA D 222 30.22 24.49 11.92
C ALA D 222 30.34 25.67 12.88
N ALA D 223 30.49 26.85 12.28
CA ALA D 223 30.66 28.06 13.06
C ALA D 223 29.44 28.32 13.92
N MET D 224 28.27 28.07 13.35
CA MET D 224 27.02 28.26 14.07
C MET D 224 27.01 27.46 15.38
N CYS D 225 27.41 26.20 15.29
CA CYS D 225 27.50 25.37 16.48
C CYS D 225 28.47 25.98 17.50
N MET D 226 29.60 26.49 17.02
CA MET D 226 30.58 27.10 17.92
C MET D 226 30.02 28.36 18.57
N GLN D 227 29.35 29.20 17.78
CA GLN D 227 28.75 30.43 18.30
C GLN D 227 27.68 30.15 19.36
N LEU D 228 27.12 28.94 19.33
CA LEU D 228 26.15 28.51 20.37
C LEU D 228 26.81 27.88 21.61
N GLY D 229 28.13 27.93 21.68
CA GLY D 229 28.84 27.57 22.90
C GLY D 229 29.47 26.19 22.96
N MET D 230 29.49 25.50 21.83
CA MET D 230 30.09 24.16 21.77
C MET D 230 31.61 24.29 21.83
N ASP D 231 32.26 23.22 22.29
CA ASP D 231 33.72 23.14 22.40
C ASP D 231 34.41 22.68 21.12
N GLY D 232 33.64 22.19 20.17
CA GLY D 232 34.19 21.64 18.93
C GLY D 232 33.20 20.86 18.10
N VAL D 233 33.69 20.14 17.12
CA VAL D 233 32.84 19.60 16.06
C VAL D 233 33.31 18.24 15.52
N PHE D 234 32.39 17.29 15.36
CA PHE D 234 32.62 16.06 14.57
C PHE D 234 32.00 16.27 13.21
N VAL D 235 32.72 15.90 12.17
CA VAL D 235 32.19 15.94 10.81
C VAL D 235 32.51 14.64 10.10
N GLY D 236 31.59 14.19 9.25
CA GLY D 236 31.77 12.96 8.47
C GLY D 236 31.39 13.14 7.01
N SER D 237 30.14 12.87 6.68
CA SER D 237 29.72 12.85 5.29
C SER D 237 29.79 14.20 4.61
N GLY D 238 29.59 15.27 5.39
CA GLY D 238 29.67 16.65 4.86
C GLY D 238 30.96 17.02 4.13
N ILE D 239 32.02 16.32 4.49
CA ILE D 239 33.33 16.49 3.89
C ILE D 239 33.50 15.55 2.72
N PHE D 240 33.42 14.26 3.00
CA PHE D 240 33.80 13.25 2.03
C PHE D 240 32.73 12.94 0.99
N GLU D 241 31.53 13.47 1.17
CA GLU D 241 30.49 13.42 0.13
C GLU D 241 30.33 14.77 -0.59
N SER D 242 31.15 15.74 -0.24
CA SER D 242 31.12 17.01 -0.95
C SER D 242 31.87 16.87 -2.27
N GLU D 243 31.82 17.92 -3.09
CA GLU D 243 32.49 17.93 -4.40
C GLU D 243 34.02 17.92 -4.26
N ASN D 244 34.51 18.61 -3.23
CA ASN D 244 35.95 18.82 -3.01
C ASN D 244 36.34 18.55 -1.56
N PRO D 245 36.42 17.27 -1.17
CA PRO D 245 36.67 16.95 0.23
C PRO D 245 37.82 17.73 0.86
N GLN D 246 38.94 17.84 0.16
CA GLN D 246 40.13 18.45 0.75
C GLN D 246 39.87 19.90 1.12
N LYS D 247 39.30 20.64 0.17
CA LYS D 247 39.02 22.08 0.39
C LYS D 247 37.95 22.28 1.44
N MET D 248 36.93 21.43 1.41
CA MET D 248 35.86 21.48 2.41
C MET D 248 36.40 21.18 3.80
N ALA D 249 37.23 20.15 3.88
CA ALA D 249 37.81 19.76 5.16
C ALA D 249 38.59 20.91 5.79
N SER D 250 39.37 21.61 4.97
CA SER D 250 40.24 22.68 5.44
C SER D 250 39.46 23.90 5.87
N SER D 251 38.42 24.20 5.10
CA SER D 251 37.57 25.36 5.40
C SER D 251 36.75 25.17 6.68
N ILE D 252 36.34 23.95 6.93
CA ILE D 252 35.60 23.64 8.17
C ILE D 252 36.49 23.85 9.40
N VAL D 253 37.75 23.43 9.29
CA VAL D 253 38.72 23.61 10.38
C VAL D 253 39.00 25.07 10.65
N MET D 254 39.19 25.83 9.58
CA MET D 254 39.42 27.27 9.66
C MET D 254 38.26 28.00 10.32
N ALA D 255 37.06 27.59 9.93
CA ALA D 255 35.82 28.16 10.46
C ALA D 255 35.69 27.90 11.95
N VAL D 256 35.95 26.67 12.36
CA VAL D 256 35.90 26.31 13.79
C VAL D 256 36.94 27.08 14.62
N SER D 257 38.12 27.29 14.04
CA SER D 257 39.18 28.10 14.68
C SER D 257 38.93 29.60 14.63
N ASN D 258 38.02 30.03 13.78
CA ASN D 258 37.73 31.45 13.59
C ASN D 258 36.24 31.75 13.54
N PHE D 259 35.48 31.07 14.39
CA PHE D 259 34.02 31.01 14.26
C PHE D 259 33.29 32.32 14.52
N ASN D 260 34.00 33.26 15.10
CA ASN D 260 33.47 34.60 15.40
C ASN D 260 33.90 35.68 14.41
N ASN D 261 34.61 35.30 13.36
CA ASN D 261 35.16 36.26 12.39
C ASN D 261 34.48 36.06 11.03
N PRO D 262 33.40 36.82 10.78
CA PRO D 262 32.61 36.77 9.56
C PRO D 262 33.43 36.89 8.28
N LYS D 263 34.47 37.69 8.34
CA LYS D 263 35.32 37.95 7.18
C LYS D 263 36.10 36.71 6.74
N ILE D 264 36.57 35.95 7.72
CA ILE D 264 37.23 34.66 7.45
C ILE D 264 36.22 33.60 7.01
N LEU D 265 35.05 33.59 7.65
CA LEU D 265 33.96 32.65 7.31
C LEU D 265 33.53 32.85 5.85
N LEU D 266 33.39 34.10 5.44
CA LEU D 266 33.13 34.45 4.04
C LEU D 266 34.23 33.89 3.19
N ASN D 267 35.45 34.28 3.54
CA ASN D 267 36.61 33.99 2.72
C ASN D 267 36.79 32.50 2.45
N VAL D 268 36.59 31.68 3.48
CA VAL D 268 36.77 30.22 3.36
C VAL D 268 35.54 29.51 2.77
N SER D 269 34.49 30.27 2.46
CA SER D 269 33.26 29.73 1.84
C SER D 269 33.19 29.99 0.33
N LEU D 270 33.99 30.94 -0.15
CA LEU D 270 34.10 31.25 -1.58
C LEU D 270 34.54 30.04 -2.38
N GLY D 271 33.84 29.78 -3.48
CA GLY D 271 34.23 28.74 -4.46
C GLY D 271 34.50 27.38 -3.85
N LEU D 272 33.68 27.04 -2.88
CA LEU D 272 33.84 25.82 -2.10
C LEU D 272 33.47 24.57 -2.87
N GLY D 273 32.63 24.76 -3.87
CA GLY D 273 32.03 23.65 -4.59
C GLY D 273 30.69 23.28 -3.99
N LYS D 274 30.12 22.18 -4.48
CA LYS D 274 28.82 21.69 -4.01
C LYS D 274 28.98 21.00 -2.68
N ALA D 275 28.08 21.28 -1.74
CA ALA D 275 28.09 20.60 -0.44
C ALA D 275 27.41 19.25 -0.61
N MET D 276 27.45 18.40 0.42
CA MET D 276 26.81 17.08 0.31
C MET D 276 25.33 17.26 -0.01
N HIS D 277 24.87 16.44 -0.93
CA HIS D 277 23.48 16.47 -1.37
C HIS D 277 22.53 16.46 -0.20
N GLY D 278 22.67 15.46 0.65
CA GLY D 278 21.90 15.35 1.88
C GLY D 278 20.57 14.66 1.72
N ASN D 279 19.79 14.63 2.81
CA ASN D 279 18.45 14.05 2.81
C ASN D 279 17.51 14.66 3.87
N THR D 280 16.39 15.20 3.41
CA THR D 280 15.38 15.83 4.28
C THR D 280 14.16 14.91 4.51
N ALA D 281 14.46 13.65 4.79
CA ALA D 281 13.43 12.63 5.08
C ALA D 281 13.58 12.17 6.55
N ALA D 282 12.92 12.92 7.44
CA ALA D 282 12.82 12.61 8.90
C ALA D 282 12.31 11.17 9.20
N ASP E 1 26.90 48.70 11.00
CA ASP E 1 26.10 47.52 11.46
C ASP E 1 24.74 47.92 12.05
N TYR E 2 24.26 47.10 12.98
CA TYR E 2 22.83 46.99 13.32
C TYR E 2 21.94 48.22 13.27
N ALA E 3 20.68 47.88 13.12
CA ALA E 3 19.62 48.80 12.91
C ALA E 3 19.13 49.40 14.22
N ASP E 4 17.88 49.86 14.14
CA ASP E 4 17.14 50.57 15.21
C ASP E 4 17.88 51.79 15.80
N ASN E 5 18.73 52.39 14.97
CA ASN E 5 19.00 53.80 15.07
C ASN E 5 18.05 54.21 13.96
N ASP E 6 18.45 55.11 13.08
CA ASP E 6 17.60 55.43 11.94
C ASP E 6 18.13 55.02 10.55
N SER E 7 19.23 54.26 10.54
CA SER E 7 19.52 53.31 9.45
C SER E 7 18.29 52.45 9.12
N ILE E 8 17.41 52.32 10.09
CA ILE E 8 16.14 51.66 9.87
C ILE E 8 15.28 52.45 8.96
N LEU E 9 15.01 53.65 9.44
CA LEU E 9 14.23 54.63 8.72
C LEU E 9 14.90 54.57 7.31
N LEU E 10 16.22 54.46 7.35
CA LEU E 10 17.05 54.06 6.20
C LEU E 10 16.74 52.75 5.42
N LYS E 11 16.59 51.61 6.11
CA LYS E 11 16.21 50.32 5.48
C LYS E 11 14.81 50.45 4.85
N HIS E 12 13.84 50.88 5.65
CA HIS E 12 12.47 51.12 5.17
C HIS E 12 12.54 51.97 3.90
N GLY E 13 13.26 53.08 3.99
CA GLY E 13 13.44 53.99 2.85
C GLY E 13 13.90 53.25 1.60
N TRP E 14 14.87 52.37 1.81
CA TRP E 14 15.44 51.59 0.70
C TRP E 14 14.43 50.62 0.08
N CYS E 15 13.62 50.00 0.93
CA CYS E 15 12.61 49.01 0.48
C CYS E 15 11.48 49.62 -0.33
N GLU E 16 11.16 50.88 -0.03
CA GLU E 16 10.08 51.63 -0.70
C GLU E 16 10.33 51.73 -2.19
N MET E 17 11.61 51.80 -2.52
CA MET E 17 12.09 51.79 -3.91
C MET E 17 11.53 50.62 -4.73
N LEU E 18 11.22 49.52 -4.03
CA LEU E 18 10.80 48.29 -4.69
C LEU E 18 9.32 48.31 -5.05
N LYS E 19 8.54 49.20 -4.47
CA LYS E 19 7.09 49.22 -4.71
C LYS E 19 6.83 49.23 -6.20
N GLY E 20 5.84 48.47 -6.64
CA GLY E 20 5.48 48.36 -8.07
C GLY E 20 6.31 47.39 -8.88
N GLY E 21 7.29 46.79 -8.24
CA GLY E 21 8.28 45.99 -8.93
C GLY E 21 8.04 44.49 -8.95
N VAL E 22 8.81 43.83 -9.80
CA VAL E 22 8.84 42.37 -9.86
C VAL E 22 10.25 41.86 -9.62
N ILE E 23 10.42 41.03 -8.60
CA ILE E 23 11.68 40.37 -8.35
C ILE E 23 11.62 38.97 -8.88
N MET E 24 12.66 38.53 -9.57
CA MET E 24 12.65 37.24 -10.25
C MET E 24 13.73 36.28 -9.79
N ASP E 25 13.37 35.02 -9.67
CA ASP E 25 14.29 33.99 -9.20
C ASP E 25 15.11 33.49 -10.36
N VAL E 26 16.43 33.55 -10.21
CA VAL E 26 17.37 33.10 -11.25
C VAL E 26 18.42 32.10 -10.79
N LYS E 27 18.71 31.15 -11.68
CA LYS E 27 19.66 30.06 -11.43
C LYS E 27 21.03 30.23 -12.11
N ASN E 28 21.08 31.07 -13.12
CA ASN E 28 22.30 31.34 -13.88
C ASN E 28 22.33 32.72 -14.53
N VAL E 29 23.44 33.08 -15.18
CA VAL E 29 23.62 34.43 -15.77
C VAL E 29 22.63 34.71 -16.86
N GLU E 30 22.32 33.69 -17.64
CA GLU E 30 21.40 33.78 -18.79
C GLU E 30 20.02 34.18 -18.28
N GLN E 31 19.64 33.57 -17.18
CA GLN E 31 18.35 33.86 -16.56
C GLN E 31 18.34 35.29 -15.99
N ALA E 32 19.39 35.65 -15.28
CA ALA E 32 19.54 37.02 -14.77
C ALA E 32 19.34 38.05 -15.87
N LYS E 33 19.94 37.79 -17.02
CA LYS E 33 19.93 38.74 -18.16
C LYS E 33 18.54 38.91 -18.73
N ILE E 34 17.89 37.79 -18.96
CA ILE E 34 16.45 37.75 -19.28
C ILE E 34 15.58 38.57 -18.30
N ALA E 35 15.88 38.42 -17.02
CA ALA E 35 15.15 39.14 -15.96
C ALA E 35 15.39 40.64 -16.05
N GLU E 36 16.66 41.03 -16.20
CA GLU E 36 17.01 42.45 -16.34
C GLU E 36 16.34 43.04 -17.56
N LYS E 37 16.41 42.31 -18.65
CA LYS E 37 15.81 42.70 -19.94
C LYS E 37 14.31 42.92 -19.88
N ALA E 38 13.66 42.17 -19.01
CA ALA E 38 12.21 42.20 -18.90
C ALA E 38 11.69 43.30 -18.01
N GLY E 39 12.56 43.95 -17.25
CA GLY E 39 12.17 45.09 -16.42
C GLY E 39 12.11 44.84 -14.94
N ALA E 40 12.65 43.70 -14.54
CA ALA E 40 12.73 43.28 -13.15
C ALA E 40 13.55 44.25 -12.33
N ILE E 41 13.04 44.66 -11.18
CA ILE E 41 13.78 45.56 -10.29
C ILE E 41 14.85 44.83 -9.49
N GLY E 42 14.88 43.53 -9.62
CA GLY E 42 15.82 42.72 -8.86
C GLY E 42 15.76 41.26 -9.19
N VAL E 43 16.84 40.55 -8.94
CA VAL E 43 16.83 39.09 -9.04
C VAL E 43 17.21 38.46 -7.72
N MET E 44 16.67 37.27 -7.50
CA MET E 44 16.88 36.49 -6.30
C MET E 44 17.60 35.24 -6.78
N ILE E 45 18.79 35.00 -6.25
CA ILE E 45 19.64 33.92 -6.76
C ILE E 45 19.37 32.59 -6.09
N LEU E 46 19.16 31.56 -6.91
CA LEU E 46 18.83 30.21 -6.43
C LEU E 46 19.93 29.22 -6.77
N GLU E 47 19.99 28.16 -5.98
CA GLU E 47 20.84 27.02 -6.32
C GLU E 47 20.44 26.42 -7.66
N ASN E 48 21.44 26.15 -8.49
CA ASN E 48 21.29 25.53 -9.82
C ASN E 48 21.33 24.01 -9.72
N ILE E 49 20.15 23.40 -9.75
CA ILE E 49 20.03 21.93 -9.72
C ILE E 49 19.41 21.39 -10.99
N PRO E 50 19.90 20.22 -11.44
CA PRO E 50 19.25 19.45 -12.49
C PRO E 50 17.97 18.76 -11.98
N SER E 51 17.13 18.33 -12.91
CA SER E 51 15.84 17.69 -12.61
C SER E 51 16.00 16.36 -11.85
N GLU E 52 17.05 15.60 -12.19
CA GLU E 52 17.33 14.31 -11.52
C GLU E 52 17.61 14.44 -10.02
N LEU E 53 18.33 15.49 -9.67
CA LEU E 53 18.59 15.83 -8.24
C LEU E 53 17.28 16.25 -7.51
N ARG E 54 16.43 16.97 -8.23
CA ARG E 54 15.09 17.39 -7.72
C ARG E 54 14.22 16.30 -7.04
N ASN E 55 14.29 15.08 -7.55
CA ASN E 55 13.61 13.94 -6.92
C ASN E 55 14.01 13.77 -5.46
N THR E 56 15.32 13.74 -5.23
CA THR E 56 15.87 13.49 -3.91
C THR E 56 15.39 14.61 -2.96
N ASP E 57 15.79 14.54 -1.70
CA ASP E 57 15.31 15.49 -0.69
C ASP E 57 16.41 16.33 -0.09
N GLY E 58 17.50 16.44 -0.83
CA GLY E 58 18.70 17.14 -0.38
C GLY E 58 18.42 18.38 0.45
N VAL E 59 19.33 18.63 1.37
CA VAL E 59 19.23 19.76 2.23
C VAL E 59 19.50 20.98 1.36
N ALA E 60 18.56 21.90 1.36
CA ALA E 60 18.70 23.15 0.59
C ALA E 60 19.28 24.28 1.43
N ARG E 61 20.49 24.72 1.09
CA ARG E 61 21.23 25.72 1.88
C ARG E 61 21.35 27.01 1.09
N SER E 62 21.94 28.02 1.73
CA SER E 62 22.24 29.27 1.02
C SER E 62 23.28 28.99 -0.08
N VAL E 63 23.22 29.78 -1.15
CA VAL E 63 24.10 29.57 -2.30
C VAL E 63 25.54 29.99 -2.03
N ASP E 64 26.47 29.32 -2.71
CA ASP E 64 27.90 29.69 -2.73
C ASP E 64 28.08 31.16 -3.12
N PRO E 65 28.71 31.97 -2.24
CA PRO E 65 28.88 33.39 -2.52
C PRO E 65 29.50 33.71 -3.89
N LEU E 66 30.38 32.84 -4.36
CA LEU E 66 31.07 33.03 -5.63
C LEU E 66 30.10 33.05 -6.81
N LYS E 67 29.08 32.21 -6.71
CA LYS E 67 28.03 32.13 -7.72
C LYS E 67 27.20 33.42 -7.72
N ILE E 68 27.03 34.02 -6.54
CA ILE E 68 26.34 35.31 -6.42
C ILE E 68 27.18 36.41 -7.06
N GLU E 69 28.45 36.46 -6.68
CA GLU E 69 29.40 37.43 -7.24
C GLU E 69 29.46 37.36 -8.77
N GLU E 70 29.44 36.14 -9.30
CA GLU E 70 29.49 35.89 -10.77
C GLU E 70 28.31 36.45 -11.54
N ILE E 71 27.13 36.38 -10.92
CA ILE E 71 25.89 36.83 -11.56
C ILE E 71 25.76 38.33 -11.40
N ARG E 72 26.11 38.83 -10.23
CA ARG E 72 25.98 40.24 -9.91
C ARG E 72 26.80 41.17 -10.82
N LYS E 73 27.97 40.70 -11.26
CA LYS E 73 28.85 41.54 -12.11
C LYS E 73 28.45 41.56 -13.59
N CYS E 74 27.43 40.79 -13.95
CA CYS E 74 26.89 40.77 -15.31
C CYS E 74 25.53 41.47 -15.41
N ILE E 75 25.08 42.08 -14.31
CA ILE E 75 23.83 42.87 -14.28
C ILE E 75 23.96 44.08 -13.35
N SER E 76 23.02 45.01 -13.45
CA SER E 76 23.04 46.22 -12.62
C SER E 76 21.79 46.45 -11.82
N ILE E 77 20.85 45.53 -11.90
CA ILE E 77 19.64 45.60 -11.08
C ILE E 77 19.94 44.98 -9.72
N ASN E 78 19.00 45.07 -8.79
CA ASN E 78 19.21 44.60 -7.41
C ASN E 78 19.49 43.09 -7.31
N VAL E 79 20.28 42.70 -6.33
CA VAL E 79 20.63 41.29 -6.12
C VAL E 79 20.31 40.82 -4.71
N LEU E 80 19.44 39.82 -4.63
CA LEU E 80 18.99 39.21 -3.36
C LEU E 80 19.40 37.77 -3.24
N ALA E 81 19.54 37.30 -2.00
CA ALA E 81 19.88 35.90 -1.72
C ALA E 81 19.10 35.32 -0.55
N LYS E 82 19.02 33.99 -0.52
CA LYS E 82 18.28 33.26 0.52
C LYS E 82 19.17 32.66 1.62
N VAL E 83 18.68 32.73 2.86
CA VAL E 83 19.27 31.98 3.96
C VAL E 83 18.25 31.13 4.67
N ARG E 84 18.74 30.11 5.34
CA ARG E 84 17.92 29.17 6.08
C ARG E 84 17.39 29.81 7.35
N ILE E 85 16.16 29.43 7.69
CA ILE E 85 15.50 30.01 8.84
C ILE E 85 16.33 29.73 10.08
N GLY E 86 16.67 30.80 10.77
CA GLY E 86 17.44 30.73 12.02
C GLY E 86 18.93 30.57 11.82
N HIS E 87 19.37 30.56 10.57
CA HIS E 87 20.79 30.38 10.29
C HIS E 87 21.49 31.70 10.21
N PHE E 88 21.85 32.24 11.37
CA PHE E 88 22.41 33.59 11.44
C PHE E 88 23.82 33.69 10.90
N VAL E 89 24.53 32.57 10.80
CA VAL E 89 25.89 32.59 10.26
C VAL E 89 25.91 32.68 8.74
N GLU E 90 24.96 32.03 8.08
CA GLU E 90 24.76 32.20 6.63
C GLU E 90 24.45 33.64 6.30
N ALA E 91 23.71 34.30 7.19
CA ALA E 91 23.38 35.71 7.04
C ALA E 91 24.60 36.60 7.23
N GLN E 92 25.40 36.30 8.25
CA GLN E 92 26.65 37.05 8.53
C GLN E 92 27.60 37.03 7.35
N ILE E 93 27.66 35.89 6.69
CA ILE E 93 28.50 35.67 5.51
C ILE E 93 28.03 36.50 4.31
N LEU E 94 26.75 36.48 4.03
CA LEU E 94 26.20 37.25 2.92
C LEU E 94 26.15 38.75 3.23
N GLU E 95 26.09 39.11 4.51
CA GLU E 95 26.16 40.51 4.89
C GLU E 95 27.50 41.07 4.46
N GLU E 96 28.54 40.31 4.76
CA GLU E 96 29.91 40.71 4.39
C GLU E 96 30.12 40.77 2.88
N LEU E 97 29.34 40.00 2.15
CA LEU E 97 29.39 40.02 0.69
C LEU E 97 28.65 41.21 0.04
N LYS E 98 27.97 42.02 0.84
CA LYS E 98 27.31 43.28 0.37
C LYS E 98 26.13 43.06 -0.59
N VAL E 99 25.44 41.94 -0.40
CA VAL E 99 24.15 41.69 -1.06
C VAL E 99 23.10 42.77 -0.70
N ASP E 100 22.14 42.99 -1.58
CA ASP E 100 21.19 44.09 -1.40
C ASP E 100 20.08 43.80 -0.41
N MET E 101 19.64 42.54 -0.37
CA MET E 101 18.59 42.09 0.57
C MET E 101 18.68 40.59 0.79
N LEU E 102 18.37 40.15 2.00
CA LEU E 102 18.30 38.73 2.32
C LEU E 102 16.86 38.27 2.52
N ASP E 103 16.59 37.04 2.06
CA ASP E 103 15.30 36.37 2.30
C ASP E 103 15.51 35.20 3.24
N GLU E 104 15.04 35.36 4.48
CA GLU E 104 15.06 34.28 5.45
C GLU E 104 13.90 33.41 5.01
N SER E 105 14.21 32.31 4.33
CA SER E 105 13.20 31.59 3.55
C SER E 105 12.84 30.21 4.08
N GLU E 106 11.54 29.93 4.05
CA GLU E 106 10.96 28.63 4.42
C GLU E 106 11.04 27.62 3.28
N VAL E 107 11.48 28.07 2.12
CA VAL E 107 11.73 27.19 0.99
C VAL E 107 13.07 26.44 1.13
N LEU E 108 14.01 27.00 1.89
CA LEU E 108 15.22 26.29 2.27
C LEU E 108 14.94 25.47 3.52
N THR E 109 15.82 24.53 3.81
CA THR E 109 15.66 23.66 4.99
C THR E 109 15.92 24.44 6.29
N MET E 110 14.96 24.40 7.20
CA MET E 110 15.10 25.10 8.50
C MET E 110 16.39 24.71 9.19
N ALA E 111 17.05 25.70 9.77
CA ALA E 111 18.27 25.44 10.56
C ALA E 111 17.97 25.43 12.05
N ASP E 112 16.91 26.13 12.44
CA ASP E 112 16.52 26.22 13.85
C ASP E 112 15.01 26.19 13.92
N GLU E 113 14.46 25.16 14.54
CA GLU E 113 13.01 24.91 14.50
C GLU E 113 12.20 25.81 15.46
N TYR E 114 12.87 26.53 16.34
CA TYR E 114 12.19 27.42 17.30
C TYR E 114 12.44 28.92 17.05
N ASN E 115 13.65 29.27 16.68
CA ASN E 115 14.04 30.67 16.59
C ASN E 115 14.34 31.10 15.17
N HIS E 116 13.83 32.26 14.77
CA HIS E 116 14.27 32.94 13.54
C HIS E 116 15.53 33.77 13.81
N ILE E 117 16.17 34.24 12.74
CA ILE E 117 17.34 35.12 12.85
C ILE E 117 16.96 36.42 13.52
N ASN E 118 17.79 36.91 14.43
CA ASN E 118 17.60 38.25 15.00
C ASN E 118 18.10 39.23 13.97
N LYS E 119 17.19 39.81 13.21
CA LYS E 119 17.54 40.55 12.00
C LYS E 119 17.95 42.02 12.24
N HIS E 120 17.78 42.50 13.45
CA HIS E 120 18.20 43.86 13.81
C HIS E 120 19.70 43.94 13.76
N LYS E 121 20.36 42.81 13.99
CA LYS E 121 21.82 42.73 14.05
C LYS E 121 22.53 42.88 12.70
N PHE E 122 21.77 43.21 11.67
CA PHE E 122 22.30 43.34 10.33
C PHE E 122 21.93 44.66 9.70
N LYS E 123 22.83 45.15 8.86
CA LYS E 123 22.55 46.35 8.09
C LYS E 123 21.82 46.03 6.79
N THR E 124 21.97 44.81 6.31
CA THR E 124 21.23 44.36 5.14
C THR E 124 19.78 44.15 5.53
N PRO E 125 18.84 44.66 4.73
CA PRO E 125 17.45 44.44 5.08
C PRO E 125 17.00 43.03 4.77
N PHE E 126 16.11 42.51 5.61
CA PHE E 126 15.51 41.19 5.37
C PHE E 126 14.10 41.27 4.86
N VAL E 127 13.77 40.31 4.00
CA VAL E 127 12.38 39.96 3.71
C VAL E 127 12.04 38.62 4.37
N CYS E 128 10.81 38.49 4.87
CA CYS E 128 10.33 37.23 5.46
C CYS E 128 8.93 36.88 4.99
N GLY E 129 8.60 35.61 5.16
CA GLY E 129 7.32 35.08 4.71
C GLY E 129 6.27 35.01 5.79
N CYS E 130 5.02 35.07 5.36
CA CYS E 130 3.89 34.97 6.28
C CYS E 130 2.66 34.42 5.58
N THR E 131 1.75 33.86 6.39
CA THR E 131 0.43 33.43 5.94
C THR E 131 -0.69 34.15 6.69
N ASN E 132 -0.33 35.00 7.64
CA ASN E 132 -1.30 35.71 8.47
C ASN E 132 -0.66 36.85 9.24
N LEU E 133 -1.48 37.73 9.80
CA LEU E 133 -1.00 39.00 10.36
C LEU E 133 -0.09 38.85 11.55
N GLY E 134 -0.43 37.96 12.47
CA GLY E 134 0.41 37.72 13.66
C GLY E 134 1.83 37.37 13.24
N GLU E 135 1.92 36.32 12.42
CA GLU E 135 3.18 35.84 11.86
C GLU E 135 3.94 36.98 11.21
N ALA E 136 3.25 37.78 10.39
CA ALA E 136 3.87 38.94 9.74
C ALA E 136 4.48 39.89 10.77
N LEU E 137 3.70 40.22 11.79
CA LEU E 137 4.14 41.19 12.80
C LEU E 137 5.26 40.66 13.68
N ARG E 138 5.28 39.35 13.90
CA ARG E 138 6.37 38.72 14.67
C ARG E 138 7.68 38.79 13.89
N ARG E 139 7.59 38.64 12.57
CA ARG E 139 8.77 38.78 11.71
C ARG E 139 9.30 40.23 11.75
N ILE E 140 8.40 41.19 11.60
CA ILE E 140 8.77 42.61 11.71
C ILE E 140 9.36 42.93 13.08
N SER E 141 8.77 42.33 14.10
CA SER E 141 9.26 42.50 15.46
C SER E 141 10.70 42.06 15.58
N GLU E 142 11.00 40.94 14.93
CA GLU E 142 12.37 40.36 14.87
C GLU E 142 13.33 41.15 13.99
N GLY E 143 12.81 42.09 13.21
CA GLY E 143 13.66 43.00 12.43
C GLY E 143 13.51 42.96 10.92
N ALA E 144 12.55 42.20 10.42
CA ALA E 144 12.30 42.16 8.98
C ALA E 144 11.94 43.57 8.49
N SER E 145 12.41 43.92 7.30
CA SER E 145 12.11 45.22 6.68
C SER E 145 11.08 45.12 5.60
N MET E 146 10.78 43.89 5.21
CA MET E 146 9.84 43.61 4.14
C MET E 146 9.18 42.25 4.38
N ILE E 147 7.96 42.10 3.89
CA ILE E 147 7.18 40.87 4.07
C ILE E 147 6.64 40.39 2.73
N ARG E 148 6.58 39.07 2.57
CA ARG E 148 5.87 38.47 1.45
C ARG E 148 4.95 37.38 1.95
N THR E 149 3.91 37.09 1.18
CA THR E 149 3.11 35.90 1.44
C THR E 149 3.94 34.67 1.18
N LYS E 150 3.56 33.54 1.76
CA LYS E 150 4.28 32.30 1.50
C LYS E 150 3.77 31.70 0.21
N GLY E 151 2.46 31.81 0.00
CA GLY E 151 1.81 31.12 -1.10
C GLY E 151 2.16 29.64 -1.11
N GLU E 152 2.20 29.05 -2.30
CA GLU E 152 2.63 27.65 -2.46
C GLU E 152 3.77 27.59 -3.48
N ALA E 153 4.99 27.59 -2.98
CA ALA E 153 6.17 27.75 -3.83
C ALA E 153 6.26 26.62 -4.85
N GLY E 154 6.45 26.99 -6.11
CA GLY E 154 6.79 26.03 -7.19
C GLY E 154 5.66 25.26 -7.83
N THR E 155 4.44 25.43 -7.33
CA THR E 155 3.29 24.66 -7.83
C THR E 155 2.59 25.26 -9.03
N GLY E 156 2.82 26.55 -9.27
CA GLY E 156 2.13 27.28 -10.35
C GLY E 156 0.65 27.50 -10.08
N ASN E 157 0.27 27.29 -8.83
CA ASN E 157 -1.11 27.42 -8.37
C ASN E 157 -1.24 28.61 -7.45
N ILE E 158 -2.12 29.53 -7.80
CA ILE E 158 -2.20 30.83 -7.13
C ILE E 158 -3.01 30.79 -5.85
N ILE E 159 -3.72 29.69 -5.64
CA ILE E 159 -4.79 29.67 -4.63
C ILE E 159 -4.36 30.01 -3.20
N GLU E 160 -3.23 29.47 -2.78
CA GLU E 160 -2.73 29.69 -1.41
C GLU E 160 -2.32 31.14 -1.23
N ALA E 161 -1.62 31.68 -2.23
CA ALA E 161 -1.21 33.09 -2.22
C ALA E 161 -2.40 34.00 -1.98
N ILE E 162 -3.46 33.75 -2.73
CA ILE E 162 -4.69 34.53 -2.61
C ILE E 162 -5.24 34.46 -1.19
N LYS E 163 -5.35 33.25 -0.65
CA LYS E 163 -5.84 33.08 0.71
C LYS E 163 -5.06 33.90 1.71
N HIS E 164 -3.73 33.78 1.65
CA HIS E 164 -2.84 34.49 2.58
C HIS E 164 -2.97 36.01 2.45
N ILE E 165 -3.16 36.48 1.22
CA ILE E 165 -3.34 37.91 0.98
C ILE E 165 -4.59 38.40 1.66
N ARG E 166 -5.69 37.67 1.48
CA ARG E 166 -6.98 38.05 2.01
C ARG E 166 -6.99 37.98 3.53
N THR E 167 -6.36 36.94 4.08
CA THR E 167 -6.32 36.76 5.52
C THR E 167 -5.70 37.99 6.18
N VAL E 168 -4.52 38.35 5.71
CA VAL E 168 -3.82 39.53 6.24
C VAL E 168 -4.64 40.80 6.01
N ASN E 169 -5.21 40.94 4.81
CA ASN E 169 -5.98 42.14 4.46
C ASN E 169 -7.13 42.38 5.41
N ASN E 170 -7.82 41.31 5.74
CA ASN E 170 -8.99 41.40 6.63
C ASN E 170 -8.60 41.76 8.06
N GLU E 171 -7.72 40.94 8.62
CA GLU E 171 -7.27 41.14 10.00
C GLU E 171 -6.82 42.60 10.18
N ILE E 172 -6.14 43.14 9.18
CA ILE E 172 -5.69 44.55 9.22
C ILE E 172 -6.83 45.60 9.24
N LYS E 173 -7.84 45.43 8.40
CA LYS E 173 -8.92 46.42 8.31
C LYS E 173 -9.80 46.29 9.53
N TYR E 174 -9.94 45.05 9.98
CA TYR E 174 -10.68 44.74 11.20
C TYR E 174 -10.01 45.34 12.41
N LEU E 175 -8.74 44.98 12.62
CA LEU E 175 -7.95 45.56 13.71
C LEU E 175 -8.18 47.07 13.78
N CYS E 176 -8.14 47.69 12.62
CA CYS E 176 -8.37 49.14 12.45
C CYS E 176 -9.74 49.64 12.94
N SER E 177 -10.71 48.73 13.03
CA SER E 177 -12.08 49.03 13.50
C SER E 177 -12.25 48.99 15.04
N LEU E 178 -11.61 48.02 15.69
CA LEU E 178 -11.83 47.71 17.13
C LEU E 178 -11.68 48.92 18.04
N ASP E 179 -12.27 48.87 19.23
CA ASP E 179 -12.04 49.98 20.17
C ASP E 179 -10.74 49.76 20.96
N GLU E 180 -10.24 50.85 21.54
CA GLU E 180 -8.99 50.88 22.30
C GLU E 180 -8.86 49.84 23.39
N SER E 181 -9.99 49.44 23.96
CA SER E 181 -10.03 48.42 24.99
C SER E 181 -9.78 47.02 24.40
N GLU E 182 -10.44 46.75 23.28
CA GLU E 182 -10.45 45.42 22.65
C GLU E 182 -9.13 45.01 22.02
N VAL E 183 -8.28 45.99 21.73
CA VAL E 183 -7.03 45.73 21.01
C VAL E 183 -6.08 44.81 21.77
N TYR E 184 -6.17 44.81 23.08
CA TYR E 184 -5.25 44.03 23.91
C TYR E 184 -5.48 42.53 23.76
N ASN E 185 -6.73 42.10 23.92
CA ASN E 185 -7.05 40.67 23.83
C ASN E 185 -6.76 40.16 22.44
N PHE E 186 -6.95 41.03 21.47
CA PHE E 186 -6.69 40.70 20.06
C PHE E 186 -5.21 40.49 19.84
N ALA E 187 -4.40 41.30 20.48
CA ALA E 187 -2.94 41.16 20.41
C ALA E 187 -2.51 39.79 20.90
N LYS E 188 -3.06 39.41 22.04
CA LYS E 188 -2.84 38.10 22.63
C LYS E 188 -3.30 36.95 21.70
N LYS E 189 -4.39 37.16 20.99
CA LYS E 189 -4.89 36.14 20.04
C LYS E 189 -3.97 35.96 18.85
N LEU E 190 -3.49 37.06 18.28
CA LEU E 190 -2.53 37.02 17.16
C LEU E 190 -1.12 36.62 17.61
N ARG E 191 -0.93 36.51 18.92
CA ARG E 191 0.40 36.36 19.55
C ARG E 191 1.42 37.30 18.92
N ALA E 192 1.06 38.58 18.93
CA ALA E 192 1.88 39.63 18.33
C ALA E 192 2.04 40.80 19.30
N PRO E 193 3.07 41.63 19.09
CA PRO E 193 3.34 42.77 19.96
C PRO E 193 2.36 43.93 19.83
N ILE E 194 1.82 44.36 20.96
CA ILE E 194 0.82 45.43 21.01
C ILE E 194 1.27 46.71 20.30
N ASP E 195 2.56 47.03 20.44
CA ASP E 195 3.15 48.22 19.80
C ASP E 195 2.97 48.25 18.27
N LEU E 196 3.31 47.15 17.62
CA LEU E 196 3.17 47.02 16.17
C LEU E 196 1.72 46.90 15.72
N ILE E 197 0.88 46.33 16.59
CA ILE E 197 -0.56 46.28 16.34
C ILE E 197 -1.14 47.69 16.36
N LEU E 198 -0.75 48.50 17.33
CA LEU E 198 -1.18 49.90 17.38
C LEU E 198 -0.66 50.73 16.20
N LEU E 199 0.54 50.39 15.73
CA LEU E 199 1.15 51.09 14.59
C LEU E 199 0.49 50.72 13.27
N THR E 200 0.10 49.45 13.14
CA THR E 200 -0.69 49.00 11.97
C THR E 200 -2.04 49.72 11.94
N ARG E 201 -2.59 49.89 13.13
CA ARG E 201 -3.85 50.59 13.36
C ARG E 201 -3.75 52.05 12.89
N LYS E 202 -2.66 52.71 13.27
CA LYS E 202 -2.43 54.13 12.94
C LYS E 202 -2.06 54.37 11.48
N LEU E 203 -1.40 53.40 10.85
CA LEU E 203 -1.00 53.49 9.42
C LEU E 203 -2.09 53.03 8.45
N LYS E 204 -3.07 52.30 8.99
CA LYS E 204 -4.18 51.73 8.20
C LYS E 204 -3.72 50.64 7.22
N ARG E 205 -2.51 50.13 7.43
CA ARG E 205 -1.96 49.05 6.60
C ARG E 205 -0.77 48.40 7.25
N LEU E 206 -0.19 47.42 6.56
CA LEU E 206 1.02 46.75 7.06
C LEU E 206 2.15 47.77 7.14
N PRO E 207 2.91 47.79 8.26
CA PRO E 207 3.95 48.81 8.47
C PRO E 207 5.21 48.68 7.63
N VAL E 208 5.26 47.69 6.76
CA VAL E 208 6.39 47.52 5.84
C VAL E 208 5.92 47.08 4.46
N VAL E 209 6.80 47.20 3.48
CA VAL E 209 6.50 46.77 2.11
C VAL E 209 6.04 45.32 2.12
N ASN E 210 5.07 45.00 1.28
CA ASN E 210 4.39 43.71 1.31
C ASN E 210 4.15 43.14 -0.09
N PHE E 211 4.89 42.10 -0.43
CA PHE E 211 4.85 41.49 -1.77
C PHE E 211 4.13 40.16 -1.79
N ALA E 212 3.52 39.84 -2.92
CA ALA E 212 2.92 38.53 -3.11
C ALA E 212 4.00 37.58 -3.58
N ALA E 213 3.93 36.32 -3.19
CA ALA E 213 4.92 35.36 -3.65
C ALA E 213 4.33 33.95 -3.62
N GLY E 214 4.77 33.14 -4.57
CA GLY E 214 4.46 31.71 -4.57
C GLY E 214 3.26 31.35 -5.43
N GLY E 215 3.51 30.73 -6.58
CA GLY E 215 2.44 30.22 -7.45
C GLY E 215 2.02 31.12 -8.59
N ILE E 216 2.64 32.27 -8.73
CA ILE E 216 2.31 33.20 -9.82
C ILE E 216 2.82 32.69 -11.18
N ALA E 217 1.89 32.47 -12.09
CA ALA E 217 2.17 31.74 -13.33
C ALA E 217 1.73 32.41 -14.63
N THR E 218 0.82 33.37 -14.52
CA THR E 218 0.39 34.17 -15.68
C THR E 218 0.33 35.65 -15.30
N PRO E 219 0.30 36.53 -16.30
CA PRO E 219 0.11 37.95 -16.02
C PRO E 219 -1.14 38.19 -15.20
N ALA E 220 -2.17 37.43 -15.52
CA ALA E 220 -3.42 37.55 -14.83
C ALA E 220 -3.19 37.34 -13.34
N ASP E 221 -2.51 36.26 -12.97
CA ASP E 221 -2.22 35.97 -11.56
C ASP E 221 -1.58 37.16 -10.87
N ALA E 222 -0.59 37.73 -11.54
CA ALA E 222 0.20 38.84 -10.98
C ALA E 222 -0.69 40.05 -10.69
N ALA E 223 -1.50 40.42 -11.67
CA ALA E 223 -2.31 41.61 -11.57
C ALA E 223 -3.31 41.44 -10.47
N MET E 224 -3.86 40.24 -10.38
CA MET E 224 -4.84 39.92 -9.33
C MET E 224 -4.29 40.23 -7.95
N CYS E 225 -3.06 39.79 -7.70
CA CYS E 225 -2.40 40.08 -6.42
C CYS E 225 -2.30 41.59 -6.19
N MET E 226 -1.95 42.31 -7.25
CA MET E 226 -1.83 43.77 -7.16
C MET E 226 -3.19 44.41 -6.90
N GLN E 227 -4.23 43.94 -7.59
CA GLN E 227 -5.60 44.48 -7.38
C GLN E 227 -6.11 44.24 -5.96
N LEU E 228 -5.52 43.25 -5.28
CA LEU E 228 -5.83 42.97 -3.87
C LEU E 228 -4.97 43.76 -2.88
N GLY E 229 -4.18 44.69 -3.38
CA GLY E 229 -3.50 45.67 -2.52
C GLY E 229 -2.05 45.38 -2.19
N MET E 230 -1.46 44.41 -2.86
CA MET E 230 -0.06 44.13 -2.67
C MET E 230 0.82 45.22 -3.27
N ASP E 231 2.03 45.35 -2.75
CA ASP E 231 3.02 46.32 -3.23
C ASP E 231 3.87 45.80 -4.38
N GLY E 232 3.78 44.50 -4.66
CA GLY E 232 4.61 43.89 -5.70
C GLY E 232 4.62 42.38 -5.67
N VAL E 233 5.55 41.80 -6.42
CA VAL E 233 5.47 40.40 -6.73
C VAL E 233 6.83 39.72 -6.85
N PHE E 234 6.99 38.54 -6.25
CA PHE E 234 8.10 37.62 -6.55
C PHE E 234 7.59 36.55 -7.50
N VAL E 235 8.35 36.26 -8.53
CA VAL E 235 8.04 35.17 -9.45
C VAL E 235 9.28 34.32 -9.66
N GLY E 236 9.07 33.01 -9.82
CA GLY E 236 10.16 32.08 -10.08
C GLY E 236 9.86 31.12 -11.21
N SER E 237 9.31 29.97 -10.86
CA SER E 237 9.12 28.89 -11.84
C SER E 237 8.14 29.26 -12.95
N GLY E 238 7.17 30.11 -12.64
CA GLY E 238 6.16 30.56 -13.61
C GLY E 238 6.72 31.19 -14.88
N ILE E 239 7.93 31.71 -14.75
CA ILE E 239 8.66 32.32 -15.87
C ILE E 239 9.53 31.30 -16.55
N PHE E 240 10.46 30.74 -15.79
CA PHE E 240 11.54 29.93 -16.37
C PHE E 240 11.14 28.49 -16.67
N GLU E 241 9.96 28.08 -16.20
CA GLU E 241 9.38 26.81 -16.63
C GLU E 241 8.28 26.99 -17.66
N SER E 242 8.04 28.22 -18.09
CA SER E 242 7.07 28.44 -19.14
C SER E 242 7.71 28.10 -20.50
N GLU E 243 6.91 28.15 -21.56
CA GLU E 243 7.38 27.87 -22.92
C GLU E 243 8.33 28.95 -23.44
N ASN E 244 8.08 30.20 -23.05
CA ASN E 244 8.82 31.37 -23.53
C ASN E 244 9.23 32.30 -22.39
N PRO E 245 10.22 31.92 -21.59
CA PRO E 245 10.57 32.70 -20.42
C PRO E 245 10.68 34.20 -20.67
N GLN E 246 11.34 34.59 -21.76
CA GLN E 246 11.59 36.02 -22.00
C GLN E 246 10.27 36.77 -22.15
N LYS E 247 9.39 36.26 -22.99
CA LYS E 247 8.13 36.93 -23.24
C LYS E 247 7.26 36.92 -21.99
N MET E 248 7.25 35.80 -21.29
CA MET E 248 6.48 35.70 -20.05
C MET E 248 7.01 36.69 -19.02
N ALA E 249 8.33 36.76 -18.89
CA ALA E 249 8.98 37.65 -17.90
C ALA E 249 8.58 39.10 -18.15
N SER E 250 8.53 39.48 -19.41
CA SER E 250 8.23 40.85 -19.77
C SER E 250 6.78 41.20 -19.55
N SER E 251 5.91 40.25 -19.88
CA SER E 251 4.47 40.45 -19.75
C SER E 251 4.06 40.56 -18.28
N ILE E 252 4.73 39.78 -17.43
CA ILE E 252 4.44 39.83 -15.98
C ILE E 252 4.80 41.21 -15.43
N VAL E 253 5.92 41.76 -15.88
CA VAL E 253 6.34 43.10 -15.45
C VAL E 253 5.36 44.17 -15.87
N MET E 254 4.94 44.08 -17.12
CA MET E 254 3.97 45.02 -17.70
C MET E 254 2.66 45.00 -16.97
N ALA E 255 2.22 43.80 -16.63
CA ALA E 255 0.97 43.59 -15.90
C ALA E 255 1.03 44.21 -14.51
N VAL E 256 2.13 43.97 -13.81
CA VAL E 256 2.32 44.54 -12.47
C VAL E 256 2.34 46.08 -12.52
N SER E 257 2.96 46.65 -13.55
CA SER E 257 2.99 48.10 -13.73
C SER E 257 1.68 48.68 -14.23
N ASN E 258 0.81 47.82 -14.74
CA ASN E 258 -0.46 48.25 -15.35
C ASN E 258 -1.65 47.40 -14.88
N PHE E 259 -1.65 47.04 -13.61
CA PHE E 259 -2.52 45.98 -13.09
C PHE E 259 -3.99 46.31 -13.11
N ASN E 260 -4.29 47.59 -13.26
CA ASN E 260 -5.68 48.11 -13.32
C ASN E 260 -6.21 48.36 -14.71
N ASN E 261 -5.42 48.04 -15.72
CA ASN E 261 -5.77 48.35 -17.13
C ASN E 261 -6.00 47.06 -17.93
N PRO E 262 -7.25 46.58 -17.95
CA PRO E 262 -7.66 45.35 -18.61
C PRO E 262 -7.18 45.23 -20.05
N LYS E 263 -7.14 46.35 -20.73
CA LYS E 263 -6.76 46.39 -22.15
C LYS E 263 -5.31 46.04 -22.36
N ILE E 264 -4.45 46.50 -21.44
CA ILE E 264 -3.02 46.12 -21.44
C ILE E 264 -2.83 44.66 -21.00
N LEU E 265 -3.59 44.26 -19.99
CA LEU E 265 -3.55 42.89 -19.47
C LEU E 265 -3.89 41.90 -20.57
N LEU E 266 -4.95 42.20 -21.32
CA LEU E 266 -5.32 41.41 -22.51
C LEU E 266 -4.15 41.36 -23.47
N ASN E 267 -3.69 42.56 -23.82
CA ASN E 267 -2.69 42.72 -24.87
C ASN E 267 -1.41 41.93 -24.60
N VAL E 268 -0.95 41.96 -23.35
CA VAL E 268 0.27 41.26 -22.96
C VAL E 268 0.07 39.77 -22.67
N SER E 269 -1.17 39.31 -22.78
CA SER E 269 -1.51 37.88 -22.59
C SER E 269 -1.70 37.12 -23.90
N LEU E 270 -1.91 37.85 -24.99
CA LEU E 270 -2.02 37.28 -26.35
C LEU E 270 -0.77 36.50 -26.74
N GLY E 271 -0.96 35.28 -27.26
CA GLY E 271 0.11 34.46 -27.83
C GLY E 271 1.32 34.29 -26.91
N LEU E 272 1.03 34.12 -25.63
CA LEU E 272 2.05 34.07 -24.59
C LEU E 272 2.80 32.75 -24.60
N GLY E 273 2.17 31.74 -25.16
CA GLY E 273 2.69 30.38 -25.08
C GLY E 273 2.11 29.63 -23.88
N LYS E 274 2.59 28.42 -23.65
CA LYS E 274 2.12 27.60 -22.54
C LYS E 274 2.70 28.10 -21.23
N ALA E 275 1.87 28.19 -20.19
CA ALA E 275 2.35 28.57 -18.85
C ALA E 275 2.97 27.34 -18.20
N MET E 276 3.58 27.50 -17.03
CA MET E 276 4.21 26.36 -16.37
C MET E 276 3.16 25.30 -16.08
N HIS E 277 3.52 24.07 -16.35
CA HIS E 277 2.64 22.93 -16.15
C HIS E 277 1.99 22.96 -14.77
N GLY E 278 2.83 23.03 -13.76
CA GLY E 278 2.37 23.16 -12.38
C GLY E 278 2.05 21.84 -11.72
N ASN E 279 1.53 21.93 -10.49
CA ASN E 279 1.14 20.74 -9.71
C ASN E 279 0.03 21.01 -8.68
N THR E 280 -1.09 20.31 -8.82
CA THR E 280 -2.24 20.46 -7.91
C THR E 280 -2.31 19.31 -6.90
N ALA E 281 -1.17 19.03 -6.28
CA ALA E 281 -1.07 17.99 -5.23
C ALA E 281 -0.68 18.63 -3.87
N ALA E 282 -1.72 19.11 -3.16
CA ALA E 282 -1.58 19.72 -1.81
C ALA E 282 -0.82 18.81 -0.85
N ASP F 1 -20.43 48.78 -18.73
CA ASP F 1 -20.04 47.83 -17.61
C ASP F 1 -21.22 47.47 -16.71
N TYR F 2 -20.90 47.19 -15.45
CA TYR F 2 -21.73 46.37 -14.56
C TYR F 2 -23.25 46.44 -14.69
N ALA F 3 -23.80 45.36 -14.17
CA ALA F 3 -25.20 45.05 -14.23
C ALA F 3 -25.99 45.72 -13.11
N ASP F 4 -27.13 45.11 -12.86
CA ASP F 4 -28.16 45.58 -11.92
C ASP F 4 -28.62 47.04 -12.12
N ASN F 5 -28.53 47.49 -13.37
CA ASN F 5 -29.45 48.48 -13.88
C ASN F 5 -30.36 47.49 -14.59
N ASP F 6 -30.77 47.78 -15.81
CA ASP F 6 -31.56 46.81 -16.56
C ASP F 6 -30.88 46.20 -17.79
N SER F 7 -29.60 46.50 -17.97
CA SER F 7 -28.67 45.60 -18.71
C SER F 7 -28.80 44.15 -18.22
N ILE F 8 -29.26 44.01 -17.00
CA ILE F 8 -29.59 42.69 -16.45
C ILE F 8 -30.74 42.08 -17.18
N LEU F 9 -31.84 42.81 -17.07
CA LEU F 9 -33.08 42.47 -17.71
C LEU F 9 -32.61 42.15 -19.14
N LEU F 10 -31.64 42.94 -19.57
CA LEU F 10 -30.78 42.68 -20.74
C LEU F 10 -29.96 41.35 -20.82
N LYS F 11 -29.21 41.00 -19.79
CA LYS F 11 -28.47 39.72 -19.73
C LYS F 11 -29.44 38.54 -19.75
N HIS F 12 -30.40 38.55 -18.84
CA HIS F 12 -31.46 37.53 -18.81
C HIS F 12 -32.04 37.37 -20.21
N GLY F 13 -32.45 38.49 -20.81
CA GLY F 13 -33.02 38.50 -22.16
C GLY F 13 -32.13 37.77 -23.15
N TRP F 14 -30.84 38.02 -23.05
CA TRP F 14 -29.89 37.40 -23.95
C TRP F 14 -29.80 35.90 -23.74
N CYS F 15 -29.86 35.48 -22.48
CA CYS F 15 -29.72 34.04 -22.13
C CYS F 15 -30.91 33.21 -22.57
N GLU F 16 -32.08 33.84 -22.61
CA GLU F 16 -33.33 33.15 -23.00
C GLU F 16 -33.21 32.60 -24.41
N MET F 17 -32.44 33.31 -25.23
CA MET F 17 -32.11 32.89 -26.60
C MET F 17 -31.54 31.46 -26.67
N LEU F 18 -30.93 31.02 -25.57
CA LEU F 18 -30.25 29.72 -25.55
C LEU F 18 -31.19 28.55 -25.28
N LYS F 19 -32.39 28.85 -24.77
CA LYS F 19 -33.35 27.78 -24.41
C LYS F 19 -33.51 26.83 -25.60
N GLY F 20 -33.56 25.54 -25.31
CA GLY F 20 -33.71 24.50 -26.34
C GLY F 20 -32.43 24.13 -27.05
N GLY F 21 -31.34 24.79 -26.66
CA GLY F 21 -30.06 24.65 -27.37
C GLY F 21 -29.08 23.64 -26.78
N VAL F 22 -28.08 23.32 -27.58
CA VAL F 22 -26.95 22.52 -27.15
C VAL F 22 -25.67 23.33 -27.31
N ILE F 23 -24.93 23.51 -26.23
CA ILE F 23 -23.59 24.09 -26.27
C ILE F 23 -22.51 23.01 -26.18
N MET F 24 -21.52 23.10 -27.05
CA MET F 24 -20.53 22.04 -27.22
C MET F 24 -19.14 22.49 -26.94
N ASP F 25 -18.39 21.63 -26.26
CA ASP F 25 -17.01 21.92 -25.87
C ASP F 25 -16.07 21.57 -27.01
N VAL F 26 -15.26 22.55 -27.42
CA VAL F 26 -14.33 22.36 -28.53
C VAL F 26 -12.91 22.75 -28.21
N LYS F 27 -11.98 21.97 -28.76
CA LYS F 27 -10.54 22.13 -28.54
C LYS F 27 -9.78 22.79 -29.71
N ASN F 28 -10.39 22.75 -30.88
CA ASN F 28 -9.78 23.30 -32.11
C ASN F 28 -10.83 23.73 -33.14
N VAL F 29 -10.38 24.31 -34.26
CA VAL F 29 -11.29 24.83 -35.29
C VAL F 29 -12.15 23.74 -35.96
N GLU F 30 -11.54 22.58 -36.14
CA GLU F 30 -12.18 21.43 -36.78
C GLU F 30 -13.37 21.02 -35.97
N GLN F 31 -13.18 21.02 -34.65
CA GLN F 31 -14.23 20.65 -33.69
C GLN F 31 -15.34 21.70 -33.67
N ALA F 32 -14.96 22.97 -33.64
CA ALA F 32 -15.92 24.09 -33.74
C ALA F 32 -16.81 23.96 -34.96
N LYS F 33 -16.21 23.60 -36.10
CA LYS F 33 -16.95 23.51 -37.37
C LYS F 33 -17.98 22.39 -37.32
N ILE F 34 -17.53 21.23 -36.89
CA ILE F 34 -18.41 20.09 -36.61
C ILE F 34 -19.58 20.48 -35.73
N ALA F 35 -19.29 21.27 -34.70
CA ALA F 35 -20.33 21.73 -33.76
C ALA F 35 -21.34 22.67 -34.42
N GLU F 36 -20.83 23.62 -35.19
CA GLU F 36 -21.68 24.56 -35.93
C GLU F 36 -22.57 23.80 -36.91
N LYS F 37 -21.94 22.86 -37.61
CA LYS F 37 -22.60 22.00 -38.60
C LYS F 37 -23.75 21.19 -38.03
N ALA F 38 -23.60 20.77 -36.80
CA ALA F 38 -24.55 19.89 -36.13
C ALA F 38 -25.78 20.62 -35.57
N GLY F 39 -25.70 21.94 -35.48
CA GLY F 39 -26.83 22.76 -35.00
C GLY F 39 -26.68 23.37 -33.63
N ALA F 40 -25.45 23.32 -33.13
CA ALA F 40 -25.11 23.87 -31.82
C ALA F 40 -25.33 25.37 -31.79
N ILE F 41 -25.98 25.85 -30.74
CA ILE F 41 -26.20 27.29 -30.58
C ILE F 41 -24.96 27.99 -30.07
N GLY F 42 -23.94 27.22 -29.73
CA GLY F 42 -22.74 27.81 -29.17
C GLY F 42 -21.66 26.78 -28.95
N VAL F 43 -20.42 27.25 -28.92
CA VAL F 43 -19.29 26.41 -28.49
C VAL F 43 -18.56 27.02 -27.31
N MET F 44 -18.01 26.14 -26.50
CA MET F 44 -17.28 26.49 -25.28
C MET F 44 -15.86 26.04 -25.52
N ILE F 45 -14.92 26.98 -25.50
CA ILE F 45 -13.54 26.68 -25.90
C ILE F 45 -12.69 26.14 -24.76
N LEU F 46 -12.05 25.01 -25.02
CA LEU F 46 -11.23 24.30 -24.02
C LEU F 46 -9.77 24.30 -24.40
N GLU F 47 -8.92 24.17 -23.40
CA GLU F 47 -7.50 23.94 -23.62
C GLU F 47 -7.26 22.64 -24.40
N ASN F 48 -6.41 22.74 -25.42
CA ASN F 48 -6.03 21.61 -26.27
C ASN F 48 -4.84 20.86 -25.66
N ILE F 49 -5.14 19.74 -25.01
CA ILE F 49 -4.08 18.88 -24.43
C ILE F 49 -4.04 17.50 -25.08
N PRO F 50 -2.82 16.96 -25.25
CA PRO F 50 -2.65 15.56 -25.64
C PRO F 50 -2.97 14.62 -24.46
N SER F 51 -3.15 13.34 -24.78
CA SER F 51 -3.48 12.30 -23.77
C SER F 51 -2.37 12.08 -22.73
N GLU F 52 -1.10 12.18 -23.17
CA GLU F 52 0.06 12.01 -22.27
C GLU F 52 0.13 13.04 -21.14
N LEU F 53 -0.19 14.29 -21.48
CA LEU F 53 -0.31 15.38 -20.50
C LEU F 53 -1.48 15.12 -19.52
N ARG F 54 -2.58 14.59 -20.04
CA ARG F 54 -3.76 14.21 -19.24
C ARG F 54 -3.49 13.44 -17.93
N ASN F 55 -2.53 12.53 -17.97
CA ASN F 55 -2.09 11.79 -16.77
C ASN F 55 -1.71 12.72 -15.61
N THR F 56 -0.87 13.70 -15.92
CA THR F 56 -0.33 14.62 -14.93
C THR F 56 -1.50 15.42 -14.30
N ASP F 57 -1.19 16.30 -13.36
CA ASP F 57 -2.22 17.04 -12.64
C ASP F 57 -2.12 18.54 -12.83
N GLY F 58 -1.52 18.92 -13.96
CA GLY F 58 -1.31 20.31 -14.30
C GLY F 58 -2.45 21.24 -13.92
N VAL F 59 -2.09 22.46 -13.59
CA VAL F 59 -3.04 23.46 -13.20
C VAL F 59 -3.79 23.84 -14.45
N ALA F 60 -5.10 23.74 -14.40
CA ALA F 60 -5.98 24.09 -15.53
C ALA F 60 -6.44 25.53 -15.43
N ARG F 61 -6.03 26.36 -16.38
CA ARG F 61 -6.33 27.80 -16.35
C ARG F 61 -7.21 28.17 -17.51
N SER F 62 -7.63 29.44 -17.55
CA SER F 62 -8.37 29.96 -18.70
C SER F 62 -7.48 29.91 -19.94
N VAL F 63 -8.11 29.72 -21.10
CA VAL F 63 -7.37 29.58 -22.36
C VAL F 63 -6.76 30.90 -22.82
N ASP F 64 -5.67 30.78 -23.58
CA ASP F 64 -5.04 31.92 -24.29
C ASP F 64 -6.02 32.64 -25.21
N PRO F 65 -6.26 33.95 -24.99
CA PRO F 65 -7.24 34.68 -25.78
C PRO F 65 -7.09 34.52 -27.29
N LEU F 66 -5.86 34.38 -27.74
CA LEU F 66 -5.54 34.26 -29.17
C LEU F 66 -6.20 33.02 -29.78
N LYS F 67 -6.20 31.96 -29.00
CA LYS F 67 -6.80 30.70 -29.42
C LYS F 67 -8.33 30.83 -29.52
N ILE F 68 -8.89 31.68 -28.68
CA ILE F 68 -10.33 32.00 -28.75
C ILE F 68 -10.64 32.81 -30.00
N GLU F 69 -9.85 33.86 -30.20
CA GLU F 69 -9.98 34.73 -31.40
C GLU F 69 -9.86 33.91 -32.69
N GLU F 70 -8.94 32.95 -32.70
CA GLU F 70 -8.70 32.10 -33.88
C GLU F 70 -9.89 31.24 -34.24
N ILE F 71 -10.58 30.75 -33.23
CA ILE F 71 -11.72 29.84 -33.43
C ILE F 71 -12.97 30.63 -33.78
N ARG F 72 -13.13 31.76 -33.10
CA ARG F 72 -14.30 32.62 -33.27
C ARG F 72 -14.46 33.20 -34.69
N LYS F 73 -13.35 33.47 -35.37
CA LYS F 73 -13.43 34.05 -36.71
C LYS F 73 -13.67 33.01 -37.81
N CYS F 74 -13.74 31.74 -37.46
CA CYS F 74 -14.06 30.66 -38.42
C CYS F 74 -15.47 30.08 -38.21
N ILE F 75 -16.24 30.70 -37.31
CA ILE F 75 -17.65 30.34 -37.06
C ILE F 75 -18.50 31.58 -36.74
N SER F 76 -19.81 31.40 -36.76
CA SER F 76 -20.74 32.51 -36.49
C SER F 76 -21.72 32.24 -35.37
N ILE F 77 -21.61 31.08 -34.74
CA ILE F 77 -22.44 30.75 -33.58
C ILE F 77 -21.79 31.32 -32.33
N ASN F 78 -22.48 31.22 -31.20
CA ASN F 78 -21.99 31.82 -29.94
C ASN F 78 -20.67 31.24 -29.45
N VAL F 79 -19.87 32.07 -28.80
CA VAL F 79 -18.57 31.66 -28.28
C VAL F 79 -18.43 31.93 -26.78
N LEU F 80 -18.23 30.85 -26.03
CA LEU F 80 -18.07 30.89 -24.56
C LEU F 80 -16.69 30.42 -24.11
N ALA F 81 -16.24 30.91 -22.96
CA ALA F 81 -14.94 30.52 -22.40
C ALA F 81 -15.01 30.33 -20.90
N LYS F 82 -14.02 29.61 -20.36
CA LYS F 82 -13.96 29.26 -18.93
C LYS F 82 -12.97 30.09 -18.15
N VAL F 83 -13.33 30.45 -16.92
CA VAL F 83 -12.38 31.00 -15.97
C VAL F 83 -12.39 30.26 -14.66
N ARG F 84 -11.29 30.37 -13.94
CA ARG F 84 -11.14 29.72 -12.65
C ARG F 84 -12.02 30.38 -11.59
N ILE F 85 -12.51 29.56 -10.68
CA ILE F 85 -13.38 30.03 -9.63
C ILE F 85 -12.68 31.10 -8.82
N GLY F 86 -13.29 32.26 -8.73
CA GLY F 86 -12.76 33.36 -7.94
C GLY F 86 -11.67 34.14 -8.62
N HIS F 87 -11.36 33.78 -9.86
CA HIS F 87 -10.30 34.47 -10.61
C HIS F 87 -10.87 35.61 -11.44
N PHE F 88 -11.08 36.73 -10.78
CA PHE F 88 -11.74 37.87 -11.41
C PHE F 88 -10.91 38.59 -12.45
N VAL F 89 -9.60 38.36 -12.44
CA VAL F 89 -8.72 38.99 -13.44
C VAL F 89 -8.73 38.23 -14.76
N GLU F 90 -8.83 36.91 -14.71
CA GLU F 90 -9.06 36.12 -15.93
C GLU F 90 -10.37 36.54 -16.60
N ALA F 91 -11.36 36.87 -15.79
CA ALA F 91 -12.67 37.33 -16.24
C ALA F 91 -12.57 38.71 -16.88
N GLN F 92 -11.85 39.61 -16.22
CA GLN F 92 -11.63 40.98 -16.74
C GLN F 92 -11.01 40.97 -18.14
N ILE F 93 -10.08 40.05 -18.33
CA ILE F 93 -9.34 39.89 -19.58
C ILE F 93 -10.26 39.42 -20.69
N LEU F 94 -11.07 38.40 -20.41
CA LEU F 94 -11.99 37.87 -21.41
C LEU F 94 -13.16 38.81 -21.68
N GLU F 95 -13.52 39.60 -20.67
CA GLU F 95 -14.56 40.63 -20.84
C GLU F 95 -14.11 41.57 -21.93
N GLU F 96 -12.87 42.02 -21.82
CA GLU F 96 -12.29 42.94 -22.80
C GLU F 96 -12.17 42.34 -24.18
N LEU F 97 -12.09 41.02 -24.23
CA LEU F 97 -12.06 40.28 -25.51
C LEU F 97 -13.46 40.09 -26.16
N LYS F 98 -14.52 40.50 -25.49
CA LYS F 98 -15.90 40.50 -26.07
C LYS F 98 -16.47 39.12 -26.35
N VAL F 99 -16.06 38.17 -25.54
CA VAL F 99 -16.67 36.84 -25.51
C VAL F 99 -18.17 36.93 -25.16
N ASP F 100 -18.95 35.95 -25.60
CA ASP F 100 -20.41 36.01 -25.44
C ASP F 100 -20.89 35.65 -24.04
N MET F 101 -20.23 34.68 -23.40
CA MET F 101 -20.58 34.25 -22.05
C MET F 101 -19.35 33.62 -21.39
N LEU F 102 -19.24 33.79 -20.07
CA LEU F 102 -18.20 33.16 -19.29
C LEU F 102 -18.75 32.08 -18.39
N ASP F 103 -17.99 31.00 -18.24
CA ASP F 103 -18.32 29.93 -17.30
C ASP F 103 -17.30 29.92 -16.18
N GLU F 104 -17.72 30.35 -14.99
CA GLU F 104 -16.90 30.24 -13.79
C GLU F 104 -16.96 28.78 -13.36
N SER F 105 -15.92 28.04 -13.69
CA SER F 105 -16.01 26.60 -13.73
C SER F 105 -15.20 25.92 -12.66
N GLU F 106 -15.79 24.88 -12.09
CA GLU F 106 -15.16 23.98 -11.10
C GLU F 106 -14.26 22.92 -11.74
N VAL F 107 -14.36 22.80 -13.06
CA VAL F 107 -13.52 21.88 -13.83
C VAL F 107 -12.11 22.42 -13.98
N LEU F 108 -11.96 23.74 -13.89
CA LEU F 108 -10.65 24.37 -13.83
C LEU F 108 -10.22 24.42 -12.37
N THR F 109 -8.93 24.65 -12.15
CA THR F 109 -8.37 24.69 -10.80
C THR F 109 -8.78 25.94 -10.06
N MET F 110 -9.40 25.77 -8.89
CA MET F 110 -9.86 26.91 -8.07
C MET F 110 -8.73 27.93 -7.87
N ALA F 111 -9.07 29.21 -7.97
CA ALA F 111 -8.12 30.30 -7.71
C ALA F 111 -8.33 30.89 -6.34
N ASP F 112 -9.54 30.74 -5.81
CA ASP F 112 -9.88 31.26 -4.48
C ASP F 112 -10.85 30.26 -3.80
N GLU F 113 -10.40 29.71 -2.69
CA GLU F 113 -11.12 28.60 -2.06
C GLU F 113 -12.33 29.07 -1.24
N TYR F 114 -12.45 30.37 -0.99
CA TYR F 114 -13.58 30.90 -0.21
C TYR F 114 -14.59 31.72 -1.02
N ASN F 115 -14.09 32.52 -1.95
CA ASN F 115 -14.90 33.51 -2.68
C ASN F 115 -15.01 33.22 -4.16
N HIS F 116 -16.24 33.28 -4.69
CA HIS F 116 -16.47 33.28 -6.14
C HIS F 116 -16.31 34.71 -6.70
N ILE F 117 -16.24 34.81 -8.03
CA ILE F 117 -16.15 36.12 -8.69
C ILE F 117 -17.41 36.90 -8.38
N ASN F 118 -17.25 38.20 -8.12
CA ASN F 118 -18.41 39.09 -8.03
C ASN F 118 -18.84 39.41 -9.45
N LYS F 119 -19.87 38.72 -9.93
CA LYS F 119 -20.22 38.71 -11.36
C LYS F 119 -21.07 39.88 -11.84
N HIS F 120 -21.57 40.69 -10.91
CA HIS F 120 -22.33 41.91 -11.24
C HIS F 120 -21.44 42.93 -11.90
N LYS F 121 -20.15 42.86 -11.58
CA LYS F 121 -19.14 43.81 -12.08
C LYS F 121 -18.80 43.65 -13.55
N PHE F 122 -19.52 42.77 -14.24
CA PHE F 122 -19.25 42.47 -15.65
C PHE F 122 -20.49 42.63 -16.49
N LYS F 123 -20.28 43.03 -17.73
CA LYS F 123 -21.38 43.10 -18.69
C LYS F 123 -21.59 41.78 -19.41
N THR F 124 -20.56 40.96 -19.44
CA THR F 124 -20.67 39.61 -19.98
C THR F 124 -21.43 38.74 -19.00
N PRO F 125 -22.42 38.01 -19.48
CA PRO F 125 -23.15 37.17 -18.55
C PRO F 125 -22.32 35.95 -18.13
N PHE F 126 -22.54 35.51 -16.90
CA PHE F 126 -21.92 34.27 -16.40
C PHE F 126 -22.89 33.09 -16.29
N VAL F 127 -22.36 31.92 -16.58
CA VAL F 127 -22.96 30.66 -16.17
C VAL F 127 -22.14 30.08 -15.01
N CYS F 128 -22.83 29.47 -14.05
CA CYS F 128 -22.19 28.75 -12.92
C CYS F 128 -22.83 27.39 -12.68
N GLY F 129 -22.08 26.58 -11.95
CA GLY F 129 -22.46 25.20 -11.64
C GLY F 129 -23.09 25.03 -10.27
N CYS F 130 -23.92 24.01 -10.15
CA CYS F 130 -24.58 23.71 -8.90
C CYS F 130 -24.95 22.25 -8.81
N THR F 131 -25.14 21.79 -7.58
CA THR F 131 -25.65 20.46 -7.30
C THR F 131 -26.93 20.50 -6.46
N ASN F 132 -27.36 21.69 -6.10
CA ASN F 132 -28.53 21.88 -5.25
C ASN F 132 -29.01 23.33 -5.24
N LEU F 133 -30.21 23.56 -4.72
CA LEU F 133 -30.89 24.86 -4.87
C LEU F 133 -30.18 26.01 -4.17
N GLY F 134 -29.73 25.78 -2.95
CA GLY F 134 -29.02 26.82 -2.19
C GLY F 134 -27.86 27.32 -3.01
N GLU F 135 -26.99 26.39 -3.34
CA GLU F 135 -25.80 26.66 -4.16
C GLU F 135 -26.17 27.45 -5.41
N ALA F 136 -27.21 27.01 -6.11
CA ALA F 136 -27.67 27.70 -7.31
C ALA F 136 -28.04 29.14 -7.01
N LEU F 137 -28.79 29.34 -5.93
CA LEU F 137 -29.27 30.67 -5.58
C LEU F 137 -28.16 31.59 -5.10
N ARG F 138 -27.15 31.03 -4.46
CA ARG F 138 -25.98 31.80 -4.04
C ARG F 138 -25.18 32.29 -5.25
N ARG F 139 -25.09 31.46 -6.28
CA ARG F 139 -24.44 31.85 -7.51
C ARG F 139 -25.24 32.98 -8.18
N ILE F 140 -26.55 32.83 -8.27
CA ILE F 140 -27.38 33.89 -8.84
C ILE F 140 -27.29 35.17 -8.02
N SER F 141 -27.19 35.00 -6.71
CA SER F 141 -27.03 36.14 -5.78
C SER F 141 -25.77 36.91 -6.12
N GLU F 142 -24.71 36.17 -6.41
CA GLU F 142 -23.40 36.73 -6.80
C GLU F 142 -23.38 37.31 -8.21
N GLY F 143 -24.42 37.06 -9.00
CA GLY F 143 -24.57 37.69 -10.31
C GLY F 143 -24.63 36.79 -11.52
N ALA F 144 -24.64 35.48 -11.30
CA ALA F 144 -24.77 34.55 -12.42
C ALA F 144 -26.06 34.85 -13.16
N SER F 145 -26.02 34.73 -14.48
CA SER F 145 -27.20 34.92 -15.32
C SER F 145 -27.79 33.60 -15.80
N MET F 146 -27.04 32.53 -15.58
CA MET F 146 -27.43 31.21 -16.04
C MET F 146 -26.82 30.17 -15.08
N ILE F 147 -27.47 29.02 -14.97
CA ILE F 147 -26.99 27.94 -14.11
C ILE F 147 -26.95 26.64 -14.87
N ARG F 148 -25.98 25.80 -14.53
CA ARG F 148 -25.96 24.41 -14.99
C ARG F 148 -25.72 23.48 -13.83
N THR F 149 -26.14 22.23 -13.99
CA THR F 149 -25.76 21.19 -13.04
C THR F 149 -24.27 20.93 -13.20
N LYS F 150 -23.65 20.41 -12.15
CA LYS F 150 -22.23 20.04 -12.23
C LYS F 150 -22.07 18.71 -12.92
N GLY F 151 -23.00 17.79 -12.62
CA GLY F 151 -22.90 16.40 -13.04
C GLY F 151 -21.54 15.84 -12.67
N GLU F 152 -21.04 14.94 -13.51
CA GLU F 152 -19.69 14.37 -13.33
C GLU F 152 -18.92 14.57 -14.62
N ALA F 153 -18.11 15.63 -14.66
CA ALA F 153 -17.44 16.03 -15.91
C ALA F 153 -16.47 14.98 -16.45
N GLY F 154 -16.65 14.61 -17.72
CA GLY F 154 -15.71 13.75 -18.44
C GLY F 154 -15.83 12.24 -18.26
N THR F 155 -16.78 11.80 -17.44
CA THR F 155 -16.92 10.36 -17.14
C THR F 155 -17.82 9.59 -18.10
N GLY F 156 -18.67 10.32 -18.83
CA GLY F 156 -19.66 9.68 -19.71
C GLY F 156 -20.79 8.97 -18.97
N ASN F 157 -20.88 9.26 -17.68
CA ASN F 157 -21.87 8.66 -16.81
C ASN F 157 -22.86 9.71 -16.37
N ILE F 158 -24.13 9.46 -16.66
CA ILE F 158 -25.17 10.47 -16.50
C ILE F 158 -25.66 10.61 -15.05
N ILE F 159 -25.30 9.63 -14.22
CA ILE F 159 -25.97 9.44 -12.91
C ILE F 159 -25.95 10.66 -12.00
N GLU F 160 -24.82 11.32 -11.92
CA GLU F 160 -24.71 12.49 -11.02
C GLU F 160 -25.55 13.66 -11.54
N ALA F 161 -25.51 13.87 -12.85
CA ALA F 161 -26.34 14.89 -13.49
C ALA F 161 -27.81 14.73 -13.12
N ILE F 162 -28.28 13.52 -13.26
CA ILE F 162 -29.68 13.21 -12.94
C ILE F 162 -29.97 13.59 -11.48
N LYS F 163 -29.13 13.13 -10.56
CA LYS F 163 -29.33 13.42 -9.14
C LYS F 163 -29.45 14.91 -8.89
N HIS F 164 -28.51 15.66 -9.44
CA HIS F 164 -28.50 17.12 -9.26
C HIS F 164 -29.76 17.76 -9.82
N ILE F 165 -30.23 17.24 -10.94
CA ILE F 165 -31.43 17.78 -11.57
C ILE F 165 -32.62 17.58 -10.65
N ARG F 166 -32.74 16.37 -10.13
CA ARG F 166 -33.88 16.02 -9.29
C ARG F 166 -33.85 16.75 -7.94
N THR F 167 -32.64 16.93 -7.40
CA THR F 167 -32.49 17.61 -6.13
C THR F 167 -33.02 19.03 -6.23
N VAL F 168 -32.55 19.76 -7.22
CA VAL F 168 -33.02 21.12 -7.47
C VAL F 168 -34.53 21.14 -7.76
N ASN F 169 -34.98 20.24 -8.61
CA ASN F 169 -36.40 20.19 -9.01
C ASN F 169 -37.33 20.07 -7.83
N ASN F 170 -36.96 19.19 -6.90
CA ASN F 170 -37.77 18.94 -5.71
C ASN F 170 -37.82 20.14 -4.75
N GLU F 171 -36.64 20.58 -4.35
CA GLU F 171 -36.52 21.70 -3.43
C GLU F 171 -37.37 22.87 -3.97
N ILE F 172 -37.33 23.09 -5.28
CA ILE F 172 -38.13 24.16 -5.91
C ILE F 172 -39.65 23.99 -5.79
N LYS F 173 -40.17 22.79 -6.06
CA LYS F 173 -41.63 22.57 -6.04
C LYS F 173 -42.09 22.56 -4.60
N TYR F 174 -41.23 22.04 -3.74
CA TYR F 174 -41.46 22.03 -2.29
C TYR F 174 -41.51 23.44 -1.71
N LEU F 175 -40.43 24.19 -1.91
CA LEU F 175 -40.39 25.59 -1.50
C LEU F 175 -41.69 26.28 -1.88
N CYS F 176 -42.13 26.04 -3.11
CA CYS F 176 -43.40 26.59 -3.65
C CYS F 176 -44.68 26.20 -2.85
N SER F 177 -44.58 25.12 -2.07
CA SER F 177 -45.68 24.63 -1.24
C SER F 177 -45.80 25.31 0.13
N LEU F 178 -44.66 25.54 0.79
CA LEU F 178 -44.58 25.98 2.21
C LEU F 178 -45.43 27.20 2.51
N ASP F 179 -45.78 27.43 3.77
CA ASP F 179 -46.49 28.69 4.08
C ASP F 179 -45.51 29.84 4.32
N GLU F 180 -46.04 31.06 4.21
CA GLU F 180 -45.24 32.30 4.35
C GLU F 180 -44.38 32.37 5.60
N SER F 181 -44.80 31.72 6.66
CA SER F 181 -44.05 31.70 7.91
C SER F 181 -42.82 30.79 7.78
N GLU F 182 -43.02 29.63 7.18
CA GLU F 182 -41.99 28.56 7.12
C GLU F 182 -40.84 28.88 6.19
N VAL F 183 -41.04 29.81 5.26
CA VAL F 183 -40.03 30.11 4.25
C VAL F 183 -38.73 30.64 4.83
N TYR F 184 -38.80 31.27 6.00
CA TYR F 184 -37.62 31.88 6.60
C TYR F 184 -36.58 30.85 7.08
N ASN F 185 -37.04 29.88 7.86
CA ASN F 185 -36.16 28.83 8.41
C ASN F 185 -35.59 27.98 7.29
N PHE F 186 -36.36 27.84 6.24
CA PHE F 186 -35.93 27.10 5.07
C PHE F 186 -34.80 27.84 4.36
N ALA F 187 -34.91 29.16 4.30
CA ALA F 187 -33.88 30.02 3.70
C ALA F 187 -32.57 29.84 4.43
N LYS F 188 -32.63 29.87 5.75
CA LYS F 188 -31.50 29.60 6.62
C LYS F 188 -30.93 28.19 6.42
N LYS F 189 -31.78 27.20 6.17
CA LYS F 189 -31.30 25.82 5.91
C LYS F 189 -30.57 25.69 4.57
N LEU F 190 -31.10 26.31 3.51
CA LEU F 190 -30.42 26.35 2.19
C LEU F 190 -29.20 27.30 2.15
N ARG F 191 -29.00 28.05 3.23
CA ARG F 191 -28.04 29.15 3.30
C ARG F 191 -28.10 30.00 2.03
N ALA F 192 -29.31 30.46 1.74
CA ALA F 192 -29.60 31.25 0.54
C ALA F 192 -30.41 32.51 0.89
N PRO F 193 -30.39 33.51 0.00
CA PRO F 193 -31.09 34.77 0.27
C PRO F 193 -32.61 34.67 0.16
N ILE F 194 -33.29 35.16 1.19
CA ILE F 194 -34.76 35.10 1.26
C ILE F 194 -35.43 35.72 0.02
N ASP F 195 -34.85 36.82 -0.47
CA ASP F 195 -35.38 37.52 -1.66
C ASP F 195 -35.51 36.59 -2.89
N LEU F 196 -34.44 35.88 -3.20
CA LEU F 196 -34.42 34.97 -4.34
C LEU F 196 -35.24 33.72 -4.10
N ILE F 197 -35.36 33.31 -2.84
CA ILE F 197 -36.25 32.20 -2.49
C ILE F 197 -37.69 32.59 -2.74
N LEU F 198 -38.07 33.80 -2.32
CA LEU F 198 -39.43 34.31 -2.58
C LEU F 198 -39.69 34.46 -4.09
N LEU F 199 -38.67 34.82 -4.83
CA LEU F 199 -38.80 35.02 -6.29
C LEU F 199 -38.94 33.69 -7.02
N THR F 200 -38.24 32.68 -6.54
CA THR F 200 -38.37 31.31 -7.05
C THR F 200 -39.79 30.79 -6.81
N ARG F 201 -40.29 31.14 -5.65
CA ARG F 201 -41.65 30.82 -5.20
C ARG F 201 -42.70 31.43 -6.13
N LYS F 202 -42.50 32.71 -6.46
CA LYS F 202 -43.43 33.45 -7.31
C LYS F 202 -43.36 33.01 -8.78
N LEU F 203 -42.18 32.61 -9.24
CA LEU F 203 -41.98 32.18 -10.65
C LEU F 203 -42.30 30.72 -10.88
N LYS F 204 -42.38 29.97 -9.79
CA LYS F 204 -42.65 28.51 -9.81
C LYS F 204 -41.52 27.68 -10.43
N ARG F 205 -40.36 28.31 -10.58
CA ARG F 205 -39.16 27.66 -11.14
C ARG F 205 -37.87 28.43 -10.82
N LEU F 206 -36.74 27.92 -11.32
CA LEU F 206 -35.48 28.62 -11.15
C LEU F 206 -35.51 29.97 -11.90
N PRO F 207 -35.09 31.07 -11.24
CA PRO F 207 -35.22 32.41 -11.83
C PRO F 207 -34.31 32.73 -13.00
N VAL F 208 -33.50 31.78 -13.43
CA VAL F 208 -32.63 31.95 -14.61
C VAL F 208 -32.60 30.70 -15.45
N VAL F 209 -32.09 30.82 -16.66
CA VAL F 209 -31.94 29.66 -17.55
C VAL F 209 -31.09 28.59 -16.90
N ASN F 210 -31.47 27.33 -17.10
CA ASN F 210 -30.92 26.20 -16.35
C ASN F 210 -30.62 25.01 -17.24
N PHE F 211 -29.34 24.76 -17.46
CA PHE F 211 -28.87 23.69 -18.37
C PHE F 211 -28.29 22.50 -17.64
N ALA F 212 -28.43 21.33 -18.25
CA ALA F 212 -27.80 20.11 -17.73
C ALA F 212 -26.39 20.03 -18.26
N ALA F 213 -25.48 19.51 -17.47
CA ALA F 213 -24.08 19.40 -17.91
C ALA F 213 -23.36 18.31 -17.17
N GLY F 214 -22.47 17.64 -17.87
CA GLY F 214 -21.61 16.65 -17.25
C GLY F 214 -22.12 15.24 -17.37
N GLY F 215 -21.46 14.45 -18.22
CA GLY F 215 -21.75 13.02 -18.37
C GLY F 215 -22.67 12.62 -19.52
N ILE F 216 -23.16 13.60 -20.27
CA ILE F 216 -24.05 13.32 -21.39
C ILE F 216 -23.32 12.67 -22.56
N ALA F 217 -23.73 11.45 -22.90
CA ALA F 217 -22.98 10.57 -23.83
C ALA F 217 -23.77 9.97 -24.99
N THR F 218 -25.10 9.96 -24.88
CA THR F 218 -25.99 9.52 -25.96
C THR F 218 -27.13 10.51 -26.15
N PRO F 219 -27.85 10.41 -27.28
CA PRO F 219 -29.06 11.19 -27.44
C PRO F 219 -30.06 10.92 -26.33
N ALA F 220 -30.13 9.66 -25.92
CA ALA F 220 -31.03 9.25 -24.86
C ALA F 220 -30.75 10.05 -23.57
N ASP F 221 -29.48 10.13 -23.18
CA ASP F 221 -29.07 10.93 -22.02
C ASP F 221 -29.56 12.36 -22.09
N ALA F 222 -29.39 12.96 -23.26
CA ALA F 222 -29.73 14.37 -23.49
C ALA F 222 -31.23 14.60 -23.32
N ALA F 223 -32.03 13.76 -23.96
CA ALA F 223 -33.46 13.91 -23.96
C ALA F 223 -33.97 13.72 -22.54
N MET F 224 -33.42 12.75 -21.83
CA MET F 224 -33.82 12.48 -20.44
C MET F 224 -33.72 13.76 -19.57
N CYS F 225 -32.61 14.46 -19.70
CA CYS F 225 -32.42 15.72 -18.99
C CYS F 225 -33.48 16.74 -19.37
N MET F 226 -33.82 16.80 -20.65
CA MET F 226 -34.87 17.70 -21.10
C MET F 226 -36.25 17.30 -20.56
N GLN F 227 -36.55 16.00 -20.57
CA GLN F 227 -37.83 15.51 -20.04
C GLN F 227 -37.97 15.78 -18.55
N LEU F 228 -36.85 15.97 -17.86
CA LEU F 228 -36.87 16.36 -16.43
C LEU F 228 -36.93 17.87 -16.20
N GLY F 229 -37.14 18.63 -17.27
CA GLY F 229 -37.46 20.06 -17.15
C GLY F 229 -36.32 21.04 -17.34
N MET F 230 -35.19 20.55 -17.83
CA MET F 230 -34.04 21.41 -18.11
C MET F 230 -34.29 22.25 -19.36
N ASP F 231 -33.62 23.40 -19.43
CA ASP F 231 -33.75 24.32 -20.56
C ASP F 231 -32.82 23.98 -21.71
N GLY F 232 -31.87 23.09 -21.47
CA GLY F 232 -30.87 22.76 -22.48
C GLY F 232 -29.70 21.97 -21.94
N VAL F 233 -28.65 21.87 -22.74
CA VAL F 233 -27.61 20.88 -22.50
C VAL F 233 -26.22 21.33 -22.94
N PHE F 234 -25.22 21.14 -22.06
CA PHE F 234 -23.79 21.20 -22.41
C PHE F 234 -23.28 19.80 -22.64
N VAL F 235 -22.56 19.61 -23.74
CA VAL F 235 -21.92 18.32 -24.03
C VAL F 235 -20.49 18.55 -24.42
N GLY F 236 -19.61 17.64 -24.00
CA GLY F 236 -18.17 17.72 -24.33
C GLY F 236 -17.59 16.41 -24.86
N SER F 237 -17.07 15.61 -23.95
CA SER F 237 -16.37 14.39 -24.34
C SER F 237 -17.28 13.36 -25.02
N GLY F 238 -18.55 13.31 -24.62
CA GLY F 238 -19.55 12.40 -25.22
C GLY F 238 -19.67 12.48 -26.74
N ILE F 239 -19.28 13.62 -27.29
CA ILE F 239 -19.28 13.83 -28.73
C ILE F 239 -17.92 13.48 -29.30
N PHE F 240 -16.90 14.18 -28.83
CA PHE F 240 -15.58 14.15 -29.47
C PHE F 240 -14.73 12.95 -29.10
N GLU F 241 -15.18 12.19 -28.09
CA GLU F 241 -14.56 10.91 -27.79
C GLU F 241 -15.38 9.74 -28.30
N SER F 242 -16.48 10.02 -29.00
CA SER F 242 -17.27 8.96 -29.60
C SER F 242 -16.60 8.49 -30.88
N GLU F 243 -17.14 7.43 -31.47
CA GLU F 243 -16.60 6.86 -32.71
C GLU F 243 -16.80 7.82 -33.89
N ASN F 244 -17.94 8.52 -33.89
CA ASN F 244 -18.35 9.38 -35.01
C ASN F 244 -18.82 10.75 -34.53
N PRO F 245 -17.88 11.62 -34.14
CA PRO F 245 -18.29 12.89 -33.54
C PRO F 245 -19.36 13.65 -34.31
N GLN F 246 -19.23 13.72 -35.63
CA GLN F 246 -20.16 14.53 -36.40
C GLN F 246 -21.59 14.00 -36.27
N LYS F 247 -21.73 12.71 -36.46
CA LYS F 247 -23.05 12.10 -36.41
C LYS F 247 -23.60 12.20 -35.00
N MET F 248 -22.76 11.96 -34.00
CA MET F 248 -23.18 12.04 -32.59
C MET F 248 -23.60 13.48 -32.24
N ALA F 249 -22.84 14.45 -32.71
CA ALA F 249 -23.14 15.87 -32.45
C ALA F 249 -24.52 16.26 -32.98
N SER F 250 -24.83 15.78 -34.16
CA SER F 250 -26.07 16.13 -34.82
C SER F 250 -27.26 15.47 -34.17
N SER F 251 -27.09 14.21 -33.80
CA SER F 251 -28.18 13.44 -33.19
C SER F 251 -28.52 14.01 -31.83
N ILE F 252 -27.51 14.47 -31.09
CA ILE F 252 -27.74 15.06 -29.76
C ILE F 252 -28.54 16.35 -29.87
N VAL F 253 -28.26 17.14 -30.91
CA VAL F 253 -29.03 18.37 -31.17
C VAL F 253 -30.47 18.08 -31.52
N MET F 254 -30.66 17.09 -32.37
CA MET F 254 -31.99 16.65 -32.80
C MET F 254 -32.83 16.15 -31.65
N ALA F 255 -32.18 15.40 -30.79
CA ALA F 255 -32.82 14.85 -29.61
C ALA F 255 -33.28 15.97 -28.67
N VAL F 256 -32.41 16.94 -28.41
CA VAL F 256 -32.76 18.08 -27.55
C VAL F 256 -33.90 18.91 -28.13
N SER F 257 -33.93 19.07 -29.45
CA SER F 257 -35.03 19.76 -30.13
C SER F 257 -36.32 18.94 -30.23
N ASN F 258 -36.22 17.64 -30.01
CA ASN F 258 -37.34 16.73 -30.15
C ASN F 258 -37.44 15.73 -29.00
N PHE F 259 -37.19 16.21 -27.79
CA PHE F 259 -36.94 15.33 -26.65
C PHE F 259 -38.15 14.53 -26.19
N ASN F 260 -39.32 14.96 -26.65
CA ASN F 260 -40.59 14.30 -26.30
C ASN F 260 -41.10 13.35 -27.38
N ASN F 261 -40.35 13.16 -28.45
CA ASN F 261 -40.80 12.37 -29.60
C ASN F 261 -39.95 11.11 -29.75
N PRO F 262 -40.40 10.00 -29.14
CA PRO F 262 -39.70 8.72 -29.11
C PRO F 262 -39.31 8.20 -30.46
N LYS F 263 -40.13 8.50 -31.44
CA LYS F 263 -39.88 8.02 -32.80
C LYS F 263 -38.68 8.68 -33.44
N ILE F 264 -38.49 9.97 -33.15
CA ILE F 264 -37.29 10.70 -33.59
C ILE F 264 -36.05 10.27 -32.79
N LEU F 265 -36.24 10.11 -31.49
CA LEU F 265 -35.16 9.65 -30.61
C LEU F 265 -34.62 8.30 -31.07
N LEU F 266 -35.52 7.38 -31.40
CA LEU F 266 -35.14 6.09 -32.00
C LEU F 266 -34.37 6.32 -33.26
N ASN F 267 -34.98 7.08 -34.15
CA ASN F 267 -34.44 7.28 -35.49
C ASN F 267 -33.01 7.84 -35.49
N VAL F 268 -32.76 8.81 -34.63
CA VAL F 268 -31.43 9.44 -34.54
C VAL F 268 -30.42 8.64 -33.72
N SER F 269 -30.85 7.52 -33.15
CA SER F 269 -29.96 6.63 -32.35
C SER F 269 -29.48 5.41 -33.14
N LEU F 270 -30.17 5.10 -34.23
CA LEU F 270 -29.80 4.00 -35.13
C LEU F 270 -28.39 4.21 -35.68
N GLY F 271 -27.60 3.15 -35.66
CA GLY F 271 -26.28 3.12 -36.30
C GLY F 271 -25.41 4.30 -35.94
N LEU F 272 -25.46 4.69 -34.66
CA LEU F 272 -24.76 5.86 -34.15
C LEU F 272 -23.27 5.63 -34.01
N GLY F 273 -22.88 4.37 -33.88
CA GLY F 273 -21.51 4.01 -33.55
C GLY F 273 -21.34 3.85 -32.06
N LYS F 274 -20.09 3.65 -31.64
CA LYS F 274 -19.77 3.49 -30.22
C LYS F 274 -19.80 4.83 -29.51
N ALA F 275 -20.41 4.87 -28.32
CA ALA F 275 -20.41 6.09 -27.51
C ALA F 275 -19.08 6.17 -26.78
N MET F 276 -18.82 7.27 -26.09
CA MET F 276 -17.54 7.41 -25.36
C MET F 276 -17.41 6.28 -24.34
N HIS F 277 -16.22 5.71 -24.28
CA HIS F 277 -15.93 4.61 -23.38
C HIS F 277 -16.36 4.92 -21.97
N GLY F 278 -15.89 6.04 -21.45
CA GLY F 278 -16.30 6.55 -20.14
C GLY F 278 -15.52 5.97 -18.99
N ASN F 279 -15.92 6.33 -17.78
CA ASN F 279 -15.29 5.84 -16.53
C ASN F 279 -16.23 5.80 -15.32
N THR F 280 -16.42 4.61 -14.75
CA THR F 280 -17.27 4.40 -13.56
C THR F 280 -16.44 4.27 -12.28
N ALA F 281 -15.49 5.18 -12.11
CA ALA F 281 -14.63 5.25 -10.91
C ALA F 281 -14.93 6.57 -10.17
N ALA F 282 -15.94 6.51 -9.30
CA ALA F 282 -16.33 7.63 -8.39
C ALA F 282 -15.15 8.16 -7.54
N GLU G 1 50.71 47.75 33.44
CA GLU G 1 49.83 46.76 32.76
C GLU G 1 50.66 45.77 31.95
N ILE G 2 50.56 44.50 32.32
CA ILE G 2 51.20 43.41 31.58
C ILE G 2 50.13 42.59 30.85
N THR G 3 50.27 42.47 29.53
CA THR G 3 49.35 41.66 28.74
C THR G 3 50.05 40.42 28.23
N ILE G 4 49.54 39.25 28.64
CA ILE G 4 50.00 37.98 28.11
C ILE G 4 48.90 37.39 27.24
N GLY G 5 49.29 36.96 26.05
CA GLY G 5 48.34 36.35 25.13
C GLY G 5 48.45 34.84 25.16
N VAL G 6 47.34 34.19 24.86
CA VAL G 6 47.33 32.75 24.66
C VAL G 6 46.77 32.40 23.29
N LEU G 7 47.61 31.83 22.43
CA LEU G 7 47.21 31.46 21.08
C LEU G 7 45.99 30.53 21.15
N SER G 8 44.90 30.91 20.49
CA SER G 8 43.61 30.26 20.75
C SER G 8 42.93 29.67 19.51
N LEU G 9 43.64 29.63 18.38
CA LEU G 9 43.05 29.09 17.14
C LEU G 9 42.78 27.60 17.28
N GLN G 10 43.17 27.06 18.42
CA GLN G 10 42.81 25.70 18.81
C GLN G 10 43.86 25.22 19.79
N GLY G 11 43.45 24.29 20.66
CA GLY G 11 44.30 23.75 21.71
C GLY G 11 43.54 23.95 23.01
N ASP G 12 44.20 23.76 24.15
CA ASP G 12 43.52 23.93 25.44
C ASP G 12 43.99 25.17 26.17
N PHE G 13 43.21 26.23 26.05
CA PHE G 13 43.64 27.56 26.53
C PHE G 13 42.83 28.06 27.68
N GLU G 14 41.50 28.02 27.57
CA GLU G 14 40.64 28.58 28.63
C GLU G 14 41.02 28.02 30.03
N PRO G 15 41.76 26.90 30.05
CA PRO G 15 42.61 26.45 31.15
C PRO G 15 43.84 27.35 31.33
N HIS G 16 44.82 27.24 30.43
CA HIS G 16 46.00 28.16 30.45
C HIS G 16 45.56 29.56 30.85
N ILE G 17 44.56 30.09 30.16
CA ILE G 17 43.98 31.40 30.51
C ILE G 17 43.52 31.38 31.97
N ASN G 18 42.68 30.40 32.33
CA ASN G 18 42.24 30.22 33.72
C ASN G 18 43.41 30.10 34.70
N HIS G 19 44.44 29.35 34.30
CA HIS G 19 45.58 29.07 35.18
C HIS G 19 46.44 30.31 35.44
N PHE G 20 46.49 31.23 34.47
CA PHE G 20 47.14 32.54 34.66
C PHE G 20 46.27 33.47 35.53
N ILE G 21 44.96 33.38 35.35
CA ILE G 21 44.04 34.15 36.18
C ILE G 21 44.13 33.69 37.64
N LYS G 22 44.44 32.41 37.84
CA LYS G 22 44.63 31.84 39.19
C LYS G 22 45.77 32.50 39.96
N LEU G 23 46.71 33.08 39.22
CA LEU G 23 47.83 33.83 39.82
C LEU G 23 47.33 35.01 40.65
N GLN G 24 46.19 35.58 40.25
CA GLN G 24 45.52 36.68 40.96
C GLN G 24 46.39 37.95 41.06
N ILE G 25 47.15 38.20 40.01
CA ILE G 25 48.10 39.33 39.96
C ILE G 25 47.40 40.56 39.37
N PRO G 26 47.23 41.63 40.18
CA PRO G 26 46.45 42.79 39.74
C PRO G 26 46.83 43.38 38.37
N SER G 27 48.13 43.43 38.10
CA SER G 27 48.67 44.07 36.89
C SER G 27 48.43 43.28 35.60
N LEU G 28 48.04 42.01 35.76
CA LEU G 28 48.02 41.05 34.64
C LEU G 28 46.67 40.98 33.93
N ASN G 29 46.76 41.14 32.61
CA ASN G 29 45.65 40.93 31.68
C ASN G 29 45.97 39.75 30.80
N ILE G 30 44.98 38.89 30.59
CA ILE G 30 45.14 37.81 29.62
C ILE G 30 44.21 38.06 28.43
N ILE G 31 44.71 37.80 27.24
CA ILE G 31 43.86 37.85 26.04
C ILE G 31 44.03 36.60 25.18
N GLN G 32 43.00 36.32 24.38
CA GLN G 32 43.10 35.37 23.28
C GLN G 32 43.84 36.01 22.12
N VAL G 33 44.66 35.21 21.45
CA VAL G 33 45.38 35.65 20.26
C VAL G 33 44.99 34.76 19.09
N ARG G 34 44.40 35.35 18.08
CA ARG G 34 43.93 34.61 16.90
C ARG G 34 44.37 35.27 15.61
N ASN G 35 44.98 36.45 15.72
CA ASN G 35 45.38 37.22 14.56
C ASN G 35 46.52 38.20 14.91
N VAL G 36 47.03 38.88 13.90
CA VAL G 36 48.20 39.74 14.08
C VAL G 36 47.88 40.96 14.94
N HIS G 37 46.64 41.45 14.86
CA HIS G 37 46.20 42.57 15.69
C HIS G 37 46.31 42.24 17.19
N ASP G 38 45.74 41.09 17.58
CA ASP G 38 45.84 40.57 18.94
C ASP G 38 47.29 40.41 19.38
N LEU G 39 48.11 39.81 18.51
CA LEU G 39 49.53 39.55 18.81
C LEU G 39 50.29 40.83 19.13
N GLY G 40 49.93 41.91 18.42
CA GLY G 40 50.53 43.25 18.62
C GLY G 40 50.26 43.89 19.99
N LEU G 41 49.23 43.44 20.68
CA LEU G 41 48.90 43.92 22.02
C LEU G 41 49.65 43.17 23.14
N CYS G 42 50.35 42.11 22.76
CA CYS G 42 50.96 41.18 23.72
C CYS G 42 52.39 41.59 24.12
N ASP G 43 52.63 41.50 25.42
CA ASP G 43 53.98 41.62 26.00
C ASP G 43 54.68 40.26 26.03
N GLY G 44 53.87 39.21 26.10
CA GLY G 44 54.34 37.83 26.00
C GLY G 44 53.24 36.94 25.46
N LEU G 45 53.63 35.78 24.95
CA LEU G 45 52.69 34.87 24.28
C LEU G 45 52.89 33.44 24.74
N VAL G 46 51.77 32.77 24.99
CA VAL G 46 51.79 31.34 25.26
C VAL G 46 51.22 30.60 24.04
N ILE G 47 51.95 29.62 23.53
CA ILE G 47 51.45 28.74 22.48
C ILE G 47 51.20 27.37 23.08
N PRO G 48 49.95 27.12 23.50
CA PRO G 48 49.45 25.99 24.25
C PRO G 48 49.54 24.62 23.62
N GLY G 49 48.86 23.69 24.27
CA GLY G 49 48.91 22.30 23.90
C GLY G 49 47.67 21.98 23.12
N GLY G 50 47.84 21.06 22.20
CA GLY G 50 46.81 20.70 21.25
C GLY G 50 47.53 20.04 20.12
N GLU G 51 46.86 19.82 19.01
CA GLU G 51 47.56 19.39 17.81
C GLU G 51 48.47 20.52 17.36
N SER G 52 49.53 20.13 16.66
CA SER G 52 50.49 21.07 16.06
C SER G 52 50.25 21.13 14.57
N THR G 53 50.25 19.95 13.94
CA THR G 53 49.80 19.83 12.56
C THR G 53 48.45 20.50 12.45
N THR G 54 47.97 21.04 13.55
CA THR G 54 46.78 21.88 13.59
C THR G 54 47.15 23.33 13.89
N VAL G 55 47.84 23.56 15.00
CA VAL G 55 48.18 24.93 15.39
C VAL G 55 48.92 25.61 14.25
N ARG G 56 49.82 24.88 13.58
CA ARG G 56 50.62 25.45 12.47
C ARG G 56 49.74 25.81 11.29
N ARG G 57 48.84 24.90 10.96
CA ARG G 57 47.91 25.11 9.88
C ARG G 57 47.06 26.38 10.10
N CYS G 58 46.61 26.59 11.33
CA CYS G 58 45.83 27.76 11.71
C CYS G 58 46.60 29.07 11.43
N CYS G 59 47.93 29.01 11.61
CA CYS G 59 48.81 30.17 11.39
C CYS G 59 49.13 30.38 9.92
N ALA G 60 48.69 29.45 9.08
CA ALA G 60 49.07 29.42 7.67
C ALA G 60 48.13 30.24 6.78
N TYR G 61 47.06 30.77 7.36
CA TYR G 61 46.07 31.50 6.58
C TYR G 61 46.63 32.79 5.98
N GLU G 62 46.00 33.26 4.91
CA GLU G 62 46.40 34.48 4.20
C GLU G 62 47.89 34.48 3.94
N ASN G 63 48.37 33.39 3.36
CA ASN G 63 49.76 33.25 2.94
C ASN G 63 50.76 33.38 4.09
N ASP G 64 50.49 32.68 5.18
CA ASP G 64 51.39 32.65 6.35
C ASP G 64 51.54 34.01 7.04
N THR G 65 50.45 34.77 7.10
CA THR G 65 50.47 36.09 7.75
C THR G 65 50.81 36.00 9.23
N LEU G 66 50.05 35.17 9.94
CA LEU G 66 50.26 35.01 11.38
C LEU G 66 51.60 34.33 11.66
N TYR G 67 51.90 33.27 10.92
CA TYR G 67 53.20 32.58 11.04
C TYR G 67 54.35 33.59 11.01
N ASN G 68 54.39 34.39 9.95
CA ASN G 68 55.46 35.36 9.77
C ASN G 68 55.54 36.35 10.93
N ALA G 69 54.38 36.79 11.39
CA ALA G 69 54.29 37.73 12.51
C ALA G 69 54.85 37.11 13.78
N LEU G 70 54.55 35.84 13.98
CA LEU G 70 55.05 35.07 15.13
C LEU G 70 56.57 34.88 15.06
N VAL G 71 57.08 34.55 13.88
CA VAL G 71 58.51 34.42 13.69
C VAL G 71 59.21 35.73 14.04
N HIS G 72 58.64 36.84 13.56
CA HIS G 72 59.15 38.20 13.85
C HIS G 72 59.09 38.52 15.35
N PHE G 73 57.98 38.19 15.97
CA PHE G 73 57.73 38.37 17.41
C PHE G 73 58.76 37.64 18.27
N ILE G 74 59.13 36.43 17.85
CA ILE G 74 60.06 35.57 18.58
C ILE G 74 61.53 35.94 18.35
N HIS G 75 61.87 36.23 17.11
CA HIS G 75 63.28 36.35 16.69
C HIS G 75 63.79 37.77 16.44
N VAL G 76 62.89 38.70 16.13
CA VAL G 76 63.28 40.08 15.89
C VAL G 76 62.97 40.92 17.14
N LEU G 77 61.72 40.89 17.59
CA LEU G 77 61.30 41.63 18.79
C LEU G 77 61.80 40.98 20.08
N LYS G 78 62.14 39.70 19.99
CA LYS G 78 62.63 38.92 21.15
C LYS G 78 61.69 38.99 22.35
N LYS G 79 60.39 39.00 22.08
CA LYS G 79 59.40 38.99 23.15
C LYS G 79 59.25 37.60 23.74
N PRO G 80 58.97 37.51 25.06
CA PRO G 80 58.87 36.21 25.71
C PRO G 80 57.74 35.34 25.18
N ILE G 81 58.10 34.09 24.89
CA ILE G 81 57.16 33.12 24.36
C ILE G 81 57.31 31.82 25.14
N TRP G 82 56.17 31.22 25.46
CA TRP G 82 56.11 29.94 26.16
C TRP G 82 55.35 28.91 25.33
N GLY G 83 56.12 28.02 24.73
CA GLY G 83 55.58 26.92 23.95
C GLY G 83 55.47 25.71 24.86
N THR G 84 54.24 25.32 25.15
CA THR G 84 53.98 24.11 25.93
C THR G 84 53.73 22.97 24.93
N CYS G 85 53.24 21.81 25.38
CA CYS G 85 53.10 20.59 24.52
C CYS G 85 53.35 20.76 22.99
N ALA G 86 52.30 21.05 22.22
CA ALA G 86 52.39 21.37 20.79
C ALA G 86 53.24 22.63 20.50
N GLY G 87 53.09 23.65 21.32
CA GLY G 87 53.88 24.89 21.18
C GLY G 87 55.38 24.68 21.37
N CYS G 88 55.73 23.75 22.24
CA CYS G 88 57.13 23.38 22.48
C CYS G 88 57.68 22.80 21.18
N ILE G 89 56.91 21.93 20.54
CA ILE G 89 57.29 21.34 19.24
C ILE G 89 57.51 22.42 18.17
N LEU G 90 56.63 23.41 18.17
CA LEU G 90 56.66 24.48 17.17
C LEU G 90 57.74 25.54 17.42
N LEU G 91 58.38 25.50 18.58
CA LEU G 91 59.57 26.35 18.86
C LEU G 91 60.90 25.63 18.53
N SER G 92 60.81 24.34 18.26
CA SER G 92 62.00 23.50 18.12
C SER G 92 62.67 23.60 16.74
N LYS G 93 63.99 23.53 16.74
CA LYS G 93 64.79 23.60 15.51
C LYS G 93 64.49 22.40 14.63
N ASN G 94 64.64 21.23 15.25
CA ASN G 94 64.37 19.94 14.61
C ASN G 94 63.07 19.39 15.13
N VAL G 95 62.22 18.90 14.24
CA VAL G 95 61.02 18.20 14.66
C VAL G 95 61.02 16.85 14.02
N GLU G 96 60.74 15.82 14.81
CA GLU G 96 61.08 14.42 14.52
C GLU G 96 59.94 13.52 14.08
N ASN G 97 59.94 13.07 12.82
CA ASN G 97 60.21 13.91 11.68
C ASN G 97 59.20 13.48 10.64
N ILE G 98 58.81 14.43 9.81
CA ILE G 98 57.47 14.47 9.26
C ILE G 98 57.30 13.53 8.04
N LYS G 99 57.17 12.23 8.31
CA LYS G 99 57.25 11.18 7.27
C LYS G 99 56.30 11.48 6.09
N LEU G 100 55.04 11.76 6.43
CA LEU G 100 54.00 12.15 5.44
C LEU G 100 53.41 13.53 5.70
N TYR G 101 53.53 13.95 6.95
CA TYR G 101 52.77 15.05 7.52
C TYR G 101 53.43 16.34 7.01
N SER G 102 54.57 16.13 6.34
CA SER G 102 55.36 17.19 5.73
C SER G 102 54.53 17.94 4.71
N ASN G 103 54.37 19.21 5.00
CA ASN G 103 53.83 20.17 4.05
C ASN G 103 54.45 21.45 4.53
N PHE G 104 55.23 22.11 3.67
CA PHE G 104 55.86 23.38 4.04
C PHE G 104 56.61 23.20 5.37
N GLY G 105 56.99 21.95 5.66
CA GLY G 105 57.42 21.55 6.99
C GLY G 105 58.65 22.30 7.48
N ASN G 106 59.62 22.51 6.61
CA ASN G 106 60.82 23.22 7.02
C ASN G 106 60.51 24.55 7.69
N LYS G 107 59.48 25.20 7.18
CA LYS G 107 58.95 26.44 7.74
C LYS G 107 57.97 26.12 8.87
N PHE G 108 57.74 24.84 9.09
CA PHE G 108 56.77 24.30 10.07
C PHE G 108 56.99 24.87 11.46
N SER G 109 58.23 24.80 11.92
CA SER G 109 58.54 25.34 13.22
C SER G 109 58.64 26.86 13.17
N PHE G 110 58.23 27.52 14.26
CA PHE G 110 58.53 28.96 14.46
C PHE G 110 60.01 29.17 14.80
N GLY G 111 60.61 28.14 15.38
CA GLY G 111 61.98 28.22 15.90
C GLY G 111 62.00 28.90 17.27
N GLY G 112 63.19 28.97 17.85
CA GLY G 112 63.40 29.68 19.13
C GLY G 112 64.13 28.84 20.17
N LEU G 113 63.88 27.54 20.12
CA LEU G 113 64.59 26.57 20.98
C LEU G 113 65.47 25.68 20.11
N ASP G 114 66.78 25.77 20.30
CA ASP G 114 67.72 24.95 19.56
C ASP G 114 67.79 23.56 20.18
N ILE G 115 66.78 22.77 19.84
CA ILE G 115 66.66 21.41 20.31
C ILE G 115 66.11 20.53 19.19
N THR G 116 66.35 19.22 19.32
CA THR G 116 65.66 18.22 18.52
C THR G 116 64.58 17.57 19.39
N ILE G 117 63.37 17.47 18.83
CA ILE G 117 62.20 17.04 19.58
C ILE G 117 61.44 15.97 18.81
N CYS G 118 60.85 15.04 19.56
CA CYS G 118 60.13 13.90 19.01
C CYS G 118 58.67 13.93 19.32
N ARG G 119 57.87 14.15 18.28
CA ARG G 119 56.41 14.09 18.39
C ARG G 119 56.06 12.92 19.28
N ASN G 120 55.14 13.16 20.21
CA ASN G 120 54.75 12.14 21.18
C ASN G 120 55.25 10.74 20.80
N PHE G 121 56.29 10.30 21.47
CA PHE G 121 56.86 8.96 21.24
C PHE G 121 56.23 7.91 22.15
N TYR G 122 55.51 8.38 23.16
CA TYR G 122 54.83 7.50 24.10
C TYR G 122 53.60 6.90 23.46
N GLY G 123 53.53 5.58 23.45
CA GLY G 123 52.40 4.82 22.87
C GLY G 123 51.32 5.64 22.19
N SER G 124 50.14 5.71 22.81
CA SER G 124 49.01 6.49 22.28
C SER G 124 48.51 7.58 23.26
N GLN G 125 47.22 7.51 23.61
CA GLN G 125 46.56 8.46 24.55
C GLN G 125 46.02 7.79 25.83
N ASN G 126 45.93 6.46 25.81
CA ASN G 126 45.58 5.68 27.01
C ASN G 126 46.84 5.12 27.72
N ASP G 127 47.86 5.97 27.82
CA ASP G 127 49.12 5.66 28.53
C ASP G 127 49.77 6.90 29.16
N SER G 128 49.47 8.06 28.59
CA SER G 128 49.82 9.34 29.16
C SER G 128 49.82 9.27 30.68
N PHE G 129 50.85 9.83 31.31
CA PHE G 129 51.01 9.65 32.75
C PHE G 129 50.90 10.99 33.50
N ILE G 130 51.70 11.13 34.55
CA ILE G 130 51.82 12.32 35.37
C ILE G 130 53.24 12.34 35.93
N CYS G 131 53.66 13.44 36.53
CA CYS G 131 55.01 13.44 37.07
C CYS G 131 55.22 14.36 38.26
N SER G 132 56.37 14.14 38.86
CA SER G 132 56.99 15.02 39.82
C SER G 132 58.33 15.33 39.19
N LEU G 133 58.82 16.56 39.40
CA LEU G 133 59.98 17.03 38.65
C LEU G 133 61.05 17.66 39.53
N ASN G 134 62.16 18.01 38.87
CA ASN G 134 63.31 18.65 39.50
C ASN G 134 63.58 19.93 38.75
N ILE G 135 64.18 20.90 39.43
CA ILE G 135 64.35 22.22 38.84
C ILE G 135 65.71 22.84 39.13
N ILE G 136 66.32 23.40 38.09
CA ILE G 136 67.64 24.04 38.20
C ILE G 136 67.46 25.57 38.05
N SER G 137 66.72 26.14 38.99
CA SER G 137 66.49 27.59 39.03
C SER G 137 66.40 28.12 40.47
N ASP G 138 66.62 29.42 40.60
CA ASP G 138 66.57 30.12 41.90
C ASP G 138 65.26 30.89 42.07
N SER G 139 64.43 30.90 41.03
CA SER G 139 63.16 31.63 41.04
C SER G 139 62.30 31.16 42.21
N SER G 140 61.59 32.11 42.83
CA SER G 140 60.78 31.87 44.04
C SER G 140 59.63 30.90 43.84
N ALA G 141 59.04 30.92 42.64
CA ALA G 141 57.96 30.00 42.24
C ALA G 141 58.29 28.56 42.63
N PHE G 142 59.02 27.89 41.74
CA PHE G 142 59.55 26.53 41.99
C PHE G 142 59.82 26.29 43.48
N LYS G 143 59.05 25.38 44.07
CA LYS G 143 59.16 25.08 45.50
C LYS G 143 59.47 23.59 45.68
N LYS G 144 58.68 22.94 46.51
CA LYS G 144 58.85 21.52 46.83
C LYS G 144 58.60 20.67 45.58
N ASP G 145 58.91 19.38 45.68
CA ASP G 145 58.69 18.41 44.59
C ASP G 145 57.35 18.60 43.88
N LEU G 146 57.39 19.37 42.80
CA LEU G 146 56.19 19.72 42.06
C LEU G 146 55.64 18.55 41.27
N THR G 147 54.54 18.81 40.57
CA THR G 147 53.85 17.81 39.77
C THR G 147 53.66 18.28 38.33
N ALA G 148 53.42 17.34 37.43
CA ALA G 148 53.18 17.67 36.01
C ALA G 148 52.03 16.86 35.43
N ALA G 149 51.75 17.07 34.15
CA ALA G 149 50.65 16.39 33.48
C ALA G 149 51.11 15.83 32.13
N CYS G 150 52.33 15.32 32.11
CA CYS G 150 52.91 14.71 30.90
C CYS G 150 51.93 13.76 30.23
N ILE G 151 51.17 14.32 29.28
CA ILE G 151 50.12 13.58 28.59
C ILE G 151 50.42 13.48 27.11
N ARG G 152 50.74 12.24 26.68
CA ARG G 152 51.06 11.93 25.29
C ARG G 152 51.98 13.01 24.80
N ALA G 153 53.07 13.19 25.54
CA ALA G 153 53.92 14.36 25.40
C ALA G 153 55.01 14.13 24.39
N PRO G 154 55.69 15.21 23.98
CA PRO G 154 56.83 15.10 23.12
C PRO G 154 58.13 14.89 23.90
N TYR G 155 59.13 14.34 23.20
CA TYR G 155 60.44 13.97 23.78
C TYR G 155 61.59 14.79 23.24
N ILE G 156 62.30 15.46 24.13
CA ILE G 156 63.44 16.28 23.75
C ILE G 156 64.65 15.37 23.66
N ARG G 157 65.03 15.04 22.43
CA ARG G 157 66.08 14.06 22.16
C ARG G 157 67.47 14.68 22.21
N GLU G 158 67.58 15.92 21.75
CA GLU G 158 68.88 16.60 21.68
C GLU G 158 68.82 18.05 22.11
N ILE G 159 69.83 18.46 22.87
CA ILE G 159 70.15 19.87 23.08
C ILE G 159 71.28 20.24 22.11
N LEU G 160 71.07 21.29 21.33
CA LEU G 160 71.95 21.61 20.18
C LEU G 160 72.81 22.87 20.38
N SER G 161 72.64 23.55 21.50
CA SER G 161 73.37 24.78 21.80
C SER G 161 73.65 24.87 23.29
N ASP G 162 74.77 25.50 23.63
CA ASP G 162 75.07 25.82 25.03
C ASP G 162 74.17 26.95 25.57
N GLU G 163 73.55 27.68 24.65
CA GLU G 163 72.59 28.73 25.00
C GLU G 163 71.34 28.16 25.67
N VAL G 164 71.01 26.91 25.33
CA VAL G 164 69.82 26.24 25.86
C VAL G 164 70.08 25.83 27.30
N LYS G 165 69.26 26.34 28.19
CA LYS G 165 69.33 25.99 29.60
C LYS G 165 68.26 24.94 29.91
N VAL G 166 68.70 23.78 30.43
CA VAL G 166 67.79 22.73 30.91
C VAL G 166 67.21 23.15 32.26
N LEU G 167 65.95 23.59 32.21
CA LEU G 167 65.30 24.21 33.35
C LEU G 167 64.75 23.17 34.33
N ALA G 168 64.20 22.09 33.79
CA ALA G 168 63.61 21.01 34.59
C ALA G 168 63.75 19.64 33.94
N THR G 169 64.05 18.65 34.78
CA THR G 169 64.16 17.24 34.37
C THR G 169 63.37 16.37 35.31
N PHE G 170 63.16 15.12 34.90
CA PHE G 170 62.54 14.10 35.77
C PHE G 170 63.06 12.71 35.45
N SER G 171 62.83 11.80 36.39
CA SER G 171 63.26 10.40 36.25
C SER G 171 62.04 9.49 36.28
N HIS G 172 61.82 8.76 35.20
CA HIS G 172 60.72 7.80 35.10
C HIS G 172 61.23 6.36 35.07
N GLU G 173 60.40 5.44 35.59
CA GLU G 173 60.74 4.00 35.63
C GLU G 173 60.24 3.26 34.38
N SER G 174 60.37 3.92 33.25
CA SER G 174 59.96 3.33 31.96
C SER G 174 60.43 4.16 30.76
N TYR G 175 61.07 5.29 31.02
CA TYR G 175 61.60 6.17 29.98
C TYR G 175 63.05 6.53 30.22
N GLY G 176 63.63 6.00 31.31
CA GLY G 176 65.00 6.31 31.70
C GLY G 176 65.09 7.42 32.74
N PRO G 177 66.32 7.75 33.16
CA PRO G 177 66.60 8.89 34.04
C PRO G 177 67.05 10.17 33.32
N ASN G 178 66.70 11.32 33.89
CA ASN G 178 67.12 12.64 33.37
C ASN G 178 66.42 13.04 32.07
N ILE G 179 65.12 12.73 32.00
CA ILE G 179 64.28 13.14 30.87
C ILE G 179 64.06 14.63 30.97
N ILE G 180 64.28 15.32 29.86
CA ILE G 180 64.19 16.78 29.84
C ILE G 180 62.74 17.21 29.73
N ALA G 181 62.27 17.93 30.75
CA ALA G 181 60.86 18.35 30.86
C ALA G 181 60.66 19.82 30.50
N ALA G 182 61.68 20.63 30.79
CA ALA G 182 61.62 22.07 30.57
C ALA G 182 62.95 22.65 30.10
N VAL G 183 62.91 23.46 29.06
CA VAL G 183 64.08 24.16 28.57
C VAL G 183 63.80 25.66 28.43
N GLU G 184 64.86 26.45 28.49
CA GLU G 184 64.79 27.89 28.27
C GLU G 184 65.98 28.37 27.45
N GLN G 185 65.69 29.20 26.43
CA GLN G 185 66.73 29.74 25.55
C GLN G 185 66.42 31.19 25.18
N ASN G 186 66.97 32.11 25.96
CA ASN G 186 66.81 33.56 25.73
C ASN G 186 65.40 34.07 26.09
N ASN G 187 64.60 34.35 25.06
CA ASN G 187 63.20 34.80 25.22
C ASN G 187 62.19 33.67 25.02
N CYS G 188 62.68 32.43 24.96
CA CYS G 188 61.84 31.25 24.74
C CYS G 188 61.84 30.32 25.93
N LEU G 189 60.65 29.88 26.30
CA LEU G 189 60.45 28.84 27.32
C LEU G 189 59.71 27.70 26.66
N GLY G 190 60.14 26.47 26.92
CA GLY G 190 59.49 25.29 26.35
C GLY G 190 59.28 24.21 27.38
N THR G 191 58.07 23.66 27.42
CA THR G 191 57.74 22.58 28.36
C THR G 191 57.04 21.45 27.60
N VAL G 192 57.35 20.20 27.93
CA VAL G 192 56.73 19.03 27.27
C VAL G 192 55.47 18.53 27.96
N PHE G 193 55.23 19.04 29.17
CA PHE G 193 54.07 18.63 29.99
C PHE G 193 52.90 19.60 29.87
N ASN G 194 51.81 19.28 30.55
CA ASN G 194 50.66 20.15 30.60
C ASN G 194 50.59 20.86 31.95
N PRO G 195 50.98 22.13 31.98
CA PRO G 195 51.02 22.90 33.22
C PRO G 195 49.63 23.26 33.72
N GLU G 196 48.68 23.33 32.79
CA GLU G 196 47.31 23.75 33.09
C GLU G 196 46.44 22.67 33.73
N LEU G 197 46.94 21.43 33.73
CA LEU G 197 46.17 20.27 34.19
C LEU G 197 46.44 19.86 35.63
N LEU G 198 47.39 20.53 36.29
CA LEU G 198 47.63 20.37 37.73
C LEU G 198 47.18 21.65 38.44
N PRO G 199 46.83 21.57 39.74
CA PRO G 199 46.36 22.78 40.42
C PRO G 199 47.39 23.91 40.61
N HIS G 200 48.67 23.57 40.80
CA HIS G 200 49.70 24.61 41.03
C HIS G 200 50.03 25.43 39.79
N THR G 201 50.52 26.65 40.03
CA THR G 201 50.69 27.65 38.97
C THR G 201 52.14 28.14 38.81
N ALA G 202 53.07 27.27 39.16
CA ALA G 202 54.50 27.61 39.23
C ALA G 202 55.05 28.12 37.91
N PHE G 203 54.80 27.39 36.84
CA PHE G 203 55.33 27.74 35.52
C PHE G 203 54.63 28.97 34.93
N GLN G 204 53.37 29.16 35.28
CA GLN G 204 52.64 30.39 34.91
C GLN G 204 53.29 31.60 35.59
N GLN G 205 53.55 31.46 36.88
CA GLN G 205 54.19 32.54 37.63
C GLN G 205 55.57 32.88 37.06
N TYR G 206 56.35 31.83 36.78
CA TYR G 206 57.69 31.98 36.22
C TYR G 206 57.68 32.72 34.90
N PHE G 207 56.78 32.33 34.01
CA PHE G 207 56.65 32.97 32.69
C PHE G 207 56.17 34.40 32.86
N TYR G 208 55.27 34.63 33.81
CA TYR G 208 54.82 36.00 34.09
C TYR G 208 55.98 36.93 34.45
N GLU G 209 56.82 36.44 35.35
CA GLU G 209 58.02 37.16 35.78
C GLU G 209 58.97 37.44 34.61
N LYS G 210 59.09 36.45 33.73
CA LYS G 210 59.90 36.60 32.51
C LYS G 210 59.38 37.77 31.65
N VAL G 211 58.07 37.80 31.44
CA VAL G 211 57.41 38.87 30.69
C VAL G 211 57.57 40.22 31.38
N LYS G 212 57.39 40.22 32.69
CA LYS G 212 57.56 41.43 33.50
C LYS G 212 58.98 42.00 33.35
N ASN G 213 59.98 41.13 33.47
CA ASN G 213 61.39 41.53 33.34
C ASN G 213 61.69 42.05 31.95
N TYR G 214 61.18 41.33 30.95
CA TYR G 214 61.36 41.70 29.54
C TYR G 214 61.07 43.19 29.31
N LYS G 215 60.05 43.71 29.98
CA LYS G 215 59.63 45.10 29.82
C LYS G 215 60.64 46.06 30.45
N TYR G 216 60.90 45.87 31.74
CA TYR G 216 61.86 46.68 32.51
C TYR G 216 63.22 46.76 31.84
N SER G 217 63.50 45.79 30.96
CA SER G 217 64.71 45.75 30.14
C SER G 217 65.42 47.11 30.06
N GLU H 1 -5.73 76.09 -11.93
CA GLU H 1 -5.54 74.68 -11.54
C GLU H 1 -4.25 74.18 -12.13
N ILE H 2 -3.36 73.75 -11.26
CA ILE H 2 -2.12 73.13 -11.65
C ILE H 2 -2.19 71.62 -11.39
N THR H 3 -1.89 70.83 -12.41
CA THR H 3 -1.78 69.39 -12.29
C THR H 3 -0.35 68.89 -12.51
N ILE H 4 0.22 68.32 -11.47
CA ILE H 4 1.52 67.68 -11.56
C ILE H 4 1.32 66.19 -11.45
N GLY H 5 1.88 65.46 -12.41
CA GLY H 5 1.81 63.99 -12.44
C GLY H 5 3.05 63.35 -11.87
N VAL H 6 2.87 62.18 -11.28
CA VAL H 6 4.01 61.38 -10.80
C VAL H 6 3.97 60.04 -11.53
N LEU H 7 5.01 59.74 -12.28
CA LEU H 7 5.07 58.48 -12.98
C LEU H 7 5.03 57.31 -11.96
N SER H 8 4.08 56.42 -12.09
CA SER H 8 3.78 55.48 -11.02
C SER H 8 3.88 54.03 -11.45
N LEU H 9 4.46 53.77 -12.63
CA LEU H 9 4.57 52.38 -13.13
C LEU H 9 5.52 51.56 -12.30
N GLN H 10 6.23 52.24 -11.41
CA GLN H 10 6.98 51.60 -10.34
C GLN H 10 8.01 52.58 -9.86
N GLY H 11 8.34 52.50 -8.59
CA GLY H 11 9.22 53.44 -7.94
C GLY H 11 8.51 53.88 -6.68
N ASP H 12 9.03 54.91 -6.01
CA ASP H 12 8.41 55.35 -4.76
C ASP H 12 7.72 56.67 -4.95
N PHE H 13 6.40 56.63 -5.10
CA PHE H 13 5.63 57.81 -5.49
C PHE H 13 4.66 58.26 -4.43
N GLU H 14 3.88 57.34 -3.85
CA GLU H 14 2.88 57.73 -2.85
C GLU H 14 3.48 58.57 -1.71
N PRO H 15 4.83 58.47 -1.53
CA PRO H 15 5.68 59.48 -0.89
C PRO H 15 5.78 60.78 -1.70
N HIS H 16 6.45 60.74 -2.84
CA HIS H 16 6.47 61.89 -3.75
C HIS H 16 5.11 62.54 -3.83
N ILE H 17 4.07 61.74 -4.05
CA ILE H 17 2.70 62.26 -4.06
C ILE H 17 2.38 62.91 -2.72
N ASN H 18 2.55 62.14 -1.63
CA ASN H 18 2.37 62.66 -0.28
C ASN H 18 3.15 63.96 -0.08
N HIS H 19 4.42 63.94 -0.46
CA HIS H 19 5.30 65.08 -0.21
C HIS H 19 4.87 66.37 -0.93
N PHE H 20 4.21 66.22 -2.08
CA PHE H 20 3.63 67.37 -2.79
C PHE H 20 2.37 67.83 -2.10
N ILE H 21 1.60 66.88 -1.57
CA ILE H 21 0.38 67.17 -0.78
C ILE H 21 0.68 67.91 0.54
N LYS H 22 1.84 67.64 1.11
CA LYS H 22 2.34 68.37 2.30
C LYS H 22 2.49 69.87 2.04
N LEU H 23 2.76 70.26 0.78
CA LEU H 23 2.87 71.68 0.39
C LEU H 23 1.59 72.43 0.79
N GLN H 24 0.45 71.74 0.75
CA GLN H 24 -0.86 72.29 1.15
C GLN H 24 -1.32 73.45 0.28
N ILE H 25 -0.93 73.40 -0.99
CA ILE H 25 -1.19 74.48 -1.94
C ILE H 25 -2.58 74.23 -2.56
N PRO H 26 -3.56 75.14 -2.32
CA PRO H 26 -4.95 74.96 -2.80
C PRO H 26 -5.11 74.65 -4.29
N SER H 27 -4.37 75.35 -5.15
CA SER H 27 -4.47 75.22 -6.60
C SER H 27 -3.99 73.86 -7.13
N LEU H 28 -3.17 73.16 -6.33
CA LEU H 28 -2.38 71.99 -6.78
C LEU H 28 -3.09 70.64 -6.69
N ASN H 29 -3.15 69.96 -7.85
CA ASN H 29 -3.66 68.59 -7.96
C ASN H 29 -2.53 67.66 -8.31
N ILE H 30 -2.47 66.51 -7.66
CA ILE H 30 -1.48 65.49 -8.00
C ILE H 30 -2.15 64.26 -8.56
N ILE H 31 -1.67 63.75 -9.68
CA ILE H 31 -2.21 62.52 -10.25
C ILE H 31 -1.13 61.48 -10.52
N GLN H 32 -1.54 60.22 -10.51
CA GLN H 32 -0.68 59.14 -11.00
C GLN H 32 -0.67 59.20 -12.52
N VAL H 33 0.49 58.95 -13.08
CA VAL H 33 0.65 58.85 -14.53
C VAL H 33 1.16 57.46 -14.88
N ARG H 34 0.36 56.72 -15.63
CA ARG H 34 0.72 55.36 -16.03
C ARG H 34 0.59 55.13 -17.54
N ASN H 35 0.00 56.10 -18.22
CA ASN H 35 -0.32 55.98 -19.63
C ASN H 35 -0.37 57.34 -20.26
N VAL H 36 -0.52 57.39 -21.58
CA VAL H 36 -0.48 58.65 -22.34
C VAL H 36 -1.67 59.56 -22.02
N HIS H 37 -2.81 58.96 -21.74
CA HIS H 37 -3.99 59.73 -21.35
C HIS H 37 -3.67 60.57 -20.10
N ASP H 38 -3.18 59.90 -19.06
CA ASP H 38 -2.76 60.56 -17.80
C ASP H 38 -1.77 61.70 -18.07
N LEU H 39 -0.81 61.40 -18.93
CA LEU H 39 0.26 62.34 -19.26
C LEU H 39 -0.28 63.60 -19.91
N GLY H 40 -1.33 63.42 -20.72
CA GLY H 40 -1.99 64.55 -21.38
C GLY H 40 -2.72 65.52 -20.47
N LEU H 41 -2.97 65.10 -19.23
CA LEU H 41 -3.60 65.96 -18.21
C LEU H 41 -2.59 66.74 -17.38
N CYS H 42 -1.30 66.45 -17.58
CA CYS H 42 -0.26 67.02 -16.74
C CYS H 42 0.30 68.33 -17.27
N ASP H 43 0.46 69.28 -16.35
CA ASP H 43 1.22 70.51 -16.58
C ASP H 43 2.70 70.28 -16.35
N GLY H 44 3.00 69.39 -15.42
CA GLY H 44 4.37 68.97 -15.14
C GLY H 44 4.36 67.53 -14.67
N LEU H 45 5.54 66.90 -14.72
CA LEU H 45 5.69 65.47 -14.42
C LEU H 45 6.87 65.26 -13.51
N VAL H 46 6.73 64.36 -12.55
CA VAL H 46 7.87 63.85 -11.77
C VAL H 46 8.15 62.39 -12.18
N ILE H 47 9.43 62.07 -12.45
CA ILE H 47 9.86 60.68 -12.70
C ILE H 47 10.71 60.20 -11.55
N PRO H 48 10.06 59.55 -10.55
CA PRO H 48 10.60 59.14 -9.26
C PRO H 48 11.67 58.07 -9.25
N GLY H 49 12.02 57.71 -8.03
CA GLY H 49 13.15 56.88 -7.76
C GLY H 49 12.63 55.49 -7.69
N GLY H 50 13.49 54.56 -8.04
CA GLY H 50 13.11 53.16 -8.16
C GLY H 50 14.14 52.60 -9.09
N GLU H 51 13.91 51.38 -9.57
CA GLU H 51 14.75 50.87 -10.63
C GLU H 51 14.48 51.68 -11.88
N SER H 52 15.45 51.71 -12.79
CA SER H 52 15.33 52.40 -14.08
C SER H 52 15.22 51.38 -15.19
N THR H 53 16.12 50.41 -15.17
CA THR H 53 15.98 49.24 -16.01
C THR H 53 14.61 48.65 -15.73
N THR H 54 13.84 49.28 -14.85
CA THR H 54 12.45 48.90 -14.63
C THR H 54 11.53 49.97 -15.16
N VAL H 55 11.73 51.22 -14.76
CA VAL H 55 10.87 52.34 -15.19
C VAL H 55 10.87 52.48 -16.71
N ARG H 56 12.03 52.28 -17.32
CA ARG H 56 12.15 52.37 -18.78
C ARG H 56 11.39 51.25 -19.46
N ARG H 57 11.54 50.06 -18.92
CA ARG H 57 10.83 48.91 -19.42
C ARG H 57 9.30 49.12 -19.40
N CYS H 58 8.80 49.64 -18.28
CA CYS H 58 7.38 49.97 -18.12
C CYS H 58 6.89 50.89 -19.23
N CYS H 59 7.75 51.81 -19.67
CA CYS H 59 7.45 52.76 -20.78
C CYS H 59 7.51 52.12 -22.15
N ALA H 60 8.01 50.90 -22.19
CA ALA H 60 8.33 50.24 -23.45
C ALA H 60 7.13 49.58 -24.10
N TYR H 61 6.01 49.49 -23.36
CA TYR H 61 4.85 48.73 -23.82
C TYR H 61 4.26 49.29 -25.10
N GLU H 62 3.48 48.45 -25.78
CA GLU H 62 2.78 48.79 -27.02
C GLU H 62 3.72 49.55 -27.94
N ASN H 63 4.89 48.98 -28.13
CA ASN H 63 5.88 49.53 -29.06
C ASN H 63 6.38 50.94 -28.69
N ASP H 64 6.73 51.12 -27.42
CA ASP H 64 7.29 52.39 -26.93
C ASP H 64 6.29 53.57 -27.02
N THR H 65 5.00 53.30 -26.84
CA THR H 65 3.99 54.37 -26.91
C THR H 65 4.23 55.45 -25.86
N LEU H 66 4.35 55.05 -24.60
CA LEU H 66 4.54 56.01 -23.49
C LEU H 66 5.90 56.69 -23.56
N TYR H 67 6.94 55.90 -23.89
CA TYR H 67 8.31 56.40 -24.06
C TYR H 67 8.33 57.58 -25.04
N ASN H 68 7.74 57.34 -26.20
CA ASN H 68 7.65 58.33 -27.27
C ASN H 68 6.87 59.56 -26.82
N ALA H 69 5.76 59.34 -26.10
CA ALA H 69 4.95 60.45 -25.59
C ALA H 69 5.73 61.29 -24.59
N LEU H 70 6.55 60.63 -23.78
CA LEU H 70 7.39 61.30 -22.80
C LEU H 70 8.50 62.12 -23.45
N VAL H 71 9.14 61.56 -24.48
CA VAL H 71 10.18 62.29 -25.23
C VAL H 71 9.60 63.56 -25.88
N HIS H 72 8.41 63.43 -26.45
CA HIS H 72 7.69 64.58 -27.04
C HIS H 72 7.30 65.62 -25.97
N PHE H 73 6.81 65.13 -24.84
CA PHE H 73 6.48 65.97 -23.67
C PHE H 73 7.69 66.81 -23.24
N ILE H 74 8.84 66.18 -23.14
CA ILE H 74 10.05 66.81 -22.62
C ILE H 74 10.72 67.75 -23.63
N HIS H 75 10.76 67.33 -24.88
CA HIS H 75 11.59 67.99 -25.91
C HIS H 75 10.82 68.85 -26.90
N VAL H 76 9.56 68.54 -27.14
CA VAL H 76 8.73 69.30 -28.08
C VAL H 76 7.86 70.27 -27.32
N LEU H 77 7.03 69.74 -26.43
CA LEU H 77 6.12 70.58 -25.61
C LEU H 77 6.90 71.40 -24.58
N LYS H 78 8.08 70.91 -24.22
CA LYS H 78 8.97 71.57 -23.24
C LYS H 78 8.30 71.75 -21.87
N LYS H 79 7.49 70.78 -21.49
CA LYS H 79 6.81 70.83 -20.20
C LYS H 79 7.80 70.48 -19.09
N PRO H 80 7.68 71.11 -17.91
CA PRO H 80 8.59 70.83 -16.80
C PRO H 80 8.54 69.40 -16.33
N ILE H 81 9.72 68.81 -16.17
CA ILE H 81 9.87 67.43 -15.75
C ILE H 81 10.94 67.38 -14.68
N TRP H 82 10.68 66.61 -13.64
CA TRP H 82 11.63 66.39 -12.56
C TRP H 82 11.98 64.91 -12.44
N GLY H 83 13.20 64.59 -12.87
CA GLY H 83 13.73 63.24 -12.73
C GLY H 83 14.51 63.13 -11.44
N THR H 84 14.01 62.35 -10.50
CA THR H 84 14.75 62.11 -9.27
C THR H 84 15.50 60.77 -9.47
N CYS H 85 16.14 60.25 -8.42
CA CYS H 85 17.06 59.05 -8.51
C CYS H 85 17.16 58.34 -9.89
N ALA H 86 16.30 57.35 -10.13
CA ALA H 86 16.15 56.67 -11.43
C ALA H 86 15.68 57.61 -12.54
N GLY H 87 14.78 58.53 -12.22
CA GLY H 87 14.34 59.50 -13.22
C GLY H 87 15.50 60.36 -13.72
N CYS H 88 16.37 60.75 -12.80
CA CYS H 88 17.54 61.57 -13.11
C CYS H 88 18.40 60.85 -14.14
N ILE H 89 18.59 59.55 -13.93
CA ILE H 89 19.29 58.69 -14.88
C ILE H 89 18.62 58.67 -16.24
N LEU H 90 17.29 58.64 -16.22
CA LEU H 90 16.50 58.57 -17.46
C LEU H 90 16.41 59.90 -18.23
N LEU H 91 16.77 61.00 -17.58
CA LEU H 91 16.86 62.30 -18.26
C LEU H 91 18.25 62.60 -18.85
N SER H 92 19.23 61.77 -18.51
CA SER H 92 20.62 62.03 -18.83
C SER H 92 21.01 61.63 -20.27
N LYS H 93 21.91 62.40 -20.85
CA LYS H 93 22.39 62.13 -22.19
C LYS H 93 23.17 60.80 -22.23
N ASN H 94 24.18 60.73 -21.37
CA ASN H 94 25.06 59.57 -21.24
C ASN H 94 24.75 58.80 -19.97
N VAL H 95 24.49 57.51 -20.12
CA VAL H 95 24.26 56.70 -18.95
C VAL H 95 25.35 55.67 -18.88
N GLU H 96 25.92 55.52 -17.69
CA GLU H 96 27.20 54.86 -17.49
C GLU H 96 27.12 53.44 -16.94
N ASN H 97 27.55 52.45 -17.71
CA ASN H 97 27.19 52.28 -19.11
C ASN H 97 26.94 50.81 -19.29
N ILE H 98 25.96 50.52 -20.13
CA ILE H 98 25.09 49.37 -19.95
C ILE H 98 25.69 48.00 -20.39
N LYS H 99 26.65 47.51 -19.60
CA LYS H 99 27.56 46.42 -20.00
C LYS H 99 26.79 45.25 -20.59
N LEU H 100 25.76 44.82 -19.85
CA LEU H 100 24.85 43.73 -20.25
C LEU H 100 23.41 44.15 -20.36
N TYR H 101 23.13 45.27 -19.69
CA TYR H 101 21.78 45.69 -19.31
C TYR H 101 21.20 46.40 -20.52
N SER H 102 22.09 46.54 -21.51
CA SER H 102 21.81 47.14 -22.80
C SER H 102 20.72 46.34 -23.49
N ASN H 103 19.62 47.00 -23.71
CA ASN H 103 18.60 46.54 -24.63
C ASN H 103 18.02 47.81 -25.07
N PHE H 104 17.95 48.02 -26.38
CA PHE H 104 17.37 49.25 -26.92
C PHE H 104 17.97 50.44 -26.17
N GLY H 105 19.18 50.25 -25.66
CA GLY H 105 19.74 51.17 -24.66
C GLY H 105 19.90 52.60 -25.15
N ASN H 106 20.36 52.78 -26.38
CA ASN H 106 20.55 54.14 -26.90
C ASN H 106 19.33 55.05 -26.80
N LYS H 107 18.16 54.43 -26.97
CA LYS H 107 16.85 55.05 -26.76
C LYS H 107 16.44 54.97 -25.29
N PHE H 108 17.28 54.34 -24.47
CA PHE H 108 17.05 54.09 -23.05
C PHE H 108 16.69 55.37 -22.36
N SER H 109 17.53 56.38 -22.51
CA SER H 109 17.23 57.65 -21.84
C SER H 109 16.14 58.44 -22.57
N PHE H 110 15.33 59.18 -21.82
CA PHE H 110 14.37 60.14 -22.39
C PHE H 110 15.09 61.36 -22.86
N GLY H 111 16.24 61.59 -22.24
CA GLY H 111 17.04 62.79 -22.51
C GLY H 111 16.48 64.00 -21.76
N GLY H 112 17.18 65.12 -21.89
CA GLY H 112 16.73 66.39 -21.28
C GLY H 112 17.81 67.12 -20.48
N LEU H 113 18.67 66.32 -19.83
CA LEU H 113 19.84 66.84 -19.11
C LEU H 113 21.11 66.39 -19.85
N ASP H 114 21.85 67.37 -20.34
CA ASP H 114 23.11 67.10 -21.01
C ASP H 114 24.20 66.87 -19.96
N ILE H 115 24.18 65.67 -19.41
CA ILE H 115 25.17 65.22 -18.43
C ILE H 115 25.53 63.77 -18.69
N THR H 116 26.66 63.36 -18.14
CA THR H 116 27.04 61.97 -18.08
C THR H 116 26.84 61.53 -16.63
N ILE H 117 26.18 60.40 -16.46
CA ILE H 117 25.77 59.93 -15.14
C ILE H 117 26.24 58.50 -14.96
N CYS H 118 26.51 58.16 -13.70
CA CYS H 118 26.93 56.81 -13.32
C CYS H 118 25.97 56.08 -12.42
N ARG H 119 25.35 55.04 -12.96
CA ARG H 119 24.49 54.18 -12.16
C ARG H 119 25.16 53.93 -10.81
N ASN H 120 24.36 54.09 -9.74
CA ASN H 120 24.84 53.92 -8.37
C ASN H 120 26.26 53.35 -8.32
N PHE H 121 27.22 54.25 -8.11
CA PHE H 121 28.62 53.85 -7.99
C PHE H 121 28.96 53.53 -6.54
N TYR H 122 28.09 53.94 -5.62
CA TYR H 122 28.31 53.68 -4.21
C TYR H 122 28.00 52.22 -3.90
N GLY H 123 28.95 51.55 -3.26
CA GLY H 123 28.83 50.13 -2.84
C GLY H 123 27.53 49.39 -3.23
N SER H 124 26.73 49.06 -2.23
CA SER H 124 25.45 48.36 -2.45
C SER H 124 24.27 49.17 -1.91
N GLN H 125 23.46 48.53 -1.05
CA GLN H 125 22.29 49.18 -0.38
C GLN H 125 22.43 49.33 1.13
N ASN H 126 23.45 48.70 1.70
CA ASN H 126 23.78 48.88 3.13
C ASN H 126 24.98 49.84 3.35
N ASP H 127 24.96 50.95 2.61
CA ASP H 127 25.97 52.03 2.72
C ASP H 127 25.37 53.41 2.43
N SER H 128 24.35 53.44 1.59
CA SER H 128 23.56 54.64 1.34
C SER H 128 23.56 55.53 2.56
N PHE H 129 23.72 56.82 2.34
CA PHE H 129 23.92 57.73 3.45
C PHE H 129 22.80 58.77 3.53
N ILE H 130 23.16 59.97 3.96
CA ILE H 130 22.28 61.12 4.01
C ILE H 130 23.18 62.33 3.77
N CYS H 131 22.60 63.48 3.51
CA CYS H 131 23.44 64.66 3.35
C CYS H 131 22.80 65.96 3.77
N SER H 132 23.67 66.96 3.81
CA SER H 132 23.30 68.35 3.89
C SER H 132 23.91 68.93 2.62
N LEU H 133 23.33 70.00 2.12
CA LEU H 133 23.70 70.47 0.79
C LEU H 133 23.86 71.99 0.72
N ASN H 134 24.25 72.42 -0.48
CA ASN H 134 24.44 73.83 -0.80
C ASN H 134 23.67 74.15 -2.07
N ILE H 135 23.26 75.40 -2.21
CA ILE H 135 22.37 75.75 -3.29
C ILE H 135 22.71 77.08 -3.95
N ILE H 136 22.71 77.06 -5.28
CA ILE H 136 23.02 78.25 -6.09
C ILE H 136 21.73 78.71 -6.76
N SER H 137 20.79 79.17 -5.91
CA SER H 137 19.52 79.74 -6.37
C SER H 137 18.98 80.85 -5.44
N ASP H 138 18.15 81.71 -6.00
CA ASP H 138 17.52 82.81 -5.28
C ASP H 138 16.09 82.48 -4.89
N SER H 139 15.64 81.28 -5.26
CA SER H 139 14.28 80.81 -4.94
C SER H 139 14.03 80.80 -3.42
N SER H 140 12.83 81.26 -3.03
CA SER H 140 12.45 81.40 -1.61
C SER H 140 12.49 80.08 -0.83
N ALA H 141 12.13 78.98 -1.49
CA ALA H 141 12.15 77.62 -0.89
C ALA H 141 13.45 77.31 -0.16
N PHE H 142 14.48 76.99 -0.92
CA PHE H 142 15.85 76.82 -0.40
C PHE H 142 16.19 77.81 0.71
N LYS H 143 16.40 77.27 1.92
CA LYS H 143 16.66 78.11 3.10
C LYS H 143 18.00 77.78 3.75
N LYS H 144 17.95 77.40 5.03
CA LYS H 144 19.15 77.05 5.80
C LYS H 144 19.67 75.69 5.34
N ASP H 145 20.89 75.36 5.77
CA ASP H 145 21.53 74.07 5.43
C ASP H 145 20.51 72.93 5.48
N LEU H 146 20.00 72.59 4.31
CA LEU H 146 18.98 71.54 4.16
C LEU H 146 19.56 70.14 4.34
N THR H 147 18.72 69.15 4.11
CA THR H 147 19.14 67.74 4.21
C THR H 147 18.69 66.94 2.99
N ALA H 148 19.27 65.76 2.78
CA ALA H 148 18.88 64.91 1.65
C ALA H 148 18.80 63.47 2.07
N ALA H 149 18.52 62.59 1.13
CA ALA H 149 18.38 61.15 1.40
C ALA H 149 19.13 60.32 0.37
N CYS H 150 20.30 60.81 -0.03
CA CYS H 150 21.20 60.12 -0.98
C CYS H 150 21.35 58.64 -0.65
N ILE H 151 20.49 57.85 -1.28
CA ILE H 151 20.42 56.40 -1.02
C ILE H 151 20.75 55.65 -2.29
N ARG H 152 21.92 54.99 -2.27
CA ARG H 152 22.41 54.17 -3.39
C ARG H 152 22.23 54.91 -4.70
N ALA H 153 22.75 56.13 -4.68
CA ALA H 153 22.38 57.12 -5.63
C ALA H 153 23.30 57.02 -6.81
N PRO H 154 22.93 57.66 -7.92
CA PRO H 154 23.80 57.80 -9.04
C PRO H 154 24.77 58.96 -8.88
N TYR H 155 25.76 59.01 -9.77
CA TYR H 155 26.81 60.04 -9.76
C TYR H 155 26.88 60.79 -11.07
N ILE H 156 26.84 62.10 -10.95
CA ILE H 156 26.98 62.97 -12.11
C ILE H 156 28.47 63.22 -12.34
N ARG H 157 28.99 62.56 -13.36
CA ARG H 157 30.43 62.57 -13.66
C ARG H 157 30.82 63.77 -14.52
N GLU H 158 29.98 64.10 -15.48
CA GLU H 158 30.29 65.19 -16.43
C GLU H 158 29.11 66.10 -16.69
N ILE H 159 29.41 67.41 -16.77
CA ILE H 159 28.48 68.41 -17.32
C ILE H 159 28.89 68.68 -18.76
N LEU H 160 27.96 68.50 -19.71
CA LEU H 160 28.30 68.47 -21.15
C LEU H 160 27.85 69.70 -21.92
N SER H 161 27.23 70.64 -21.22
CA SER H 161 26.73 71.89 -21.82
C SER H 161 26.80 73.06 -20.82
N ASP H 162 26.97 74.26 -21.36
CA ASP H 162 26.83 75.48 -20.56
C ASP H 162 25.38 75.74 -20.18
N GLU H 163 24.45 75.17 -20.95
CA GLU H 163 23.01 75.28 -20.67
C GLU H 163 22.66 74.69 -19.30
N VAL H 164 23.43 73.68 -18.88
CA VAL H 164 23.16 72.98 -17.60
C VAL H 164 23.65 73.85 -16.45
N LYS H 165 22.72 74.12 -15.55
CA LYS H 165 23.00 74.89 -14.35
C LYS H 165 23.09 73.96 -13.17
N VAL H 166 24.21 74.03 -12.45
CA VAL H 166 24.41 73.23 -11.24
C VAL H 166 23.67 73.92 -10.10
N LEU H 167 22.59 73.29 -9.69
CA LEU H 167 21.63 73.85 -8.74
C LEU H 167 22.01 73.60 -7.28
N ALA H 168 22.52 72.40 -7.01
CA ALA H 168 22.91 72.04 -5.65
C ALA H 168 24.04 71.01 -5.63
N THR H 169 25.04 71.31 -4.80
CA THR H 169 26.22 70.44 -4.61
C THR H 169 26.32 70.04 -3.15
N PHE H 170 27.24 69.13 -2.87
CA PHE H 170 27.61 68.82 -1.49
C PHE H 170 28.99 68.23 -1.40
N SER H 171 29.56 68.34 -0.20
CA SER H 171 30.90 67.83 0.10
C SER H 171 30.74 66.67 1.08
N HIS H 172 31.30 65.53 0.69
CA HIS H 172 31.36 64.34 1.53
C HIS H 172 32.81 64.01 1.90
N GLU H 173 32.99 63.30 3.01
CA GLU H 173 34.34 62.87 3.49
C GLU H 173 34.68 61.44 3.04
N SER H 174 34.25 61.08 1.85
CA SER H 174 34.53 59.77 1.27
C SER H 174 34.33 59.69 -0.25
N TYR H 175 33.79 60.76 -0.83
CA TYR H 175 33.54 60.84 -2.27
C TYR H 175 34.17 62.08 -2.91
N GLY H 176 34.80 62.92 -2.09
CA GLY H 176 35.37 64.18 -2.56
C GLY H 176 34.53 65.40 -2.21
N PRO H 177 34.99 66.58 -2.61
CA PRO H 177 34.25 67.83 -2.50
C PRO H 177 33.54 68.22 -3.79
N ASN H 178 32.45 68.96 -3.66
CA ASN H 178 31.72 69.51 -4.82
C ASN H 178 31.09 68.43 -5.65
N ILE H 179 30.46 67.47 -4.97
CA ILE H 179 29.65 66.42 -5.64
C ILE H 179 28.31 67.00 -6.08
N ILE H 180 27.99 66.80 -7.35
CA ILE H 180 26.83 67.43 -7.96
C ILE H 180 25.56 66.71 -7.57
N ALA H 181 24.71 67.40 -6.83
CA ALA H 181 23.48 66.83 -6.26
C ALA H 181 22.23 67.15 -7.08
N ALA H 182 22.19 68.35 -7.67
CA ALA H 182 21.03 68.82 -8.41
C ALA H 182 21.43 69.60 -9.63
N VAL H 183 20.80 69.33 -10.77
CA VAL H 183 21.05 70.07 -11.98
C VAL H 183 19.75 70.53 -12.61
N GLU H 184 19.82 71.63 -13.36
CA GLU H 184 18.65 72.14 -14.09
C GLU H 184 19.08 72.59 -15.49
N GLN H 185 18.28 72.21 -16.47
CA GLN H 185 18.55 72.55 -17.88
C GLN H 185 17.25 72.79 -18.60
N ASN H 186 16.85 74.05 -18.66
CA ASN H 186 15.62 74.43 -19.37
C ASN H 186 14.37 73.97 -18.60
N ASN H 187 13.64 73.02 -19.18
CA ASN H 187 12.41 72.50 -18.59
C ASN H 187 12.66 71.23 -17.77
N CYS H 188 13.93 70.90 -17.55
CA CYS H 188 14.31 69.67 -16.84
C CYS H 188 15.03 69.96 -15.54
N LEU H 189 14.60 69.27 -14.49
CA LEU H 189 15.25 69.30 -13.19
C LEU H 189 15.68 67.89 -12.88
N GLY H 190 16.89 67.74 -12.35
CA GLY H 190 17.46 66.43 -12.01
C GLY H 190 18.13 66.39 -10.65
N THR H 191 17.76 65.43 -9.83
CA THR H 191 18.36 65.27 -8.50
C THR H 191 18.76 63.83 -8.30
N VAL H 192 19.88 63.62 -7.64
CA VAL H 192 20.42 62.27 -7.39
C VAL H 192 19.98 61.71 -6.05
N PHE H 193 19.39 62.57 -5.23
CA PHE H 193 18.99 62.18 -3.87
C PHE H 193 17.51 61.81 -3.86
N ASN H 194 17.04 61.41 -2.67
CA ASN H 194 15.64 61.16 -2.46
C ASN H 194 14.99 62.29 -1.66
N PRO H 195 14.34 63.20 -2.37
CA PRO H 195 13.71 64.33 -1.73
C PRO H 195 12.53 63.93 -0.82
N GLU H 196 11.89 62.80 -1.12
CA GLU H 196 10.66 62.37 -0.44
C GLU H 196 10.89 61.69 0.92
N LEU H 197 12.14 61.42 1.24
CA LEU H 197 12.48 60.65 2.45
C LEU H 197 12.85 61.53 3.67
N LEU H 198 13.03 62.83 3.43
CA LEU H 198 13.25 63.80 4.49
C LEU H 198 11.93 64.56 4.70
N PRO H 199 11.72 65.15 5.88
CA PRO H 199 10.46 65.88 6.12
C PRO H 199 10.24 67.17 5.31
N HIS H 200 11.30 67.91 5.01
CA HIS H 200 11.15 69.19 4.29
C HIS H 200 10.74 68.99 2.83
N THR H 201 10.13 70.02 2.26
CA THR H 201 9.51 69.94 0.92
C THR H 201 10.05 70.96 -0.10
N ALA H 202 11.29 71.39 0.11
CA ALA H 202 11.89 72.48 -0.65
C ALA H 202 11.89 72.20 -2.14
N PHE H 203 12.34 71.03 -2.52
CA PHE H 203 12.46 70.69 -3.95
C PHE H 203 11.08 70.52 -4.58
N GLN H 204 10.14 70.03 -3.79
CA GLN H 204 8.75 69.93 -4.26
C GLN H 204 8.21 71.31 -4.55
N GLN H 205 8.44 72.23 -3.64
CA GLN H 205 7.99 73.61 -3.81
C GLN H 205 8.64 74.23 -5.05
N TYR H 206 9.95 74.05 -5.15
CA TYR H 206 10.72 74.61 -6.26
C TYR H 206 10.11 74.13 -7.56
N PHE H 207 9.90 72.81 -7.67
CA PHE H 207 9.35 72.23 -8.91
C PHE H 207 7.94 72.70 -9.15
N TYR H 208 7.19 72.92 -8.09
CA TYR H 208 5.84 73.46 -8.24
C TYR H 208 5.90 74.81 -8.92
N GLU H 209 6.75 75.67 -8.39
CA GLU H 209 6.92 77.02 -8.91
C GLU H 209 7.32 77.02 -10.38
N LYS H 210 8.18 76.07 -10.74
CA LYS H 210 8.63 75.89 -12.14
C LYS H 210 7.43 75.63 -13.05
N VAL H 211 6.58 74.68 -12.63
CA VAL H 211 5.37 74.27 -13.39
C VAL H 211 4.38 75.43 -13.49
N LYS H 212 4.23 76.15 -12.38
CA LYS H 212 3.39 77.34 -12.33
C LYS H 212 3.86 78.39 -13.33
N ASN H 213 5.16 78.67 -13.32
CA ASN H 213 5.78 79.65 -14.24
C ASN H 213 5.63 79.24 -15.69
N TYR H 214 5.84 77.95 -15.95
CA TYR H 214 5.67 77.35 -17.28
C TYR H 214 4.34 77.66 -17.96
N LYS H 215 3.28 77.73 -17.17
CA LYS H 215 1.94 78.04 -17.68
C LYS H 215 1.78 79.52 -18.06
N TYR H 216 2.09 80.40 -17.10
CA TYR H 216 2.07 81.88 -17.29
C TYR H 216 2.88 82.37 -18.49
N SER H 217 3.86 81.56 -18.90
CA SER H 217 4.67 81.78 -20.10
C SER H 217 4.10 82.84 -21.06
N GLU I 1 -4.94 -71.24 28.32
CA GLU I 1 -4.92 -69.89 27.65
C GLU I 1 -4.87 -70.03 26.13
N ILE I 2 -5.89 -69.51 25.47
CA ILE I 2 -5.93 -69.47 24.01
C ILE I 2 -5.76 -68.03 23.54
N THR I 3 -4.78 -67.79 22.67
CA THR I 3 -4.60 -66.46 22.09
C THR I 3 -4.93 -66.47 20.61
N ILE I 4 -5.91 -65.65 20.25
CA ILE I 4 -6.24 -65.43 18.86
C ILE I 4 -5.83 -64.03 18.52
N GLY I 5 -5.16 -63.89 17.38
CA GLY I 5 -4.74 -62.59 16.87
C GLY I 5 -5.65 -62.09 15.76
N VAL I 6 -5.72 -60.78 15.62
CA VAL I 6 -6.39 -60.17 14.51
C VAL I 6 -5.44 -59.22 13.81
N LEU I 7 -5.12 -59.53 12.56
CA LEU I 7 -4.23 -58.70 11.77
C LEU I 7 -4.79 -57.27 11.70
N SER I 8 -4.00 -56.29 12.12
CA SER I 8 -4.53 -54.95 12.39
C SER I 8 -3.84 -53.81 11.63
N LEU I 9 -2.97 -54.13 10.69
CA LEU I 9 -2.27 -53.10 9.91
C LEU I 9 -3.25 -52.28 9.10
N GLN I 10 -4.49 -52.72 9.07
CA GLN I 10 -5.59 -52.00 8.49
C GLN I 10 -6.69 -52.99 8.18
N GLY I 11 -7.92 -52.49 8.18
CA GLY I 11 -9.13 -53.28 7.96
C GLY I 11 -10.05 -53.00 9.13
N ASP I 12 -11.12 -53.77 9.28
CA ASP I 12 -12.03 -53.52 10.40
C ASP I 12 -11.90 -54.61 11.46
N PHE I 13 -11.16 -54.30 12.51
CA PHE I 13 -10.80 -55.31 13.52
C PHE I 13 -11.42 -55.05 14.88
N GLU I 14 -11.30 -53.83 15.39
CA GLU I 14 -11.81 -53.55 16.75
C GLU I 14 -13.27 -53.99 16.91
N PRO I 15 -13.97 -54.20 15.78
CA PRO I 15 -15.14 -55.05 15.66
C PRO I 15 -14.81 -56.54 15.82
N HIS I 16 -14.20 -57.17 14.80
CA HIS I 16 -13.72 -58.56 14.92
C HIS I 16 -13.22 -58.81 16.34
N ILE I 17 -12.31 -57.94 16.83
CA ILE I 17 -11.82 -58.04 18.21
C ILE I 17 -12.97 -57.99 19.19
N ASN I 18 -13.81 -56.97 19.07
CA ASN I 18 -15.04 -56.84 19.87
C ASN I 18 -15.95 -58.08 19.77
N HIS I 19 -16.10 -58.59 18.55
CA HIS I 19 -17.02 -59.71 18.29
C HIS I 19 -16.52 -61.02 18.92
N PHE I 20 -15.20 -61.18 19.03
CA PHE I 20 -14.63 -62.32 19.77
C PHE I 20 -14.77 -62.11 21.27
N ILE I 21 -14.62 -60.88 21.73
CA ILE I 21 -14.82 -60.56 23.15
C ILE I 21 -16.27 -60.79 23.56
N LYS I 22 -17.20 -60.63 22.62
CA LYS I 22 -18.64 -60.91 22.84
C LYS I 22 -18.92 -62.38 23.18
N LEU I 23 -18.00 -63.28 22.79
CA LEU I 23 -18.10 -64.71 23.11
C LEU I 23 -18.07 -64.93 24.63
N GLN I 24 -17.37 -64.04 25.34
CA GLN I 24 -17.27 -64.05 26.81
C GLN I 24 -16.65 -65.33 27.37
N ILE I 25 -15.67 -65.85 26.63
CA ILE I 25 -15.00 -67.12 26.98
C ILE I 25 -13.79 -66.83 27.86
N PRO I 26 -13.82 -67.30 29.13
CA PRO I 26 -12.74 -66.97 30.09
C PRO I 26 -11.31 -67.22 29.61
N SER I 27 -11.11 -68.33 28.90
CA SER I 27 -9.78 -68.78 28.44
C SER I 27 -9.20 -67.95 27.30
N LEU I 28 -10.04 -67.13 26.66
CA LEU I 28 -9.70 -66.46 25.41
C LEU I 28 -9.11 -65.07 25.62
N ASN I 29 -7.94 -64.88 24.99
CA ASN I 29 -7.25 -63.59 24.84
C ASN I 29 -7.22 -63.18 23.39
N ILE I 30 -7.54 -61.92 23.11
CA ILE I 30 -7.41 -61.41 21.75
C ILE I 30 -6.28 -60.40 21.73
N ILE I 31 -5.46 -60.46 20.68
CA ILE I 31 -4.42 -59.45 20.47
C ILE I 31 -4.45 -58.89 19.04
N GLN I 32 -3.92 -57.67 18.90
CA GLN I 32 -3.58 -57.11 17.58
C GLN I 32 -2.29 -57.74 17.07
N VAL I 33 -2.25 -57.99 15.77
CA VAL I 33 -1.05 -58.53 15.12
C VAL I 33 -0.61 -57.58 14.02
N ARG I 34 0.56 -56.99 14.21
CA ARG I 34 1.11 -56.01 13.27
C ARG I 34 2.54 -56.34 12.85
N ASN I 35 3.11 -57.37 13.45
CA ASN I 35 4.49 -57.77 13.20
C ASN I 35 4.70 -59.24 13.55
N VAL I 36 5.90 -59.74 13.27
CA VAL I 36 6.24 -61.16 13.45
C VAL I 36 6.27 -61.59 14.93
N HIS I 37 6.68 -60.65 15.81
CA HIS I 37 6.66 -60.90 17.25
C HIS I 37 5.24 -61.23 17.74
N ASP I 38 4.29 -60.34 17.41
CA ASP I 38 2.86 -60.54 17.72
C ASP I 38 2.37 -61.88 17.18
N LEU I 39 2.71 -62.16 15.91
CA LEU I 39 2.26 -63.38 15.23
C LEU I 39 2.72 -64.62 15.97
N GLY I 40 3.92 -64.56 16.52
CA GLY I 40 4.49 -65.67 17.30
C GLY I 40 3.77 -66.03 18.59
N LEU I 41 2.98 -65.10 19.11
CA LEU I 41 2.18 -65.32 20.33
C LEU I 41 0.82 -65.95 20.04
N CYS I 42 0.48 -66.07 18.76
CA CYS I 42 -0.85 -66.47 18.35
C CYS I 42 -1.01 -67.98 18.20
N ASP I 43 -2.12 -68.47 18.71
CA ASP I 43 -2.59 -69.85 18.49
C ASP I 43 -3.44 -69.95 17.21
N GLY I 44 -4.10 -68.85 16.88
CA GLY I 44 -4.83 -68.72 15.62
C GLY I 44 -4.86 -67.26 15.20
N LEU I 45 -5.12 -67.03 13.93
CA LEU I 45 -5.07 -65.68 13.36
C LEU I 45 -6.28 -65.37 12.50
N VAL I 46 -6.84 -64.19 12.67
CA VAL I 46 -7.89 -63.69 11.79
C VAL I 46 -7.31 -62.60 10.90
N ILE I 47 -7.49 -62.75 9.58
CA ILE I 47 -7.12 -61.71 8.61
C ILE I 47 -8.40 -61.09 8.08
N PRO I 48 -8.81 -59.98 8.69
CA PRO I 48 -10.05 -59.27 8.50
C PRO I 48 -10.32 -58.66 7.15
N GLY I 49 -11.38 -57.86 7.14
CA GLY I 49 -11.92 -57.28 5.94
C GLY I 49 -11.44 -55.86 5.85
N GLY I 50 -11.24 -55.43 4.63
CA GLY I 50 -10.63 -54.15 4.38
C GLY I 50 -10.11 -54.28 2.98
N GLU I 51 -9.32 -53.31 2.54
CA GLU I 51 -8.62 -53.46 1.27
C GLU I 51 -7.62 -54.59 1.41
N SER I 52 -7.34 -55.22 0.27
CA SER I 52 -6.34 -56.30 0.19
C SER I 52 -5.07 -55.77 -0.45
N THR I 53 -5.24 -55.15 -1.62
CA THR I 53 -4.18 -54.37 -2.24
C THR I 53 -3.64 -53.39 -1.21
N THR I 54 -4.20 -53.45 -0.01
CA THR I 54 -3.70 -52.71 1.14
C THR I 54 -3.12 -53.69 2.15
N VAL I 55 -3.92 -54.67 2.58
CA VAL I 55 -3.45 -55.63 3.59
C VAL I 55 -2.16 -56.29 3.14
N ARG I 56 -2.08 -56.63 1.86
CA ARG I 56 -0.87 -57.29 1.30
C ARG I 56 0.34 -56.37 1.34
N ARG I 57 0.11 -55.14 0.93
CA ARG I 57 1.16 -54.12 0.95
C ARG I 57 1.76 -53.93 2.35
N CYS I 58 0.89 -53.90 3.35
CA CYS I 58 1.28 -53.77 4.76
C CYS I 58 2.24 -54.88 5.18
N CYS I 59 2.01 -56.08 4.65
CA CYS I 59 2.83 -57.27 4.96
C CYS I 59 4.14 -57.29 4.19
N ALA I 60 4.29 -56.34 3.30
CA ALA I 60 5.41 -56.33 2.34
C ALA I 60 6.66 -55.65 2.87
N TYR I 61 6.53 -55.02 4.03
CA TYR I 61 7.62 -54.23 4.60
C TYR I 61 8.80 -55.09 4.92
N GLU I 62 9.97 -54.44 4.99
CA GLU I 62 11.25 -55.09 5.31
C GLU I 62 11.45 -56.37 4.48
N ASN I 63 11.25 -56.22 3.18
CA ASN I 63 11.46 -57.31 2.21
C ASN I 63 10.56 -58.52 2.45
N ASP I 64 9.27 -58.27 2.65
CA ASP I 64 8.26 -59.33 2.85
C ASP I 64 8.51 -60.18 4.10
N THR I 65 8.97 -59.55 5.18
CA THR I 65 9.22 -60.25 6.44
C THR I 65 7.93 -60.86 7.01
N LEU I 66 6.89 -60.03 7.14
CA LEU I 66 5.61 -60.49 7.72
C LEU I 66 4.91 -61.46 6.76
N TYR I 67 4.91 -61.13 5.47
CA TYR I 67 4.33 -62.03 4.47
C TYR I 67 4.89 -63.46 4.60
N ASN I 68 6.21 -63.55 4.61
CA ASN I 68 6.90 -64.85 4.71
C ASN I 68 6.54 -65.58 5.99
N ALA I 69 6.47 -64.84 7.09
CA ALA I 69 6.12 -65.42 8.38
C ALA I 69 4.70 -65.96 8.37
N LEU I 70 3.82 -65.24 7.69
CA LEU I 70 2.41 -65.66 7.54
C LEU I 70 2.32 -66.91 6.68
N VAL I 71 3.05 -66.94 5.59
CA VAL I 71 3.05 -68.12 4.73
C VAL I 71 3.51 -69.36 5.52
N HIS I 72 4.56 -69.18 6.31
CA HIS I 72 5.11 -70.25 7.18
C HIS I 72 4.08 -70.67 8.24
N PHE I 73 3.43 -69.69 8.86
CA PHE I 73 2.37 -69.91 9.88
C PHE I 73 1.21 -70.75 9.34
N ILE I 74 0.82 -70.47 8.10
CA ILE I 74 -0.31 -71.14 7.45
C ILE I 74 0.04 -72.53 6.93
N HIS I 75 1.22 -72.65 6.31
CA HIS I 75 1.55 -73.84 5.52
C HIS I 75 2.56 -74.80 6.15
N VAL I 76 3.38 -74.29 7.05
CA VAL I 76 4.38 -75.12 7.73
C VAL I 76 3.87 -75.48 9.13
N LEU I 77 3.57 -74.46 9.93
CA LEU I 77 3.03 -74.66 11.30
C LEU I 77 1.59 -75.16 11.30
N LYS I 78 0.88 -74.92 10.19
CA LYS I 78 -0.53 -75.33 10.01
C LYS I 78 -1.43 -74.81 11.11
N LYS I 79 -1.16 -73.60 11.59
CA LYS I 79 -1.99 -72.98 12.62
C LYS I 79 -3.29 -72.48 11.99
N PRO I 80 -4.39 -72.46 12.77
CA PRO I 80 -5.68 -72.01 12.24
C PRO I 80 -5.73 -70.55 11.85
N ILE I 81 -6.21 -70.31 10.64
CA ILE I 81 -6.32 -68.96 10.11
C ILE I 81 -7.70 -68.76 9.52
N TRP I 82 -8.27 -67.59 9.80
CA TRP I 82 -9.58 -67.22 9.29
C TRP I 82 -9.47 -65.95 8.47
N GLY I 83 -9.53 -66.13 7.15
CA GLY I 83 -9.52 -65.02 6.20
C GLY I 83 -10.96 -64.66 5.88
N THR I 84 -11.37 -63.48 6.33
CA THR I 84 -12.70 -62.97 5.99
C THR I 84 -12.56 -62.06 4.75
N CYS I 85 -13.59 -61.29 4.41
CA CYS I 85 -13.60 -60.49 3.16
C CYS I 85 -12.24 -60.42 2.37
N ALA I 86 -11.42 -59.40 2.62
CA ALA I 86 -10.06 -59.26 2.02
C ALA I 86 -9.16 -60.43 2.35
N GLY I 87 -9.21 -60.89 3.60
CA GLY I 87 -8.41 -62.03 4.04
C GLY I 87 -8.73 -63.33 3.32
N CYS I 88 -10.01 -63.50 2.95
CA CYS I 88 -10.45 -64.67 2.19
C CYS I 88 -9.76 -64.64 0.82
N ILE I 89 -9.71 -63.45 0.21
CA ILE I 89 -9.02 -63.25 -1.07
C ILE I 89 -7.54 -63.57 -0.96
N LEU I 90 -6.93 -63.17 0.14
CA LEU I 90 -5.49 -63.39 0.37
C LEU I 90 -5.10 -64.82 0.78
N LEU I 91 -6.11 -65.67 1.04
CA LEU I 91 -5.88 -67.13 1.25
C LEU I 91 -6.08 -67.94 -0.05
N SER I 92 -6.63 -67.29 -1.07
CA SER I 92 -7.05 -67.98 -2.29
C SER I 92 -5.89 -68.26 -3.25
N LYS I 93 -5.96 -69.42 -3.89
CA LYS I 93 -4.96 -69.85 -4.88
C LYS I 93 -4.94 -68.91 -6.07
N ASN I 94 -6.13 -68.72 -6.65
CA ASN I 94 -6.35 -67.82 -7.77
C ASN I 94 -7.07 -66.58 -7.28
N VAL I 95 -6.59 -65.42 -7.71
CA VAL I 95 -7.28 -64.17 -7.44
C VAL I 95 -7.56 -63.49 -8.77
N GLU I 96 -8.79 -63.03 -8.92
CA GLU I 96 -9.38 -62.72 -10.22
C GLU I 96 -9.50 -61.23 -10.59
N ASN I 97 -8.74 -60.75 -11.56
CA ASN I 97 -7.32 -61.05 -11.71
C ASN I 97 -6.71 -59.72 -12.10
N ILE I 98 -5.46 -59.56 -11.68
CA ILE I 98 -4.93 -58.24 -11.33
C ILE I 98 -4.49 -57.44 -12.56
N LYS I 99 -5.46 -56.88 -13.28
CA LYS I 99 -5.24 -56.28 -14.62
C LYS I 99 -4.08 -55.27 -14.60
N LEU I 100 -4.14 -54.35 -13.64
CA LEU I 100 -3.08 -53.33 -13.41
C LEU I 100 -2.46 -53.43 -12.03
N TYR I 101 -3.21 -54.03 -11.13
CA TYR I 101 -3.00 -53.92 -9.69
C TYR I 101 -1.87 -54.89 -9.35
N SER I 102 -1.48 -55.65 -10.38
CA SER I 102 -0.41 -56.61 -10.29
C SER I 102 0.88 -55.94 -9.92
N ASN I 103 1.40 -56.35 -8.79
CA ASN I 103 2.74 -56.03 -8.38
C ASN I 103 3.10 -57.19 -7.50
N PHE I 104 4.15 -57.92 -7.85
CA PHE I 104 4.57 -59.06 -7.04
C PHE I 104 3.36 -59.96 -6.81
N GLY I 105 2.39 -59.89 -7.71
CA GLY I 105 1.05 -60.45 -7.49
C GLY I 105 1.04 -61.96 -7.25
N ASN I 106 1.83 -62.70 -8.00
CA ASN I 106 1.86 -64.15 -7.84
C ASN I 106 2.12 -64.58 -6.40
N LYS I 107 2.94 -63.79 -5.73
CA LYS I 107 3.22 -63.92 -4.30
C LYS I 107 2.16 -63.19 -3.47
N PHE I 108 1.24 -62.53 -4.16
CA PHE I 108 0.18 -61.70 -3.60
C PHE I 108 -0.61 -62.45 -2.55
N SER I 109 -1.08 -63.64 -2.93
CA SER I 109 -1.85 -64.47 -2.00
C SER I 109 -0.93 -65.15 -0.99
N PHE I 110 -1.41 -65.29 0.25
CA PHE I 110 -0.75 -66.16 1.25
C PHE I 110 -0.98 -67.62 0.91
N GLY I 111 -2.06 -67.89 0.20
CA GLY I 111 -2.49 -69.26 -0.07
C GLY I 111 -3.19 -69.88 1.14
N GLY I 112 -3.66 -71.11 0.95
CA GLY I 112 -4.31 -71.89 2.01
C GLY I 112 -5.67 -72.48 1.62
N LEU I 113 -6.39 -71.73 0.79
CA LEU I 113 -7.67 -72.18 0.22
C LEU I 113 -7.51 -72.38 -1.28
N ASP I 114 -7.67 -73.62 -1.72
CA ASP I 114 -7.55 -73.98 -3.13
C ASP I 114 -8.87 -73.64 -3.83
N ILE I 115 -9.02 -72.35 -4.09
CA ILE I 115 -10.20 -71.79 -4.76
C ILE I 115 -9.79 -70.70 -5.72
N THR I 116 -10.66 -70.42 -6.68
CA THR I 116 -10.55 -69.22 -7.50
C THR I 116 -11.60 -68.23 -7.00
N ILE I 117 -11.16 -66.98 -6.83
CA ILE I 117 -11.99 -65.94 -6.20
C ILE I 117 -11.96 -64.67 -7.02
N CYS I 118 -13.08 -63.96 -7.00
CA CYS I 118 -13.27 -62.74 -7.77
C CYS I 118 -13.44 -61.52 -6.91
N ARG I 119 -12.43 -60.65 -6.94
CA ARG I 119 -12.51 -59.36 -6.26
C ARG I 119 -13.89 -58.80 -6.45
N ASN I 120 -14.48 -58.31 -5.37
CA ASN I 120 -15.85 -57.80 -5.38
C ASN I 120 -16.39 -57.60 -6.82
N PHE I 121 -17.24 -58.52 -7.26
CA PHE I 121 -17.84 -58.44 -8.60
C PHE I 121 -19.16 -57.68 -8.56
N TYR I 122 -19.67 -57.47 -7.35
CA TYR I 122 -20.92 -56.74 -7.16
C TYR I 122 -20.69 -55.26 -7.37
N GLY I 123 -21.48 -54.68 -8.28
CA GLY I 123 -21.41 -53.24 -8.62
C GLY I 123 -20.33 -52.45 -7.90
N SER I 124 -20.75 -51.58 -6.97
CA SER I 124 -19.83 -50.74 -6.19
C SER I 124 -19.96 -50.95 -4.66
N GLN I 125 -20.24 -49.87 -3.94
CA GLN I 125 -20.42 -49.89 -2.47
C GLN I 125 -21.82 -49.47 -2.03
N ASN I 126 -22.59 -48.86 -2.93
CA ASN I 126 -24.01 -48.54 -2.67
C ASN I 126 -24.95 -49.60 -3.28
N ASP I 127 -24.58 -50.86 -3.09
CA ASP I 127 -25.40 -52.02 -3.51
C ASP I 127 -25.22 -53.23 -2.59
N SER I 128 -24.07 -53.29 -1.93
CA SER I 128 -23.80 -54.26 -0.88
C SER I 128 -25.07 -54.58 -0.11
N PHE I 129 -25.28 -55.86 0.15
CA PHE I 129 -26.55 -56.29 0.72
C PHE I 129 -26.39 -56.89 2.12
N ILE I 130 -27.18 -57.92 2.40
CA ILE I 130 -27.15 -58.70 3.63
C ILE I 130 -27.65 -60.10 3.27
N CYS I 131 -27.54 -61.05 4.19
CA CYS I 131 -28.02 -62.37 3.86
C CYS I 131 -28.46 -63.20 5.03
N SER I 132 -29.11 -64.28 4.67
CA SER I 132 -29.39 -65.40 5.52
C SER I 132 -28.72 -66.56 4.79
N LEU I 133 -28.23 -67.53 5.53
CA LEU I 133 -27.39 -68.58 4.94
C LEU I 133 -27.78 -70.00 5.36
N ASN I 134 -27.07 -70.95 4.76
CA ASN I 134 -27.25 -72.37 5.03
C ASN I 134 -25.90 -72.93 5.42
N ILE I 135 -25.91 -74.01 6.19
CA ILE I 135 -24.67 -74.55 6.75
C ILE I 135 -24.62 -76.07 6.71
N ILE I 136 -23.48 -76.60 6.27
CA ILE I 136 -23.24 -78.04 6.20
C ILE I 136 -22.24 -78.47 7.27
N SER I 137 -22.61 -78.23 8.52
CA SER I 137 -21.80 -78.62 9.68
C SER I 137 -22.65 -79.08 10.86
N ASP I 138 -22.00 -79.82 11.76
CA ASP I 138 -22.66 -80.36 12.95
C ASP I 138 -22.30 -79.54 14.21
N SER I 139 -21.41 -78.56 14.04
CA SER I 139 -20.95 -77.71 15.14
C SER I 139 -22.15 -77.05 15.83
N SER I 140 -22.07 -76.95 17.16
CA SER I 140 -23.16 -76.45 18.01
C SER I 140 -23.51 -74.98 17.72
N ALA I 141 -22.50 -74.17 17.39
CA ALA I 141 -22.67 -72.76 17.03
C ALA I 141 -23.83 -72.59 16.05
N PHE I 142 -23.53 -72.75 14.77
CA PHE I 142 -24.55 -72.74 13.70
C PHE I 142 -25.89 -73.25 14.20
N LYS I 143 -26.88 -72.35 14.21
CA LYS I 143 -28.22 -72.68 14.70
C LYS I 143 -29.26 -72.41 13.60
N LYS I 144 -30.29 -71.65 13.95
CA LYS I 144 -31.38 -71.33 13.03
C LYS I 144 -30.84 -70.46 11.88
N ASP I 145 -31.68 -70.26 10.86
CA ASP I 145 -31.35 -69.43 9.69
C ASP I 145 -30.62 -68.14 10.08
N LEU I 146 -29.29 -68.22 10.03
CA LEU I 146 -28.45 -67.11 10.45
C LEU I 146 -28.49 -65.96 9.46
N THR I 147 -27.71 -64.94 9.78
CA THR I 147 -27.62 -63.73 8.95
C THR I 147 -26.17 -63.39 8.60
N ALA I 148 -25.98 -62.58 7.57
CA ALA I 148 -24.64 -62.15 7.15
C ALA I 148 -24.61 -60.66 6.82
N ALA I 149 -23.44 -60.19 6.41
CA ALA I 149 -23.22 -58.77 6.06
C ALA I 149 -22.46 -58.64 4.74
N CYS I 150 -22.78 -59.52 3.78
CA CYS I 150 -22.18 -59.51 2.44
C CYS I 150 -22.17 -58.10 1.87
N ILE I 151 -21.05 -57.42 2.10
CA ILE I 151 -20.89 -56.03 1.69
C ILE I 151 -19.77 -55.90 0.69
N ARG I 152 -20.13 -55.60 -0.56
CA ARG I 152 -19.19 -55.43 -1.66
C ARG I 152 -18.18 -56.58 -1.62
N ALA I 153 -18.72 -57.78 -1.56
CA ALA I 153 -17.97 -58.95 -1.17
C ALA I 153 -17.32 -59.59 -2.39
N PRO I 154 -16.40 -60.51 -2.15
CA PRO I 154 -15.80 -61.30 -3.21
C PRO I 154 -16.59 -62.58 -3.56
N TYR I 155 -16.38 -63.07 -4.78
CA TYR I 155 -17.11 -64.21 -5.32
C TYR I 155 -16.24 -65.41 -5.55
N ILE I 156 -16.60 -66.52 -4.92
CA ILE I 156 -15.86 -67.76 -5.09
C ILE I 156 -16.38 -68.46 -6.33
N ARG I 157 -15.58 -68.37 -7.40
CA ARG I 157 -15.98 -68.86 -8.73
C ARG I 157 -15.71 -70.35 -8.92
N GLU I 158 -14.62 -70.83 -8.33
CA GLU I 158 -14.20 -72.23 -8.49
C GLU I 158 -13.72 -72.85 -7.19
N ILE I 159 -14.13 -74.09 -6.96
CA ILE I 159 -13.49 -74.97 -5.98
C ILE I 159 -12.52 -75.87 -6.75
N LEU I 160 -11.26 -75.91 -6.33
CA LEU I 160 -10.18 -76.53 -7.11
C LEU I 160 -9.65 -77.84 -6.52
N SER I 161 -10.17 -78.24 -5.36
CA SER I 161 -9.72 -79.45 -4.66
C SER I 161 -10.89 -80.09 -3.95
N ASP I 162 -10.83 -81.41 -3.81
CA ASP I 162 -11.78 -82.15 -2.97
C ASP I 162 -11.53 -81.92 -1.48
N GLU I 163 -10.33 -81.44 -1.15
CA GLU I 163 -9.96 -81.08 0.23
C GLU I 163 -10.80 -79.92 0.76
N VAL I 164 -11.24 -79.05 -0.16
CA VAL I 164 -12.01 -77.86 0.19
C VAL I 164 -13.43 -78.26 0.53
N LYS I 165 -13.84 -77.96 1.75
CA LYS I 165 -15.20 -78.23 2.21
C LYS I 165 -16.01 -76.95 2.12
N VAL I 166 -17.13 -77.03 1.39
CA VAL I 166 -18.10 -75.92 1.31
C VAL I 166 -18.93 -75.88 2.60
N LEU I 167 -18.60 -74.92 3.45
CA LEU I 167 -19.13 -74.85 4.81
C LEU I 167 -20.49 -74.19 4.85
N ALA I 168 -20.66 -73.15 4.02
CA ALA I 168 -21.92 -72.39 3.97
C ALA I 168 -22.21 -71.84 2.57
N THR I 169 -23.48 -71.89 2.19
CA THR I 169 -23.96 -71.34 0.92
C THR I 169 -25.21 -70.51 1.16
N PHE I 170 -25.59 -69.75 0.15
CA PHE I 170 -26.86 -69.01 0.17
C PHE I 170 -27.42 -68.83 -1.23
N SER I 171 -28.70 -68.50 -1.28
CA SER I 171 -29.41 -68.30 -2.54
C SER I 171 -29.93 -66.88 -2.61
N HIS I 172 -29.47 -66.13 -3.61
CA HIS I 172 -29.91 -64.76 -3.83
C HIS I 172 -30.75 -64.63 -5.11
N GLU I 173 -31.67 -63.68 -5.10
CA GLU I 173 -32.56 -63.40 -6.25
C GLU I 173 -31.96 -62.35 -7.20
N SER I 174 -30.66 -62.45 -7.41
CA SER I 174 -29.94 -61.55 -8.32
C SER I 174 -28.51 -61.99 -8.59
N TYR I 175 -28.09 -63.07 -7.94
CA TYR I 175 -26.75 -63.64 -8.11
C TYR I 175 -26.80 -65.15 -8.38
N GLY I 176 -28.00 -65.71 -8.43
CA GLY I 176 -28.19 -67.14 -8.65
C GLY I 176 -28.38 -67.91 -7.36
N PRO I 177 -28.56 -69.23 -7.46
CA PRO I 177 -28.64 -70.13 -6.32
C PRO I 177 -27.33 -70.86 -6.01
N ASN I 178 -27.11 -71.14 -4.73
CA ASN I 178 -25.93 -71.91 -4.26
C ASN I 178 -24.61 -71.12 -4.35
N ILE I 179 -24.69 -69.84 -4.01
CA ILE I 179 -23.50 -68.98 -3.95
C ILE I 179 -22.71 -69.38 -2.73
N ILE I 180 -21.41 -69.59 -2.92
CA ILE I 180 -20.56 -70.08 -1.84
C ILE I 180 -20.19 -68.91 -0.92
N ALA I 181 -20.55 -69.04 0.34
CA ALA I 181 -20.33 -67.99 1.36
C ALA I 181 -19.18 -68.31 2.31
N ALA I 182 -18.96 -69.59 2.59
CA ALA I 182 -17.93 -70.04 3.52
C ALA I 182 -17.27 -71.33 3.06
N VAL I 183 -15.95 -71.37 3.08
CA VAL I 183 -15.19 -72.58 2.77
C VAL I 183 -14.19 -72.89 3.87
N GLU I 184 -13.84 -74.17 4.01
CA GLU I 184 -12.83 -74.63 4.96
C GLU I 184 -11.92 -75.68 4.33
N GLN I 185 -10.61 -75.51 4.49
CA GLN I 185 -9.61 -76.43 3.93
C GLN I 185 -8.46 -76.63 4.91
N ASN I 186 -8.57 -77.68 5.73
CA ASN I 186 -7.53 -78.03 6.70
C ASN I 186 -7.48 -77.06 7.92
N ASN I 187 -6.44 -76.21 7.95
CA ASN I 187 -6.26 -75.18 8.99
C ASN I 187 -6.72 -73.79 8.54
N CYS I 188 -7.42 -73.74 7.41
CA CYS I 188 -7.89 -72.49 6.84
C CYS I 188 -9.40 -72.42 6.82
N LEU I 189 -9.92 -71.26 7.24
CA LEU I 189 -11.33 -70.91 7.13
C LEU I 189 -11.45 -69.62 6.32
N GLY I 190 -12.39 -69.60 5.38
CA GLY I 190 -12.59 -68.43 4.52
C GLY I 190 -14.05 -68.06 4.41
N THR I 191 -14.36 -66.78 4.60
CA THR I 191 -15.72 -66.26 4.47
C THR I 191 -15.73 -64.99 3.60
N VAL I 192 -16.73 -64.88 2.73
CA VAL I 192 -16.85 -63.71 1.82
C VAL I 192 -17.66 -62.56 2.43
N PHE I 193 -18.35 -62.85 3.54
CA PHE I 193 -19.22 -61.87 4.21
C PHE I 193 -18.50 -61.18 5.36
N ASN I 194 -19.19 -60.26 6.02
CA ASN I 194 -18.69 -59.59 7.20
C ASN I 194 -19.37 -60.12 8.47
N PRO I 195 -18.69 -61.01 9.17
CA PRO I 195 -19.24 -61.63 10.37
C PRO I 195 -19.37 -60.65 11.52
N GLU I 196 -18.56 -59.60 11.50
CA GLU I 196 -18.48 -58.63 12.61
C GLU I 196 -19.61 -57.59 12.57
N LEU I 197 -20.35 -57.56 11.47
CA LEU I 197 -21.37 -56.53 11.24
C LEU I 197 -22.80 -56.96 11.60
N LEU I 198 -22.98 -58.22 11.98
CA LEU I 198 -24.25 -58.71 12.53
C LEU I 198 -24.06 -59.00 14.02
N PRO I 199 -25.15 -58.96 14.81
CA PRO I 199 -24.97 -59.19 16.25
C PRO I 199 -24.48 -60.58 16.67
N HIS I 200 -24.88 -61.64 15.95
CA HIS I 200 -24.52 -63.01 16.35
C HIS I 200 -23.04 -63.31 16.12
N THR I 201 -22.53 -64.28 16.89
CA THR I 201 -21.09 -64.58 16.95
C THR I 201 -20.74 -66.01 16.53
N ALA I 202 -21.58 -66.59 15.69
CA ALA I 202 -21.50 -68.01 15.31
C ALA I 202 -20.16 -68.38 14.72
N PHE I 203 -19.70 -67.59 13.74
CA PHE I 203 -18.44 -67.88 13.05
C PHE I 203 -17.23 -67.61 13.92
N GLN I 204 -17.38 -66.67 14.86
CA GLN I 204 -16.33 -66.42 15.87
C GLN I 204 -16.17 -67.61 16.81
N GLN I 205 -17.31 -68.12 17.26
CA GLN I 205 -17.31 -69.30 18.12
C GLN I 205 -16.70 -70.53 17.41
N TYR I 206 -17.12 -70.75 16.17
CA TYR I 206 -16.63 -71.87 15.35
C TYR I 206 -15.12 -71.83 15.17
N PHE I 207 -14.60 -70.66 14.82
CA PHE I 207 -13.14 -70.47 14.66
C PHE I 207 -12.42 -70.65 15.99
N TYR I 208 -13.02 -70.17 17.08
CA TYR I 208 -12.45 -70.37 18.42
C TYR I 208 -12.25 -71.85 18.72
N GLU I 209 -13.30 -72.62 18.46
CA GLU I 209 -13.27 -74.06 18.66
C GLU I 209 -12.21 -74.75 17.78
N LYS I 210 -12.05 -74.24 16.56
CA LYS I 210 -11.00 -74.72 15.65
C LYS I 210 -9.61 -74.52 16.26
N VAL I 211 -9.38 -73.32 16.78
CA VAL I 211 -8.11 -72.96 17.44
C VAL I 211 -7.88 -73.79 18.70
N LYS I 212 -8.93 -73.96 19.48
CA LYS I 212 -8.89 -74.80 20.70
C LYS I 212 -8.49 -76.27 20.38
N ASN I 213 -9.12 -76.84 19.36
CA ASN I 213 -8.84 -78.21 18.92
C ASN I 213 -7.42 -78.35 18.40
N TYR I 214 -7.02 -77.37 17.59
CA TYR I 214 -5.67 -77.31 17.03
C TYR I 214 -4.62 -77.60 18.09
N LYS I 215 -4.83 -77.06 19.29
CA LYS I 215 -3.87 -77.20 20.39
C LYS I 215 -3.84 -78.63 20.95
N TYR I 216 -5.01 -79.08 21.37
CA TYR I 216 -5.20 -80.44 21.91
C TYR I 216 -4.68 -81.50 20.96
N SER I 217 -4.54 -81.14 19.69
CA SER I 217 -3.93 -82.01 18.67
C SER I 217 -3.09 -83.12 19.27
N GLU J 1 50.37 -25.63 51.62
CA GLU J 1 49.33 -25.30 50.62
C GLU J 1 49.54 -26.13 49.38
N ILE J 2 48.51 -26.87 49.02
CA ILE J 2 48.49 -27.63 47.77
C ILE J 2 47.51 -26.96 46.78
N THR J 3 48.02 -26.72 45.58
CA THR J 3 47.21 -26.19 44.48
C THR J 3 47.08 -27.18 43.32
N ILE J 4 45.87 -27.64 43.09
CA ILE J 4 45.58 -28.50 41.95
C ILE J 4 44.80 -27.68 40.96
N GLY J 5 45.25 -27.70 39.72
CA GLY J 5 44.55 -26.99 38.65
C GLY J 5 43.66 -27.93 37.86
N VAL J 6 42.61 -27.38 37.28
CA VAL J 6 41.76 -28.10 36.37
C VAL J 6 41.76 -27.33 35.05
N LEU J 7 42.20 -27.99 33.98
CA LEU J 7 42.18 -27.39 32.65
C LEU J 7 40.75 -27.06 32.23
N SER J 8 40.49 -25.79 31.95
CA SER J 8 39.12 -25.32 31.87
C SER J 8 38.79 -24.69 30.52
N LEU J 9 39.66 -24.87 29.53
CA LEU J 9 39.38 -24.28 28.20
C LEU J 9 38.20 -24.95 27.52
N GLN J 10 37.69 -26.01 28.12
CA GLN J 10 36.41 -26.58 27.75
C GLN J 10 36.43 -27.99 28.24
N GLY J 11 35.27 -28.50 28.58
CA GLY J 11 35.12 -29.82 29.15
C GLY J 11 34.29 -29.63 30.39
N ASP J 12 34.15 -30.64 31.24
CA ASP J 12 33.29 -30.53 32.43
C ASP J 12 34.12 -30.45 33.70
N PHE J 13 34.30 -29.23 34.21
CA PHE J 13 35.27 -28.97 35.28
C PHE J 13 34.61 -28.50 36.56
N GLU J 14 33.72 -27.52 36.48
CA GLU J 14 33.10 -26.99 37.70
C GLU J 14 32.51 -28.11 38.55
N PRO J 15 32.22 -29.27 37.93
CA PRO J 15 32.05 -30.56 38.60
C PRO J 15 33.37 -31.04 39.17
N HIS J 16 34.31 -31.43 38.32
CA HIS J 16 35.67 -31.80 38.78
C HIS J 16 36.14 -30.87 39.85
N ILE J 17 36.00 -29.57 39.64
CA ILE J 17 36.33 -28.58 40.68
C ILE J 17 35.48 -28.81 41.93
N ASN J 18 34.15 -28.84 41.75
CA ASN J 18 33.21 -29.15 42.84
C ASN J 18 33.62 -30.44 43.55
N HIS J 19 33.86 -31.49 42.79
CA HIS J 19 34.13 -32.80 43.36
C HIS J 19 35.39 -32.82 44.23
N PHE J 20 36.38 -31.98 43.91
CA PHE J 20 37.61 -31.82 44.73
C PHE J 20 37.30 -31.01 45.98
N ILE J 21 36.41 -30.03 45.84
CA ILE J 21 35.97 -29.23 46.99
C ILE J 21 35.18 -30.09 48.00
N LYS J 22 34.46 -31.09 47.49
CA LYS J 22 33.71 -32.06 48.33
C LYS J 22 34.64 -32.81 49.28
N LEU J 23 35.92 -32.93 48.90
CA LEU J 23 36.95 -33.55 49.76
C LEU J 23 37.09 -32.80 51.08
N GLN J 24 36.80 -31.51 51.07
CA GLN J 24 36.76 -30.67 52.29
C GLN J 24 38.11 -30.63 52.99
N ILE J 25 39.17 -30.74 52.21
CA ILE J 25 40.54 -30.80 52.73
C ILE J 25 41.08 -29.36 52.93
N PRO J 26 41.35 -28.94 54.19
CA PRO J 26 41.75 -27.55 54.48
C PRO J 26 42.90 -26.98 53.66
N SER J 27 43.93 -27.79 53.44
CA SER J 27 45.16 -27.39 52.73
C SER J 27 44.96 -27.13 51.22
N LEU J 28 43.89 -27.70 50.66
CA LEU J 28 43.70 -27.81 49.21
C LEU J 28 43.04 -26.58 48.58
N ASN J 29 43.71 -26.05 47.56
CA ASN J 29 43.19 -25.00 46.67
C ASN J 29 42.99 -25.49 45.27
N ILE J 30 41.85 -25.19 44.68
CA ILE J 30 41.62 -25.57 43.29
C ILE J 30 41.59 -24.30 42.46
N ILE J 31 42.25 -24.33 41.32
CA ILE J 31 42.17 -23.21 40.37
C ILE J 31 41.88 -23.66 38.93
N GLN J 32 41.24 -22.76 38.18
CA GLN J 32 41.08 -22.96 36.75
C GLN J 32 42.44 -22.71 36.12
N VAL J 33 42.74 -23.51 35.12
CA VAL J 33 43.95 -23.36 34.31
C VAL J 33 43.56 -23.14 32.86
N ARG J 34 43.92 -21.99 32.31
CA ARG J 34 43.58 -21.65 30.93
C ARG J 34 44.77 -21.11 30.14
N ASN J 35 45.88 -20.92 30.84
CA ASN J 35 47.08 -20.34 30.25
C ASN J 35 48.33 -20.79 31.03
N VAL J 36 49.50 -20.42 30.54
CA VAL J 36 50.76 -20.87 31.17
C VAL J 36 51.01 -20.27 32.56
N HIS J 37 50.52 -19.05 32.79
CA HIS J 37 50.61 -18.43 34.12
C HIS J 37 49.89 -19.30 35.19
N ASP J 38 48.64 -19.64 34.89
CA ASP J 38 47.83 -20.51 35.75
C ASP J 38 48.58 -21.80 36.02
N LEU J 39 49.09 -22.40 34.94
CA LEU J 39 49.79 -23.70 35.01
C LEU J 39 51.02 -23.68 35.93
N GLY J 40 51.70 -22.54 35.94
CA GLY J 40 52.85 -22.32 36.81
C GLY J 40 52.54 -22.29 38.30
N LEU J 41 51.28 -22.04 38.64
CA LEU J 41 50.84 -22.04 40.04
C LEU J 41 50.44 -23.44 40.53
N CYS J 42 50.40 -24.39 39.63
CA CYS J 42 49.89 -25.73 39.95
C CYS J 42 50.96 -26.68 40.46
N ASP J 43 50.59 -27.40 41.52
CA ASP J 43 51.36 -28.53 42.00
C ASP J 43 50.97 -29.76 41.18
N GLY J 44 49.71 -29.81 40.77
CA GLY J 44 49.20 -30.89 39.96
C GLY J 44 48.10 -30.38 39.06
N LEU J 45 47.75 -31.17 38.05
CA LEU J 45 46.78 -30.76 37.02
C LEU J 45 45.81 -31.87 36.67
N VAL J 46 44.54 -31.53 36.53
CA VAL J 46 43.55 -32.44 35.98
C VAL J 46 43.17 -31.95 34.58
N ILE J 47 43.15 -32.87 33.61
CA ILE J 47 42.69 -32.59 32.24
C ILE J 47 41.41 -33.36 32.04
N PRO J 48 40.26 -32.69 32.29
CA PRO J 48 38.91 -33.23 32.30
C PRO J 48 38.34 -33.77 31.01
N GLY J 49 37.05 -34.07 31.11
CA GLY J 49 36.35 -34.75 30.06
C GLY J 49 35.65 -33.72 29.26
N GLY J 50 35.45 -34.03 27.99
CA GLY J 50 34.91 -33.10 27.04
C GLY J 50 35.38 -33.59 25.70
N GLU J 51 35.24 -32.78 24.67
CA GLU J 51 35.89 -33.09 23.43
C GLU J 51 37.39 -32.99 23.64
N SER J 52 38.14 -33.71 22.80
CA SER J 52 39.60 -33.65 22.78
C SER J 52 40.05 -32.90 21.54
N THR J 53 39.52 -33.30 20.39
CA THR J 53 39.69 -32.51 19.19
C THR J 53 39.22 -31.11 19.48
N THR J 54 38.83 -30.86 20.73
CA THR J 54 38.58 -29.50 21.21
C THR J 54 39.62 -29.05 22.23
N VAL J 55 39.82 -29.84 23.26
CA VAL J 55 40.77 -29.47 24.29
C VAL J 55 42.14 -29.24 23.68
N ARG J 56 42.53 -30.09 22.72
CA ARG J 56 43.85 -29.99 22.07
C ARG J 56 43.94 -28.71 21.27
N ARG J 57 42.89 -28.41 20.55
CA ARG J 57 42.84 -27.18 19.78
C ARG J 57 43.03 -25.92 20.66
N CYS J 58 42.35 -25.92 21.80
CA CYS J 58 42.45 -24.84 22.78
C CYS J 58 43.90 -24.60 23.18
N CYS J 59 44.68 -25.68 23.33
CA CYS J 59 46.10 -25.60 23.72
C CYS J 59 47.00 -25.13 22.60
N ALA J 60 46.42 -25.05 21.40
CA ALA J 60 47.19 -24.82 20.17
C ALA J 60 47.46 -23.34 19.90
N TYR J 61 46.84 -22.46 20.68
CA TYR J 61 46.93 -21.02 20.43
C TYR J 61 48.35 -20.53 20.55
N GLU J 62 48.60 -19.35 19.98
CA GLU J 62 49.90 -18.66 20.02
C GLU J 62 51.00 -19.68 19.77
N ASN J 63 50.84 -20.43 18.68
CA ASN J 63 51.86 -21.38 18.22
C ASN J 63 52.17 -22.50 19.21
N ASP J 64 51.14 -23.08 19.79
CA ASP J 64 51.30 -24.20 20.74
C ASP J 64 51.96 -23.83 22.07
N THR J 65 51.78 -22.60 22.53
CA THR J 65 52.42 -22.17 23.75
C THR J 65 51.98 -23.05 24.92
N LEU J 66 50.67 -23.20 25.10
CA LEU J 66 50.15 -23.98 26.25
C LEU J 66 50.44 -25.47 26.10
N TYR J 67 50.28 -25.98 24.88
CA TYR J 67 50.61 -27.37 24.59
C TYR J 67 52.03 -27.65 25.08
N ASN J 68 52.92 -26.80 24.61
CA ASN J 68 54.30 -26.92 24.93
C ASN J 68 54.48 -26.80 26.46
N ALA J 69 53.83 -25.87 27.11
CA ALA J 69 54.04 -25.77 28.54
C ALA J 69 53.61 -27.06 29.24
N LEU J 70 52.56 -27.68 28.72
CA LEU J 70 51.97 -28.91 29.29
C LEU J 70 52.87 -30.11 29.13
N VAL J 71 53.45 -30.27 27.95
CA VAL J 71 54.42 -31.35 27.71
C VAL J 71 55.63 -31.25 28.66
N HIS J 72 56.12 -30.03 28.88
CA HIS J 72 57.23 -29.77 29.81
C HIS J 72 56.80 -30.09 31.26
N PHE J 73 55.60 -29.66 31.61
CA PHE J 73 54.98 -29.95 32.92
C PHE J 73 54.94 -31.46 33.20
N ILE J 74 54.54 -32.22 32.20
CA ILE J 74 54.32 -33.67 32.35
C ILE J 74 55.59 -34.47 32.32
N HIS J 75 56.49 -34.10 31.42
CA HIS J 75 57.68 -34.91 31.07
C HIS J 75 59.01 -34.43 31.62
N VAL J 76 59.12 -33.14 31.91
CA VAL J 76 60.33 -32.58 32.46
C VAL J 76 60.17 -32.35 33.94
N LEU J 77 59.19 -31.56 34.29
CA LEU J 77 58.93 -31.27 35.69
C LEU J 77 58.40 -32.51 36.41
N LYS J 78 57.77 -33.42 35.65
CA LYS J 78 57.18 -34.67 36.18
C LYS J 78 56.12 -34.40 37.24
N LYS J 79 55.36 -33.32 37.06
CA LYS J 79 54.31 -32.97 38.00
C LYS J 79 53.12 -33.88 37.76
N PRO J 80 52.43 -34.29 38.85
CA PRO J 80 51.28 -35.15 38.70
C PRO J 80 50.17 -34.58 37.83
N ILE J 81 49.70 -35.41 36.91
CA ILE J 81 48.65 -35.05 35.98
C ILE J 81 47.62 -36.17 35.88
N TRP J 82 46.36 -35.78 35.90
CA TRP J 82 45.23 -36.71 35.84
C TRP J 82 44.39 -36.39 34.63
N GLY J 83 44.54 -37.23 33.61
CA GLY J 83 43.74 -37.15 32.41
C GLY J 83 42.52 -38.02 32.55
N THR J 84 41.35 -37.40 32.59
CA THR J 84 40.12 -38.16 32.61
C THR J 84 39.58 -38.20 31.16
N CYS J 85 38.39 -38.76 30.94
CA CYS J 85 37.85 -39.02 29.58
C CYS J 85 38.69 -38.54 28.35
N ALA J 86 38.46 -37.30 27.90
CA ALA J 86 39.29 -36.67 26.86
C ALA J 86 40.76 -36.52 27.27
N GLY J 87 40.99 -36.15 28.53
CA GLY J 87 42.35 -36.00 29.05
C GLY J 87 43.14 -37.29 28.94
N CYS J 88 42.47 -38.40 29.24
CA CYS J 88 43.06 -39.74 29.18
C CYS J 88 43.57 -40.03 27.77
N ILE J 89 42.74 -39.68 26.79
CA ILE J 89 43.12 -39.76 25.38
C ILE J 89 44.37 -38.91 25.11
N LEU J 90 44.39 -37.69 25.64
CA LEU J 90 45.47 -36.76 25.40
C LEU J 90 46.79 -37.11 26.12
N LEU J 91 46.74 -38.03 27.08
CA LEU J 91 47.95 -38.56 27.74
C LEU J 91 48.52 -39.80 27.05
N SER J 92 47.77 -40.35 26.12
CA SER J 92 48.09 -41.63 25.52
C SER J 92 49.09 -41.54 24.37
N LYS J 93 49.95 -42.54 24.28
CA LYS J 93 51.00 -42.61 23.24
C LYS J 93 50.35 -42.70 21.87
N ASN J 94 49.50 -43.72 21.73
CA ASN J 94 48.81 -44.04 20.49
C ASN J 94 47.36 -43.65 20.68
N VAL J 95 46.84 -42.86 19.75
CA VAL J 95 45.41 -42.51 19.78
C VAL J 95 44.78 -43.02 18.51
N GLU J 96 43.65 -43.69 18.65
CA GLU J 96 43.13 -44.59 17.61
C GLU J 96 41.97 -44.06 16.79
N ASN J 97 42.16 -43.87 15.48
CA ASN J 97 43.32 -43.21 14.91
C ASN J 97 42.75 -42.30 13.84
N ILE J 98 43.41 -41.16 13.67
CA ILE J 98 42.76 -39.92 13.29
C ILE J 98 42.49 -39.82 11.76
N LYS J 99 41.47 -40.56 11.31
CA LYS J 99 41.25 -40.81 9.87
C LYS J 99 41.25 -39.51 9.07
N LEU J 100 40.46 -38.56 9.55
CA LEU J 100 40.33 -37.21 8.96
C LEU J 100 40.72 -36.10 9.93
N TYR J 101 40.67 -36.45 11.20
CA TYR J 101 40.62 -35.51 12.30
C TYR J 101 42.06 -35.08 12.56
N SER J 102 42.95 -35.75 11.80
CA SER J 102 44.38 -35.52 11.81
C SER J 102 44.67 -34.10 11.39
N ASN J 103 45.26 -33.38 12.32
CA ASN J 103 45.88 -32.12 12.03
C ASN J 103 46.92 -32.08 13.09
N PHE J 104 48.16 -31.86 12.70
CA PHE J 104 49.26 -31.77 13.67
C PHE J 104 49.14 -32.95 14.64
N GLY J 105 48.52 -34.03 14.18
CA GLY J 105 48.05 -35.09 15.06
C GLY J 105 49.16 -35.78 15.86
N ASN J 106 50.29 -36.04 15.24
CA ASN J 106 51.38 -36.71 15.95
C ASN J 106 51.79 -36.01 17.24
N LYS J 107 51.72 -34.68 17.20
CA LYS J 107 51.90 -33.83 18.37
C LYS J 107 50.58 -33.68 19.17
N PHE J 108 49.53 -34.32 18.67
CA PHE J 108 48.18 -34.28 19.24
C PHE J 108 48.19 -34.64 20.71
N SER J 109 48.74 -35.81 21.03
CA SER J 109 48.78 -36.21 22.42
C SER J 109 49.86 -35.44 23.19
N PHE J 110 49.59 -35.17 24.47
CA PHE J 110 50.62 -34.66 25.40
C PHE J 110 51.60 -35.77 25.76
N GLY J 111 51.11 -37.01 25.67
CA GLY J 111 51.90 -38.17 26.10
C GLY J 111 51.88 -38.35 27.61
N GLY J 112 52.49 -39.42 28.08
CA GLY J 112 52.60 -39.67 29.54
C GLY J 112 52.18 -41.06 29.95
N LEU J 113 51.17 -41.58 29.25
CA LEU J 113 50.71 -42.97 29.43
C LEU J 113 51.05 -43.77 28.19
N ASP J 114 51.93 -44.75 28.35
CA ASP J 114 52.34 -45.62 27.25
C ASP J 114 51.25 -46.69 27.03
N ILE J 115 50.18 -46.24 26.39
CA ILE J 115 49.05 -47.09 26.03
C ILE J 115 48.51 -46.71 24.65
N THR J 116 47.81 -47.65 24.05
CA THR J 116 47.05 -47.41 22.82
C THR J 116 45.62 -47.32 23.24
N ILE J 117 44.95 -46.27 22.78
CA ILE J 117 43.60 -45.94 23.22
C ILE J 117 42.71 -45.71 22.01
N CYS J 118 41.44 -46.06 22.18
CA CYS J 118 40.42 -45.93 21.14
C CYS J 118 39.32 -44.95 21.44
N ARG J 119 39.35 -43.84 20.71
CA ARG J 119 38.29 -42.83 20.79
C ARG J 119 36.97 -43.56 20.90
N ASN J 120 36.14 -43.11 21.84
CA ASN J 120 34.85 -43.73 22.11
C ASN J 120 34.45 -44.75 21.05
N PHE J 121 34.65 -46.03 21.36
CA PHE J 121 34.26 -47.11 20.45
C PHE J 121 32.84 -47.53 20.70
N TYR J 122 32.28 -47.10 21.82
CA TYR J 122 30.90 -47.42 22.17
C TYR J 122 29.94 -46.59 21.32
N GLY J 123 29.02 -47.28 20.64
CA GLY J 123 27.98 -46.65 19.78
C GLY J 123 28.03 -45.13 19.64
N SER J 124 27.04 -44.46 20.21
CA SER J 124 26.94 -42.98 20.18
C SER J 124 26.93 -42.36 21.60
N GLN J 125 25.91 -41.54 21.90
CA GLN J 125 25.72 -40.93 23.23
C GLN J 125 24.48 -41.41 23.98
N ASN J 126 23.58 -42.10 23.28
CA ASN J 126 22.40 -42.71 23.92
C ASN J 126 22.60 -44.22 24.19
N ASP J 127 23.79 -44.55 24.69
CA ASP J 127 24.16 -45.94 25.08
C ASP J 127 25.10 -45.96 26.27
N SER J 128 25.90 -44.91 26.40
CA SER J 128 26.72 -44.67 27.57
C SER J 128 26.09 -45.25 28.82
N PHE J 129 26.90 -45.93 29.61
CA PHE J 129 26.37 -46.71 30.72
C PHE J 129 26.85 -46.16 32.06
N ILE J 130 27.06 -47.06 33.00
CA ILE J 130 27.61 -46.81 34.32
C ILE J 130 28.34 -48.09 34.73
N CYS J 131 29.17 -48.03 35.76
CA CYS J 131 29.85 -49.25 36.19
C CYS J 131 30.10 -49.34 37.68
N SER J 132 30.52 -50.55 38.04
CA SER J 132 31.15 -50.85 39.31
C SER J 132 32.49 -51.38 38.89
N LEU J 133 33.49 -51.25 39.75
CA LEU J 133 34.86 -51.54 39.35
C LEU J 133 35.65 -52.31 40.39
N ASN J 134 36.88 -52.64 40.01
CA ASN J 134 37.79 -53.37 40.85
C ASN J 134 39.08 -52.58 40.89
N ILE J 135 39.84 -52.76 41.96
CA ILE J 135 41.02 -51.93 42.17
C ILE J 135 42.23 -52.68 42.71
N ILE J 136 43.39 -52.43 42.12
CA ILE J 136 44.65 -53.08 42.52
C ILE J 136 45.54 -52.04 43.21
N SER J 137 45.06 -51.52 44.33
CA SER J 137 45.81 -50.56 45.15
C SER J 137 45.53 -50.72 46.64
N ASP J 138 46.49 -50.26 47.44
CA ASP J 138 46.42 -50.32 48.90
C ASP J 138 45.98 -48.98 49.49
N SER J 139 45.78 -47.99 48.63
CA SER J 139 45.37 -46.65 49.06
C SER J 139 44.06 -46.73 49.85
N SER J 140 43.98 -45.91 50.92
CA SER J 140 42.83 -45.90 51.83
C SER J 140 41.50 -45.52 51.14
N ALA J 141 41.58 -44.59 50.17
CA ALA J 141 40.41 -44.12 49.39
C ALA J 141 39.54 -45.26 48.89
N PHE J 142 39.99 -45.91 47.82
CA PHE J 142 39.38 -47.15 47.31
C PHE J 142 38.84 -48.10 48.41
N LYS J 143 37.52 -48.25 48.45
CA LYS J 143 36.87 -49.04 49.48
C LYS J 143 36.07 -50.19 48.87
N LYS J 144 34.77 -50.23 49.19
CA LYS J 144 33.87 -51.27 48.70
C LYS J 144 33.60 -51.06 47.21
N ASP J 145 33.00 -52.06 46.59
CA ASP J 145 32.63 -52.03 45.17
C ASP J 145 32.10 -50.65 44.78
N LEU J 146 33.00 -49.84 44.24
CA LEU J 146 32.69 -48.45 43.84
C LEU J 146 31.84 -48.39 42.59
N THR J 147 31.58 -47.17 42.13
CA THR J 147 30.79 -46.92 40.92
C THR J 147 31.50 -45.93 39.98
N ALA J 148 31.10 -45.93 38.71
CA ALA J 148 31.68 -45.00 37.72
C ALA J 148 30.61 -44.39 36.83
N ALA J 149 31.04 -43.58 35.88
CA ALA J 149 30.11 -42.92 34.98
C ALA J 149 30.57 -43.04 33.53
N CYS J 150 31.11 -44.21 33.19
CA CYS J 150 31.57 -44.54 31.81
C CYS J 150 30.55 -44.10 30.78
N ILE J 151 30.76 -42.87 30.29
CA ILE J 151 29.84 -42.25 29.34
C ILE J 151 30.54 -41.95 28.04
N ARG J 152 30.17 -42.71 27.00
CA ARG J 152 30.73 -42.60 25.65
C ARG J 152 32.24 -42.55 25.74
N ALA J 153 32.78 -43.54 26.42
CA ALA J 153 34.11 -43.46 26.94
C ALA J 153 35.05 -44.04 25.91
N PRO J 154 36.34 -43.79 26.11
CA PRO J 154 37.34 -44.39 25.27
C PRO J 154 37.67 -45.80 25.77
N TYR J 155 38.41 -46.54 24.94
CA TYR J 155 38.85 -47.91 25.23
C TYR J 155 40.35 -48.06 25.19
N ILE J 156 40.89 -48.63 26.25
CA ILE J 156 42.29 -48.90 26.31
C ILE J 156 42.51 -50.27 25.69
N ARG J 157 43.07 -50.27 24.48
CA ARG J 157 43.28 -51.48 23.70
C ARG J 157 44.59 -52.20 24.04
N GLU J 158 45.66 -51.42 24.28
CA GLU J 158 47.00 -51.97 24.54
C GLU J 158 47.71 -51.28 25.70
N ILE J 159 48.40 -52.10 26.50
CA ILE J 159 49.43 -51.62 27.43
C ILE J 159 50.80 -51.85 26.75
N LEU J 160 51.59 -50.79 26.62
CA LEU J 160 52.84 -50.81 25.81
C LEU J 160 54.16 -50.83 26.63
N SER J 161 54.03 -50.78 27.96
CA SER J 161 55.16 -50.75 28.88
C SER J 161 54.82 -51.52 30.16
N ASP J 162 55.85 -52.08 30.77
CA ASP J 162 55.75 -52.63 32.13
C ASP J 162 55.62 -51.52 33.17
N GLU J 163 56.06 -50.31 32.83
CA GLU J 163 55.95 -49.12 33.70
C GLU J 163 54.49 -48.78 34.01
N VAL J 164 53.59 -49.11 33.08
CA VAL J 164 52.16 -48.81 33.24
C VAL J 164 51.52 -49.78 34.18
N LYS J 165 50.95 -49.26 35.25
CA LYS J 165 50.26 -50.08 36.24
C LYS J 165 48.76 -49.98 35.99
N VAL J 166 48.11 -51.14 35.87
CA VAL J 166 46.65 -51.20 35.73
C VAL J 166 46.03 -51.05 37.10
N LEU J 167 45.42 -49.89 37.31
CA LEU J 167 44.94 -49.47 38.62
C LEU J 167 43.53 -49.95 38.91
N ALA J 168 42.68 -49.95 37.88
CA ALA J 168 41.29 -50.40 38.03
C ALA J 168 40.73 -50.97 36.73
N THR J 169 40.07 -52.11 36.86
CA THR J 169 39.41 -52.80 35.73
C THR J 169 37.94 -52.98 36.04
N PHE J 170 37.20 -53.42 35.03
CA PHE J 170 35.83 -53.89 35.24
C PHE J 170 35.39 -54.89 34.19
N SER J 171 34.36 -55.65 34.53
CA SER J 171 33.78 -56.66 33.66
C SER J 171 32.37 -56.21 33.29
N HIS J 172 32.13 -56.14 32.00
CA HIS J 172 30.82 -55.82 31.45
C HIS J 172 30.26 -57.03 30.67
N GLU J 173 28.94 -57.08 30.54
CA GLU J 173 28.25 -58.15 29.79
C GLU J 173 27.92 -57.74 28.35
N SER J 174 28.84 -56.99 27.74
CA SER J 174 28.68 -56.56 26.35
C SER J 174 29.98 -56.02 25.73
N TYR J 175 31.04 -55.95 26.53
CA TYR J 175 32.35 -55.49 26.08
C TYR J 175 33.49 -56.45 26.46
N GLY J 176 33.13 -57.55 27.13
CA GLY J 176 34.10 -58.54 27.60
C GLY J 176 34.42 -58.40 29.08
N PRO J 177 35.33 -59.24 29.58
CA PRO J 177 35.87 -59.14 30.93
C PRO J 177 37.24 -58.45 30.99
N ASN J 178 37.53 -57.83 32.13
CA ASN J 178 38.85 -57.22 32.37
C ASN J 178 39.09 -56.02 31.48
N ILE J 179 38.06 -55.17 31.34
CA ILE J 179 38.19 -53.91 30.62
C ILE J 179 38.96 -52.92 31.51
N ILE J 180 39.98 -52.31 30.93
CA ILE J 180 40.87 -51.42 31.65
C ILE J 180 40.22 -50.05 31.85
N ALA J 181 39.97 -49.73 33.11
CA ALA J 181 39.26 -48.50 33.51
C ALA J 181 40.18 -47.39 34.01
N ALA J 182 41.28 -47.76 34.66
CA ALA J 182 42.23 -46.79 35.22
C ALA J 182 43.67 -47.28 35.08
N VAL J 183 44.57 -46.41 34.64
CA VAL J 183 45.98 -46.73 34.55
C VAL J 183 46.80 -45.67 35.23
N GLU J 184 47.99 -46.05 35.68
CA GLU J 184 48.93 -45.11 36.27
C GLU J 184 50.35 -45.39 35.78
N GLN J 185 51.07 -44.33 35.42
CA GLN J 185 52.44 -44.46 34.94
C GLN J 185 53.24 -43.27 35.42
N ASN J 186 53.94 -43.46 36.53
CA ASN J 186 54.83 -42.45 37.08
C ASN J 186 54.02 -41.29 37.66
N ASN J 187 54.10 -40.14 37.00
CA ASN J 187 53.40 -38.94 37.43
C ASN J 187 52.07 -38.76 36.71
N CYS J 188 51.66 -39.76 35.95
CA CYS J 188 50.42 -39.70 35.14
C CYS J 188 49.35 -40.71 35.59
N LEU J 189 48.14 -40.21 35.78
CA LEU J 189 46.99 -41.04 36.09
C LEU J 189 46.02 -40.88 34.95
N GLY J 190 45.44 -41.99 34.52
CA GLY J 190 44.45 -41.98 33.44
C GLY J 190 43.21 -42.81 33.76
N THR J 191 42.05 -42.21 33.55
CA THR J 191 40.75 -42.89 33.74
C THR J 191 39.87 -42.68 32.53
N VAL J 192 39.14 -43.73 32.15
CA VAL J 192 38.26 -43.67 30.98
C VAL J 192 36.84 -43.28 31.34
N PHE J 193 36.56 -43.27 32.63
CA PHE J 193 35.21 -42.97 33.13
C PHE J 193 35.09 -41.53 33.55
N ASN J 194 33.90 -41.14 34.00
CA ASN J 194 33.66 -39.83 34.53
C ASN J 194 33.54 -39.91 36.06
N PRO J 195 34.60 -39.57 36.76
CA PRO J 195 34.64 -39.62 38.22
C PRO J 195 33.78 -38.56 38.90
N GLU J 196 33.50 -37.48 38.20
CA GLU J 196 32.76 -36.32 38.72
C GLU J 196 31.23 -36.46 38.71
N LEU J 197 30.74 -37.48 38.02
CA LEU J 197 29.31 -37.68 37.81
C LEU J 197 28.64 -38.62 38.84
N LEU J 198 29.46 -39.29 39.64
CA LEU J 198 28.97 -40.10 40.76
C LEU J 198 29.22 -39.29 42.05
N PRO J 199 28.50 -39.59 43.13
CA PRO J 199 28.71 -38.84 44.38
C PRO J 199 30.06 -39.04 45.09
N HIS J 200 30.62 -40.26 45.04
CA HIS J 200 31.87 -40.55 45.78
C HIS J 200 33.07 -39.86 45.16
N THR J 201 34.08 -39.65 45.99
CA THR J 201 35.26 -38.82 45.62
C THR J 201 36.61 -39.54 45.69
N ALA J 202 36.58 -40.86 45.51
CA ALA J 202 37.74 -41.74 45.74
C ALA J 202 38.92 -41.39 44.86
N PHE J 203 38.67 -41.20 43.57
CA PHE J 203 39.76 -40.89 42.63
C PHE J 203 40.29 -39.47 42.82
N GLN J 204 39.43 -38.55 43.24
CA GLN J 204 39.86 -37.18 43.60
C GLN J 204 40.79 -37.20 44.80
N GLN J 205 40.45 -38.01 45.79
CA GLN J 205 41.27 -38.17 46.98
C GLN J 205 42.61 -38.80 46.64
N TYR J 206 42.58 -39.85 45.82
CA TYR J 206 43.77 -40.59 45.39
C TYR J 206 44.74 -39.66 44.71
N PHE J 207 44.24 -38.87 43.77
CA PHE J 207 45.07 -37.91 43.01
C PHE J 207 45.60 -36.80 43.91
N TYR J 208 44.79 -36.40 44.88
CA TYR J 208 45.23 -35.41 45.85
C TYR J 208 46.45 -35.91 46.58
N GLU J 209 46.36 -37.14 47.06
CA GLU J 209 47.44 -37.79 47.80
C GLU J 209 48.71 -37.93 46.96
N LYS J 210 48.53 -38.18 45.67
CA LYS J 210 49.63 -38.23 44.69
C LYS J 210 50.36 -36.90 44.61
N VAL J 211 49.59 -35.82 44.46
CA VAL J 211 50.14 -34.46 44.37
C VAL J 211 50.85 -34.07 45.67
N LYS J 212 50.22 -34.44 46.79
CA LYS J 212 50.78 -34.20 48.12
C LYS J 212 52.13 -34.88 48.28
N ASN J 213 52.19 -36.16 47.89
CA ASN J 213 53.42 -36.96 47.96
C ASN J 213 54.51 -36.39 47.07
N TYR J 214 54.11 -35.97 45.88
CA TYR J 214 55.00 -35.33 44.88
C TYR J 214 55.83 -34.17 45.43
N LYS J 215 55.23 -33.39 46.32
CA LYS J 215 55.89 -32.22 46.95
C LYS J 215 56.93 -32.65 47.99
N TYR J 216 56.49 -33.47 48.94
CA TYR J 216 57.35 -34.08 50.00
C TYR J 216 58.58 -34.82 49.45
N SER J 217 58.49 -35.25 48.20
CA SER J 217 59.60 -35.86 47.45
C SER J 217 60.97 -35.65 48.09
N GLU K 1 -62.19 30.61 -32.28
CA GLU K 1 -60.91 30.21 -31.63
C GLU K 1 -59.75 30.49 -32.57
N ILE K 2 -58.79 31.27 -32.09
CA ILE K 2 -57.57 31.53 -32.82
C ILE K 2 -56.42 30.80 -32.15
N THR K 3 -55.67 30.04 -32.94
CA THR K 3 -54.46 29.36 -32.46
C THR K 3 -53.20 29.88 -33.14
N ILE K 4 -52.33 30.50 -32.35
CA ILE K 4 -51.02 30.95 -32.82
C ILE K 4 -49.99 30.04 -32.23
N GLY K 5 -49.10 29.54 -33.08
CA GLY K 5 -48.00 28.71 -32.64
C GLY K 5 -46.69 29.46 -32.51
N VAL K 6 -45.84 29.00 -31.61
CA VAL K 6 -44.49 29.55 -31.47
C VAL K 6 -43.53 28.40 -31.69
N LEU K 7 -42.70 28.51 -32.72
CA LEU K 7 -41.69 27.48 -32.99
C LEU K 7 -40.76 27.38 -31.76
N SER K 8 -40.63 26.17 -31.21
CA SER K 8 -40.02 26.02 -29.89
C SER K 8 -38.84 25.07 -29.87
N LEU K 9 -38.36 24.67 -31.07
CA LEU K 9 -37.22 23.73 -31.17
C LEU K 9 -35.93 24.34 -30.65
N GLN K 10 -35.97 25.62 -30.40
CA GLN K 10 -34.95 26.33 -29.65
C GLN K 10 -35.09 27.78 -30.00
N GLY K 11 -34.74 28.61 -29.03
CA GLY K 11 -34.91 30.05 -29.13
C GLY K 11 -35.65 30.49 -27.87
N ASP K 12 -36.07 31.74 -27.81
CA ASP K 12 -36.71 32.25 -26.60
C ASP K 12 -38.18 32.44 -26.85
N PHE K 13 -38.96 31.46 -26.38
CA PHE K 13 -40.40 31.38 -26.67
C PHE K 13 -41.27 31.55 -25.46
N GLU K 14 -41.00 30.83 -24.38
CA GLU K 14 -41.85 30.92 -23.19
C GLU K 14 -42.09 32.38 -22.75
N PRO K 15 -41.17 33.29 -23.14
CA PRO K 15 -41.41 34.72 -23.22
C PRO K 15 -42.41 35.06 -24.30
N HIS K 16 -42.04 34.89 -25.58
CA HIS K 16 -42.98 35.08 -26.70
C HIS K 16 -44.36 34.51 -26.37
N ILE K 17 -44.39 33.28 -25.87
CA ILE K 17 -45.63 32.67 -25.40
C ILE K 17 -46.25 33.49 -24.29
N ASN K 18 -45.49 33.75 -23.24
CA ASN K 18 -45.90 34.64 -22.15
C ASN K 18 -46.41 35.97 -22.69
N HIS K 19 -45.64 36.60 -23.57
CA HIS K 19 -45.99 37.93 -24.06
C HIS K 19 -47.30 37.98 -24.84
N PHE K 20 -47.66 36.87 -25.49
CA PHE K 20 -48.98 36.74 -26.16
C PHE K 20 -50.09 36.51 -25.13
N ILE K 21 -49.77 35.77 -24.08
CA ILE K 21 -50.71 35.55 -22.98
C ILE K 21 -51.03 36.86 -22.22
N LYS K 22 -50.05 37.76 -22.16
CA LYS K 22 -50.22 39.11 -21.55
C LYS K 22 -51.32 39.92 -22.26
N LEU K 23 -51.55 39.62 -23.54
CA LEU K 23 -52.63 40.25 -24.33
C LEU K 23 -53.97 40.04 -23.64
N GLN K 24 -54.12 38.89 -22.97
CA GLN K 24 -55.34 38.55 -22.20
C GLN K 24 -56.59 38.46 -23.07
N ILE K 25 -56.41 38.02 -24.31
CA ILE K 25 -57.48 37.95 -25.30
C ILE K 25 -58.18 36.59 -25.17
N PRO K 26 -59.48 36.57 -24.76
CA PRO K 26 -60.22 35.31 -24.51
C PRO K 26 -60.17 34.23 -25.61
N SER K 27 -60.30 34.66 -26.86
CA SER K 27 -60.34 33.77 -28.04
C SER K 27 -59.00 33.07 -28.32
N LEU K 28 -57.90 33.64 -27.80
CA LEU K 28 -56.53 33.27 -28.21
C LEU K 28 -55.94 32.09 -27.44
N ASN K 29 -55.49 31.10 -28.20
CA ASN K 29 -54.73 29.95 -27.71
C ASN K 29 -53.32 29.96 -28.26
N ILE K 30 -52.33 29.73 -27.41
CA ILE K 30 -50.96 29.65 -27.86
C ILE K 30 -50.49 28.22 -27.71
N ILE K 31 -49.83 27.69 -28.73
CA ILE K 31 -49.20 26.36 -28.62
C ILE K 31 -47.72 26.35 -29.04
N GLN K 32 -46.97 25.42 -28.47
CA GLN K 32 -45.62 25.15 -28.95
C GLN K 32 -45.78 24.42 -30.27
N VAL K 33 -44.88 24.72 -31.20
CA VAL K 33 -44.78 24.01 -32.48
C VAL K 33 -43.40 23.41 -32.63
N ARG K 34 -43.35 22.08 -32.70
CA ARG K 34 -42.06 21.36 -32.80
C ARG K 34 -42.06 20.36 -33.95
N ASN K 35 -43.22 20.16 -34.56
CA ASN K 35 -43.40 19.13 -35.58
C ASN K 35 -44.53 19.53 -36.51
N VAL K 36 -44.75 18.76 -37.56
CA VAL K 36 -45.78 19.07 -38.56
C VAL K 36 -47.21 18.95 -38.06
N HIS K 37 -47.45 18.04 -37.11
CA HIS K 37 -48.77 17.91 -36.46
C HIS K 37 -49.18 19.21 -35.75
N ASP K 38 -48.28 19.72 -34.92
CA ASP K 38 -48.44 21.01 -34.22
C ASP K 38 -48.73 22.14 -35.22
N LEU K 39 -47.94 22.19 -36.28
CA LEU K 39 -48.04 23.24 -37.30
C LEU K 39 -49.41 23.24 -37.99
N GLY K 40 -49.97 22.05 -38.16
CA GLY K 40 -51.30 21.87 -38.75
C GLY K 40 -52.46 22.43 -37.92
N LEU K 41 -52.23 22.62 -36.63
CA LEU K 41 -53.23 23.20 -35.74
C LEU K 41 -53.19 24.73 -35.73
N CYS K 42 -52.16 25.30 -36.34
CA CYS K 42 -51.91 26.74 -36.24
C CYS K 42 -52.61 27.56 -37.30
N ASP K 43 -53.21 28.66 -36.85
CA ASP K 43 -53.74 29.70 -37.74
C ASP K 43 -52.62 30.66 -38.15
N GLY K 44 -51.67 30.85 -37.25
CA GLY K 44 -50.50 31.67 -37.50
C GLY K 44 -49.34 31.13 -36.70
N LEU K 45 -48.13 31.54 -37.09
CA LEU K 45 -46.89 31.03 -36.49
C LEU K 45 -45.90 32.15 -36.20
N VAL K 46 -45.26 32.06 -35.04
CA VAL K 46 -44.11 32.91 -34.72
C VAL K 46 -42.84 32.06 -34.76
N ILE K 47 -41.82 32.56 -35.46
CA ILE K 47 -40.49 31.95 -35.46
C ILE K 47 -39.54 32.87 -34.71
N PRO K 48 -39.34 32.61 -33.40
CA PRO K 48 -38.61 33.41 -32.44
C PRO K 48 -37.12 33.56 -32.61
N GLY K 49 -36.55 34.19 -31.60
CA GLY K 49 -35.17 34.59 -31.64
C GLY K 49 -34.36 33.53 -30.94
N GLY K 50 -33.13 33.40 -31.39
CA GLY K 50 -32.27 32.32 -30.93
C GLY K 50 -31.23 32.21 -31.99
N GLU K 51 -30.45 31.14 -31.97
CA GLU K 51 -29.62 30.84 -33.12
C GLU K 51 -30.52 30.45 -34.30
N SER K 52 -30.00 30.68 -35.50
CA SER K 52 -30.69 30.30 -36.76
C SER K 52 -30.01 29.09 -37.36
N THR K 53 -28.68 29.15 -37.45
CA THR K 53 -27.88 27.98 -37.77
C THR K 53 -28.24 26.87 -36.79
N THR K 54 -29.16 27.18 -35.87
CA THR K 54 -29.73 26.19 -34.96
C THR K 54 -31.17 25.91 -35.29
N VAL K 55 -31.99 26.95 -35.40
CA VAL K 55 -33.42 26.78 -35.71
C VAL K 55 -33.61 26.06 -37.04
N ARG K 56 -32.77 26.38 -38.03
CA ARG K 56 -32.84 25.75 -39.35
C ARG K 56 -32.47 24.28 -39.28
N ARG K 57 -31.42 24.00 -38.54
CA ARG K 57 -31.00 22.64 -38.32
C ARG K 57 -32.11 21.78 -37.69
N CYS K 58 -32.75 22.33 -36.67
CA CYS K 58 -33.87 21.68 -36.01
C CYS K 58 -34.97 21.26 -37.01
N CYS K 59 -35.20 22.11 -38.03
CA CYS K 59 -36.20 21.85 -39.10
C CYS K 59 -35.74 20.84 -40.11
N ALA K 60 -34.47 20.46 -40.01
CA ALA K 60 -33.82 19.65 -41.04
C ALA K 60 -34.07 18.16 -40.87
N TYR K 61 -34.64 17.77 -39.73
CA TYR K 61 -34.79 16.35 -39.39
C TYR K 61 -35.65 15.60 -40.39
N GLU K 62 -35.52 14.27 -40.37
CA GLU K 62 -36.31 13.36 -41.22
C GLU K 62 -36.38 13.92 -42.65
N ASN K 63 -35.23 14.29 -43.16
CA ASN K 63 -35.10 14.76 -44.54
C ASN K 63 -35.86 16.04 -44.85
N ASP K 64 -35.72 17.02 -43.97
CA ASP K 64 -36.37 18.33 -44.15
C ASP K 64 -37.91 18.30 -44.11
N THR K 65 -38.48 17.41 -43.30
CA THR K 65 -39.94 17.29 -43.23
C THR K 65 -40.57 18.61 -42.75
N LEU K 66 -40.08 19.13 -41.62
CA LEU K 66 -40.65 20.35 -41.02
C LEU K 66 -40.33 21.58 -41.84
N TYR K 67 -39.11 21.65 -42.36
CA TYR K 67 -38.72 22.73 -43.25
C TYR K 67 -39.70 22.85 -44.41
N ASN K 68 -39.93 21.73 -45.07
CA ASN K 68 -40.83 21.66 -46.22
C ASN K 68 -42.25 22.04 -45.85
N ALA K 69 -42.71 21.57 -44.69
CA ALA K 69 -44.04 21.92 -44.20
C ALA K 69 -44.16 23.43 -43.96
N LEU K 70 -43.09 24.03 -43.46
CA LEU K 70 -43.05 25.47 -43.18
C LEU K 70 -43.08 26.29 -44.46
N VAL K 71 -42.30 25.87 -45.45
CA VAL K 71 -42.28 26.56 -46.75
C VAL K 71 -43.69 26.54 -47.38
N HIS K 72 -44.34 25.39 -47.31
CA HIS K 72 -45.72 25.23 -47.82
C HIS K 72 -46.73 26.08 -47.03
N PHE K 73 -46.56 26.12 -45.71
CA PHE K 73 -47.35 26.97 -44.80
C PHE K 73 -47.25 28.45 -45.18
N ILE K 74 -46.03 28.90 -45.42
CA ILE K 74 -45.77 30.31 -45.72
C ILE K 74 -46.17 30.72 -47.13
N HIS K 75 -45.88 29.87 -48.11
CA HIS K 75 -45.95 30.24 -49.54
C HIS K 75 -47.15 29.71 -50.31
N VAL K 76 -47.71 28.59 -49.86
CA VAL K 76 -48.86 28.00 -50.52
C VAL K 76 -50.12 28.36 -49.74
N LEU K 77 -50.15 27.98 -48.48
CA LEU K 77 -51.30 28.27 -47.61
C LEU K 77 -51.38 29.77 -47.32
N LYS K 78 -50.24 30.46 -47.39
CA LYS K 78 -50.17 31.90 -47.13
C LYS K 78 -50.65 32.27 -45.74
N LYS K 79 -50.38 31.42 -44.77
CA LYS K 79 -50.78 31.66 -43.38
C LYS K 79 -49.83 32.69 -42.77
N PRO K 80 -50.34 33.58 -41.90
CA PRO K 80 -49.49 34.59 -41.28
C PRO K 80 -48.35 34.02 -40.45
N ILE K 81 -47.16 34.54 -40.70
CA ILE K 81 -45.94 34.12 -40.01
C ILE K 81 -45.18 35.35 -39.56
N TRP K 82 -44.69 35.29 -38.34
CA TRP K 82 -43.87 36.35 -37.73
C TRP K 82 -42.47 35.81 -37.38
N GLY K 83 -41.49 36.18 -38.20
CA GLY K 83 -40.10 35.86 -37.95
C GLY K 83 -39.48 37.01 -37.16
N THR K 84 -39.09 36.73 -35.92
CA THR K 84 -38.36 37.72 -35.13
C THR K 84 -36.85 37.36 -35.23
N CYS K 85 -36.01 38.07 -34.48
CA CYS K 85 -34.54 37.96 -34.61
C CYS K 85 -34.05 36.90 -35.63
N ALA K 86 -33.80 35.68 -35.17
CA ALA K 86 -33.40 34.55 -36.03
C ALA K 86 -34.47 34.19 -37.07
N GLY K 87 -35.72 34.27 -36.65
CA GLY K 87 -36.83 34.00 -37.57
C GLY K 87 -36.83 34.97 -38.75
N CYS K 88 -36.53 36.23 -38.46
CA CYS K 88 -36.46 37.28 -39.48
C CYS K 88 -35.43 36.92 -40.55
N ILE K 89 -34.28 36.44 -40.09
CA ILE K 89 -33.23 35.95 -40.97
C ILE K 89 -33.73 34.79 -41.83
N LEU K 90 -34.47 33.89 -41.21
CA LEU K 90 -34.97 32.69 -41.90
C LEU K 90 -36.14 32.97 -42.88
N LEU K 91 -36.75 34.15 -42.78
CA LEU K 91 -37.77 34.57 -43.76
C LEU K 91 -37.17 35.33 -44.94
N SER K 92 -35.89 35.67 -44.84
CA SER K 92 -35.26 36.56 -45.82
C SER K 92 -34.78 35.85 -47.09
N LYS K 93 -34.89 36.55 -48.23
CA LYS K 93 -34.47 36.03 -49.53
C LYS K 93 -32.96 35.80 -49.54
N ASN K 94 -32.23 36.87 -49.23
CA ASN K 94 -30.78 36.85 -49.18
C ASN K 94 -30.31 36.89 -47.74
N VAL K 95 -29.44 35.95 -47.37
CA VAL K 95 -28.88 35.95 -46.03
C VAL K 95 -27.39 36.14 -46.14
N GLU K 96 -26.84 37.05 -45.35
CA GLU K 96 -25.53 37.62 -45.60
C GLU K 96 -24.41 37.12 -44.70
N ASN K 97 -23.41 36.44 -45.27
CA ASN K 97 -23.58 35.38 -46.25
C ASN K 97 -22.58 34.31 -45.85
N ILE K 98 -23.00 33.07 -46.07
CA ILE K 98 -22.63 31.96 -45.20
C ILE K 98 -21.23 31.40 -45.50
N LYS K 99 -20.21 32.15 -45.08
CA LYS K 99 -18.80 31.92 -45.53
C LYS K 99 -18.37 30.46 -45.35
N LEU K 100 -18.63 29.93 -44.16
CA LEU K 100 -18.36 28.53 -43.80
C LEU K 100 -19.61 27.78 -43.36
N TYR K 101 -20.60 28.55 -42.97
CA TYR K 101 -21.72 28.08 -42.18
C TYR K 101 -22.71 27.47 -43.18
N SER K 102 -22.35 27.61 -44.45
CA SER K 102 -23.08 27.09 -45.59
C SER K 102 -23.15 25.58 -45.50
N ASN K 103 -24.36 25.11 -45.37
CA ASN K 103 -24.67 23.72 -45.56
C ASN K 103 -26.08 23.79 -46.03
N PHE K 104 -26.36 23.19 -47.19
CA PHE K 104 -27.71 23.21 -47.74
C PHE K 104 -28.24 24.64 -47.70
N GLY K 105 -27.31 25.61 -47.74
CA GLY K 105 -27.63 27.00 -47.39
C GLY K 105 -28.69 27.64 -48.27
N ASN K 106 -28.62 27.40 -49.57
CA ASN K 106 -29.62 28.00 -50.47
C ASN K 106 -31.07 27.73 -50.11
N LYS K 107 -31.30 26.55 -49.57
CA LYS K 107 -32.59 26.14 -49.00
C LYS K 107 -32.70 26.61 -47.52
N PHE K 108 -31.63 27.23 -47.03
CA PHE K 108 -31.48 27.68 -45.63
C PHE K 108 -32.66 28.51 -45.21
N SER K 109 -32.97 29.53 -46.00
CA SER K 109 -34.11 30.37 -45.68
C SER K 109 -35.43 29.71 -46.06
N PHE K 110 -36.46 29.97 -45.24
CA PHE K 110 -37.84 29.58 -45.58
C PHE K 110 -38.36 30.49 -46.67
N GLY K 111 -37.83 31.70 -46.73
CA GLY K 111 -38.30 32.74 -47.64
C GLY K 111 -39.56 33.42 -47.13
N GLY K 112 -40.04 34.43 -47.84
CA GLY K 112 -41.26 35.15 -47.47
C GLY K 112 -41.12 36.66 -47.44
N LEU K 113 -39.95 37.12 -47.05
CA LEU K 113 -39.56 38.54 -47.09
C LEU K 113 -38.49 38.74 -48.14
N ASP K 114 -38.82 39.51 -49.17
CA ASP K 114 -37.88 39.83 -50.23
C ASP K 114 -36.97 40.98 -49.78
N ILE K 115 -36.00 40.59 -48.95
CA ILE K 115 -34.98 41.51 -48.42
C ILE K 115 -33.63 40.82 -48.38
N THR K 116 -32.58 41.63 -48.30
CA THR K 116 -31.24 41.14 -48.01
C THR K 116 -30.93 41.53 -46.59
N ILE K 117 -30.46 40.56 -45.82
CA ILE K 117 -30.27 40.72 -44.38
C ILE K 117 -28.87 40.28 -43.97
N CYS K 118 -28.35 40.95 -42.95
CA CYS K 118 -27.00 40.70 -42.44
C CYS K 118 -26.98 40.14 -41.05
N ARG K 119 -26.58 38.87 -40.94
CA ARG K 119 -26.38 38.23 -39.64
C ARG K 119 -25.70 39.24 -38.73
N ASN K 120 -26.22 39.35 -37.51
CA ASN K 120 -25.70 40.30 -36.51
C ASN K 120 -24.40 40.95 -36.92
N PHE K 121 -24.49 42.17 -37.43
CA PHE K 121 -23.30 42.94 -37.85
C PHE K 121 -22.76 43.73 -36.67
N TYR K 122 -23.56 43.84 -35.61
CA TYR K 122 -23.15 44.58 -34.44
C TYR K 122 -22.16 43.75 -33.65
N GLY K 123 -21.01 44.35 -33.34
CA GLY K 123 -19.93 43.71 -32.55
C GLY K 123 -20.18 42.27 -32.09
N SER K 124 -20.32 42.07 -30.79
CA SER K 124 -20.57 40.73 -30.20
C SER K 124 -21.91 40.67 -29.44
N GLN K 125 -21.86 40.25 -28.17
CA GLN K 125 -23.04 40.20 -27.29
C GLN K 125 -23.00 41.18 -26.12
N ASN K 126 -21.83 41.79 -25.88
CA ASN K 126 -21.69 42.83 -24.84
C ASN K 126 -21.71 44.26 -25.44
N ASP K 127 -22.63 44.47 -26.40
CA ASP K 127 -22.84 45.77 -27.04
C ASP K 127 -24.30 46.00 -27.41
N SER K 128 -25.00 44.90 -27.67
CA SER K 128 -26.45 44.90 -27.85
C SER K 128 -27.10 46.01 -27.06
N PHE K 129 -28.03 46.72 -27.69
CA PHE K 129 -28.56 47.93 -27.11
C PHE K 129 -30.06 47.80 -26.81
N ILE K 130 -30.76 48.92 -26.95
CA ILE K 130 -32.20 49.02 -26.86
C ILE K 130 -32.62 50.16 -27.79
N CYS K 131 -33.90 50.28 -28.09
CA CYS K 131 -34.31 51.38 -28.94
C CYS K 131 -35.70 51.93 -28.65
N SER K 132 -35.95 53.06 -29.29
CA SER K 132 -37.26 53.62 -29.45
C SER K 132 -37.41 53.67 -30.95
N LEU K 133 -38.65 53.63 -31.44
CA LEU K 133 -38.88 53.43 -32.86
C LEU K 133 -39.98 54.33 -33.42
N ASN K 134 -40.16 54.20 -34.73
CA ASN K 134 -41.16 54.95 -35.48
C ASN K 134 -41.96 53.95 -36.29
N ILE K 135 -43.20 54.29 -36.59
CA ILE K 135 -44.11 53.33 -37.23
C ILE K 135 -44.98 53.95 -38.32
N ILE K 136 -45.04 53.25 -39.45
CA ILE K 136 -45.83 53.70 -40.61
C ILE K 136 -47.06 52.78 -40.75
N SER K 137 -47.90 52.82 -39.73
CA SER K 137 -49.16 52.05 -39.71
C SER K 137 -50.28 52.79 -38.98
N ASP K 138 -51.51 52.43 -39.34
CA ASP K 138 -52.74 53.01 -38.76
C ASP K 138 -53.35 52.09 -37.69
N SER K 139 -52.69 50.94 -37.46
CA SER K 139 -53.15 49.96 -36.47
C SER K 139 -53.18 50.58 -35.07
N SER K 140 -54.23 50.27 -34.33
CA SER K 140 -54.50 50.84 -32.99
C SER K 140 -53.39 50.55 -31.97
N ALA K 141 -52.78 49.36 -32.07
CA ALA K 141 -51.68 48.92 -31.18
C ALA K 141 -50.59 49.98 -31.05
N PHE K 142 -49.76 50.09 -32.07
CA PHE K 142 -48.75 51.17 -32.19
C PHE K 142 -49.25 52.52 -31.67
N LYS K 143 -48.64 52.98 -30.56
CA LYS K 143 -49.07 54.22 -29.90
C LYS K 143 -47.93 55.26 -29.85
N LYS K 144 -47.59 55.69 -28.64
CA LYS K 144 -46.52 56.67 -28.42
C LYS K 144 -45.15 56.02 -28.67
N ASP K 145 -44.13 56.86 -28.75
CA ASP K 145 -42.74 56.40 -28.95
C ASP K 145 -42.47 55.14 -28.13
N LEU K 146 -42.59 54.01 -28.81
CA LEU K 146 -42.40 52.68 -28.21
C LEU K 146 -40.93 52.39 -27.91
N THR K 147 -40.68 51.17 -27.46
CA THR K 147 -39.33 50.70 -27.16
C THR K 147 -39.05 49.32 -27.78
N ALA K 148 -37.78 48.97 -27.89
CA ALA K 148 -37.41 47.65 -28.45
C ALA K 148 -36.30 47.02 -27.62
N ALA K 149 -35.83 45.85 -28.05
CA ALA K 149 -34.75 45.13 -27.35
C ALA K 149 -33.66 44.65 -28.33
N CYS K 150 -33.38 45.47 -29.35
CA CYS K 150 -32.36 45.17 -30.38
C CYS K 150 -31.09 44.66 -29.75
N ILE K 151 -31.03 43.33 -29.66
CA ILE K 151 -29.92 42.62 -29.01
C ILE K 151 -29.19 41.75 -30.00
N ARG K 152 -27.96 42.16 -30.34
CA ARG K 152 -27.10 41.45 -31.27
C ARG K 152 -27.90 41.07 -32.50
N ALA K 153 -28.52 42.09 -33.06
CA ALA K 153 -29.59 41.91 -34.00
C ALA K 153 -29.01 41.85 -35.38
N PRO K 154 -29.82 41.37 -36.32
CA PRO K 154 -29.46 41.41 -37.73
C PRO K 154 -29.74 42.79 -38.35
N TYR K 155 -29.20 43.00 -39.55
CA TYR K 155 -29.36 44.25 -40.30
C TYR K 155 -29.97 44.04 -41.66
N ILE K 156 -31.03 44.80 -41.91
CA ILE K 156 -31.70 44.76 -43.19
C ILE K 156 -31.00 45.75 -44.11
N ARG K 157 -30.22 45.20 -45.02
CA ARG K 157 -29.37 45.98 -45.91
C ARG K 157 -30.11 46.44 -47.17
N GLU K 158 -30.98 45.58 -47.70
CA GLU K 158 -31.70 45.87 -48.94
C GLU K 158 -33.18 45.48 -48.88
N ILE K 159 -34.01 46.34 -49.47
CA ILE K 159 -35.38 46.01 -49.83
C ILE K 159 -35.41 45.68 -51.32
N LEU K 160 -35.90 44.49 -51.68
CA LEU K 160 -35.77 43.93 -53.05
C LEU K 160 -37.07 43.94 -53.86
N SER K 161 -38.16 44.39 -53.25
CA SER K 161 -39.48 44.42 -53.88
C SER K 161 -40.27 45.64 -53.40
N ASP K 162 -41.15 46.13 -54.25
CA ASP K 162 -42.16 47.13 -53.84
C ASP K 162 -43.24 46.51 -52.94
N GLU K 163 -43.41 45.19 -53.04
CA GLU K 163 -44.35 44.45 -52.19
C GLU K 163 -44.02 44.60 -50.70
N VAL K 164 -42.73 44.78 -50.40
CA VAL K 164 -42.26 44.90 -49.01
C VAL K 164 -42.57 46.27 -48.46
N LYS K 165 -43.32 46.28 -47.36
CA LYS K 165 -43.69 47.52 -46.70
C LYS K 165 -42.80 47.67 -45.48
N VAL K 166 -42.13 48.83 -45.38
CA VAL K 166 -41.32 49.18 -44.20
C VAL K 166 -42.24 49.66 -43.09
N LEU K 167 -42.39 48.81 -42.09
CA LEU K 167 -43.37 48.98 -41.02
C LEU K 167 -42.85 49.83 -39.87
N ALA K 168 -41.58 49.65 -39.54
CA ALA K 168 -40.96 50.42 -38.45
C ALA K 168 -39.46 50.62 -38.67
N THR K 169 -39.02 51.86 -38.46
CA THR K 169 -37.61 52.24 -38.57
C THR K 169 -37.16 52.85 -37.25
N PHE K 170 -35.85 53.10 -37.16
CA PHE K 170 -35.32 53.90 -36.07
C PHE K 170 -33.99 54.55 -36.46
N SER K 171 -33.65 55.58 -35.71
CA SER K 171 -32.41 56.33 -35.91
C SER K 171 -31.53 56.09 -34.68
N HIS K 172 -30.31 55.65 -34.94
CA HIS K 172 -29.30 55.47 -33.90
C HIS K 172 -28.12 56.43 -34.14
N GLU K 173 -27.38 56.73 -33.07
CA GLU K 173 -26.18 57.60 -33.14
C GLU K 173 -24.88 56.81 -33.26
N SER K 174 -24.94 55.70 -33.99
CA SER K 174 -23.78 54.85 -34.23
C SER K 174 -23.95 53.87 -35.39
N TYR K 175 -25.15 53.83 -35.98
CA TYR K 175 -25.46 52.97 -37.12
C TYR K 175 -26.11 53.72 -38.29
N GLY K 176 -26.31 55.02 -38.11
CA GLY K 176 -26.94 55.86 -39.12
C GLY K 176 -28.39 56.15 -38.79
N PRO K 177 -29.06 56.89 -39.69
CA PRO K 177 -30.50 57.14 -39.61
C PRO K 177 -31.32 56.23 -40.52
N ASN K 178 -32.57 55.99 -40.12
CA ASN K 178 -33.53 55.23 -40.92
C ASN K 178 -33.14 53.77 -41.03
N ILE K 179 -32.72 53.20 -39.90
CA ILE K 179 -32.43 51.76 -39.82
C ILE K 179 -33.74 50.98 -39.78
N ILE K 180 -33.85 49.99 -40.67
CA ILE K 180 -35.09 49.25 -40.85
C ILE K 180 -35.26 48.24 -39.73
N ALA K 181 -36.29 48.44 -38.92
CA ALA K 181 -36.58 47.62 -37.72
C ALA K 181 -37.65 46.56 -37.93
N ALA K 182 -38.65 46.87 -38.76
CA ALA K 182 -39.77 45.97 -39.02
C ALA K 182 -40.19 46.05 -40.47
N VAL K 183 -40.45 44.90 -41.08
CA VAL K 183 -40.95 44.83 -42.44
C VAL K 183 -42.16 43.91 -42.52
N GLU K 184 -43.01 44.15 -43.50
CA GLU K 184 -44.16 43.30 -43.75
C GLU K 184 -44.33 43.09 -45.26
N GLN K 185 -44.58 41.83 -45.64
CA GLN K 185 -44.78 41.47 -47.05
C GLN K 185 -45.83 40.37 -47.17
N ASN K 186 -47.06 40.78 -47.41
CA ASN K 186 -48.17 39.84 -47.58
C ASN K 186 -48.56 39.17 -46.25
N ASN K 187 -48.28 37.88 -46.14
CA ASN K 187 -48.57 37.09 -44.93
C ASN K 187 -47.36 36.97 -43.99
N CYS K 188 -46.31 37.73 -44.28
CA CYS K 188 -45.05 37.68 -43.50
C CYS K 188 -44.73 38.99 -42.80
N LEU K 189 -44.43 38.87 -41.51
CA LEU K 189 -43.98 39.99 -40.71
C LEU K 189 -42.58 39.66 -40.25
N GLY K 190 -41.70 40.65 -40.27
CA GLY K 190 -40.31 40.47 -39.85
C GLY K 190 -39.82 41.61 -38.98
N THR K 191 -39.21 41.25 -37.85
CA THR K 191 -38.63 42.22 -36.92
C THR K 191 -37.21 41.82 -36.53
N VAL K 192 -36.33 42.80 -36.43
CA VAL K 192 -34.93 42.53 -36.08
C VAL K 192 -34.68 42.65 -34.60
N PHE K 193 -35.66 43.16 -33.87
CA PHE K 193 -35.50 43.37 -32.43
C PHE K 193 -36.11 42.21 -31.66
N ASN K 194 -36.03 42.28 -30.34
CA ASN K 194 -36.68 41.33 -29.45
C ASN K 194 -37.92 41.96 -28.80
N PRO K 195 -39.09 41.64 -29.35
CA PRO K 195 -40.35 42.19 -28.85
C PRO K 195 -40.73 41.68 -27.45
N GLU K 196 -40.26 40.48 -27.11
CA GLU K 196 -40.61 39.80 -25.86
C GLU K 196 -39.85 40.28 -24.62
N LEU K 197 -38.84 41.12 -24.81
CA LEU K 197 -37.95 41.56 -23.73
C LEU K 197 -38.35 42.91 -23.11
N LEU K 198 -39.27 43.62 -23.76
CA LEU K 198 -39.81 44.86 -23.22
C LEU K 198 -41.20 44.53 -22.68
N PRO K 199 -41.73 45.34 -21.75
CA PRO K 199 -43.05 45.04 -21.18
C PRO K 199 -44.25 45.18 -22.12
N HIS K 200 -44.19 46.13 -23.05
CA HIS K 200 -45.34 46.36 -23.97
C HIS K 200 -45.53 45.22 -25.00
N THR K 201 -46.75 45.08 -25.48
CA THR K 201 -47.17 43.93 -26.32
C THR K 201 -47.67 44.31 -27.72
N ALA K 202 -47.24 45.45 -28.21
CA ALA K 202 -47.77 46.07 -29.42
C ALA K 202 -47.65 45.16 -30.63
N PHE K 203 -46.46 44.60 -30.83
CA PHE K 203 -46.23 43.76 -32.00
C PHE K 203 -46.95 42.43 -31.88
N GLN K 204 -47.10 41.94 -30.65
CA GLN K 204 -47.90 40.73 -30.40
C GLN K 204 -49.38 40.95 -30.77
N GLN K 205 -49.91 42.11 -30.37
CA GLN K 205 -51.27 42.49 -30.71
C GLN K 205 -51.46 42.64 -32.21
N TYR K 206 -50.51 43.33 -32.84
CA TYR K 206 -50.53 43.55 -34.29
C TYR K 206 -50.59 42.22 -35.03
N PHE K 207 -49.70 41.31 -34.66
CA PHE K 207 -49.65 39.98 -35.29
C PHE K 207 -50.90 39.17 -34.99
N TYR K 208 -51.46 39.34 -33.81
CA TYR K 208 -52.73 38.68 -33.50
C TYR K 208 -53.82 39.11 -34.48
N GLU K 209 -53.93 40.43 -34.66
CA GLU K 209 -54.92 41.00 -35.55
C GLU K 209 -54.75 40.51 -36.97
N LYS K 210 -53.51 40.38 -37.41
CA LYS K 210 -53.17 39.84 -38.73
C LYS K 210 -53.72 38.40 -38.90
N VAL K 211 -53.47 37.56 -37.91
CA VAL K 211 -53.93 36.17 -37.93
C VAL K 211 -55.45 36.11 -37.89
N LYS K 212 -56.04 37.00 -37.08
CA LYS K 212 -57.51 37.12 -36.99
C LYS K 212 -58.15 37.50 -38.35
N ASN K 213 -57.57 38.50 -39.00
CA ASN K 213 -58.03 38.95 -40.33
C ASN K 213 -57.89 37.86 -41.38
N TYR K 214 -56.74 37.18 -41.34
CA TYR K 214 -56.43 36.05 -42.25
C TYR K 214 -57.57 35.02 -42.34
N LYS K 215 -58.21 34.75 -41.20
CA LYS K 215 -59.30 33.77 -41.10
C LYS K 215 -60.57 34.29 -41.77
N TYR K 216 -61.01 35.47 -41.32
CA TYR K 216 -62.19 36.17 -41.88
C TYR K 216 -62.15 36.35 -43.40
N SER K 217 -60.93 36.31 -43.95
CA SER K 217 -60.69 36.35 -45.38
C SER K 217 -61.93 36.06 -46.21
N GLU L 1 -61.61 -43.25 -15.30
CA GLU L 1 -60.44 -42.34 -15.14
C GLU L 1 -59.90 -41.92 -16.50
N ILE L 2 -59.94 -40.61 -16.76
CA ILE L 2 -59.36 -40.03 -17.96
C ILE L 2 -58.10 -39.23 -17.59
N THR L 3 -56.98 -39.59 -18.22
CA THR L 3 -55.73 -38.87 -18.00
C THR L 3 -55.35 -38.09 -19.25
N ILE L 4 -55.28 -36.77 -19.10
CA ILE L 4 -54.75 -35.92 -20.15
C ILE L 4 -53.41 -35.39 -19.70
N GLY L 5 -52.45 -35.45 -20.61
CA GLY L 5 -51.11 -34.95 -20.36
C GLY L 5 -50.88 -33.60 -21.02
N VAL L 6 -50.00 -32.81 -20.42
CA VAL L 6 -49.55 -31.56 -21.02
C VAL L 6 -48.04 -31.57 -21.13
N LEU L 7 -47.54 -31.53 -22.36
CA LEU L 7 -46.11 -31.53 -22.59
C LEU L 7 -45.49 -30.34 -21.86
N SER L 8 -44.50 -30.60 -21.03
CA SER L 8 -44.03 -29.59 -20.07
C SER L 8 -42.53 -29.26 -20.13
N LEU L 9 -41.83 -29.81 -21.12
CA LEU L 9 -40.38 -29.55 -21.24
C LEU L 9 -40.13 -28.07 -21.48
N GLN L 10 -41.21 -27.33 -21.64
CA GLN L 10 -41.15 -25.87 -21.72
C GLN L 10 -42.37 -25.40 -22.49
N GLY L 11 -42.78 -24.18 -22.20
CA GLY L 11 -43.98 -23.58 -22.78
C GLY L 11 -44.85 -23.16 -21.60
N ASP L 12 -46.09 -22.75 -21.86
CA ASP L 12 -46.94 -22.30 -20.75
C ASP L 12 -48.03 -23.32 -20.45
N PHE L 13 -47.79 -24.13 -19.43
CA PHE L 13 -48.66 -25.27 -19.12
C PHE L 13 -49.43 -25.14 -17.82
N GLU L 14 -48.75 -24.80 -16.73
CA GLU L 14 -49.40 -24.76 -15.42
C GLU L 14 -50.69 -23.92 -15.49
N PRO L 15 -50.80 -23.08 -16.53
CA PRO L 15 -52.06 -22.53 -17.03
C PRO L 15 -52.91 -23.61 -17.68
N HIS L 16 -52.53 -24.03 -18.89
CA HIS L 16 -53.21 -25.15 -19.56
C HIS L 16 -53.62 -26.18 -18.51
N ILE L 17 -52.67 -26.60 -17.69
CA ILE L 17 -52.99 -27.53 -16.61
C ILE L 17 -54.09 -26.92 -15.74
N ASN L 18 -53.87 -25.70 -15.26
CA ASN L 18 -54.87 -24.98 -14.47
C ASN L 18 -56.21 -24.86 -15.18
N HIS L 19 -56.17 -24.59 -16.47
CA HIS L 19 -57.39 -24.36 -17.26
C HIS L 19 -58.22 -25.64 -17.44
N PHE L 20 -57.55 -26.79 -17.47
CA PHE L 20 -58.26 -28.09 -17.47
C PHE L 20 -58.82 -28.41 -16.09
N ILE L 21 -58.08 -28.05 -15.04
CA ILE L 21 -58.56 -28.23 -13.67
C ILE L 21 -59.80 -27.36 -13.41
N LYS L 22 -59.87 -26.22 -14.11
CA LYS L 22 -61.03 -25.32 -14.00
C LYS L 22 -62.32 -25.98 -14.47
N LEU L 23 -62.19 -27.00 -15.32
CA LEU L 23 -63.36 -27.76 -15.80
C LEU L 23 -64.10 -28.43 -14.63
N GLN L 24 -63.35 -28.78 -13.59
CA GLN L 24 -63.89 -29.37 -12.36
C GLN L 24 -64.59 -30.72 -12.60
N ILE L 25 -64.04 -31.50 -13.53
CA ILE L 25 -64.62 -32.79 -13.93
C ILE L 25 -64.03 -33.91 -13.08
N PRO L 26 -64.86 -34.58 -12.26
CA PRO L 26 -64.35 -35.57 -11.31
C PRO L 26 -63.43 -36.63 -11.90
N SER L 27 -63.77 -37.12 -13.09
CA SER L 27 -63.06 -38.24 -13.73
C SER L 27 -61.69 -37.87 -14.28
N LEU L 28 -61.41 -36.57 -14.35
CA LEU L 28 -60.24 -36.05 -15.06
C LEU L 28 -59.01 -35.88 -14.18
N ASN L 29 -57.92 -36.48 -14.64
CA ASN L 29 -56.57 -36.29 -14.10
C ASN L 29 -55.69 -35.58 -15.11
N ILE L 30 -54.91 -34.61 -14.66
CA ILE L 30 -53.94 -33.98 -15.54
C ILE L 30 -52.54 -34.35 -15.06
N ILE L 31 -51.66 -34.64 -15.99
CA ILE L 31 -50.25 -34.85 -15.64
C ILE L 31 -49.30 -34.08 -16.56
N GLN L 32 -48.11 -33.79 -16.03
CA GLN L 32 -47.01 -33.29 -16.85
C GLN L 32 -46.45 -34.44 -17.67
N VAL L 33 -46.06 -34.14 -18.90
CA VAL L 33 -45.40 -35.11 -19.77
C VAL L 33 -44.03 -34.58 -20.18
N ARG L 34 -42.99 -35.30 -19.77
CA ARG L 34 -41.62 -34.89 -20.04
C ARG L 34 -40.78 -36.02 -20.61
N ASN L 35 -41.38 -37.20 -20.66
CA ASN L 35 -40.67 -38.39 -21.14
C ASN L 35 -41.66 -39.45 -21.63
N VAL L 36 -41.13 -40.53 -22.17
CA VAL L 36 -41.95 -41.57 -22.78
C VAL L 36 -42.82 -42.33 -21.76
N HIS L 37 -42.28 -42.48 -20.55
CA HIS L 37 -43.04 -43.10 -19.46
C HIS L 37 -44.34 -42.33 -19.19
N ASP L 38 -44.20 -41.02 -18.99
CA ASP L 38 -45.36 -40.13 -18.78
C ASP L 38 -46.35 -40.26 -19.94
N LEU L 39 -45.83 -40.22 -21.16
CA LEU L 39 -46.65 -40.24 -22.37
C LEU L 39 -47.50 -41.50 -22.42
N GLY L 40 -46.92 -42.60 -21.95
CA GLY L 40 -47.62 -43.90 -21.91
C GLY L 40 -48.83 -43.96 -21.00
N LEU L 41 -48.90 -43.03 -20.06
CA LEU L 41 -50.03 -42.97 -19.10
C LEU L 41 -51.18 -42.12 -19.63
N CYS L 42 -50.96 -41.48 -20.78
CA CYS L 42 -51.90 -40.50 -21.30
C CYS L 42 -52.95 -41.09 -22.24
N ASP L 43 -54.19 -40.66 -22.03
CA ASP L 43 -55.30 -40.95 -22.94
C ASP L 43 -55.36 -39.90 -24.05
N GLY L 44 -54.89 -38.70 -23.72
CA GLY L 44 -54.76 -37.60 -24.68
C GLY L 44 -53.63 -36.67 -24.27
N LEU L 45 -53.14 -35.89 -25.21
CA LEU L 45 -51.99 -35.03 -24.97
C LEU L 45 -52.18 -33.63 -25.53
N VAL L 46 -51.79 -32.65 -24.72
CA VAL L 46 -51.75 -31.27 -25.17
C VAL L 46 -50.29 -30.84 -25.35
N ILE L 47 -49.99 -30.31 -26.53
CA ILE L 47 -48.66 -29.72 -26.78
C ILE L 47 -48.85 -28.22 -26.89
N PRO L 48 -48.66 -27.53 -25.76
CA PRO L 48 -48.88 -26.12 -25.49
C PRO L 48 -48.08 -25.12 -26.30
N GLY L 49 -48.17 -23.88 -25.82
CA GLY L 49 -47.61 -22.74 -26.51
C GLY L 49 -46.34 -22.33 -25.84
N GLY L 50 -45.41 -21.86 -26.65
CA GLY L 50 -44.06 -21.57 -26.20
C GLY L 50 -43.25 -21.56 -27.46
N GLU L 51 -41.94 -21.53 -27.35
CA GLU L 51 -41.10 -21.71 -28.52
C GLU L 51 -41.33 -23.12 -29.06
N SER L 52 -41.11 -23.27 -30.36
CA SER L 52 -41.17 -24.57 -31.02
C SER L 52 -39.74 -25.04 -31.29
N THR L 53 -38.98 -24.19 -31.96
CA THR L 53 -37.55 -24.40 -32.11
C THR L 53 -36.99 -24.68 -30.72
N THR L 54 -37.88 -24.71 -29.76
CA THR L 54 -37.55 -25.11 -28.41
C THR L 54 -38.22 -26.42 -28.06
N VAL L 55 -39.54 -26.47 -28.22
CA VAL L 55 -40.29 -27.68 -27.89
C VAL L 55 -39.72 -28.88 -28.65
N ARG L 56 -39.42 -28.67 -29.92
CA ARG L 56 -38.89 -29.76 -30.79
C ARG L 56 -37.54 -30.24 -30.28
N ARG L 57 -36.68 -29.28 -29.96
CA ARG L 57 -35.36 -29.59 -29.44
C ARG L 57 -35.44 -30.44 -28.17
N CYS L 58 -36.38 -30.09 -27.30
CA CYS L 58 -36.61 -30.83 -26.05
C CYS L 58 -36.93 -32.31 -26.32
N CYS L 59 -37.63 -32.56 -27.41
CA CYS L 59 -38.04 -33.92 -27.80
C CYS L 59 -36.93 -34.68 -28.50
N ALA L 60 -35.81 -33.99 -28.74
CA ALA L 60 -34.74 -34.53 -29.58
C ALA L 60 -33.72 -35.34 -28.79
N TYR L 61 -33.84 -35.32 -27.48
CA TYR L 61 -32.86 -35.98 -26.63
C TYR L 61 -32.81 -37.47 -26.87
N GLU L 62 -31.69 -38.07 -26.48
CA GLU L 62 -31.48 -39.51 -26.59
C GLU L 62 -31.89 -40.01 -27.96
N ASN L 63 -31.39 -39.33 -28.98
CA ASN L 63 -31.59 -39.72 -30.38
C ASN L 63 -33.06 -39.72 -30.82
N ASP L 64 -33.77 -38.65 -30.46
CA ASP L 64 -35.19 -38.49 -30.83
C ASP L 64 -36.12 -39.55 -30.23
N THR L 65 -35.85 -39.95 -28.99
CA THR L 65 -36.67 -40.96 -28.31
C THR L 65 -38.10 -40.47 -28.12
N LEU L 66 -38.25 -39.29 -27.53
CA LEU L 66 -39.58 -38.73 -27.28
C LEU L 66 -40.29 -38.36 -28.58
N TYR L 67 -39.54 -37.72 -29.49
CA TYR L 67 -40.10 -37.39 -30.81
C TYR L 67 -40.76 -38.61 -31.45
N ASN L 68 -40.00 -39.70 -31.55
CA ASN L 68 -40.48 -40.92 -32.19
C ASN L 68 -41.73 -41.46 -31.48
N ALA L 69 -41.71 -41.42 -30.16
CA ALA L 69 -42.83 -41.89 -29.36
C ALA L 69 -44.07 -41.05 -29.63
N LEU L 70 -43.86 -39.75 -29.78
CA LEU L 70 -44.96 -38.82 -30.08
C LEU L 70 -45.54 -39.08 -31.47
N VAL L 71 -44.66 -39.30 -32.44
CA VAL L 71 -45.10 -39.60 -33.80
C VAL L 71 -45.94 -40.89 -33.82
N HIS L 72 -45.49 -41.89 -33.08
CA HIS L 72 -46.21 -43.16 -32.92
C HIS L 72 -47.57 -42.95 -32.22
N PHE L 73 -47.56 -42.14 -31.16
CA PHE L 73 -48.75 -41.78 -30.37
C PHE L 73 -49.83 -41.11 -31.24
N ILE L 74 -49.37 -40.24 -32.14
CA ILE L 74 -50.26 -39.47 -33.02
C ILE L 74 -50.79 -40.28 -34.22
N HIS L 75 -49.89 -41.05 -34.83
CA HIS L 75 -50.16 -41.65 -36.15
C HIS L 75 -50.46 -43.14 -36.15
N VAL L 76 -49.96 -43.84 -35.14
CA VAL L 76 -50.18 -45.28 -35.04
C VAL L 76 -51.30 -45.55 -34.03
N LEU L 77 -51.13 -45.07 -32.80
CA LEU L 77 -52.14 -45.24 -31.75
C LEU L 77 -53.37 -44.37 -31.99
N LYS L 78 -53.19 -43.31 -32.77
CA LYS L 78 -54.26 -42.36 -33.08
C LYS L 78 -54.92 -41.79 -31.84
N LYS L 79 -54.13 -41.53 -30.81
CA LYS L 79 -54.65 -40.92 -29.59
C LYS L 79 -54.85 -39.43 -29.79
N PRO L 80 -55.87 -38.85 -29.12
CA PRO L 80 -56.15 -37.43 -29.29
C PRO L 80 -55.02 -36.52 -28.84
N ILE L 81 -54.69 -35.57 -29.70
CA ILE L 81 -53.64 -34.60 -29.43
C ILE L 81 -54.11 -33.20 -29.78
N TRP L 82 -53.80 -32.25 -28.90
CA TRP L 82 -54.17 -30.86 -29.10
C TRP L 82 -52.92 -29.99 -29.12
N GLY L 83 -52.55 -29.59 -30.32
CA GLY L 83 -51.41 -28.70 -30.52
C GLY L 83 -51.90 -27.27 -30.57
N THR L 84 -51.56 -26.49 -29.56
CA THR L 84 -51.92 -25.08 -29.54
C THR L 84 -50.74 -24.29 -30.12
N CYS L 85 -50.71 -22.98 -29.94
CA CYS L 85 -49.68 -22.11 -30.57
C CYS L 85 -48.50 -22.87 -31.22
N ALA L 86 -47.40 -23.05 -30.49
CA ALA L 86 -46.23 -23.82 -30.96
C ALA L 86 -46.60 -25.27 -31.34
N GLY L 87 -47.44 -25.89 -30.52
CA GLY L 87 -47.87 -27.27 -30.77
C GLY L 87 -48.66 -27.42 -32.06
N CYS L 88 -49.40 -26.37 -32.42
CA CYS L 88 -50.13 -26.35 -33.68
C CYS L 88 -49.13 -26.41 -34.84
N ILE L 89 -48.07 -25.62 -34.73
CA ILE L 89 -47.00 -25.60 -35.72
C ILE L 89 -46.33 -26.97 -35.86
N LEU L 90 -46.14 -27.63 -34.74
CA LEU L 90 -45.47 -28.95 -34.71
C LEU L 90 -46.36 -30.12 -35.15
N LEU L 91 -47.66 -29.86 -35.35
CA LEU L 91 -48.57 -30.86 -35.94
C LEU L 91 -48.71 -30.68 -37.45
N SER L 92 -48.21 -29.56 -37.95
CA SER L 92 -48.44 -29.16 -39.35
C SER L 92 -47.53 -29.87 -40.36
N LYS L 93 -48.09 -30.16 -41.53
CA LYS L 93 -47.37 -30.82 -42.61
C LYS L 93 -46.25 -29.93 -43.12
N ASN L 94 -46.64 -28.72 -43.47
CA ASN L 94 -45.72 -27.69 -43.94
C ASN L 94 -45.52 -26.66 -42.84
N VAL L 95 -44.27 -26.30 -42.60
CA VAL L 95 -43.96 -25.21 -41.69
C VAL L 95 -43.15 -24.16 -42.45
N GLU L 96 -43.53 -22.91 -42.26
CA GLU L 96 -43.17 -21.82 -43.18
C GLU L 96 -42.13 -20.84 -42.69
N ASN L 97 -40.94 -20.84 -43.27
CA ASN L 97 -40.19 -22.05 -43.59
C ASN L 97 -38.75 -21.74 -43.23
N ILE L 98 -38.04 -22.77 -42.82
CA ILE L 98 -36.95 -22.62 -41.85
C ILE L 98 -35.64 -22.11 -42.47
N LYS L 99 -35.59 -20.81 -42.76
CA LYS L 99 -34.52 -20.22 -43.57
C LYS L 99 -33.14 -20.61 -43.03
N LEU L 100 -32.94 -20.44 -41.73
CA LEU L 100 -31.70 -20.83 -41.05
C LEU L 100 -31.93 -21.84 -39.95
N TYR L 101 -33.16 -21.84 -39.46
CA TYR L 101 -33.53 -22.48 -38.21
C TYR L 101 -33.60 -23.97 -38.47
N SER L 102 -33.45 -24.30 -39.76
CA SER L 102 -33.46 -25.67 -40.23
C SER L 102 -32.35 -26.47 -39.58
N ASN L 103 -32.78 -27.51 -38.88
CA ASN L 103 -31.91 -28.54 -38.39
C ASN L 103 -32.83 -29.74 -38.28
N PHE L 104 -32.52 -30.80 -39.01
CA PHE L 104 -33.35 -32.00 -38.95
C PHE L 104 -34.79 -31.58 -39.15
N GLY L 105 -34.98 -30.47 -39.85
CA GLY L 105 -36.28 -29.79 -39.93
C GLY L 105 -37.39 -30.64 -40.51
N ASN L 106 -37.10 -31.37 -41.59
CA ASN L 106 -38.11 -32.19 -42.23
C ASN L 106 -38.81 -33.10 -41.23
N LYS L 107 -38.02 -33.60 -40.29
CA LYS L 107 -38.52 -34.41 -39.18
C LYS L 107 -39.01 -33.49 -38.06
N PHE L 108 -38.86 -32.19 -38.28
CA PHE L 108 -39.19 -31.13 -37.32
C PHE L 108 -40.63 -31.24 -36.81
N SER L 109 -41.56 -31.35 -37.74
CA SER L 109 -42.97 -31.52 -37.38
C SER L 109 -43.27 -32.95 -36.92
N PHE L 110 -44.16 -33.09 -35.94
CA PHE L 110 -44.72 -34.40 -35.58
C PHE L 110 -45.71 -34.87 -36.65
N GLY L 111 -46.29 -33.90 -37.35
CA GLY L 111 -47.37 -34.15 -38.31
C GLY L 111 -48.72 -34.35 -37.62
N GLY L 112 -49.76 -34.54 -38.42
CA GLY L 112 -51.10 -34.81 -37.90
C GLY L 112 -52.17 -33.90 -38.47
N LEU L 113 -51.78 -32.68 -38.77
CA LEU L 113 -52.66 -31.72 -39.45
C LEU L 113 -52.10 -31.41 -40.84
N ASP L 114 -52.86 -31.78 -41.86
CA ASP L 114 -52.45 -31.53 -43.24
C ASP L 114 -52.77 -30.09 -43.60
N ILE L 115 -51.89 -29.21 -43.14
CA ILE L 115 -52.00 -27.79 -43.38
C ILE L 115 -50.61 -27.18 -43.61
N THR L 116 -50.60 -26.03 -44.25
CA THR L 116 -49.39 -25.20 -44.31
C THR L 116 -49.55 -24.05 -43.33
N ILE L 117 -48.52 -23.83 -42.52
CA ILE L 117 -48.59 -22.87 -41.42
C ILE L 117 -47.40 -21.95 -41.41
N CYS L 118 -47.63 -20.71 -40.98
CA CYS L 118 -46.61 -19.67 -41.00
C CYS L 118 -46.23 -19.18 -39.62
N ARG L 119 -45.01 -19.54 -39.20
CA ARG L 119 -44.47 -19.06 -37.93
C ARG L 119 -44.91 -17.63 -37.77
N ASN L 120 -45.36 -17.30 -36.56
CA ASN L 120 -45.86 -15.94 -36.26
C ASN L 120 -45.48 -14.94 -37.37
N PHE L 121 -46.45 -14.57 -38.19
CA PHE L 121 -46.25 -13.60 -39.27
C PHE L 121 -46.57 -12.19 -38.79
N TYR L 122 -47.22 -12.11 -37.64
CA TYR L 122 -47.58 -10.82 -37.05
C TYR L 122 -46.36 -10.12 -36.44
N GLY L 123 -46.10 -8.90 -36.88
CA GLY L 123 -44.96 -8.10 -36.40
C GLY L 123 -44.06 -8.80 -35.39
N SER L 124 -44.11 -8.35 -34.14
CA SER L 124 -43.29 -8.92 -33.07
C SER L 124 -44.12 -9.46 -31.89
N GLN L 125 -43.85 -8.94 -30.69
CA GLN L 125 -44.58 -9.33 -29.47
C GLN L 125 -45.35 -8.18 -28.83
N ASN L 126 -45.04 -6.95 -29.23
CA ASN L 126 -45.80 -5.79 -28.77
C ASN L 126 -46.86 -5.37 -29.81
N ASP L 127 -47.56 -6.37 -30.35
CA ASP L 127 -48.67 -6.18 -31.30
C ASP L 127 -49.73 -7.26 -31.16
N SER L 128 -49.32 -8.42 -30.67
CA SER L 128 -50.23 -9.50 -30.33
C SER L 128 -51.55 -8.93 -29.83
N PHE L 129 -52.65 -9.52 -30.26
CA PHE L 129 -53.95 -8.95 -29.98
C PHE L 129 -54.83 -9.86 -29.12
N ILE L 130 -56.10 -9.90 -29.48
CA ILE L 130 -57.09 -10.75 -28.84
C ILE L 130 -58.18 -10.96 -29.85
N CYS L 131 -59.14 -11.84 -29.57
CA CYS L 131 -60.19 -12.03 -30.54
C CYS L 131 -61.50 -12.56 -29.97
N SER L 132 -62.49 -12.47 -30.83
CA SER L 132 -63.77 -13.11 -30.70
C SER L 132 -63.86 -13.97 -31.95
N LEU L 133 -64.49 -15.12 -31.84
CA LEU L 133 -64.44 -16.09 -32.95
C LEU L 133 -65.79 -16.66 -33.36
N ASN L 134 -65.74 -17.48 -34.38
CA ASN L 134 -66.91 -18.18 -34.90
C ASN L 134 -66.61 -19.67 -34.92
N ILE L 135 -67.65 -20.48 -34.84
CA ILE L 135 -67.46 -21.92 -34.70
C ILE L 135 -68.44 -22.74 -35.55
N ILE L 136 -67.90 -23.75 -36.23
CA ILE L 136 -68.68 -24.64 -37.07
C ILE L 136 -68.76 -26.02 -36.42
N SER L 137 -69.36 -26.06 -35.23
CA SER L 137 -69.58 -27.30 -34.48
C SER L 137 -70.90 -27.30 -33.72
N ASP L 138 -71.34 -28.50 -33.35
CA ASP L 138 -72.60 -28.70 -32.61
C ASP L 138 -72.33 -29.00 -31.13
N SER L 139 -71.05 -29.11 -30.79
CA SER L 139 -70.65 -29.42 -29.41
C SER L 139 -71.22 -28.38 -28.43
N SER L 140 -71.63 -28.87 -27.26
CA SER L 140 -72.30 -28.04 -26.24
C SER L 140 -71.42 -26.91 -25.70
N ALA L 141 -70.13 -27.18 -25.58
CA ALA L 141 -69.17 -26.18 -25.12
C ALA L 141 -69.40 -24.85 -25.84
N PHE L 142 -68.79 -24.72 -27.01
CA PHE L 142 -68.98 -23.54 -27.88
C PHE L 142 -70.36 -22.92 -27.68
N LYS L 143 -70.37 -21.69 -27.16
CA LYS L 143 -71.62 -20.98 -26.89
C LYS L 143 -71.65 -19.65 -27.64
N LYS L 144 -71.91 -18.58 -26.89
CA LYS L 144 -71.99 -17.23 -27.46
C LYS L 144 -70.63 -16.79 -28.00
N ASP L 145 -70.62 -15.67 -28.71
CA ASP L 145 -69.38 -15.10 -29.28
C ASP L 145 -68.22 -15.17 -28.29
N LEU L 146 -67.42 -16.22 -28.42
CA LEU L 146 -66.30 -16.45 -27.51
C LEU L 146 -65.14 -15.50 -27.74
N THR L 147 -64.10 -15.68 -26.94
CA THR L 147 -62.91 -14.83 -26.99
C THR L 147 -61.64 -15.67 -27.11
N ALA L 148 -60.57 -15.04 -27.58
CA ALA L 148 -59.28 -15.71 -27.75
C ALA L 148 -58.13 -14.87 -27.24
N ALA L 149 -56.91 -15.40 -27.37
CA ALA L 149 -55.71 -14.72 -26.91
C ALA L 149 -54.61 -14.74 -27.98
N CYS L 150 -55.03 -14.63 -29.24
CA CYS L 150 -54.10 -14.62 -30.37
C CYS L 150 -52.91 -13.71 -30.09
N ILE L 151 -51.85 -14.31 -29.58
CA ILE L 151 -50.64 -13.57 -29.21
C ILE L 151 -49.43 -14.03 -30.01
N ARG L 152 -48.97 -13.15 -30.88
CA ARG L 152 -47.82 -13.43 -31.75
C ARG L 152 -48.01 -14.83 -32.32
N ALA L 153 -49.17 -15.04 -32.93
CA ALA L 153 -49.63 -16.37 -33.27
C ALA L 153 -49.15 -16.77 -34.65
N PRO L 154 -49.33 -18.05 -34.98
CA PRO L 154 -49.03 -18.55 -36.31
C PRO L 154 -50.23 -18.43 -37.25
N TYR L 155 -49.94 -18.44 -38.55
CA TYR L 155 -50.95 -18.25 -39.60
C TYR L 155 -51.12 -19.48 -40.47
N ILE L 156 -52.33 -19.99 -40.50
CA ILE L 156 -52.65 -21.15 -41.33
C ILE L 156 -52.94 -20.66 -42.75
N ARG L 157 -51.96 -20.88 -43.62
CA ARG L 157 -52.01 -20.34 -44.99
C ARG L 157 -52.77 -21.27 -45.96
N GLU L 158 -52.64 -22.57 -45.75
CA GLU L 158 -53.26 -23.55 -46.63
C GLU L 158 -53.89 -24.72 -45.89
N ILE L 159 -55.08 -25.10 -46.35
CA ILE L 159 -55.67 -26.41 -46.02
C ILE L 159 -55.37 -27.37 -47.18
N LEU L 160 -54.79 -28.52 -46.87
CA LEU L 160 -54.21 -29.40 -47.90
C LEU L 160 -55.00 -30.71 -48.09
N SER L 161 -56.04 -30.91 -47.31
CA SER L 161 -56.85 -32.13 -47.38
C SER L 161 -58.31 -31.81 -47.08
N ASP L 162 -59.22 -32.58 -47.68
CA ASP L 162 -60.64 -32.50 -47.35
C ASP L 162 -60.92 -33.10 -45.98
N GLU L 163 -59.98 -33.90 -45.47
CA GLU L 163 -60.07 -34.49 -44.14
C GLU L 163 -60.02 -33.42 -43.05
N VAL L 164 -59.35 -32.31 -43.36
CA VAL L 164 -59.18 -31.22 -42.41
C VAL L 164 -60.48 -30.44 -42.29
N LYS L 165 -61.01 -30.40 -41.07
CA LYS L 165 -62.21 -29.64 -40.79
C LYS L 165 -61.84 -28.30 -40.14
N VAL L 166 -62.27 -27.21 -40.77
CA VAL L 166 -62.09 -25.86 -40.21
C VAL L 166 -63.10 -25.65 -39.09
N LEU L 167 -62.59 -25.70 -37.87
CA LEU L 167 -63.43 -25.73 -36.67
C LEU L 167 -63.84 -24.31 -36.22
N ALA L 168 -62.93 -23.36 -36.38
CA ALA L 168 -63.17 -21.98 -35.98
C ALA L 168 -62.41 -20.98 -36.85
N THR L 169 -63.09 -19.89 -37.18
CA THR L 169 -62.51 -18.78 -37.93
C THR L 169 -62.83 -17.47 -37.25
N PHE L 170 -62.16 -16.42 -37.69
CA PHE L 170 -62.46 -15.05 -37.23
C PHE L 170 -62.14 -14.01 -38.31
N SER L 171 -62.70 -12.83 -38.13
CA SER L 171 -62.49 -11.72 -39.07
C SER L 171 -61.83 -10.54 -38.35
N HIS L 172 -60.65 -10.18 -38.81
CA HIS L 172 -59.90 -9.05 -38.25
C HIS L 172 -59.82 -7.89 -39.23
N GLU L 173 -59.74 -6.67 -38.70
CA GLU L 173 -59.64 -5.45 -39.49
C GLU L 173 -58.19 -5.06 -39.76
N SER L 174 -57.36 -6.06 -40.02
CA SER L 174 -55.95 -5.82 -40.34
C SER L 174 -55.25 -7.08 -40.83
N TYR L 175 -56.00 -8.18 -40.88
CA TYR L 175 -55.47 -9.45 -41.37
C TYR L 175 -56.39 -10.11 -42.40
N GLY L 176 -57.48 -9.43 -42.71
CA GLY L 176 -58.48 -9.95 -43.65
C GLY L 176 -59.65 -10.65 -42.96
N PRO L 177 -60.59 -11.15 -43.75
CA PRO L 177 -61.71 -11.96 -43.27
C PRO L 177 -61.51 -13.47 -43.43
N ASN L 178 -62.07 -14.22 -42.50
CA ASN L 178 -62.06 -15.70 -42.54
C ASN L 178 -60.68 -16.28 -42.24
N ILE L 179 -60.00 -15.68 -41.27
CA ILE L 179 -58.73 -16.20 -40.78
C ILE L 179 -58.99 -17.48 -40.00
N ILE L 180 -58.24 -18.53 -40.31
CA ILE L 180 -58.46 -19.84 -39.69
C ILE L 180 -57.81 -19.87 -38.31
N ALA L 181 -58.65 -20.08 -37.29
CA ALA L 181 -58.21 -20.05 -35.88
C ALA L 181 -58.08 -21.45 -35.29
N ALA L 182 -58.92 -22.37 -35.75
CA ALA L 182 -58.94 -23.73 -35.25
C ALA L 182 -59.21 -24.74 -36.35
N VAL L 183 -58.44 -25.82 -36.37
CA VAL L 183 -58.66 -26.93 -37.30
C VAL L 183 -58.68 -28.26 -36.56
N GLU L 184 -59.37 -29.23 -37.15
CA GLU L 184 -59.43 -30.59 -36.61
C GLU L 184 -59.29 -31.62 -37.74
N GLN L 185 -58.43 -32.61 -37.53
CA GLN L 185 -58.21 -33.67 -38.51
C GLN L 185 -58.02 -35.03 -37.84
N ASN L 186 -59.12 -35.76 -37.70
CA ASN L 186 -59.11 -37.09 -37.10
C ASN L 186 -58.91 -37.05 -35.58
N ASN L 187 -57.71 -37.45 -35.14
CA ASN L 187 -57.34 -37.44 -33.71
C ASN L 187 -56.51 -36.22 -33.33
N CYS L 188 -56.46 -35.25 -34.23
CA CYS L 188 -55.68 -34.03 -34.03
C CYS L 188 -56.55 -32.78 -33.97
N LEU L 189 -56.26 -31.94 -32.99
CA LEU L 189 -56.87 -30.62 -32.85
C LEU L 189 -55.76 -29.59 -32.85
N GLY L 190 -55.94 -28.51 -33.60
CA GLY L 190 -54.95 -27.46 -33.68
C GLY L 190 -55.56 -26.08 -33.54
N THR L 191 -54.96 -25.25 -32.68
CA THR L 191 -55.42 -23.88 -32.48
C THR L 191 -54.23 -22.92 -32.53
N VAL L 192 -54.44 -21.75 -33.15
CA VAL L 192 -53.37 -20.75 -33.30
C VAL L 192 -53.35 -19.73 -32.16
N PHE L 193 -54.41 -19.75 -31.35
CA PHE L 193 -54.54 -18.81 -30.23
C PHE L 193 -54.11 -19.43 -28.91
N ASN L 194 -54.18 -18.63 -27.85
CA ASN L 194 -53.87 -19.09 -26.50
C ASN L 194 -55.15 -19.27 -25.71
N PRO L 195 -55.61 -20.52 -25.58
CA PRO L 195 -56.86 -20.84 -24.90
C PRO L 195 -56.75 -20.65 -23.39
N GLU L 196 -55.53 -20.71 -22.88
CA GLU L 196 -55.28 -20.67 -21.44
C GLU L 196 -55.29 -19.23 -20.87
N LEU L 197 -55.29 -18.24 -21.76
CA LEU L 197 -55.14 -16.83 -21.39
C LEU L 197 -56.46 -16.06 -21.27
N LEU L 198 -57.56 -16.72 -21.62
CA LEU L 198 -58.90 -16.16 -21.39
C LEU L 198 -59.57 -16.98 -20.30
N PRO L 199 -60.54 -16.40 -19.58
CA PRO L 199 -61.15 -17.16 -18.47
C PRO L 199 -61.98 -18.40 -18.88
N HIS L 200 -62.64 -18.36 -20.04
CA HIS L 200 -63.50 -19.49 -20.44
C HIS L 200 -62.70 -20.73 -20.82
N THR L 201 -63.34 -21.89 -20.72
CA THR L 201 -62.67 -23.18 -20.86
C THR L 201 -63.25 -24.04 -21.98
N ALA L 202 -63.80 -23.38 -22.99
CA ALA L 202 -64.55 -24.06 -24.06
C ALA L 202 -63.73 -25.10 -24.80
N PHE L 203 -62.53 -24.72 -25.23
CA PHE L 203 -61.67 -25.62 -26.01
C PHE L 203 -61.09 -26.74 -25.16
N GLN L 204 -60.88 -26.47 -23.88
CA GLN L 204 -60.46 -27.51 -22.93
C GLN L 204 -61.55 -28.55 -22.77
N GLN L 205 -62.79 -28.09 -22.63
CA GLN L 205 -63.93 -28.98 -22.53
C GLN L 205 -64.11 -29.83 -23.78
N TYR L 206 -63.99 -29.18 -24.94
CA TYR L 206 -64.12 -29.86 -26.23
C TYR L 206 -63.08 -30.98 -26.41
N PHE L 207 -61.83 -30.66 -26.09
CA PHE L 207 -60.74 -31.65 -26.19
C PHE L 207 -60.95 -32.78 -25.18
N TYR L 208 -61.43 -32.44 -23.99
CA TYR L 208 -61.73 -33.46 -22.99
C TYR L 208 -62.71 -34.47 -23.54
N GLU L 209 -63.79 -33.96 -24.13
CA GLU L 209 -64.83 -34.79 -24.72
C GLU L 209 -64.27 -35.66 -25.85
N LYS L 210 -63.35 -35.09 -26.61
CA LYS L 210 -62.66 -35.83 -27.67
C LYS L 210 -61.92 -37.04 -27.10
N VAL L 211 -61.17 -36.79 -26.02
CA VAL L 211 -60.41 -37.84 -25.33
C VAL L 211 -61.33 -38.89 -24.73
N LYS L 212 -62.41 -38.42 -24.12
CA LYS L 212 -63.44 -39.31 -23.54
C LYS L 212 -64.03 -40.25 -24.59
N ASN L 213 -64.39 -39.68 -25.73
CA ASN L 213 -64.97 -40.46 -26.84
C ASN L 213 -63.97 -41.46 -27.38
N TYR L 214 -62.74 -40.99 -27.57
CA TYR L 214 -61.65 -41.83 -28.06
C TYR L 214 -61.61 -43.18 -27.35
N LYS L 215 -61.84 -43.17 -26.05
CA LYS L 215 -61.78 -44.38 -25.22
C LYS L 215 -62.96 -45.31 -25.52
N TYR L 216 -64.17 -44.78 -25.34
CA TYR L 216 -65.41 -45.52 -25.60
C TYR L 216 -65.40 -46.16 -26.98
N SER L 217 -64.56 -45.63 -27.86
CA SER L 217 -64.37 -46.17 -29.21
C SER L 217 -64.88 -47.59 -29.32
P PO4 M . -35.02 -0.24 -3.87
O1 PO4 M . -34.70 -1.66 -3.49
O2 PO4 M . -36.48 -0.12 -4.20
O3 PO4 M . -34.67 0.66 -2.72
O4 PO4 M . -34.18 0.18 -5.03
P PO4 N . -24.14 -14.36 -15.94
O1 PO4 N . -24.82 -15.61 -16.47
O2 PO4 N . -25.19 -13.31 -15.67
O3 PO4 N . -23.41 -14.71 -14.67
O4 PO4 N . -23.13 -13.87 -16.97
P PO4 O . -21.83 -25.02 10.55
O1 PO4 O . -20.57 -25.33 11.28
O2 PO4 O . -22.84 -26.11 10.81
O3 PO4 O . -22.38 -23.71 11.03
O4 PO4 O . -21.59 -24.93 9.07
P PO4 P . -3.67 -31.90 1.31
O1 PO4 P . -3.18 -33.28 1.64
O2 PO4 P . -5.16 -31.88 1.54
O3 PO4 P . -2.97 -30.91 2.21
O4 PO4 P . -3.33 -31.55 -0.13
P PO4 Q . 5.02 -21.79 26.76
O1 PO4 Q . 6.02 -20.68 26.96
O2 PO4 Q . 5.20 -22.87 27.77
O3 PO4 Q . 3.65 -21.20 26.89
O4 PO4 Q . 5.14 -22.35 25.38
P PO4 R . 22.16 -18.25 14.27
O1 PO4 R . 23.56 -18.46 14.80
O2 PO4 R . 21.18 -19.10 15.05
O3 PO4 R . 21.83 -16.80 14.46
O4 PO4 R . 22.14 -18.66 12.82
P PO4 S . 19.02 6.48 28.47
O1 PO4 S . 18.85 7.84 27.85
O2 PO4 S . 19.93 6.58 29.65
O3 PO4 S . 17.67 5.95 28.89
O4 PO4 S . 19.59 5.52 27.47
P PO4 T . 27.79 13.03 10.05
O1 PO4 T . 28.78 14.15 10.04
O2 PO4 T . 27.81 12.41 11.41
O3 PO4 T . 26.46 13.65 9.79
O4 PO4 T . 28.13 12.03 8.97
P PO4 U . 6.31 31.57 14.21
O1 PO4 U . 5.16 31.82 13.26
O2 PO4 U . 6.78 32.87 14.79
O3 PO4 U . 5.82 30.67 15.30
O4 PO4 U . 7.44 30.89 13.50
P PO4 V . 7.52 30.36 -7.13
O1 PO4 V . 7.29 31.59 -7.98
O2 PO4 V . 7.97 30.79 -5.75
O3 PO4 V . 6.23 29.63 -7.04
O4 PO4 V . 8.55 29.49 -7.80
P PO4 W . -20.53 27.67 -1.93
O1 PO4 W . -21.45 26.56 -2.37
O2 PO4 W . -21.23 29.01 -2.05
O3 PO4 W . -20.15 27.42 -0.50
O4 PO4 W . -19.29 27.65 -2.76
P PO4 X . -18.57 16.64 -20.27
O1 PO4 X . -19.65 16.73 -21.31
O2 PO4 X . -18.58 17.89 -19.42
O3 PO4 X . -18.79 15.43 -19.44
O4 PO4 X . -17.24 16.51 -20.95
#